data_6MPP
#
_entry.id   6MPP
#
loop_
_entity.id
_entity.type
_entity.pdbx_description
1 polymer 'HLA class I histocompatibility antigen, A-1 alpha chain'
2 polymer 'NRAS Q61K peptide'
3 polymer Beta-2-microglobulin
#
loop_
_entity_poly.entity_id
_entity_poly.type
_entity_poly.pdbx_seq_one_letter_code
_entity_poly.pdbx_strand_id
1 'polypeptide(L)'
;GSHSMRYFFTSVSRPGRGEPRFIAVGYVDDTQFVRFDSDAASQKMEPRAPWIEQEGPEYWDQETRNMKAHSQTDRANLGT
LRGYYNQSEDGSHTIQIMYGCDVGPDGRFLRGYRQDAYDGKDYIALNEDLRSWTAADMAAQITKRKWEAVHAAEQRRVYL
EGRCVDGLRRYLENGKETLQRTDPPKTHMTHHPISDHEATLRCWALGFYPAEITLTWQRDGEDQTQDTELVETRPAGDGT
FQKWAAVVVPSGEEQRYTCHVQHEGLPKPLTLRWELSSQ
;
A
2 'polypeptide(L)' ILDTAGKEEY B
3 'polypeptide(L)'
;MIQRTPKIQVYSRHPAENGKSNFLNCYVSGFHPSDIEVDLLKNGERIEKVEHSDLSFSKDWSFYLLYYTEFTPTEKDEYA
CRVNHVTLSQPKIVKWDRDM
;
C
#
# COMPACT_ATOMS: atom_id res chain seq x y z
N GLY A 1 -8.69 -18.89 -2.81
CA GLY A 1 -9.46 -18.73 -4.03
C GLY A 1 -8.62 -18.11 -5.14
N SER A 2 -9.07 -16.99 -5.67
CA SER A 2 -8.31 -16.25 -6.67
C SER A 2 -7.13 -15.53 -6.04
N HIS A 3 -6.18 -15.12 -6.89
CA HIS A 3 -5.02 -14.37 -6.42
C HIS A 3 -4.70 -13.22 -7.36
N SER A 4 -4.08 -12.17 -6.81
CA SER A 4 -3.76 -10.98 -7.60
C SER A 4 -2.25 -10.76 -7.67
N MET A 5 -1.79 -10.33 -8.84
CA MET A 5 -0.42 -9.82 -8.97
C MET A 5 -0.43 -8.37 -9.44
N ARG A 6 0.39 -7.54 -8.79
CA ARG A 6 0.43 -6.12 -9.09
C ARG A 6 1.86 -5.61 -9.16
N TYR A 7 2.10 -4.63 -10.02
CA TYR A 7 3.35 -3.89 -10.01
C TYR A 7 3.09 -2.38 -10.08
N PHE A 8 3.78 -1.63 -9.22
CA PHE A 8 3.58 -0.19 -9.14
C PHE A 8 4.85 0.57 -9.48
N PHE A 9 4.75 1.50 -10.42
CA PHE A 9 5.92 2.25 -10.89
C PHE A 9 5.68 3.75 -10.77
N THR A 10 6.63 4.45 -10.15
CA THR A 10 6.54 5.89 -10.00
C THR A 10 7.83 6.57 -10.44
N SER A 11 7.68 7.70 -11.14
CA SER A 11 8.83 8.54 -11.48
C SER A 11 8.59 9.98 -11.07
N VAL A 12 9.52 10.53 -10.29
CA VAL A 12 9.36 11.87 -9.73
C VAL A 12 10.48 12.79 -10.18
N SER A 13 10.10 13.93 -10.76
CA SER A 13 11.08 14.87 -11.29
C SER A 13 11.99 15.41 -10.19
N ARG A 14 13.24 15.71 -10.55
CA ARG A 14 14.18 16.29 -9.61
C ARG A 14 15.05 17.34 -10.29
N PRO A 15 14.48 18.51 -10.52
CA PRO A 15 15.20 19.61 -11.15
C PRO A 15 16.50 19.92 -10.42
N GLY A 16 17.58 20.09 -11.17
CA GLY A 16 18.88 20.40 -10.58
C GLY A 16 19.53 19.16 -9.98
N ARG A 17 18.83 18.55 -9.03
CA ARG A 17 19.41 17.46 -8.25
C ARG A 17 19.40 16.14 -9.03
N GLY A 18 20.19 16.08 -10.09
CA GLY A 18 20.36 14.84 -10.85
C GLY A 18 19.11 14.51 -11.65
N GLU A 19 18.93 13.23 -11.94
CA GLU A 19 17.81 12.78 -12.77
C GLU A 19 16.61 12.39 -11.92
N PRO A 20 15.43 12.45 -12.51
CA PRO A 20 14.21 12.05 -11.82
C PRO A 20 14.35 10.66 -11.22
N ARG A 21 13.80 10.48 -10.01
CA ARG A 21 13.90 9.21 -9.31
C ARG A 21 12.87 8.22 -9.84
N PHE A 22 13.27 6.95 -9.93
CA PHE A 22 12.37 5.90 -10.39
C PHE A 22 12.23 4.81 -9.33
N ILE A 23 11.00 4.53 -8.94
CA ILE A 23 10.71 3.52 -7.93
C ILE A 23 9.76 2.45 -8.47
N ALA A 24 10.09 1.19 -8.21
CA ALA A 24 9.26 0.08 -8.64
C ALA A 24 9.10 -0.95 -7.53
N VAL A 25 7.86 -1.31 -7.23
CA VAL A 25 7.57 -2.32 -6.22
C VAL A 25 6.55 -3.34 -6.73
N GLY A 26 6.86 -4.61 -6.55
CA GLY A 26 5.98 -5.69 -6.99
C GLY A 26 5.28 -6.34 -5.81
N TYR A 27 4.03 -6.76 -6.01
CA TYR A 27 3.27 -7.44 -4.97
C TYR A 27 2.66 -8.73 -5.49
N VAL A 28 2.60 -9.75 -4.63
CA VAL A 28 1.64 -10.83 -4.79
C VAL A 28 0.61 -10.81 -3.66
N ASP A 29 -0.64 -10.54 -4.01
CA ASP A 29 -1.65 -10.17 -3.02
C ASP A 29 -1.13 -9.06 -2.11
N ASP A 30 -0.90 -9.40 -0.84
CA ASP A 30 -0.54 -8.41 0.17
C ASP A 30 0.97 -8.37 0.40
N THR A 31 1.69 -9.24 -0.32
CA THR A 31 3.10 -9.47 -0.04
C THR A 31 3.99 -8.82 -1.08
N GLN A 32 4.92 -7.99 -0.63
CA GLN A 32 6.00 -7.52 -1.48
C GLN A 32 7.10 -8.57 -1.61
N PHE A 33 7.54 -8.81 -2.84
CA PHE A 33 8.43 -9.93 -3.13
C PHE A 33 9.57 -9.51 -4.04
N VAL A 34 9.43 -8.35 -4.66
CA VAL A 34 10.52 -7.74 -5.41
C VAL A 34 10.55 -6.24 -5.23
N ARG A 35 11.73 -5.64 -5.40
CA ARG A 35 11.87 -4.19 -5.34
C ARG A 35 12.89 -3.69 -6.36
N PHE A 36 12.80 -2.41 -6.69
CA PHE A 36 13.84 -1.76 -7.47
C PHE A 36 13.83 -0.25 -7.23
N ASP A 37 15.03 0.34 -7.18
CA ASP A 37 15.16 1.77 -6.91
C ASP A 37 16.36 2.36 -7.65
N SER A 38 16.11 3.41 -8.43
CA SER A 38 17.14 4.02 -9.25
C SER A 38 18.26 4.59 -8.39
N ASP A 39 17.97 4.81 -7.11
CA ASP A 39 18.97 5.31 -6.18
C ASP A 39 19.55 4.19 -5.33
N ALA A 40 19.28 2.95 -5.73
CA ALA A 40 19.81 1.79 -5.04
C ALA A 40 21.33 1.73 -5.16
N ALA A 41 21.98 1.22 -4.12
CA ALA A 41 23.43 0.99 -4.16
C ALA A 41 23.79 -0.03 -5.24
N SER A 42 22.92 -1.01 -5.43
CA SER A 42 23.20 -2.11 -6.36
C SER A 42 22.87 -1.71 -7.79
N GLN A 43 21.93 -0.79 -7.94
CA GLN A 43 21.45 -0.40 -9.25
C GLN A 43 20.88 -1.59 -10.02
N LYS A 44 20.47 -2.62 -9.28
CA LYS A 44 19.88 -3.80 -9.88
C LYS A 44 18.57 -4.16 -9.20
N MET A 45 17.76 -4.97 -9.88
CA MET A 45 16.57 -5.56 -9.28
C MET A 45 16.94 -6.45 -8.10
N GLU A 46 16.16 -6.37 -7.02
CA GLU A 46 16.40 -7.16 -5.83
C GLU A 46 15.15 -7.92 -5.40
N PRO A 47 15.34 -9.15 -4.95
CA PRO A 47 14.24 -9.92 -4.36
C PRO A 47 13.93 -9.44 -2.95
N ARG A 48 12.73 -9.77 -2.47
CA ARG A 48 12.41 -9.67 -1.05
C ARG A 48 11.92 -11.00 -0.50
N ALA A 49 11.25 -11.77 -1.34
CA ALA A 49 10.64 -13.03 -0.91
C ALA A 49 11.62 -14.19 -1.04
N PRO A 50 11.67 -15.03 -0.02
CA PRO A 50 12.53 -16.21 -0.04
C PRO A 50 12.33 -17.02 -1.31
N TRP A 51 11.07 -17.11 -1.75
CA TRP A 51 10.69 -18.12 -2.73
C TRP A 51 10.93 -17.63 -4.15
N ILE A 52 11.50 -16.43 -4.26
CA ILE A 52 11.91 -15.90 -5.56
C ILE A 52 13.42 -15.66 -5.60
N GLU A 53 14.10 -16.01 -4.51
CA GLU A 53 15.55 -15.87 -4.44
C GLU A 53 16.26 -16.96 -5.22
N GLN A 54 15.47 -17.87 -5.79
CA GLN A 54 16.01 -18.97 -6.57
C GLN A 54 16.11 -18.59 -8.05
N GLU A 55 15.61 -17.41 -8.39
CA GLU A 55 15.71 -16.90 -9.75
C GLU A 55 17.09 -16.34 -10.04
N GLY A 56 17.63 -16.68 -11.20
CA GLY A 56 18.97 -16.26 -11.57
C GLY A 56 18.94 -15.00 -12.43
N PRO A 57 20.07 -14.66 -13.04
CA PRO A 57 20.18 -13.47 -13.87
C PRO A 57 19.33 -13.59 -15.12
N GLU A 58 18.93 -14.82 -15.44
CA GLU A 58 18.12 -15.08 -16.62
C GLU A 58 16.80 -14.32 -16.57
N TYR A 59 16.45 -13.85 -15.37
CA TYR A 59 15.31 -12.95 -15.20
C TYR A 59 15.77 -11.57 -14.75
N TRP A 60 16.57 -11.53 -13.69
CA TRP A 60 16.80 -10.29 -12.97
C TRP A 60 17.51 -9.26 -13.83
N ASP A 61 18.47 -9.73 -14.62
CA ASP A 61 19.32 -8.84 -15.42
C ASP A 61 18.52 -8.18 -16.53
N GLN A 62 17.67 -8.96 -17.20
CA GLN A 62 16.80 -8.44 -18.24
C GLN A 62 15.72 -7.54 -17.66
N GLU A 63 15.15 -7.96 -16.53
CA GLU A 63 14.12 -7.18 -15.86
C GLU A 63 14.65 -5.83 -15.38
N THR A 64 15.89 -5.84 -14.89
CA THR A 64 16.57 -4.61 -14.51
C THR A 64 16.70 -3.66 -15.70
N ARG A 65 17.12 -4.19 -16.83
CA ARG A 65 17.23 -3.41 -18.06
C ARG A 65 15.86 -2.90 -18.51
N ASN A 66 14.84 -3.74 -18.35
CA ASN A 66 13.48 -3.38 -18.70
C ASN A 66 12.97 -2.21 -17.87
N MET A 67 13.23 -2.27 -16.56
CA MET A 67 12.82 -1.22 -15.65
C MET A 67 13.59 0.07 -15.92
N LYS A 68 14.84 -0.07 -16.35
CA LYS A 68 15.61 1.06 -16.84
C LYS A 68 14.95 1.70 -18.05
N ALA A 69 14.50 0.86 -18.98
CA ALA A 69 13.77 1.34 -20.15
C ALA A 69 12.48 2.04 -19.74
N HIS A 70 11.80 1.49 -18.75
CA HIS A 70 10.61 2.12 -18.19
C HIS A 70 10.93 3.49 -17.60
N SER A 71 12.02 3.56 -16.84
CA SER A 71 12.46 4.81 -16.24
C SER A 71 12.75 5.86 -17.32
N GLN A 72 13.49 5.46 -18.35
CA GLN A 72 13.83 6.37 -19.44
C GLN A 72 12.59 6.90 -20.14
N THR A 73 11.61 6.02 -20.33
CA THR A 73 10.36 6.40 -20.98
C THR A 73 9.57 7.37 -20.10
N ASP A 74 9.45 7.05 -18.82
CA ASP A 74 8.71 7.88 -17.88
C ASP A 74 9.30 9.28 -17.80
N ARG A 75 10.63 9.35 -17.76
CA ARG A 75 11.34 10.63 -17.74
C ARG A 75 11.03 11.44 -19.00
N ALA A 76 11.05 10.77 -20.14
CA ALA A 76 10.68 11.41 -21.41
C ALA A 76 9.24 11.90 -21.37
N ASN A 77 8.36 11.09 -20.79
CA ASN A 77 6.94 11.43 -20.71
C ASN A 77 6.72 12.66 -19.85
N LEU A 78 7.43 12.73 -18.73
CA LEU A 78 7.33 13.87 -17.83
C LEU A 78 7.71 15.17 -18.53
N GLY A 79 8.80 15.14 -19.28
CA GLY A 79 9.22 16.28 -20.08
C GLY A 79 8.22 16.59 -21.18
N THR A 80 7.74 15.54 -21.84
CA THR A 80 6.81 15.71 -22.96
C THR A 80 5.50 16.33 -22.51
N LEU A 81 4.97 15.84 -21.39
CA LEU A 81 3.71 16.33 -20.86
C LEU A 81 3.81 17.79 -20.45
N ARG A 82 4.95 18.16 -19.86
CA ARG A 82 5.24 19.55 -19.57
C ARG A 82 5.10 20.42 -20.81
N GLY A 83 5.59 19.92 -21.93
CA GLY A 83 5.41 20.59 -23.22
C GLY A 83 3.93 20.69 -23.58
N TYR A 84 3.23 19.56 -23.51
CA TYR A 84 1.84 19.50 -23.93
C TYR A 84 0.99 20.55 -23.21
N TYR A 85 1.25 20.73 -21.93
CA TYR A 85 0.42 21.60 -21.10
C TYR A 85 1.09 22.94 -20.88
N ASN A 86 2.15 23.21 -21.64
CA ASN A 86 2.83 24.49 -21.59
C ASN A 86 3.15 24.90 -20.16
N GLN A 87 3.72 23.97 -19.40
CA GLN A 87 4.02 24.21 -17.99
C GLN A 87 5.44 24.74 -17.82
N SER A 88 5.68 25.42 -16.72
CA SER A 88 6.98 26.04 -16.46
C SER A 88 8.07 24.98 -16.31
N GLU A 89 9.25 25.28 -16.82
CA GLU A 89 10.38 24.37 -16.71
C GLU A 89 10.84 24.23 -15.27
N ASP A 90 10.45 25.18 -14.43
CA ASP A 90 10.88 25.21 -13.04
C ASP A 90 9.92 24.44 -12.14
N GLY A 91 8.87 23.89 -12.75
CA GLY A 91 7.84 23.17 -12.00
C GLY A 91 8.26 21.72 -11.74
N SER A 92 7.51 21.05 -10.89
CA SER A 92 7.72 19.62 -10.65
C SER A 92 6.57 18.79 -11.19
N HIS A 93 6.86 17.53 -11.50
CA HIS A 93 5.85 16.63 -12.05
C HIS A 93 6.00 15.22 -11.51
N THR A 94 4.89 14.49 -11.43
CA THR A 94 4.93 13.08 -11.06
C THR A 94 4.10 12.23 -12.01
N ILE A 95 4.65 11.11 -12.44
CA ILE A 95 3.92 10.15 -13.27
C ILE A 95 3.80 8.80 -12.57
N GLN A 96 2.62 8.22 -12.64
CA GLN A 96 2.34 6.96 -11.94
C GLN A 96 1.77 5.92 -12.90
N ILE A 97 2.40 4.75 -12.93
CA ILE A 97 1.94 3.65 -13.78
C ILE A 97 1.85 2.35 -13.00
N MET A 98 0.74 1.64 -13.18
CA MET A 98 0.57 0.33 -12.56
C MET A 98 -0.06 -0.67 -13.52
N TYR A 99 0.29 -1.94 -13.35
CA TYR A 99 -0.35 -3.02 -14.11
C TYR A 99 -0.29 -4.33 -13.34
N GLY A 100 -1.08 -5.30 -13.77
CA GLY A 100 -1.12 -6.61 -13.13
C GLY A 100 -2.28 -7.45 -13.65
N CYS A 101 -2.53 -8.58 -13.00
CA CYS A 101 -3.54 -9.53 -13.46
C CYS A 101 -4.15 -10.28 -12.29
N ASP A 102 -5.39 -10.71 -12.47
CA ASP A 102 -6.03 -11.63 -11.53
C ASP A 102 -6.15 -13.03 -12.12
N VAL A 103 -5.91 -14.03 -11.29
CA VAL A 103 -6.09 -15.43 -11.71
C VAL A 103 -7.01 -16.17 -10.75
N GLY A 104 -7.66 -17.21 -11.26
CA GLY A 104 -8.49 -18.07 -10.43
C GLY A 104 -7.65 -19.07 -9.65
N PRO A 105 -8.30 -19.90 -8.85
CA PRO A 105 -7.61 -20.90 -8.05
C PRO A 105 -6.93 -21.94 -8.93
N ASP A 106 -7.38 -22.03 -10.19
CA ASP A 106 -6.80 -22.97 -11.14
C ASP A 106 -5.78 -22.28 -12.03
N GLY A 107 -5.45 -21.04 -11.70
CA GLY A 107 -4.47 -20.27 -12.45
C GLY A 107 -5.09 -19.64 -13.69
N ARG A 108 -6.38 -19.85 -13.87
CA ARG A 108 -7.09 -19.33 -15.03
C ARG A 108 -7.08 -17.81 -15.05
N PHE A 109 -6.75 -17.24 -16.21
CA PHE A 109 -6.75 -15.79 -16.38
C PHE A 109 -8.16 -15.21 -16.18
N LEU A 110 -8.27 -14.22 -15.30
CA LEU A 110 -9.54 -13.56 -15.06
C LEU A 110 -9.56 -12.17 -15.67
N ARG A 111 -8.67 -11.30 -15.20
CA ARG A 111 -8.70 -9.88 -15.57
C ARG A 111 -7.29 -9.32 -15.71
N GLY A 112 -7.09 -8.45 -16.70
CA GLY A 112 -5.87 -7.68 -16.81
C GLY A 112 -6.06 -6.26 -16.31
N TYR A 113 -4.96 -5.64 -15.86
CA TYR A 113 -5.01 -4.27 -15.39
C TYR A 113 -3.86 -3.45 -15.97
N ARG A 114 -4.16 -2.23 -16.40
CA ARG A 114 -3.14 -1.24 -16.70
C ARG A 114 -3.71 0.17 -16.67
N GLN A 115 -3.11 1.03 -15.86
CA GLN A 115 -3.57 2.41 -15.73
C GLN A 115 -2.40 3.36 -15.54
N ASP A 116 -2.50 4.54 -16.13
CA ASP A 116 -1.53 5.61 -15.90
C ASP A 116 -2.19 6.83 -15.24
N ALA A 117 -1.38 7.63 -14.56
CA ALA A 117 -1.84 8.90 -14.02
C ALA A 117 -0.75 9.96 -14.07
N TYR A 118 -1.14 11.22 -14.02
CA TYR A 118 -0.20 12.32 -14.13
C TYR A 118 -0.56 13.45 -13.17
N ASP A 119 0.35 13.79 -12.26
CA ASP A 119 0.14 14.88 -11.32
C ASP A 119 -1.19 14.75 -10.61
N GLY A 120 -1.56 13.51 -10.28
CA GLY A 120 -2.69 13.26 -9.39
C GLY A 120 -3.96 13.01 -10.18
N LYS A 121 -3.90 13.26 -11.49
CA LYS A 121 -5.07 13.11 -12.35
C LYS A 121 -4.96 11.87 -13.23
N ASP A 122 -6.08 11.17 -13.38
CA ASP A 122 -6.14 10.00 -14.26
C ASP A 122 -5.66 10.36 -15.67
N TYR A 123 -4.86 9.48 -16.26
CA TYR A 123 -4.34 9.70 -17.60
C TYR A 123 -5.00 8.77 -18.60
N ILE A 124 -4.62 7.50 -18.57
CA ILE A 124 -5.21 6.49 -19.44
C ILE A 124 -5.52 5.21 -18.69
N ALA A 125 -6.67 4.61 -18.98
CA ALA A 125 -7.00 3.30 -18.45
C ALA A 125 -7.11 2.26 -19.56
N LEU A 126 -6.73 1.03 -19.27
CA LEU A 126 -6.97 -0.10 -20.16
C LEU A 126 -7.98 -1.07 -19.55
N ASN A 127 -8.98 -1.44 -20.33
CA ASN A 127 -10.06 -2.29 -19.85
C ASN A 127 -9.56 -3.69 -19.52
N GLU A 128 -10.35 -4.43 -18.75
CA GLU A 128 -9.94 -5.73 -18.25
C GLU A 128 -9.75 -6.73 -19.39
N ASP A 129 -10.38 -6.45 -20.52
CA ASP A 129 -10.25 -7.28 -21.70
C ASP A 129 -8.94 -6.99 -22.44
N LEU A 130 -8.29 -5.91 -22.04
CA LEU A 130 -7.01 -5.53 -22.65
C LEU A 130 -7.15 -5.34 -24.16
N ARG A 131 -8.17 -4.59 -24.56
CA ARG A 131 -8.43 -4.36 -25.98
C ARG A 131 -8.55 -2.88 -26.28
N SER A 132 -9.04 -2.12 -25.31
CA SER A 132 -9.52 -0.77 -25.56
C SER A 132 -8.97 0.22 -24.53
N TRP A 133 -8.34 1.28 -25.00
CA TRP A 133 -7.84 2.32 -24.11
C TRP A 133 -8.91 3.38 -23.85
N THR A 134 -8.84 4.00 -22.67
CA THR A 134 -9.69 5.13 -22.34
C THR A 134 -8.86 6.33 -21.91
N ALA A 135 -9.09 7.47 -22.56
CA ALA A 135 -8.41 8.71 -22.22
C ALA A 135 -9.21 9.51 -21.20
N ALA A 136 -8.51 10.06 -20.20
CA ALA A 136 -9.16 10.82 -19.14
C ALA A 136 -8.64 12.24 -19.09
N ASP A 137 -7.92 12.65 -20.13
CA ASP A 137 -7.31 13.97 -20.18
C ASP A 137 -6.94 14.35 -21.61
N MET A 138 -6.59 15.62 -21.81
CA MET A 138 -6.22 16.11 -23.13
C MET A 138 -5.01 15.36 -23.68
N ALA A 139 -3.91 15.37 -22.92
CA ALA A 139 -2.70 14.66 -23.31
C ALA A 139 -2.97 13.17 -23.44
N ALA A 140 -3.89 12.66 -22.64
CA ALA A 140 -4.27 11.24 -22.71
C ALA A 140 -4.88 10.91 -24.05
N GLN A 141 -5.67 11.82 -24.59
CA GLN A 141 -6.28 11.64 -25.91
C GLN A 141 -5.23 11.59 -27.00
N ILE A 142 -4.19 12.41 -26.87
CA ILE A 142 -3.07 12.37 -27.79
C ILE A 142 -2.34 11.03 -27.72
N THR A 143 -2.03 10.60 -26.51
CA THR A 143 -1.35 9.32 -26.31
C THR A 143 -2.24 8.16 -26.74
N LYS A 144 -3.51 8.21 -26.36
CA LYS A 144 -4.45 7.14 -26.69
C LYS A 144 -4.52 6.90 -28.19
N ARG A 145 -4.62 7.99 -28.96
CA ARG A 145 -4.62 7.90 -30.41
C ARG A 145 -3.44 7.08 -30.91
N LYS A 146 -2.25 7.36 -30.38
CA LYS A 146 -1.05 6.64 -30.76
C LYS A 146 -1.15 5.17 -30.36
N TRP A 147 -1.49 4.92 -29.11
CA TRP A 147 -1.49 3.57 -28.56
C TRP A 147 -2.49 2.69 -29.28
N GLU A 148 -3.65 3.25 -29.59
CA GLU A 148 -4.68 2.53 -30.34
C GLU A 148 -4.19 2.17 -31.74
N ALA A 149 -3.55 3.13 -32.40
CA ALA A 149 -3.09 2.94 -33.77
C ALA A 149 -2.10 1.78 -33.85
N VAL A 150 -1.29 1.62 -32.81
CA VAL A 150 -0.24 0.60 -32.81
C VAL A 150 -0.68 -0.62 -32.03
N HIS A 151 -1.92 -0.63 -31.58
CA HIS A 151 -2.47 -1.75 -30.81
C HIS A 151 -1.58 -2.06 -29.61
N ALA A 152 -1.23 -1.03 -28.85
CA ALA A 152 -0.38 -1.19 -27.68
C ALA A 152 -0.97 -2.19 -26.70
N ALA A 153 -2.29 -2.28 -26.68
CA ALA A 153 -3.00 -3.20 -25.80
C ALA A 153 -2.55 -4.64 -26.04
N GLU A 154 -2.14 -4.93 -27.28
CA GLU A 154 -1.71 -6.27 -27.65
C GLU A 154 -0.47 -6.68 -26.87
N GLN A 155 0.45 -5.74 -26.69
CA GLN A 155 1.65 -5.98 -25.89
C GLN A 155 1.31 -6.32 -24.45
N ARG A 156 0.31 -5.62 -23.91
CA ARG A 156 -0.15 -5.87 -22.56
C ARG A 156 -0.83 -7.23 -22.44
N ARG A 157 -1.58 -7.60 -23.47
CA ARG A 157 -2.28 -8.87 -23.50
C ARG A 157 -1.30 -10.03 -23.41
N VAL A 158 -0.25 -9.99 -24.22
CA VAL A 158 0.73 -11.07 -24.27
C VAL A 158 1.32 -11.33 -22.88
N TYR A 159 1.67 -10.27 -22.18
CA TYR A 159 2.17 -10.38 -20.81
C TYR A 159 1.06 -10.79 -19.86
N LEU A 160 0.02 -9.96 -19.77
CA LEU A 160 -0.93 -10.05 -18.67
C LEU A 160 -1.73 -11.36 -18.75
N GLU A 161 -2.02 -11.79 -19.97
CA GLU A 161 -2.78 -13.01 -20.18
C GLU A 161 -1.88 -14.25 -20.06
N GLY A 162 -0.59 -14.05 -20.22
CA GLY A 162 0.35 -15.15 -20.31
C GLY A 162 1.39 -15.09 -19.19
N ARG A 163 2.39 -14.23 -19.37
CA ARG A 163 3.54 -14.21 -18.47
C ARG A 163 3.12 -13.90 -17.04
N CYS A 164 2.22 -12.94 -16.89
CA CYS A 164 1.72 -12.56 -15.57
C CYS A 164 1.01 -13.73 -14.89
N VAL A 165 0.22 -14.46 -15.67
CA VAL A 165 -0.57 -15.57 -15.14
C VAL A 165 0.34 -16.71 -14.68
N ASP A 166 1.27 -17.11 -15.54
CA ASP A 166 2.17 -18.21 -15.24
C ASP A 166 3.17 -17.82 -14.15
N GLY A 167 3.68 -16.59 -14.23
CA GLY A 167 4.56 -16.05 -13.20
C GLY A 167 3.91 -16.14 -11.82
N LEU A 168 2.72 -15.57 -11.70
CA LEU A 168 1.97 -15.62 -10.44
C LEU A 168 1.70 -17.06 -10.03
N ARG A 169 1.22 -17.87 -10.97
CA ARG A 169 0.92 -19.27 -10.70
C ARG A 169 2.11 -19.96 -10.04
N ARG A 170 3.29 -19.83 -10.66
CA ARG A 170 4.49 -20.47 -10.16
C ARG A 170 4.85 -19.94 -8.78
N TYR A 171 4.67 -18.64 -8.58
CA TYR A 171 4.96 -18.01 -7.30
C TYR A 171 4.03 -18.54 -6.20
N LEU A 172 2.76 -18.73 -6.55
CA LEU A 172 1.77 -19.22 -5.60
C LEU A 172 2.13 -20.62 -5.11
N GLU A 173 2.73 -21.42 -5.99
CA GLU A 173 3.21 -22.74 -5.63
C GLU A 173 4.49 -22.66 -4.78
N ASN A 174 5.47 -21.93 -5.30
CA ASN A 174 6.78 -21.85 -4.66
C ASN A 174 6.67 -21.19 -3.28
N GLY A 175 5.76 -20.22 -3.16
CA GLY A 175 5.60 -19.48 -1.92
C GLY A 175 4.31 -19.86 -1.22
N LYS A 176 3.79 -21.04 -1.54
CA LYS A 176 2.50 -21.47 -1.02
C LYS A 176 2.40 -21.25 0.48
N GLU A 177 3.45 -21.64 1.20
CA GLU A 177 3.42 -21.65 2.66
C GLU A 177 3.69 -20.25 3.22
N THR A 178 3.96 -19.30 2.33
CA THR A 178 4.22 -17.93 2.73
C THR A 178 3.16 -16.99 2.19
N LEU A 179 2.45 -17.43 1.16
CA LEU A 179 1.46 -16.59 0.49
C LEU A 179 0.03 -16.99 0.88
N GLN A 180 -0.23 -18.29 0.85
CA GLN A 180 -1.56 -18.81 1.14
C GLN A 180 -1.71 -19.15 2.62
N ARG A 181 -0.69 -18.80 3.41
CA ARG A 181 -0.76 -18.99 4.85
C ARG A 181 -1.93 -18.23 5.46
N THR A 182 -2.38 -18.68 6.63
CA THR A 182 -3.41 -17.98 7.37
C THR A 182 -2.93 -17.61 8.78
N ASP A 183 -3.44 -16.50 9.29
CA ASP A 183 -3.16 -16.12 10.67
C ASP A 183 -4.37 -15.42 11.30
N PRO A 184 -4.99 -16.08 12.26
CA PRO A 184 -6.19 -15.56 12.90
C PRO A 184 -5.86 -14.39 13.82
N PRO A 185 -6.81 -13.47 13.97
CA PRO A 185 -6.61 -12.28 14.78
C PRO A 185 -6.53 -12.62 16.26
N LYS A 186 -5.73 -11.86 17.00
CA LYS A 186 -5.63 -12.04 18.44
C LYS A 186 -6.76 -11.31 19.17
N THR A 187 -7.97 -11.85 19.05
CA THR A 187 -9.17 -11.09 19.37
C THR A 187 -9.27 -10.80 20.87
N HIS A 188 -9.68 -9.59 21.21
CA HIS A 188 -10.04 -9.26 22.58
C HIS A 188 -10.82 -7.95 22.65
N MET A 189 -11.53 -7.75 23.75
CA MET A 189 -12.34 -6.55 23.94
C MET A 189 -11.99 -5.84 25.24
N THR A 190 -11.97 -4.51 25.19
CA THR A 190 -11.67 -3.70 26.37
C THR A 190 -12.77 -2.67 26.63
N HIS A 191 -12.87 -2.23 27.87
CA HIS A 191 -13.89 -1.25 28.25
C HIS A 191 -13.25 0.07 28.66
N HIS A 192 -13.72 1.16 28.06
CA HIS A 192 -13.12 2.47 28.26
C HIS A 192 -14.17 3.52 28.63
N PRO A 193 -14.41 3.69 29.92
CA PRO A 193 -15.37 4.67 30.40
C PRO A 193 -15.01 6.07 29.90
N ILE A 194 -16.04 6.86 29.60
CA ILE A 194 -15.84 8.23 29.15
C ILE A 194 -16.26 9.23 30.22
N SER A 195 -17.45 9.01 30.79
CA SER A 195 -17.97 9.89 31.82
C SER A 195 -18.71 9.10 32.90
N ASP A 196 -19.45 9.82 33.74
CA ASP A 196 -20.22 9.18 34.81
C ASP A 196 -21.25 8.21 34.24
N HIS A 197 -21.65 8.44 33.00
CA HIS A 197 -22.71 7.65 32.38
C HIS A 197 -22.25 7.07 31.05
N GLU A 198 -21.33 7.76 30.41
CA GLU A 198 -20.92 7.40 29.04
C GLU A 198 -19.70 6.49 29.06
N ALA A 199 -19.72 5.48 28.17
CA ALA A 199 -18.57 4.60 28.00
C ALA A 199 -18.52 4.03 26.58
N THR A 200 -17.40 3.42 26.24
CA THR A 200 -17.24 2.76 24.94
C THR A 200 -16.70 1.36 25.11
N LEU A 201 -16.95 0.51 24.11
CA LEU A 201 -16.24 -0.76 23.98
C LEU A 201 -15.35 -0.76 22.75
N ARG A 202 -14.17 -1.35 22.88
CA ARG A 202 -13.25 -1.49 21.75
C ARG A 202 -13.08 -2.95 21.36
N CYS A 203 -13.39 -3.25 20.10
CA CYS A 203 -13.28 -4.61 19.58
C CYS A 203 -11.99 -4.79 18.78
N TRP A 204 -11.03 -5.52 19.37
CA TRP A 204 -9.70 -5.62 18.80
C TRP A 204 -9.57 -6.87 17.93
N ALA A 205 -8.97 -6.70 16.75
CA ALA A 205 -8.69 -7.83 15.88
C ALA A 205 -7.31 -7.68 15.23
N LEU A 206 -6.26 -7.75 16.04
CA LEU A 206 -4.92 -7.37 15.59
C LEU A 206 -4.10 -8.60 15.24
N GLY A 207 -3.22 -8.45 14.26
CA GLY A 207 -2.17 -9.43 14.00
C GLY A 207 -2.69 -10.59 13.16
N PHE A 208 -3.34 -10.26 12.06
CA PHE A 208 -4.00 -11.26 11.22
C PHE A 208 -3.46 -11.23 9.79
N TYR A 209 -3.68 -12.32 9.07
CA TYR A 209 -3.29 -12.39 7.66
C TYR A 209 -4.19 -13.36 6.90
N PRO A 210 -4.71 -12.91 5.76
CA PRO A 210 -4.18 -11.72 5.10
C PRO A 210 -4.96 -10.47 5.52
N ALA A 211 -4.78 -9.39 4.77
CA ALA A 211 -5.35 -8.10 5.13
C ALA A 211 -6.86 -8.15 5.14
N GLU A 212 -7.42 -9.11 4.42
CA GLU A 212 -8.87 -9.24 4.27
C GLU A 212 -9.54 -9.44 5.62
N ILE A 213 -10.39 -8.49 6.00
CA ILE A 213 -11.08 -8.55 7.27
C ILE A 213 -12.38 -7.74 7.25
N THR A 214 -13.40 -8.25 7.91
CA THR A 214 -14.61 -7.47 8.17
C THR A 214 -14.97 -7.48 9.64
N LEU A 215 -15.22 -6.29 10.20
CA LEU A 215 -15.71 -6.16 11.56
C LEU A 215 -17.20 -5.81 11.58
N THR A 216 -17.93 -6.44 12.49
CA THR A 216 -19.35 -6.14 12.67
C THR A 216 -19.70 -5.97 14.14
N TRP A 217 -20.42 -4.90 14.45
CA TRP A 217 -21.02 -4.74 15.77
C TRP A 217 -22.51 -5.07 15.75
N GLN A 218 -23.01 -5.63 16.84
CA GLN A 218 -24.44 -5.83 17.03
C GLN A 218 -24.89 -5.34 18.39
N ARG A 219 -26.14 -4.88 18.47
CA ARG A 219 -26.78 -4.62 19.75
C ARG A 219 -28.19 -5.20 19.79
N ASP A 220 -28.48 -5.99 20.81
CA ASP A 220 -29.75 -6.70 20.90
C ASP A 220 -29.95 -7.62 19.71
N GLY A 221 -28.85 -8.01 19.07
CA GLY A 221 -28.90 -8.95 17.97
C GLY A 221 -28.98 -8.22 16.63
N GLU A 222 -29.18 -6.91 16.69
CA GLU A 222 -29.31 -6.10 15.49
C GLU A 222 -28.00 -5.39 15.16
N ASP A 223 -27.68 -5.30 13.87
CA ASP A 223 -26.43 -4.70 13.42
C ASP A 223 -26.34 -3.24 13.85
N GLN A 224 -25.15 -2.81 14.24
CA GLN A 224 -24.90 -1.41 14.55
C GLN A 224 -23.98 -0.77 13.51
N THR A 225 -24.53 0.12 12.71
CA THR A 225 -23.80 0.68 11.57
C THR A 225 -23.67 2.19 11.70
N GLN A 226 -24.24 2.74 12.76
CA GLN A 226 -24.36 4.20 12.90
C GLN A 226 -23.42 4.73 13.99
N ASP A 227 -23.63 4.27 15.22
CA ASP A 227 -22.87 4.76 16.35
C ASP A 227 -21.56 4.01 16.52
N THR A 228 -20.68 4.13 15.53
CA THR A 228 -19.52 3.25 15.41
C THR A 228 -18.32 4.00 14.84
N GLU A 229 -17.13 3.56 15.21
CA GLU A 229 -15.90 4.06 14.60
C GLU A 229 -14.96 2.92 14.25
N LEU A 230 -14.41 2.95 13.05
CA LEU A 230 -13.50 1.92 12.58
C LEU A 230 -12.22 2.53 12.01
N VAL A 231 -11.12 1.77 12.10
CA VAL A 231 -9.89 2.15 11.44
C VAL A 231 -9.66 1.30 10.19
N GLU A 232 -9.05 1.92 9.17
CA GLU A 232 -8.65 1.19 7.98
C GLU A 232 -7.56 0.18 8.29
N THR A 233 -7.57 -0.95 7.59
CA THR A 233 -6.58 -1.99 7.79
C THR A 233 -5.17 -1.46 7.56
N ARG A 234 -4.28 -1.73 8.51
CA ARG A 234 -2.93 -1.19 8.46
C ARG A 234 -1.89 -2.27 8.76
N PRO A 235 -0.72 -2.14 8.16
CA PRO A 235 0.39 -3.06 8.42
C PRO A 235 0.72 -3.10 9.91
N ALA A 236 0.97 -4.30 10.43
CA ALA A 236 1.45 -4.46 11.79
C ALA A 236 2.96 -4.24 11.87
N GLY A 237 3.62 -4.30 10.73
CA GLY A 237 5.07 -4.13 10.66
C GLY A 237 5.80 -5.42 10.96
N ASP A 238 5.06 -6.53 10.97
CA ASP A 238 5.63 -7.83 11.27
C ASP A 238 5.06 -8.92 10.37
N GLY A 239 4.53 -8.50 9.22
CA GLY A 239 4.04 -9.44 8.22
C GLY A 239 2.54 -9.64 8.34
N THR A 240 1.96 -9.14 9.43
CA THR A 240 0.52 -9.20 9.63
C THR A 240 -0.10 -7.82 9.59
N PHE A 241 -1.41 -7.75 9.78
CA PHE A 241 -2.14 -6.49 9.72
C PHE A 241 -2.95 -6.26 10.98
N GLN A 242 -3.29 -5.00 11.23
CA GLN A 242 -4.10 -4.64 12.39
C GLN A 242 -5.45 -4.07 11.96
N LYS A 243 -6.47 -4.27 12.81
CA LYS A 243 -7.72 -3.54 12.67
C LYS A 243 -8.51 -3.56 13.98
N TRP A 244 -9.21 -2.48 14.26
CA TRP A 244 -10.09 -2.42 15.42
C TRP A 244 -11.34 -1.60 15.13
N ALA A 245 -12.39 -1.81 15.93
CA ALA A 245 -13.58 -0.98 15.86
C ALA A 245 -14.12 -0.69 17.25
N ALA A 246 -14.92 0.37 17.36
CA ALA A 246 -15.53 0.75 18.64
C ALA A 246 -16.94 1.28 18.43
N VAL A 247 -17.78 1.14 19.45
CA VAL A 247 -19.11 1.74 19.45
C VAL A 247 -19.40 2.43 20.78
N VAL A 248 -20.43 3.27 20.79
CA VAL A 248 -20.85 3.95 22.00
C VAL A 248 -21.64 3.02 22.91
N VAL A 249 -21.16 2.87 24.15
CA VAL A 249 -21.73 1.89 25.07
C VAL A 249 -21.96 2.51 26.44
N PRO A 250 -23.16 3.05 26.67
CA PRO A 250 -23.52 3.59 27.96
C PRO A 250 -23.29 2.58 29.08
N SER A 251 -22.79 3.07 30.21
CA SER A 251 -22.39 2.20 31.31
C SER A 251 -23.54 1.29 31.73
N GLY A 252 -23.28 -0.01 31.76
CA GLY A 252 -24.25 -0.98 32.21
C GLY A 252 -24.97 -1.64 31.04
N GLU A 253 -24.84 -1.03 29.86
CA GLU A 253 -25.51 -1.52 28.66
C GLU A 253 -24.59 -2.42 27.85
N GLU A 254 -23.37 -2.61 28.34
CA GLU A 254 -22.36 -3.36 27.61
C GLU A 254 -22.81 -4.79 27.36
N GLN A 255 -23.72 -5.28 28.21
CA GLN A 255 -24.20 -6.65 28.10
C GLN A 255 -25.01 -6.86 26.82
N ARG A 256 -25.42 -5.75 26.21
CA ARG A 256 -26.30 -5.81 25.04
C ARG A 256 -25.50 -5.80 23.75
N TYR A 257 -24.19 -5.66 23.87
CA TYR A 257 -23.33 -5.48 22.70
C TYR A 257 -22.56 -6.76 22.38
N THR A 258 -22.30 -6.98 21.10
CA THR A 258 -21.39 -8.04 20.67
C THR A 258 -20.66 -7.66 19.39
N CYS A 259 -19.38 -8.00 19.32
CA CYS A 259 -18.59 -7.76 18.12
C CYS A 259 -18.21 -9.07 17.43
N HIS A 260 -18.23 -9.07 16.11
CA HIS A 260 -17.83 -10.24 15.34
C HIS A 260 -16.69 -9.90 14.38
N VAL A 261 -15.79 -10.86 14.19
CA VAL A 261 -14.68 -10.69 13.25
C VAL A 261 -14.69 -11.78 12.18
N GLN A 262 -14.91 -11.38 10.94
CA GLN A 262 -15.11 -12.33 9.85
C GLN A 262 -13.92 -12.32 8.90
N HIS A 263 -13.45 -13.52 8.56
CA HIS A 263 -12.40 -13.66 7.55
C HIS A 263 -12.78 -14.69 6.49
N GLU A 264 -12.13 -14.61 5.34
CA GLU A 264 -12.26 -15.65 4.32
C GLU A 264 -11.22 -16.74 4.49
N GLY A 265 -10.17 -16.43 5.25
CA GLY A 265 -9.07 -17.37 5.45
C GLY A 265 -9.33 -18.30 6.61
N LEU A 266 -10.42 -18.05 7.33
CA LEU A 266 -10.77 -18.85 8.50
C LEU A 266 -12.06 -19.64 8.27
N PRO A 267 -12.15 -20.81 8.90
CA PRO A 267 -13.32 -21.67 8.74
C PRO A 267 -14.52 -21.10 9.50
N LYS A 268 -14.25 -20.16 10.39
CA LYS A 268 -15.30 -19.58 11.23
C LYS A 268 -14.92 -18.18 11.70
N PRO A 269 -15.93 -17.35 11.92
CA PRO A 269 -15.71 -16.02 12.50
C PRO A 269 -15.40 -16.12 13.98
N LEU A 270 -14.83 -15.04 14.54
CA LEU A 270 -14.61 -14.95 15.97
C LEU A 270 -15.54 -13.92 16.61
N THR A 271 -15.99 -14.21 17.82
CA THR A 271 -16.95 -13.36 18.51
C THR A 271 -16.35 -12.79 19.80
N LEU A 272 -16.55 -11.50 20.01
CA LEU A 272 -16.03 -10.82 21.20
C LEU A 272 -17.15 -10.25 22.05
N ARG A 273 -17.03 -10.40 23.36
CA ARG A 273 -17.99 -9.82 24.29
C ARG A 273 -17.30 -9.29 25.54
N TRP A 274 -18.02 -8.48 26.31
CA TRP A 274 -17.50 -7.93 27.55
C TRP A 274 -18.54 -8.01 28.67
N ILE B 1 7.80 -11.98 -12.66
CA ILE B 1 8.11 -11.55 -14.02
C ILE B 1 7.59 -10.15 -14.29
N LEU B 2 8.49 -9.26 -14.69
CA LEU B 2 8.10 -7.90 -15.09
C LEU B 2 7.85 -7.83 -16.58
N ASP B 3 7.03 -6.85 -16.99
CA ASP B 3 6.76 -6.61 -18.40
C ASP B 3 7.91 -5.86 -19.05
N THR B 4 7.91 -5.83 -20.38
CA THR B 4 8.94 -5.12 -21.14
C THR B 4 8.38 -3.87 -21.80
N ALA B 5 9.10 -2.76 -21.64
CA ALA B 5 8.69 -1.50 -22.26
C ALA B 5 8.59 -1.63 -23.77
N GLY B 6 7.46 -1.22 -24.33
CA GLY B 6 7.24 -1.29 -25.77
C GLY B 6 7.03 0.09 -26.35
N LYS B 7 5.78 0.42 -26.67
CA LYS B 7 5.42 1.73 -27.19
C LYS B 7 5.09 2.69 -26.07
N GLU B 8 5.87 2.66 -24.99
CA GLU B 8 5.57 3.43 -23.80
C GLU B 8 5.97 4.89 -23.97
N GLU B 9 5.29 5.58 -24.88
CA GLU B 9 5.56 6.99 -25.13
C GLU B 9 4.26 7.79 -25.25
N TYR B 10 4.27 9.00 -24.68
CA TYR B 10 3.11 9.87 -24.75
C TYR B 10 3.20 10.81 -25.95
N MET C 1 -2.14 20.57 -11.41
CA MET C 1 -1.71 19.59 -10.42
C MET C 1 -2.52 19.71 -9.13
N ILE C 2 -2.82 18.58 -8.52
CA ILE C 2 -3.50 18.56 -7.23
C ILE C 2 -2.63 17.92 -6.16
N GLN C 3 -2.96 18.19 -4.90
CA GLN C 3 -2.18 17.67 -3.78
C GLN C 3 -3.09 17.05 -2.72
N ARG C 4 -2.53 16.13 -1.94
CA ARG C 4 -3.29 15.44 -0.90
C ARG C 4 -2.54 15.44 0.42
N THR C 5 -3.29 15.53 1.52
CA THR C 5 -2.69 15.61 2.84
C THR C 5 -2.59 14.23 3.50
N PRO C 6 -1.42 13.93 4.05
CA PRO C 6 -1.18 12.62 4.66
C PRO C 6 -2.02 12.42 5.92
N LYS C 7 -2.40 11.18 6.18
CA LYS C 7 -2.83 10.78 7.51
C LYS C 7 -1.71 10.10 8.28
N ILE C 8 -1.67 10.32 9.59
CA ILE C 8 -0.62 9.78 10.43
C ILE C 8 -1.17 8.87 11.51
N GLN C 9 -0.74 7.60 11.49
CA GLN C 9 -1.13 6.65 12.52
C GLN C 9 0.10 6.09 13.24
N VAL C 10 0.15 6.29 14.55
CA VAL C 10 1.27 5.80 15.35
C VAL C 10 0.83 4.71 16.31
N TYR C 11 1.50 3.57 16.25
CA TYR C 11 1.03 2.37 16.95
C TYR C 11 2.17 1.37 17.13
N SER C 12 1.90 0.31 17.90
CA SER C 12 2.82 -0.82 17.97
C SER C 12 2.16 -2.09 17.45
N ARG C 13 2.99 -3.04 17.01
CA ARG C 13 2.48 -4.26 16.39
C ARG C 13 1.67 -5.09 17.37
N HIS C 14 1.95 -4.91 18.66
CA HIS C 14 1.12 -5.51 19.71
C HIS C 14 1.00 -4.58 20.90
N PRO C 15 -0.07 -4.76 21.68
CA PRO C 15 -0.35 -3.89 22.82
C PRO C 15 0.87 -3.77 23.73
N ALA C 16 1.14 -2.54 24.18
CA ALA C 16 2.37 -2.25 24.92
C ALA C 16 2.44 -3.07 26.21
N GLU C 17 3.65 -3.51 26.56
CA GLU C 17 3.89 -4.10 27.86
C GLU C 17 5.31 -3.82 28.33
N ASN C 18 5.44 -3.34 29.57
CA ASN C 18 6.72 -2.84 30.07
C ASN C 18 7.79 -3.92 30.00
N GLY C 19 8.84 -3.64 29.24
CA GLY C 19 10.01 -4.52 29.21
C GLY C 19 9.89 -5.55 28.08
N LYS C 20 8.71 -5.63 27.49
CA LYS C 20 8.45 -6.62 26.45
C LYS C 20 8.75 -6.06 25.06
N SER C 21 9.76 -6.61 24.41
CA SER C 21 10.24 -6.10 23.13
C SER C 21 9.06 -5.81 22.20
N ASN C 22 9.14 -4.67 21.51
CA ASN C 22 8.07 -4.25 20.61
C ASN C 22 8.63 -3.46 19.44
N PHE C 23 7.77 -3.20 18.45
CA PHE C 23 8.14 -2.38 17.31
C PHE C 23 7.24 -1.16 17.18
N LEU C 24 7.84 0.01 17.07
CA LEU C 24 7.09 1.26 16.94
C LEU C 24 6.82 1.59 15.48
N ASN C 25 5.53 1.65 15.12
CA ASN C 25 5.14 1.88 13.74
C ASN C 25 4.63 3.30 13.54
N CYS C 26 4.93 3.88 12.38
CA CYS C 26 4.24 5.08 11.92
C CYS C 26 3.78 4.93 10.48
N TYR C 27 2.47 4.79 10.30
CA TYR C 27 1.91 4.55 8.97
C TYR C 27 1.35 5.83 8.36
N VAL C 28 1.94 6.25 7.24
CA VAL C 28 1.55 7.49 6.59
C VAL C 28 1.06 7.26 5.17
N SER C 29 -0.17 7.69 4.90
CA SER C 29 -0.85 7.34 3.66
C SER C 29 -1.76 8.47 3.19
N GLY C 30 -2.04 8.49 1.90
CA GLY C 30 -3.14 9.31 1.36
C GLY C 30 -2.64 10.70 0.99
N PHE C 31 -1.38 10.80 0.64
CA PHE C 31 -0.75 12.09 0.37
C PHE C 31 -0.25 12.18 -1.07
N HIS C 32 -0.04 13.40 -1.54
CA HIS C 32 0.41 13.62 -2.92
C HIS C 32 0.86 15.06 -3.13
N PRO C 33 2.04 15.23 -3.69
CA PRO C 33 2.76 14.13 -4.31
C PRO C 33 3.63 13.39 -3.30
N SER C 34 4.67 12.71 -3.81
CA SER C 34 5.46 11.81 -2.98
C SER C 34 6.36 12.58 -2.04
N ASP C 35 6.42 13.89 -2.21
CA ASP C 35 7.36 14.73 -1.47
C ASP C 35 6.97 14.82 0.00
N ILE C 36 7.42 13.85 0.79
CA ILE C 36 7.00 13.74 2.18
C ILE C 36 8.18 13.36 3.07
N GLU C 37 8.18 13.86 4.30
CA GLU C 37 9.17 13.48 5.30
C GLU C 37 8.51 12.83 6.51
N VAL C 38 8.97 11.64 6.87
CA VAL C 38 8.44 10.92 8.02
C VAL C 38 9.54 10.46 8.96
N ASP C 39 9.43 10.86 10.22
CA ASP C 39 10.44 10.54 11.21
C ASP C 39 9.80 10.06 12.52
N LEU C 40 10.48 9.16 13.21
CA LEU C 40 10.04 8.71 14.52
C LEU C 40 10.74 9.48 15.64
N LEU C 41 10.01 9.78 16.70
CA LEU C 41 10.54 10.56 17.81
C LEU C 41 10.65 9.73 19.08
N LYS C 42 11.65 10.02 19.89
CA LYS C 42 11.66 9.60 21.29
C LYS C 42 11.89 10.78 22.22
N ASN C 43 10.89 11.09 23.05
CA ASN C 43 10.94 12.27 23.89
C ASN C 43 11.20 13.52 23.07
N GLY C 44 10.68 13.55 21.85
CA GLY C 44 10.73 14.75 21.01
C GLY C 44 11.96 14.74 20.12
N GLU C 45 12.89 13.84 20.41
CA GLU C 45 14.14 13.76 19.66
C GLU C 45 14.05 12.71 18.55
N ARG C 46 14.64 13.02 17.41
CA ARG C 46 14.61 12.11 16.26
C ARG C 46 15.32 10.80 16.58
N ILE C 47 14.72 9.68 16.18
CA ILE C 47 15.38 8.39 16.23
C ILE C 47 16.13 8.10 14.94
N GLU C 48 17.42 7.83 15.06
CA GLU C 48 18.28 7.64 13.90
C GLU C 48 18.14 6.22 13.34
N LYS C 49 18.01 5.25 14.23
CA LYS C 49 17.99 3.84 13.84
C LYS C 49 16.59 3.41 13.43
N VAL C 50 16.14 3.89 12.27
CA VAL C 50 14.77 3.64 11.81
C VAL C 50 14.77 3.06 10.40
N GLU C 51 13.93 2.05 10.19
CA GLU C 51 13.74 1.48 8.86
C GLU C 51 12.39 1.87 8.29
N HIS C 52 12.20 1.60 7.00
CA HIS C 52 10.97 1.95 6.31
C HIS C 52 10.70 1.01 5.14
N SER C 53 9.46 1.00 4.68
CA SER C 53 9.09 0.25 3.48
C SER C 53 9.42 1.05 2.21
N ASP C 54 9.31 0.40 1.06
CA ASP C 54 9.41 1.08 -0.22
C ASP C 54 8.13 1.84 -0.55
N LEU C 55 8.28 3.00 -1.19
CA LEU C 55 7.14 3.85 -1.50
C LEU C 55 6.23 3.19 -2.52
N SER C 56 4.93 3.17 -2.23
CA SER C 56 3.93 2.69 -3.18
C SER C 56 2.74 3.64 -3.26
N PHE C 57 1.83 3.34 -4.19
CA PHE C 57 0.59 4.11 -4.30
C PHE C 57 -0.60 3.20 -4.59
N SER C 58 -1.79 3.69 -4.29
CA SER C 58 -2.99 2.86 -4.37
C SER C 58 -3.81 3.20 -5.61
N LYS C 59 -5.04 2.70 -5.66
CA LYS C 59 -5.88 2.85 -6.84
C LYS C 59 -6.19 4.32 -7.10
N ASP C 60 -6.26 5.11 -6.03
CA ASP C 60 -6.55 6.53 -6.15
C ASP C 60 -5.28 7.34 -6.33
N TRP C 61 -4.17 6.64 -6.59
CA TRP C 61 -2.92 7.29 -6.96
C TRP C 61 -2.33 8.06 -5.80
N SER C 62 -2.89 7.87 -4.61
CA SER C 62 -2.32 8.41 -3.39
C SER C 62 -1.14 7.58 -2.92
N PHE C 63 -0.18 8.23 -2.25
CA PHE C 63 1.03 7.55 -1.81
C PHE C 63 0.91 7.08 -0.38
N TYR C 64 1.62 6.01 -0.05
CA TYR C 64 1.72 5.54 1.32
C TYR C 64 3.06 4.85 1.58
N LEU C 65 3.51 4.90 2.83
CA LEU C 65 4.70 4.16 3.24
C LEU C 65 4.73 3.96 4.75
N LEU C 66 5.45 2.92 5.19
CA LEU C 66 5.54 2.61 6.61
C LEU C 66 6.95 2.91 7.14
N TYR C 67 7.01 3.57 8.29
CA TYR C 67 8.23 3.61 9.08
C TYR C 67 8.09 2.80 10.36
N TYR C 68 9.19 2.19 10.79
CA TYR C 68 9.18 1.35 11.99
C TYR C 68 10.56 1.29 12.63
N THR C 69 10.59 1.04 13.93
CA THR C 69 11.85 0.74 14.62
C THR C 69 11.60 -0.14 15.84
N GLU C 70 12.62 -0.89 16.23
CA GLU C 70 12.56 -1.73 17.42
C GLU C 70 12.86 -0.92 18.68
N PHE C 71 12.08 -1.16 19.72
CA PHE C 71 12.27 -0.48 21.00
C PHE C 71 11.79 -1.32 22.16
N THR C 72 12.10 -0.88 23.37
CA THR C 72 11.56 -1.51 24.57
C THR C 72 10.54 -0.60 25.28
N PRO C 73 9.29 -1.03 25.30
CA PRO C 73 8.24 -0.26 25.93
C PRO C 73 8.58 0.07 27.38
N THR C 74 8.31 1.30 27.79
CA THR C 74 8.56 1.74 29.15
C THR C 74 7.47 2.68 29.64
N GLU C 75 7.66 3.22 30.84
CA GLU C 75 6.71 4.16 31.42
C GLU C 75 7.33 5.56 31.52
N LYS C 76 8.64 5.64 31.33
CA LYS C 76 9.36 6.90 31.47
C LYS C 76 9.35 7.67 30.15
N ASP C 77 9.70 7.00 29.07
CA ASP C 77 9.90 7.65 27.78
C ASP C 77 8.60 7.68 26.98
N GLU C 78 8.42 8.73 26.19
CA GLU C 78 7.30 8.81 25.26
C GLU C 78 7.77 8.71 23.81
N TYR C 79 6.93 8.13 22.96
CA TYR C 79 7.25 7.98 21.55
C TYR C 79 6.21 8.67 20.68
N ALA C 80 6.62 9.11 19.50
CA ALA C 80 5.74 9.82 18.58
C ALA C 80 6.23 9.71 17.14
N CYS C 81 5.46 10.27 16.22
CA CYS C 81 5.88 10.36 14.82
C CYS C 81 5.62 11.75 14.25
N ARG C 82 6.58 12.26 13.50
CA ARG C 82 6.46 13.58 12.89
C ARG C 82 6.47 13.49 11.37
N VAL C 83 5.51 14.17 10.75
CA VAL C 83 5.37 14.13 9.29
C VAL C 83 5.29 15.53 8.71
N ASN C 84 6.09 15.78 7.67
CA ASN C 84 6.04 17.04 6.95
C ASN C 84 5.53 16.85 5.53
N HIS C 85 4.77 17.82 5.04
CA HIS C 85 4.23 17.77 3.69
C HIS C 85 3.84 19.16 3.20
N VAL C 86 3.84 19.34 1.88
CA VAL C 86 3.66 20.66 1.28
C VAL C 86 2.25 21.19 1.51
N THR C 87 1.33 20.28 1.85
CA THR C 87 -0.04 20.67 2.14
C THR C 87 -0.23 20.96 3.63
N LEU C 88 0.84 20.82 4.39
CA LEU C 88 0.80 21.05 5.83
C LEU C 88 1.47 22.37 6.20
N SER C 89 0.68 23.34 6.62
CA SER C 89 1.20 24.61 7.08
C SER C 89 1.98 24.45 8.39
N GLN C 90 1.73 23.34 9.07
CA GLN C 90 2.46 23.02 10.30
C GLN C 90 2.74 21.52 10.40
N PRO C 91 3.97 21.19 10.78
CA PRO C 91 4.36 19.79 10.95
C PRO C 91 3.36 19.05 11.85
N LYS C 92 2.97 17.85 11.41
CA LYS C 92 2.05 17.04 12.19
C LYS C 92 2.79 16.09 13.11
N ILE C 93 2.42 16.09 14.39
CA ILE C 93 3.02 15.18 15.36
C ILE C 93 1.95 14.35 16.07
N VAL C 94 2.09 13.03 16.03
CA VAL C 94 1.15 12.14 16.68
C VAL C 94 1.83 11.30 17.75
N LYS C 95 1.23 11.25 18.93
CA LYS C 95 1.81 10.52 20.05
C LYS C 95 1.47 9.03 19.96
N TRP C 96 2.43 8.19 20.35
CA TRP C 96 2.19 6.75 20.42
C TRP C 96 1.21 6.42 21.54
N ASP C 97 0.19 5.63 21.20
CA ASP C 97 -0.80 5.19 22.18
C ASP C 97 -0.53 3.75 22.60
N ARG C 98 -0.17 3.58 23.87
CA ARG C 98 0.21 2.26 24.39
C ARG C 98 -0.92 1.26 24.22
N ASP C 99 -2.15 1.76 24.22
CA ASP C 99 -3.32 0.89 24.23
C ASP C 99 -4.01 0.88 22.86
N MET C 100 -3.28 1.31 21.84
CA MET C 100 -3.79 1.29 20.47
C MET C 100 -2.66 1.41 19.46
N GLY A 1 -8.69 -18.89 -2.81
CA GLY A 1 -9.46 -18.73 -4.03
C GLY A 1 -8.62 -18.11 -5.14
N SER A 2 -9.07 -16.99 -5.67
CA SER A 2 -8.31 -16.25 -6.67
C SER A 2 -7.13 -15.53 -6.04
N HIS A 3 -6.18 -15.12 -6.89
CA HIS A 3 -5.02 -14.37 -6.42
C HIS A 3 -4.70 -13.22 -7.36
N SER A 4 -4.08 -12.17 -6.81
CA SER A 4 -3.76 -10.98 -7.60
C SER A 4 -2.25 -10.76 -7.67
N MET A 5 -1.79 -10.33 -8.84
CA MET A 5 -0.42 -9.82 -8.97
C MET A 5 -0.43 -8.37 -9.44
N ARG A 6 0.39 -7.54 -8.79
CA ARG A 6 0.43 -6.12 -9.09
C ARG A 6 1.86 -5.61 -9.16
N TYR A 7 2.10 -4.63 -10.02
CA TYR A 7 3.35 -3.89 -10.01
C TYR A 7 3.09 -2.38 -10.08
N PHE A 8 3.78 -1.63 -9.22
CA PHE A 8 3.58 -0.19 -9.14
C PHE A 8 4.85 0.57 -9.48
N PHE A 9 4.75 1.50 -10.42
CA PHE A 9 5.92 2.25 -10.89
C PHE A 9 5.68 3.75 -10.77
N THR A 10 6.63 4.45 -10.15
CA THR A 10 6.54 5.89 -10.00
C THR A 10 7.83 6.57 -10.44
N SER A 11 7.68 7.70 -11.14
CA SER A 11 8.83 8.54 -11.48
C SER A 11 8.59 9.98 -11.07
N VAL A 12 9.52 10.53 -10.29
CA VAL A 12 9.36 11.87 -9.73
C VAL A 12 10.48 12.79 -10.18
N SER A 13 10.10 13.93 -10.76
CA SER A 13 11.08 14.87 -11.29
C SER A 13 11.99 15.41 -10.19
N ARG A 14 13.24 15.71 -10.55
CA ARG A 14 14.18 16.29 -9.61
C ARG A 14 15.05 17.34 -10.29
N PRO A 15 14.48 18.51 -10.52
CA PRO A 15 15.20 19.61 -11.15
C PRO A 15 16.50 19.92 -10.42
N GLY A 16 17.58 20.09 -11.17
CA GLY A 16 18.88 20.40 -10.58
C GLY A 16 19.53 19.16 -9.98
N ARG A 17 18.83 18.55 -9.03
CA ARG A 17 19.41 17.46 -8.25
C ARG A 17 19.40 16.14 -9.03
N GLY A 18 20.19 16.08 -10.09
CA GLY A 18 20.36 14.84 -10.85
C GLY A 18 19.11 14.51 -11.65
N GLU A 19 18.93 13.23 -11.94
CA GLU A 19 17.81 12.78 -12.77
C GLU A 19 16.61 12.39 -11.92
N PRO A 20 15.43 12.45 -12.51
CA PRO A 20 14.21 12.05 -11.82
C PRO A 20 14.35 10.66 -11.22
N ARG A 21 13.80 10.48 -10.01
CA ARG A 21 13.90 9.21 -9.31
C ARG A 21 12.87 8.22 -9.84
N PHE A 22 13.27 6.95 -9.93
CA PHE A 22 12.37 5.90 -10.39
C PHE A 22 12.23 4.81 -9.33
N ILE A 23 11.00 4.53 -8.94
CA ILE A 23 10.71 3.52 -7.93
C ILE A 23 9.76 2.45 -8.47
N ALA A 24 10.09 1.19 -8.21
CA ALA A 24 9.26 0.08 -8.64
C ALA A 24 9.10 -0.95 -7.53
N VAL A 25 7.86 -1.31 -7.23
CA VAL A 25 7.57 -2.32 -6.22
C VAL A 25 6.55 -3.34 -6.73
N GLY A 26 6.86 -4.61 -6.55
CA GLY A 26 5.98 -5.69 -6.99
C GLY A 26 5.28 -6.34 -5.81
N TYR A 27 4.03 -6.76 -6.01
CA TYR A 27 3.27 -7.44 -4.97
C TYR A 27 2.66 -8.73 -5.49
N VAL A 28 2.60 -9.75 -4.63
CA VAL A 28 1.64 -10.83 -4.79
C VAL A 28 0.61 -10.81 -3.66
N ASP A 29 -0.64 -10.54 -4.01
CA ASP A 29 -1.65 -10.17 -3.02
C ASP A 29 -1.13 -9.06 -2.11
N ASP A 30 -0.90 -9.40 -0.84
CA ASP A 30 -0.54 -8.41 0.17
C ASP A 30 0.97 -8.37 0.40
N THR A 31 1.69 -9.24 -0.32
CA THR A 31 3.10 -9.47 -0.04
C THR A 31 3.99 -8.82 -1.08
N GLN A 32 4.92 -7.99 -0.63
CA GLN A 32 6.00 -7.52 -1.48
C GLN A 32 7.10 -8.57 -1.61
N PHE A 33 7.54 -8.81 -2.84
CA PHE A 33 8.43 -9.93 -3.13
C PHE A 33 9.57 -9.51 -4.04
N VAL A 34 9.43 -8.35 -4.66
CA VAL A 34 10.52 -7.74 -5.41
C VAL A 34 10.55 -6.24 -5.23
N ARG A 35 11.73 -5.64 -5.40
CA ARG A 35 11.87 -4.19 -5.34
C ARG A 35 12.89 -3.69 -6.36
N PHE A 36 12.80 -2.41 -6.69
CA PHE A 36 13.84 -1.76 -7.47
C PHE A 36 13.83 -0.25 -7.23
N ASP A 37 15.03 0.34 -7.18
CA ASP A 37 15.16 1.77 -6.91
C ASP A 37 16.36 2.36 -7.65
N SER A 38 16.11 3.41 -8.43
CA SER A 38 17.14 4.02 -9.25
C SER A 38 18.26 4.59 -8.39
N ASP A 39 17.97 4.81 -7.11
CA ASP A 39 18.97 5.31 -6.18
C ASP A 39 19.55 4.19 -5.33
N ALA A 40 19.28 2.95 -5.73
CA ALA A 40 19.81 1.79 -5.04
C ALA A 40 21.33 1.73 -5.16
N ALA A 41 21.98 1.22 -4.12
CA ALA A 41 23.43 0.99 -4.16
C ALA A 41 23.79 -0.03 -5.24
N SER A 42 22.92 -1.01 -5.43
CA SER A 42 23.20 -2.11 -6.36
C SER A 42 22.87 -1.71 -7.79
N GLN A 43 21.93 -0.79 -7.94
CA GLN A 43 21.45 -0.40 -9.25
C GLN A 43 20.88 -1.59 -10.02
N LYS A 44 20.47 -2.62 -9.28
CA LYS A 44 19.88 -3.80 -9.88
C LYS A 44 18.57 -4.16 -9.20
N MET A 45 17.76 -4.97 -9.88
CA MET A 45 16.57 -5.56 -9.28
C MET A 45 16.94 -6.45 -8.10
N GLU A 46 16.16 -6.37 -7.02
CA GLU A 46 16.40 -7.16 -5.83
C GLU A 46 15.15 -7.92 -5.40
N PRO A 47 15.34 -9.15 -4.95
CA PRO A 47 14.24 -9.92 -4.36
C PRO A 47 13.93 -9.44 -2.95
N ARG A 48 12.73 -9.77 -2.47
CA ARG A 48 12.41 -9.67 -1.05
C ARG A 48 11.92 -11.00 -0.50
N ALA A 49 11.25 -11.77 -1.34
CA ALA A 49 10.64 -13.03 -0.91
C ALA A 49 11.62 -14.19 -1.04
N PRO A 50 11.67 -15.03 -0.02
CA PRO A 50 12.53 -16.21 -0.04
C PRO A 50 12.33 -17.02 -1.31
N TRP A 51 11.07 -17.11 -1.75
CA TRP A 51 10.69 -18.12 -2.73
C TRP A 51 10.93 -17.63 -4.15
N ILE A 52 11.50 -16.43 -4.26
CA ILE A 52 11.91 -15.90 -5.56
C ILE A 52 13.42 -15.66 -5.60
N GLU A 53 14.10 -16.01 -4.51
CA GLU A 53 15.55 -15.87 -4.44
C GLU A 53 16.26 -16.96 -5.22
N GLN A 54 15.47 -17.87 -5.79
CA GLN A 54 16.01 -18.97 -6.57
C GLN A 54 16.11 -18.59 -8.05
N GLU A 55 15.61 -17.41 -8.39
CA GLU A 55 15.71 -16.90 -9.75
C GLU A 55 17.09 -16.34 -10.04
N GLY A 56 17.63 -16.68 -11.20
CA GLY A 56 18.97 -16.26 -11.57
C GLY A 56 18.94 -15.00 -12.43
N PRO A 57 20.07 -14.66 -13.04
CA PRO A 57 20.18 -13.47 -13.87
C PRO A 57 19.33 -13.59 -15.12
N GLU A 58 18.93 -14.82 -15.44
CA GLU A 58 18.12 -15.08 -16.62
C GLU A 58 16.80 -14.32 -16.57
N TYR A 59 16.45 -13.85 -15.37
CA TYR A 59 15.31 -12.95 -15.20
C TYR A 59 15.77 -11.57 -14.75
N TRP A 60 16.57 -11.53 -13.69
CA TRP A 60 16.80 -10.29 -12.97
C TRP A 60 17.51 -9.26 -13.83
N ASP A 61 18.47 -9.73 -14.62
CA ASP A 61 19.32 -8.84 -15.42
C ASP A 61 18.52 -8.18 -16.53
N GLN A 62 17.67 -8.96 -17.20
CA GLN A 62 16.80 -8.44 -18.24
C GLN A 62 15.72 -7.54 -17.66
N GLU A 63 15.15 -7.96 -16.53
CA GLU A 63 14.12 -7.18 -15.86
C GLU A 63 14.65 -5.83 -15.38
N THR A 64 15.89 -5.84 -14.89
CA THR A 64 16.57 -4.61 -14.51
C THR A 64 16.70 -3.66 -15.70
N ARG A 65 17.12 -4.19 -16.83
CA ARG A 65 17.23 -3.41 -18.06
C ARG A 65 15.86 -2.90 -18.51
N ASN A 66 14.84 -3.74 -18.35
CA ASN A 66 13.48 -3.38 -18.70
C ASN A 66 12.97 -2.21 -17.87
N MET A 67 13.23 -2.27 -16.56
CA MET A 67 12.82 -1.22 -15.65
C MET A 67 13.59 0.07 -15.92
N LYS A 68 14.84 -0.07 -16.35
CA LYS A 68 15.61 1.06 -16.84
C LYS A 68 14.95 1.70 -18.05
N ALA A 69 14.50 0.86 -18.98
CA ALA A 69 13.77 1.34 -20.15
C ALA A 69 12.48 2.04 -19.74
N HIS A 70 11.80 1.49 -18.75
CA HIS A 70 10.61 2.12 -18.19
C HIS A 70 10.93 3.49 -17.60
N SER A 71 12.02 3.56 -16.84
CA SER A 71 12.46 4.81 -16.24
C SER A 71 12.75 5.86 -17.32
N GLN A 72 13.49 5.46 -18.35
CA GLN A 72 13.83 6.37 -19.44
C GLN A 72 12.59 6.90 -20.14
N THR A 73 11.61 6.02 -20.33
CA THR A 73 10.36 6.40 -20.98
C THR A 73 9.57 7.37 -20.10
N ASP A 74 9.45 7.05 -18.82
CA ASP A 74 8.71 7.88 -17.88
C ASP A 74 9.30 9.28 -17.80
N ARG A 75 10.63 9.35 -17.76
CA ARG A 75 11.34 10.63 -17.74
C ARG A 75 11.03 11.44 -19.00
N ALA A 76 11.05 10.77 -20.14
CA ALA A 76 10.68 11.41 -21.41
C ALA A 76 9.24 11.90 -21.37
N ASN A 77 8.36 11.09 -20.79
CA ASN A 77 6.94 11.43 -20.71
C ASN A 77 6.72 12.66 -19.85
N LEU A 78 7.43 12.73 -18.73
CA LEU A 78 7.33 13.87 -17.83
C LEU A 78 7.71 15.17 -18.53
N GLY A 79 8.80 15.14 -19.28
CA GLY A 79 9.22 16.28 -20.08
C GLY A 79 8.22 16.59 -21.18
N THR A 80 7.74 15.54 -21.84
CA THR A 80 6.81 15.71 -22.96
C THR A 80 5.50 16.33 -22.51
N LEU A 81 4.97 15.84 -21.39
CA LEU A 81 3.71 16.33 -20.86
C LEU A 81 3.81 17.79 -20.45
N ARG A 82 4.95 18.16 -19.86
CA ARG A 82 5.24 19.55 -19.57
C ARG A 82 5.10 20.42 -20.81
N GLY A 83 5.59 19.92 -21.93
CA GLY A 83 5.41 20.59 -23.22
C GLY A 83 3.93 20.69 -23.58
N TYR A 84 3.23 19.56 -23.51
CA TYR A 84 1.84 19.50 -23.93
C TYR A 84 0.99 20.55 -23.21
N TYR A 85 1.25 20.73 -21.93
CA TYR A 85 0.42 21.60 -21.10
C TYR A 85 1.09 22.94 -20.88
N ASN A 86 2.15 23.21 -21.64
CA ASN A 86 2.83 24.49 -21.59
C ASN A 86 3.15 24.90 -20.16
N GLN A 87 3.72 23.97 -19.40
CA GLN A 87 4.02 24.21 -17.99
C GLN A 87 5.44 24.74 -17.82
N SER A 88 5.68 25.42 -16.72
CA SER A 88 6.98 26.04 -16.46
C SER A 88 8.07 24.98 -16.31
N GLU A 89 9.25 25.28 -16.82
CA GLU A 89 10.38 24.37 -16.71
C GLU A 89 10.84 24.23 -15.27
N ASP A 90 10.45 25.18 -14.43
CA ASP A 90 10.88 25.21 -13.04
C ASP A 90 9.92 24.44 -12.14
N GLY A 91 8.87 23.89 -12.75
CA GLY A 91 7.84 23.17 -12.00
C GLY A 91 8.26 21.72 -11.74
N SER A 92 7.51 21.05 -10.89
CA SER A 92 7.72 19.62 -10.65
C SER A 92 6.57 18.79 -11.19
N HIS A 93 6.86 17.53 -11.50
CA HIS A 93 5.85 16.63 -12.05
C HIS A 93 6.00 15.22 -11.51
N THR A 94 4.89 14.49 -11.43
CA THR A 94 4.93 13.08 -11.06
C THR A 94 4.10 12.23 -12.01
N ILE A 95 4.65 11.11 -12.44
CA ILE A 95 3.92 10.15 -13.27
C ILE A 95 3.80 8.80 -12.57
N GLN A 96 2.62 8.22 -12.64
CA GLN A 96 2.34 6.96 -11.94
C GLN A 96 1.77 5.92 -12.90
N ILE A 97 2.40 4.75 -12.93
CA ILE A 97 1.94 3.65 -13.78
C ILE A 97 1.85 2.35 -13.00
N MET A 98 0.74 1.64 -13.18
CA MET A 98 0.57 0.33 -12.56
C MET A 98 -0.06 -0.67 -13.52
N TYR A 99 0.29 -1.94 -13.35
CA TYR A 99 -0.35 -3.02 -14.11
C TYR A 99 -0.29 -4.33 -13.34
N GLY A 100 -1.08 -5.30 -13.77
CA GLY A 100 -1.12 -6.61 -13.13
C GLY A 100 -2.28 -7.45 -13.65
N CYS A 101 -2.53 -8.58 -13.00
CA CYS A 101 -3.54 -9.53 -13.46
C CYS A 101 -4.15 -10.28 -12.29
N ASP A 102 -5.39 -10.71 -12.47
CA ASP A 102 -6.03 -11.63 -11.53
C ASP A 102 -6.15 -13.03 -12.12
N VAL A 103 -5.91 -14.03 -11.29
CA VAL A 103 -6.09 -15.43 -11.71
C VAL A 103 -7.01 -16.17 -10.75
N GLY A 104 -7.66 -17.21 -11.26
CA GLY A 104 -8.49 -18.07 -10.43
C GLY A 104 -7.65 -19.07 -9.65
N PRO A 105 -8.30 -19.90 -8.85
CA PRO A 105 -7.61 -20.90 -8.05
C PRO A 105 -6.93 -21.94 -8.93
N ASP A 106 -7.38 -22.03 -10.19
CA ASP A 106 -6.80 -22.97 -11.14
C ASP A 106 -5.78 -22.28 -12.03
N GLY A 107 -5.45 -21.04 -11.70
CA GLY A 107 -4.47 -20.27 -12.45
C GLY A 107 -5.09 -19.64 -13.69
N ARG A 108 -6.38 -19.85 -13.87
CA ARG A 108 -7.09 -19.33 -15.03
C ARG A 108 -7.08 -17.81 -15.05
N PHE A 109 -6.75 -17.24 -16.21
CA PHE A 109 -6.75 -15.79 -16.38
C PHE A 109 -8.16 -15.21 -16.18
N LEU A 110 -8.27 -14.22 -15.30
CA LEU A 110 -9.54 -13.56 -15.06
C LEU A 110 -9.56 -12.17 -15.67
N ARG A 111 -8.67 -11.30 -15.20
CA ARG A 111 -8.70 -9.88 -15.57
C ARG A 111 -7.29 -9.32 -15.71
N GLY A 112 -7.09 -8.45 -16.70
CA GLY A 112 -5.87 -7.68 -16.81
C GLY A 112 -6.06 -6.26 -16.31
N TYR A 113 -4.96 -5.64 -15.86
CA TYR A 113 -5.01 -4.27 -15.39
C TYR A 113 -3.86 -3.45 -15.97
N ARG A 114 -4.16 -2.23 -16.40
CA ARG A 114 -3.14 -1.24 -16.70
C ARG A 114 -3.71 0.17 -16.67
N GLN A 115 -3.11 1.03 -15.86
CA GLN A 115 -3.57 2.41 -15.73
C GLN A 115 -2.40 3.36 -15.54
N ASP A 116 -2.50 4.54 -16.13
CA ASP A 116 -1.53 5.61 -15.90
C ASP A 116 -2.19 6.83 -15.24
N ALA A 117 -1.38 7.63 -14.56
CA ALA A 117 -1.84 8.90 -14.02
C ALA A 117 -0.75 9.96 -14.07
N TYR A 118 -1.14 11.22 -14.02
CA TYR A 118 -0.20 12.32 -14.13
C TYR A 118 -0.56 13.45 -13.17
N ASP A 119 0.35 13.79 -12.26
CA ASP A 119 0.14 14.88 -11.32
C ASP A 119 -1.19 14.75 -10.61
N GLY A 120 -1.56 13.51 -10.28
CA GLY A 120 -2.69 13.26 -9.39
C GLY A 120 -3.96 13.01 -10.18
N LYS A 121 -3.90 13.26 -11.49
CA LYS A 121 -5.07 13.11 -12.35
C LYS A 121 -4.96 11.87 -13.23
N ASP A 122 -6.08 11.17 -13.38
CA ASP A 122 -6.14 10.00 -14.26
C ASP A 122 -5.66 10.36 -15.67
N TYR A 123 -4.86 9.48 -16.26
CA TYR A 123 -4.34 9.70 -17.60
C TYR A 123 -5.00 8.77 -18.60
N ILE A 124 -4.62 7.50 -18.57
CA ILE A 124 -5.21 6.49 -19.44
C ILE A 124 -5.52 5.21 -18.69
N ALA A 125 -6.67 4.61 -18.98
CA ALA A 125 -7.00 3.30 -18.45
C ALA A 125 -7.11 2.26 -19.56
N LEU A 126 -6.73 1.03 -19.27
CA LEU A 126 -6.97 -0.10 -20.16
C LEU A 126 -7.98 -1.07 -19.55
N ASN A 127 -8.98 -1.44 -20.33
CA ASN A 127 -10.06 -2.29 -19.85
C ASN A 127 -9.56 -3.69 -19.52
N GLU A 128 -10.35 -4.43 -18.75
CA GLU A 128 -9.94 -5.73 -18.25
C GLU A 128 -9.75 -6.73 -19.39
N ASP A 129 -10.38 -6.45 -20.52
CA ASP A 129 -10.25 -7.28 -21.70
C ASP A 129 -8.94 -6.99 -22.44
N LEU A 130 -8.29 -5.91 -22.04
CA LEU A 130 -7.01 -5.53 -22.65
C LEU A 130 -7.15 -5.34 -24.16
N ARG A 131 -8.17 -4.59 -24.56
CA ARG A 131 -8.43 -4.36 -25.98
C ARG A 131 -8.55 -2.88 -26.28
N SER A 132 -9.04 -2.12 -25.31
CA SER A 132 -9.52 -0.77 -25.56
C SER A 132 -8.97 0.22 -24.53
N TRP A 133 -8.34 1.28 -25.00
CA TRP A 133 -7.84 2.32 -24.11
C TRP A 133 -8.91 3.38 -23.85
N THR A 134 -8.84 4.00 -22.67
CA THR A 134 -9.69 5.13 -22.34
C THR A 134 -8.86 6.33 -21.91
N ALA A 135 -9.09 7.47 -22.56
CA ALA A 135 -8.41 8.71 -22.22
C ALA A 135 -9.21 9.51 -21.20
N ALA A 136 -8.51 10.06 -20.20
CA ALA A 136 -9.16 10.82 -19.14
C ALA A 136 -8.64 12.24 -19.09
N ASP A 137 -7.92 12.65 -20.13
CA ASP A 137 -7.31 13.97 -20.18
C ASP A 137 -6.94 14.35 -21.61
N MET A 138 -6.59 15.62 -21.81
CA MET A 138 -6.22 16.11 -23.13
C MET A 138 -5.01 15.36 -23.68
N ALA A 139 -3.91 15.37 -22.92
CA ALA A 139 -2.70 14.66 -23.31
C ALA A 139 -2.97 13.17 -23.44
N ALA A 140 -3.89 12.66 -22.64
CA ALA A 140 -4.27 11.24 -22.71
C ALA A 140 -4.88 10.91 -24.05
N GLN A 141 -5.67 11.82 -24.59
CA GLN A 141 -6.28 11.64 -25.91
C GLN A 141 -5.23 11.59 -27.00
N ILE A 142 -4.19 12.41 -26.87
CA ILE A 142 -3.07 12.37 -27.79
C ILE A 142 -2.34 11.03 -27.72
N THR A 143 -2.03 10.60 -26.51
CA THR A 143 -1.35 9.32 -26.31
C THR A 143 -2.24 8.16 -26.74
N LYS A 144 -3.51 8.21 -26.36
CA LYS A 144 -4.45 7.14 -26.69
C LYS A 144 -4.52 6.90 -28.19
N ARG A 145 -4.62 7.99 -28.96
CA ARG A 145 -4.62 7.90 -30.41
C ARG A 145 -3.44 7.08 -30.91
N LYS A 146 -2.25 7.36 -30.38
CA LYS A 146 -1.05 6.64 -30.76
C LYS A 146 -1.15 5.17 -30.36
N TRP A 147 -1.49 4.92 -29.11
CA TRP A 147 -1.49 3.57 -28.56
C TRP A 147 -2.49 2.69 -29.28
N GLU A 148 -3.65 3.25 -29.59
CA GLU A 148 -4.68 2.53 -30.34
C GLU A 148 -4.19 2.17 -31.74
N ALA A 149 -3.55 3.13 -32.40
CA ALA A 149 -3.09 2.94 -33.77
C ALA A 149 -2.10 1.78 -33.85
N VAL A 150 -1.29 1.62 -32.81
CA VAL A 150 -0.24 0.60 -32.81
C VAL A 150 -0.68 -0.62 -32.03
N HIS A 151 -1.92 -0.63 -31.58
CA HIS A 151 -2.47 -1.75 -30.81
C HIS A 151 -1.58 -2.06 -29.61
N ALA A 152 -1.23 -1.03 -28.85
CA ALA A 152 -0.38 -1.19 -27.68
C ALA A 152 -0.97 -2.19 -26.70
N ALA A 153 -2.29 -2.28 -26.68
CA ALA A 153 -3.00 -3.20 -25.80
C ALA A 153 -2.55 -4.64 -26.04
N GLU A 154 -2.14 -4.93 -27.28
CA GLU A 154 -1.71 -6.27 -27.65
C GLU A 154 -0.47 -6.68 -26.87
N GLN A 155 0.45 -5.74 -26.69
CA GLN A 155 1.65 -5.98 -25.89
C GLN A 155 1.31 -6.32 -24.45
N ARG A 156 0.31 -5.62 -23.91
CA ARG A 156 -0.15 -5.87 -22.56
C ARG A 156 -0.83 -7.23 -22.44
N ARG A 157 -1.58 -7.60 -23.47
CA ARG A 157 -2.28 -8.87 -23.50
C ARG A 157 -1.30 -10.03 -23.41
N VAL A 158 -0.25 -9.99 -24.22
CA VAL A 158 0.73 -11.07 -24.27
C VAL A 158 1.32 -11.33 -22.88
N TYR A 159 1.67 -10.27 -22.18
CA TYR A 159 2.17 -10.38 -20.81
C TYR A 159 1.06 -10.79 -19.86
N LEU A 160 0.02 -9.96 -19.77
CA LEU A 160 -0.93 -10.05 -18.67
C LEU A 160 -1.73 -11.36 -18.75
N GLU A 161 -2.02 -11.79 -19.97
CA GLU A 161 -2.78 -13.01 -20.18
C GLU A 161 -1.88 -14.25 -20.06
N GLY A 162 -0.59 -14.05 -20.22
CA GLY A 162 0.35 -15.15 -20.31
C GLY A 162 1.39 -15.09 -19.19
N ARG A 163 2.39 -14.23 -19.37
CA ARG A 163 3.54 -14.21 -18.47
C ARG A 163 3.12 -13.90 -17.04
N CYS A 164 2.22 -12.94 -16.89
CA CYS A 164 1.72 -12.56 -15.57
C CYS A 164 1.01 -13.73 -14.89
N VAL A 165 0.22 -14.46 -15.67
CA VAL A 165 -0.57 -15.57 -15.14
C VAL A 165 0.34 -16.71 -14.68
N ASP A 166 1.27 -17.11 -15.54
CA ASP A 166 2.17 -18.21 -15.24
C ASP A 166 3.17 -17.82 -14.15
N GLY A 167 3.68 -16.59 -14.23
CA GLY A 167 4.56 -16.05 -13.20
C GLY A 167 3.91 -16.14 -11.82
N LEU A 168 2.72 -15.57 -11.70
CA LEU A 168 1.97 -15.62 -10.44
C LEU A 168 1.70 -17.06 -10.03
N ARG A 169 1.22 -17.87 -10.97
CA ARG A 169 0.92 -19.27 -10.70
C ARG A 169 2.11 -19.96 -10.04
N ARG A 170 3.29 -19.83 -10.66
CA ARG A 170 4.49 -20.47 -10.16
C ARG A 170 4.85 -19.94 -8.78
N TYR A 171 4.67 -18.64 -8.58
CA TYR A 171 4.96 -18.01 -7.30
C TYR A 171 4.03 -18.54 -6.20
N LEU A 172 2.76 -18.73 -6.55
CA LEU A 172 1.77 -19.22 -5.60
C LEU A 172 2.13 -20.62 -5.11
N GLU A 173 2.73 -21.42 -5.99
CA GLU A 173 3.21 -22.74 -5.63
C GLU A 173 4.49 -22.66 -4.78
N ASN A 174 5.47 -21.93 -5.30
CA ASN A 174 6.78 -21.85 -4.66
C ASN A 174 6.67 -21.19 -3.28
N GLY A 175 5.76 -20.22 -3.16
CA GLY A 175 5.60 -19.48 -1.92
C GLY A 175 4.31 -19.86 -1.22
N LYS A 176 3.79 -21.04 -1.54
CA LYS A 176 2.50 -21.47 -1.02
C LYS A 176 2.40 -21.25 0.48
N GLU A 177 3.45 -21.64 1.20
CA GLU A 177 3.42 -21.65 2.66
C GLU A 177 3.69 -20.25 3.22
N THR A 178 3.96 -19.30 2.33
CA THR A 178 4.22 -17.93 2.73
C THR A 178 3.16 -16.99 2.19
N LEU A 179 2.45 -17.43 1.16
CA LEU A 179 1.46 -16.59 0.49
C LEU A 179 0.03 -16.99 0.88
N GLN A 180 -0.23 -18.29 0.85
CA GLN A 180 -1.56 -18.81 1.14
C GLN A 180 -1.71 -19.15 2.62
N ARG A 181 -0.69 -18.80 3.41
CA ARG A 181 -0.76 -18.99 4.85
C ARG A 181 -1.93 -18.23 5.46
N THR A 182 -2.38 -18.68 6.63
CA THR A 182 -3.41 -17.98 7.37
C THR A 182 -2.93 -17.61 8.78
N ASP A 183 -3.44 -16.50 9.29
CA ASP A 183 -3.16 -16.12 10.67
C ASP A 183 -4.37 -15.42 11.30
N PRO A 184 -4.99 -16.08 12.26
CA PRO A 184 -6.19 -15.56 12.90
C PRO A 184 -5.86 -14.39 13.82
N PRO A 185 -6.81 -13.47 13.97
CA PRO A 185 -6.61 -12.28 14.78
C PRO A 185 -6.53 -12.62 16.26
N LYS A 186 -5.73 -11.86 17.00
CA LYS A 186 -5.63 -12.04 18.44
C LYS A 186 -6.76 -11.31 19.17
N THR A 187 -7.97 -11.85 19.05
CA THR A 187 -9.17 -11.09 19.37
C THR A 187 -9.27 -10.80 20.87
N HIS A 188 -9.68 -9.59 21.21
CA HIS A 188 -10.04 -9.26 22.58
C HIS A 188 -10.82 -7.95 22.65
N MET A 189 -11.53 -7.75 23.75
CA MET A 189 -12.34 -6.55 23.94
C MET A 189 -11.99 -5.84 25.24
N THR A 190 -11.97 -4.51 25.19
CA THR A 190 -11.67 -3.70 26.37
C THR A 190 -12.77 -2.67 26.63
N HIS A 191 -12.87 -2.23 27.87
CA HIS A 191 -13.89 -1.25 28.25
C HIS A 191 -13.25 0.07 28.66
N HIS A 192 -13.72 1.16 28.06
CA HIS A 192 -13.12 2.47 28.26
C HIS A 192 -14.17 3.52 28.63
N PRO A 193 -14.41 3.69 29.92
CA PRO A 193 -15.37 4.67 30.40
C PRO A 193 -15.01 6.07 29.90
N ILE A 194 -16.04 6.86 29.60
CA ILE A 194 -15.84 8.23 29.15
C ILE A 194 -16.26 9.23 30.22
N SER A 195 -17.45 9.01 30.79
CA SER A 195 -17.97 9.89 31.82
C SER A 195 -18.71 9.10 32.90
N ASP A 196 -19.45 9.82 33.74
CA ASP A 196 -20.22 9.18 34.81
C ASP A 196 -21.25 8.21 34.24
N HIS A 197 -21.65 8.44 33.00
CA HIS A 197 -22.71 7.65 32.38
C HIS A 197 -22.25 7.07 31.05
N GLU A 198 -21.33 7.76 30.41
CA GLU A 198 -20.92 7.40 29.04
C GLU A 198 -19.70 6.49 29.06
N ALA A 199 -19.72 5.48 28.17
CA ALA A 199 -18.57 4.60 28.00
C ALA A 199 -18.52 4.03 26.58
N THR A 200 -17.40 3.42 26.24
CA THR A 200 -17.24 2.76 24.94
C THR A 200 -16.70 1.36 25.11
N LEU A 201 -16.95 0.51 24.11
CA LEU A 201 -16.24 -0.76 23.98
C LEU A 201 -15.35 -0.76 22.75
N ARG A 202 -14.17 -1.35 22.88
CA ARG A 202 -13.25 -1.49 21.75
C ARG A 202 -13.08 -2.95 21.36
N CYS A 203 -13.39 -3.25 20.10
CA CYS A 203 -13.28 -4.61 19.58
C CYS A 203 -11.99 -4.79 18.78
N TRP A 204 -11.03 -5.52 19.37
CA TRP A 204 -9.70 -5.62 18.80
C TRP A 204 -9.57 -6.87 17.93
N ALA A 205 -8.97 -6.70 16.75
CA ALA A 205 -8.69 -7.83 15.88
C ALA A 205 -7.31 -7.68 15.23
N LEU A 206 -6.26 -7.75 16.04
CA LEU A 206 -4.92 -7.37 15.59
C LEU A 206 -4.10 -8.60 15.24
N GLY A 207 -3.22 -8.45 14.26
CA GLY A 207 -2.17 -9.43 14.00
C GLY A 207 -2.69 -10.59 13.16
N PHE A 208 -3.34 -10.26 12.06
CA PHE A 208 -4.00 -11.26 11.22
C PHE A 208 -3.46 -11.23 9.79
N TYR A 209 -3.68 -12.32 9.07
CA TYR A 209 -3.29 -12.39 7.66
C TYR A 209 -4.19 -13.36 6.90
N PRO A 210 -4.71 -12.91 5.76
CA PRO A 210 -4.18 -11.72 5.10
C PRO A 210 -4.96 -10.47 5.52
N ALA A 211 -4.78 -9.39 4.77
CA ALA A 211 -5.35 -8.10 5.13
C ALA A 211 -6.86 -8.15 5.14
N GLU A 212 -7.42 -9.11 4.42
CA GLU A 212 -8.87 -9.24 4.27
C GLU A 212 -9.54 -9.44 5.62
N ILE A 213 -10.39 -8.49 6.00
CA ILE A 213 -11.08 -8.55 7.27
C ILE A 213 -12.38 -7.74 7.25
N THR A 214 -13.40 -8.25 7.91
CA THR A 214 -14.61 -7.47 8.17
C THR A 214 -14.97 -7.48 9.64
N LEU A 215 -15.22 -6.29 10.20
CA LEU A 215 -15.71 -6.16 11.56
C LEU A 215 -17.20 -5.81 11.58
N THR A 216 -17.93 -6.44 12.49
CA THR A 216 -19.35 -6.14 12.67
C THR A 216 -19.70 -5.97 14.14
N TRP A 217 -20.42 -4.90 14.45
CA TRP A 217 -21.02 -4.74 15.77
C TRP A 217 -22.51 -5.07 15.75
N GLN A 218 -23.01 -5.63 16.84
CA GLN A 218 -24.44 -5.83 17.03
C GLN A 218 -24.89 -5.34 18.39
N ARG A 219 -26.14 -4.88 18.47
CA ARG A 219 -26.78 -4.62 19.75
C ARG A 219 -28.19 -5.20 19.79
N ASP A 220 -28.48 -5.99 20.81
CA ASP A 220 -29.75 -6.70 20.90
C ASP A 220 -29.95 -7.62 19.71
N GLY A 221 -28.85 -8.01 19.07
CA GLY A 221 -28.90 -8.95 17.97
C GLY A 221 -28.98 -8.22 16.63
N GLU A 222 -29.18 -6.91 16.69
CA GLU A 222 -29.31 -6.10 15.49
C GLU A 222 -28.00 -5.39 15.16
N ASP A 223 -27.68 -5.30 13.87
CA ASP A 223 -26.43 -4.70 13.42
C ASP A 223 -26.34 -3.24 13.85
N GLN A 224 -25.15 -2.81 14.24
CA GLN A 224 -24.90 -1.41 14.55
C GLN A 224 -23.98 -0.77 13.51
N THR A 225 -24.53 0.12 12.71
CA THR A 225 -23.80 0.68 11.57
C THR A 225 -23.67 2.19 11.70
N GLN A 226 -24.24 2.74 12.76
CA GLN A 226 -24.36 4.20 12.90
C GLN A 226 -23.42 4.73 13.99
N ASP A 227 -23.63 4.27 15.22
CA ASP A 227 -22.87 4.76 16.35
C ASP A 227 -21.56 4.01 16.52
N THR A 228 -20.68 4.13 15.53
CA THR A 228 -19.52 3.25 15.41
C THR A 228 -18.32 4.00 14.84
N GLU A 229 -17.13 3.56 15.21
CA GLU A 229 -15.90 4.06 14.60
C GLU A 229 -14.96 2.92 14.25
N LEU A 230 -14.41 2.95 13.05
CA LEU A 230 -13.50 1.92 12.58
C LEU A 230 -12.22 2.53 12.01
N VAL A 231 -11.12 1.77 12.10
CA VAL A 231 -9.89 2.15 11.44
C VAL A 231 -9.66 1.30 10.19
N GLU A 232 -9.05 1.92 9.17
CA GLU A 232 -8.65 1.19 7.98
C GLU A 232 -7.56 0.18 8.29
N THR A 233 -7.57 -0.95 7.59
CA THR A 233 -6.58 -1.99 7.79
C THR A 233 -5.17 -1.46 7.56
N ARG A 234 -4.28 -1.73 8.51
CA ARG A 234 -2.93 -1.19 8.46
C ARG A 234 -1.89 -2.27 8.76
N PRO A 235 -0.72 -2.14 8.16
CA PRO A 235 0.39 -3.06 8.42
C PRO A 235 0.72 -3.10 9.91
N ALA A 236 0.97 -4.30 10.43
CA ALA A 236 1.45 -4.46 11.79
C ALA A 236 2.96 -4.24 11.87
N GLY A 237 3.62 -4.30 10.73
CA GLY A 237 5.07 -4.13 10.66
C GLY A 237 5.80 -5.42 10.96
N ASP A 238 5.06 -6.53 10.97
CA ASP A 238 5.63 -7.83 11.27
C ASP A 238 5.06 -8.92 10.37
N GLY A 239 4.53 -8.50 9.22
CA GLY A 239 4.04 -9.44 8.22
C GLY A 239 2.54 -9.64 8.34
N THR A 240 1.96 -9.14 9.43
CA THR A 240 0.52 -9.20 9.63
C THR A 240 -0.10 -7.82 9.59
N PHE A 241 -1.41 -7.75 9.78
CA PHE A 241 -2.14 -6.49 9.72
C PHE A 241 -2.95 -6.26 10.98
N GLN A 242 -3.29 -5.00 11.23
CA GLN A 242 -4.10 -4.64 12.39
C GLN A 242 -5.45 -4.07 11.96
N LYS A 243 -6.47 -4.27 12.81
CA LYS A 243 -7.72 -3.54 12.67
C LYS A 243 -8.51 -3.56 13.98
N TRP A 244 -9.21 -2.48 14.26
CA TRP A 244 -10.09 -2.42 15.42
C TRP A 244 -11.34 -1.60 15.13
N ALA A 245 -12.39 -1.81 15.93
CA ALA A 245 -13.58 -0.98 15.86
C ALA A 245 -14.12 -0.69 17.25
N ALA A 246 -14.92 0.37 17.36
CA ALA A 246 -15.53 0.75 18.64
C ALA A 246 -16.94 1.28 18.43
N VAL A 247 -17.78 1.14 19.45
CA VAL A 247 -19.11 1.74 19.45
C VAL A 247 -19.40 2.43 20.78
N VAL A 248 -20.43 3.27 20.79
CA VAL A 248 -20.85 3.95 22.00
C VAL A 248 -21.64 3.02 22.91
N VAL A 249 -21.16 2.87 24.15
CA VAL A 249 -21.73 1.89 25.07
C VAL A 249 -21.96 2.51 26.44
N PRO A 250 -23.16 3.05 26.67
CA PRO A 250 -23.52 3.59 27.96
C PRO A 250 -23.29 2.58 29.08
N SER A 251 -22.79 3.07 30.21
CA SER A 251 -22.39 2.20 31.31
C SER A 251 -23.54 1.29 31.73
N GLY A 252 -23.28 -0.01 31.76
CA GLY A 252 -24.25 -0.98 32.21
C GLY A 252 -24.97 -1.64 31.04
N GLU A 253 -24.84 -1.03 29.86
CA GLU A 253 -25.51 -1.52 28.66
C GLU A 253 -24.59 -2.42 27.85
N GLU A 254 -23.37 -2.61 28.34
CA GLU A 254 -22.36 -3.36 27.61
C GLU A 254 -22.81 -4.79 27.36
N GLN A 255 -23.72 -5.28 28.21
CA GLN A 255 -24.20 -6.65 28.10
C GLN A 255 -25.01 -6.86 26.82
N ARG A 256 -25.42 -5.75 26.21
CA ARG A 256 -26.30 -5.81 25.04
C ARG A 256 -25.50 -5.80 23.75
N TYR A 257 -24.19 -5.66 23.87
CA TYR A 257 -23.33 -5.48 22.70
C TYR A 257 -22.56 -6.76 22.38
N THR A 258 -22.30 -6.98 21.10
CA THR A 258 -21.39 -8.04 20.67
C THR A 258 -20.66 -7.66 19.39
N CYS A 259 -19.38 -8.00 19.32
CA CYS A 259 -18.59 -7.76 18.12
C CYS A 259 -18.21 -9.07 17.43
N HIS A 260 -18.23 -9.07 16.11
CA HIS A 260 -17.83 -10.24 15.34
C HIS A 260 -16.69 -9.90 14.38
N VAL A 261 -15.79 -10.86 14.19
CA VAL A 261 -14.68 -10.69 13.25
C VAL A 261 -14.69 -11.78 12.18
N GLN A 262 -14.91 -11.38 10.94
CA GLN A 262 -15.11 -12.33 9.85
C GLN A 262 -13.92 -12.32 8.90
N HIS A 263 -13.45 -13.52 8.56
CA HIS A 263 -12.40 -13.66 7.55
C HIS A 263 -12.78 -14.69 6.49
N GLU A 264 -12.13 -14.61 5.34
CA GLU A 264 -12.26 -15.65 4.32
C GLU A 264 -11.22 -16.74 4.49
N GLY A 265 -10.17 -16.43 5.25
CA GLY A 265 -9.07 -17.37 5.45
C GLY A 265 -9.33 -18.30 6.61
N LEU A 266 -10.42 -18.05 7.33
CA LEU A 266 -10.77 -18.85 8.50
C LEU A 266 -12.06 -19.64 8.27
N PRO A 267 -12.15 -20.81 8.90
CA PRO A 267 -13.32 -21.67 8.74
C PRO A 267 -14.52 -21.10 9.50
N LYS A 268 -14.25 -20.16 10.39
CA LYS A 268 -15.30 -19.58 11.23
C LYS A 268 -14.92 -18.18 11.70
N PRO A 269 -15.93 -17.35 11.92
CA PRO A 269 -15.71 -16.02 12.50
C PRO A 269 -15.40 -16.12 13.98
N LEU A 270 -14.83 -15.04 14.54
CA LEU A 270 -14.61 -14.95 15.97
C LEU A 270 -15.54 -13.92 16.61
N THR A 271 -15.99 -14.21 17.82
CA THR A 271 -16.95 -13.36 18.51
C THR A 271 -16.35 -12.79 19.80
N LEU A 272 -16.55 -11.50 20.01
CA LEU A 272 -16.03 -10.82 21.20
C LEU A 272 -17.15 -10.25 22.05
N ARG A 273 -17.03 -10.40 23.36
CA ARG A 273 -17.99 -9.82 24.29
C ARG A 273 -17.30 -9.29 25.54
N TRP A 274 -18.02 -8.48 26.31
CA TRP A 274 -17.50 -7.93 27.55
C TRP A 274 -18.54 -8.01 28.67
N ILE B 1 9.05 -11.57 -13.32
CA ILE B 1 7.89 -11.49 -14.21
C ILE B 1 7.42 -10.06 -14.39
N LEU B 2 8.20 -9.27 -15.11
CA LEU B 2 7.82 -7.89 -15.41
C LEU B 2 7.43 -7.73 -16.87
N ASP B 3 6.64 -6.70 -17.15
CA ASP B 3 6.20 -6.41 -18.51
C ASP B 3 7.24 -5.59 -19.27
N THR B 4 7.84 -6.22 -20.28
CA THR B 4 8.89 -5.57 -21.06
C THR B 4 8.39 -4.25 -21.66
N ALA B 5 9.18 -3.19 -21.48
CA ALA B 5 8.82 -1.87 -21.97
C ALA B 5 8.58 -1.90 -23.47
N GLY B 6 7.42 -1.39 -23.90
CA GLY B 6 7.09 -1.33 -25.31
C GLY B 6 6.72 0.07 -25.73
N LYS B 7 5.60 0.21 -26.42
CA LYS B 7 5.10 1.52 -26.83
C LYS B 7 4.67 2.35 -25.63
N GLU B 8 5.63 2.85 -24.88
CA GLU B 8 5.36 3.54 -23.63
C GLU B 8 5.51 5.05 -23.78
N GLU B 9 5.53 5.51 -25.03
CA GLU B 9 5.73 6.93 -25.31
C GLU B 9 4.40 7.67 -25.36
N TYR B 10 4.37 8.85 -24.73
CA TYR B 10 3.21 9.72 -24.81
C TYR B 10 3.28 10.65 -26.00
N MET C 1 -2.14 20.57 -11.41
CA MET C 1 -1.71 19.59 -10.42
C MET C 1 -2.52 19.71 -9.13
N ILE C 2 -2.82 18.58 -8.52
CA ILE C 2 -3.50 18.56 -7.23
C ILE C 2 -2.63 17.92 -6.16
N GLN C 3 -2.96 18.19 -4.90
CA GLN C 3 -2.18 17.67 -3.78
C GLN C 3 -3.09 17.05 -2.72
N ARG C 4 -2.53 16.13 -1.94
CA ARG C 4 -3.29 15.44 -0.90
C ARG C 4 -2.54 15.44 0.42
N THR C 5 -3.29 15.53 1.52
CA THR C 5 -2.69 15.61 2.84
C THR C 5 -2.59 14.23 3.50
N PRO C 6 -1.42 13.93 4.05
CA PRO C 6 -1.18 12.62 4.66
C PRO C 6 -2.02 12.42 5.92
N LYS C 7 -2.40 11.18 6.18
CA LYS C 7 -2.83 10.78 7.51
C LYS C 7 -1.71 10.10 8.28
N ILE C 8 -1.67 10.32 9.59
CA ILE C 8 -0.62 9.78 10.43
C ILE C 8 -1.17 8.87 11.51
N GLN C 9 -0.74 7.60 11.49
CA GLN C 9 -1.13 6.65 12.52
C GLN C 9 0.10 6.09 13.24
N VAL C 10 0.15 6.29 14.55
CA VAL C 10 1.27 5.80 15.35
C VAL C 10 0.83 4.71 16.31
N TYR C 11 1.50 3.57 16.25
CA TYR C 11 1.03 2.37 16.95
C TYR C 11 2.17 1.37 17.13
N SER C 12 1.90 0.31 17.90
CA SER C 12 2.82 -0.82 17.97
C SER C 12 2.16 -2.09 17.45
N ARG C 13 2.99 -3.04 17.01
CA ARG C 13 2.48 -4.26 16.39
C ARG C 13 1.67 -5.09 17.37
N HIS C 14 1.95 -4.91 18.66
CA HIS C 14 1.12 -5.51 19.71
C HIS C 14 1.00 -4.58 20.90
N PRO C 15 -0.07 -4.76 21.68
CA PRO C 15 -0.35 -3.89 22.82
C PRO C 15 0.87 -3.77 23.73
N ALA C 16 1.14 -2.54 24.18
CA ALA C 16 2.37 -2.25 24.92
C ALA C 16 2.44 -3.07 26.21
N GLU C 17 3.65 -3.51 26.56
CA GLU C 17 3.89 -4.10 27.86
C GLU C 17 5.31 -3.82 28.33
N ASN C 18 5.44 -3.34 29.57
CA ASN C 18 6.72 -2.84 30.07
C ASN C 18 7.79 -3.92 30.00
N GLY C 19 8.84 -3.64 29.24
CA GLY C 19 10.01 -4.52 29.21
C GLY C 19 9.89 -5.55 28.08
N LYS C 20 8.71 -5.63 27.49
CA LYS C 20 8.45 -6.62 26.45
C LYS C 20 8.75 -6.06 25.06
N SER C 21 9.76 -6.61 24.41
CA SER C 21 10.24 -6.10 23.13
C SER C 21 9.06 -5.81 22.20
N ASN C 22 9.14 -4.67 21.51
CA ASN C 22 8.07 -4.25 20.61
C ASN C 22 8.63 -3.46 19.44
N PHE C 23 7.77 -3.20 18.45
CA PHE C 23 8.14 -2.38 17.31
C PHE C 23 7.24 -1.16 17.18
N LEU C 24 7.84 0.01 17.07
CA LEU C 24 7.09 1.26 16.94
C LEU C 24 6.82 1.59 15.48
N ASN C 25 5.53 1.65 15.12
CA ASN C 25 5.14 1.88 13.74
C ASN C 25 4.63 3.30 13.54
N CYS C 26 4.93 3.88 12.38
CA CYS C 26 4.24 5.08 11.92
C CYS C 26 3.78 4.93 10.48
N TYR C 27 2.47 4.79 10.30
CA TYR C 27 1.91 4.55 8.97
C TYR C 27 1.35 5.83 8.36
N VAL C 28 1.94 6.25 7.24
CA VAL C 28 1.55 7.49 6.59
C VAL C 28 1.06 7.26 5.17
N SER C 29 -0.17 7.69 4.90
CA SER C 29 -0.85 7.34 3.66
C SER C 29 -1.76 8.47 3.19
N GLY C 30 -2.04 8.49 1.90
CA GLY C 30 -3.14 9.31 1.36
C GLY C 30 -2.64 10.70 0.99
N PHE C 31 -1.38 10.80 0.64
CA PHE C 31 -0.75 12.09 0.37
C PHE C 31 -0.25 12.18 -1.07
N HIS C 32 -0.04 13.40 -1.54
CA HIS C 32 0.41 13.62 -2.92
C HIS C 32 0.86 15.06 -3.13
N PRO C 33 2.04 15.23 -3.69
CA PRO C 33 2.76 14.13 -4.31
C PRO C 33 3.63 13.39 -3.30
N SER C 34 4.67 12.71 -3.81
CA SER C 34 5.46 11.81 -2.98
C SER C 34 6.36 12.58 -2.04
N ASP C 35 6.42 13.89 -2.21
CA ASP C 35 7.36 14.73 -1.47
C ASP C 35 6.97 14.82 0.00
N ILE C 36 7.42 13.85 0.79
CA ILE C 36 7.00 13.74 2.18
C ILE C 36 8.18 13.36 3.07
N GLU C 37 8.18 13.86 4.30
CA GLU C 37 9.17 13.48 5.30
C GLU C 37 8.51 12.83 6.51
N VAL C 38 8.97 11.64 6.87
CA VAL C 38 8.44 10.92 8.02
C VAL C 38 9.54 10.46 8.96
N ASP C 39 9.43 10.86 10.22
CA ASP C 39 10.44 10.54 11.21
C ASP C 39 9.80 10.06 12.52
N LEU C 40 10.48 9.16 13.21
CA LEU C 40 10.04 8.71 14.52
C LEU C 40 10.74 9.48 15.64
N LEU C 41 10.01 9.78 16.70
CA LEU C 41 10.54 10.56 17.81
C LEU C 41 10.65 9.73 19.08
N LYS C 42 11.65 10.02 19.89
CA LYS C 42 11.66 9.60 21.29
C LYS C 42 11.89 10.78 22.22
N ASN C 43 10.89 11.09 23.05
CA ASN C 43 10.94 12.27 23.89
C ASN C 43 11.20 13.52 23.07
N GLY C 44 10.68 13.55 21.85
CA GLY C 44 10.73 14.75 21.01
C GLY C 44 11.96 14.74 20.12
N GLU C 45 12.89 13.84 20.41
CA GLU C 45 14.14 13.76 19.66
C GLU C 45 14.05 12.71 18.55
N ARG C 46 14.64 13.02 17.41
CA ARG C 46 14.61 12.11 16.26
C ARG C 46 15.32 10.80 16.58
N ILE C 47 14.72 9.68 16.18
CA ILE C 47 15.38 8.39 16.23
C ILE C 47 16.13 8.10 14.94
N GLU C 48 17.42 7.83 15.06
CA GLU C 48 18.28 7.64 13.90
C GLU C 48 18.14 6.22 13.34
N LYS C 49 18.01 5.25 14.23
CA LYS C 49 17.99 3.84 13.84
C LYS C 49 16.59 3.41 13.43
N VAL C 50 16.14 3.89 12.27
CA VAL C 50 14.77 3.64 11.81
C VAL C 50 14.77 3.06 10.40
N GLU C 51 13.93 2.05 10.19
CA GLU C 51 13.74 1.48 8.86
C GLU C 51 12.39 1.87 8.29
N HIS C 52 12.20 1.60 7.00
CA HIS C 52 10.97 1.95 6.31
C HIS C 52 10.70 1.01 5.14
N SER C 53 9.46 1.00 4.68
CA SER C 53 9.09 0.25 3.48
C SER C 53 9.42 1.05 2.21
N ASP C 54 9.31 0.40 1.06
CA ASP C 54 9.41 1.08 -0.22
C ASP C 54 8.13 1.84 -0.55
N LEU C 55 8.28 3.00 -1.19
CA LEU C 55 7.14 3.85 -1.50
C LEU C 55 6.23 3.19 -2.52
N SER C 56 4.93 3.17 -2.23
CA SER C 56 3.93 2.69 -3.18
C SER C 56 2.74 3.64 -3.26
N PHE C 57 1.83 3.34 -4.19
CA PHE C 57 0.59 4.11 -4.30
C PHE C 57 -0.60 3.20 -4.59
N SER C 58 -1.79 3.69 -4.29
CA SER C 58 -2.99 2.86 -4.37
C SER C 58 -3.81 3.20 -5.61
N LYS C 59 -5.04 2.70 -5.66
CA LYS C 59 -5.88 2.85 -6.84
C LYS C 59 -6.19 4.32 -7.10
N ASP C 60 -6.26 5.11 -6.03
CA ASP C 60 -6.55 6.53 -6.15
C ASP C 60 -5.28 7.34 -6.33
N TRP C 61 -4.17 6.64 -6.59
CA TRP C 61 -2.92 7.29 -6.96
C TRP C 61 -2.33 8.06 -5.80
N SER C 62 -2.89 7.87 -4.61
CA SER C 62 -2.32 8.41 -3.39
C SER C 62 -1.14 7.58 -2.92
N PHE C 63 -0.18 8.23 -2.25
CA PHE C 63 1.03 7.55 -1.81
C PHE C 63 0.91 7.08 -0.38
N TYR C 64 1.62 6.01 -0.05
CA TYR C 64 1.72 5.54 1.32
C TYR C 64 3.06 4.85 1.58
N LEU C 65 3.51 4.90 2.83
CA LEU C 65 4.70 4.16 3.24
C LEU C 65 4.73 3.96 4.75
N LEU C 66 5.45 2.92 5.19
CA LEU C 66 5.54 2.61 6.61
C LEU C 66 6.95 2.91 7.14
N TYR C 67 7.01 3.57 8.29
CA TYR C 67 8.23 3.61 9.08
C TYR C 67 8.09 2.80 10.36
N TYR C 68 9.19 2.19 10.79
CA TYR C 68 9.18 1.35 11.99
C TYR C 68 10.56 1.29 12.63
N THR C 69 10.59 1.04 13.93
CA THR C 69 11.85 0.74 14.62
C THR C 69 11.60 -0.14 15.84
N GLU C 70 12.62 -0.89 16.23
CA GLU C 70 12.56 -1.73 17.42
C GLU C 70 12.86 -0.92 18.68
N PHE C 71 12.08 -1.16 19.72
CA PHE C 71 12.27 -0.48 21.00
C PHE C 71 11.79 -1.32 22.16
N THR C 72 12.10 -0.88 23.37
CA THR C 72 11.56 -1.51 24.57
C THR C 72 10.54 -0.60 25.28
N PRO C 73 9.29 -1.03 25.30
CA PRO C 73 8.24 -0.26 25.93
C PRO C 73 8.58 0.07 27.38
N THR C 74 8.31 1.30 27.79
CA THR C 74 8.56 1.74 29.15
C THR C 74 7.47 2.68 29.64
N GLU C 75 7.66 3.22 30.84
CA GLU C 75 6.71 4.16 31.42
C GLU C 75 7.33 5.56 31.52
N LYS C 76 8.64 5.64 31.33
CA LYS C 76 9.36 6.90 31.47
C LYS C 76 9.35 7.67 30.15
N ASP C 77 9.70 7.00 29.07
CA ASP C 77 9.90 7.65 27.78
C ASP C 77 8.60 7.68 26.98
N GLU C 78 8.42 8.73 26.19
CA GLU C 78 7.30 8.81 25.26
C GLU C 78 7.77 8.71 23.81
N TYR C 79 6.93 8.13 22.96
CA TYR C 79 7.25 7.98 21.55
C TYR C 79 6.21 8.67 20.68
N ALA C 80 6.62 9.11 19.50
CA ALA C 80 5.74 9.82 18.58
C ALA C 80 6.23 9.71 17.14
N CYS C 81 5.46 10.27 16.22
CA CYS C 81 5.88 10.36 14.82
C CYS C 81 5.62 11.75 14.25
N ARG C 82 6.58 12.26 13.50
CA ARG C 82 6.46 13.58 12.89
C ARG C 82 6.47 13.49 11.37
N VAL C 83 5.51 14.17 10.75
CA VAL C 83 5.37 14.13 9.29
C VAL C 83 5.29 15.53 8.71
N ASN C 84 6.09 15.78 7.67
CA ASN C 84 6.04 17.04 6.95
C ASN C 84 5.53 16.85 5.53
N HIS C 85 4.77 17.82 5.04
CA HIS C 85 4.23 17.77 3.69
C HIS C 85 3.84 19.16 3.20
N VAL C 86 3.84 19.34 1.88
CA VAL C 86 3.66 20.66 1.28
C VAL C 86 2.25 21.19 1.51
N THR C 87 1.33 20.28 1.85
CA THR C 87 -0.04 20.67 2.14
C THR C 87 -0.23 20.96 3.63
N LEU C 88 0.84 20.82 4.39
CA LEU C 88 0.80 21.05 5.83
C LEU C 88 1.47 22.37 6.20
N SER C 89 0.68 23.34 6.62
CA SER C 89 1.20 24.61 7.08
C SER C 89 1.98 24.45 8.39
N GLN C 90 1.73 23.34 9.07
CA GLN C 90 2.46 23.02 10.30
C GLN C 90 2.74 21.52 10.40
N PRO C 91 3.97 21.19 10.78
CA PRO C 91 4.36 19.79 10.95
C PRO C 91 3.36 19.05 11.85
N LYS C 92 2.97 17.85 11.41
CA LYS C 92 2.05 17.04 12.19
C LYS C 92 2.79 16.09 13.11
N ILE C 93 2.42 16.09 14.39
CA ILE C 93 3.02 15.18 15.36
C ILE C 93 1.95 14.35 16.07
N VAL C 94 2.09 13.03 16.03
CA VAL C 94 1.15 12.14 16.68
C VAL C 94 1.83 11.30 17.75
N LYS C 95 1.23 11.25 18.93
CA LYS C 95 1.81 10.52 20.05
C LYS C 95 1.47 9.03 19.96
N TRP C 96 2.43 8.19 20.35
CA TRP C 96 2.19 6.75 20.42
C TRP C 96 1.21 6.42 21.54
N ASP C 97 0.19 5.63 21.20
CA ASP C 97 -0.80 5.19 22.18
C ASP C 97 -0.53 3.75 22.60
N ARG C 98 -0.17 3.58 23.87
CA ARG C 98 0.21 2.26 24.39
C ARG C 98 -0.92 1.26 24.22
N ASP C 99 -2.15 1.76 24.22
CA ASP C 99 -3.32 0.89 24.23
C ASP C 99 -4.01 0.88 22.86
N MET C 100 -3.28 1.31 21.84
CA MET C 100 -3.79 1.29 20.47
C MET C 100 -2.66 1.41 19.46
N GLY A 1 -8.69 -18.89 -2.81
CA GLY A 1 -9.46 -18.73 -4.03
C GLY A 1 -8.62 -18.11 -5.14
N SER A 2 -9.07 -16.99 -5.67
CA SER A 2 -8.31 -16.25 -6.67
C SER A 2 -7.13 -15.53 -6.04
N HIS A 3 -6.18 -15.12 -6.89
CA HIS A 3 -5.02 -14.37 -6.42
C HIS A 3 -4.70 -13.22 -7.36
N SER A 4 -4.08 -12.17 -6.81
CA SER A 4 -3.76 -10.98 -7.60
C SER A 4 -2.25 -10.76 -7.67
N MET A 5 -1.79 -10.33 -8.84
CA MET A 5 -0.42 -9.82 -8.97
C MET A 5 -0.43 -8.37 -9.44
N ARG A 6 0.39 -7.54 -8.79
CA ARG A 6 0.43 -6.12 -9.09
C ARG A 6 1.86 -5.61 -9.16
N TYR A 7 2.10 -4.63 -10.02
CA TYR A 7 3.35 -3.89 -10.01
C TYR A 7 3.09 -2.38 -10.08
N PHE A 8 3.78 -1.63 -9.22
CA PHE A 8 3.58 -0.19 -9.14
C PHE A 8 4.85 0.57 -9.48
N PHE A 9 4.75 1.50 -10.42
CA PHE A 9 5.92 2.25 -10.89
C PHE A 9 5.68 3.75 -10.77
N THR A 10 6.63 4.45 -10.15
CA THR A 10 6.54 5.89 -10.00
C THR A 10 7.83 6.57 -10.44
N SER A 11 7.68 7.70 -11.14
CA SER A 11 8.83 8.54 -11.48
C SER A 11 8.59 9.98 -11.07
N VAL A 12 9.52 10.53 -10.29
CA VAL A 12 9.36 11.87 -9.73
C VAL A 12 10.48 12.79 -10.18
N SER A 13 10.10 13.93 -10.76
CA SER A 13 11.08 14.87 -11.29
C SER A 13 11.99 15.41 -10.19
N ARG A 14 13.24 15.71 -10.55
CA ARG A 14 14.18 16.29 -9.61
C ARG A 14 15.05 17.34 -10.29
N PRO A 15 14.48 18.51 -10.52
CA PRO A 15 15.20 19.61 -11.15
C PRO A 15 16.50 19.92 -10.42
N GLY A 16 17.58 20.09 -11.17
CA GLY A 16 18.88 20.40 -10.58
C GLY A 16 19.53 19.16 -9.98
N ARG A 17 18.83 18.55 -9.03
CA ARG A 17 19.41 17.46 -8.25
C ARG A 17 19.40 16.14 -9.03
N GLY A 18 20.19 16.08 -10.09
CA GLY A 18 20.36 14.84 -10.85
C GLY A 18 19.11 14.51 -11.65
N GLU A 19 18.93 13.23 -11.94
CA GLU A 19 17.81 12.78 -12.77
C GLU A 19 16.61 12.39 -11.92
N PRO A 20 15.43 12.45 -12.51
CA PRO A 20 14.21 12.05 -11.82
C PRO A 20 14.35 10.66 -11.22
N ARG A 21 13.80 10.48 -10.01
CA ARG A 21 13.90 9.21 -9.31
C ARG A 21 12.87 8.22 -9.84
N PHE A 22 13.27 6.95 -9.93
CA PHE A 22 12.37 5.90 -10.39
C PHE A 22 12.23 4.81 -9.33
N ILE A 23 11.00 4.53 -8.94
CA ILE A 23 10.71 3.52 -7.93
C ILE A 23 9.76 2.45 -8.47
N ALA A 24 10.09 1.19 -8.21
CA ALA A 24 9.26 0.08 -8.64
C ALA A 24 9.10 -0.95 -7.53
N VAL A 25 7.86 -1.31 -7.23
CA VAL A 25 7.57 -2.32 -6.22
C VAL A 25 6.55 -3.34 -6.73
N GLY A 26 6.86 -4.61 -6.55
CA GLY A 26 5.98 -5.69 -6.99
C GLY A 26 5.28 -6.34 -5.81
N TYR A 27 4.03 -6.76 -6.01
CA TYR A 27 3.27 -7.44 -4.97
C TYR A 27 2.66 -8.73 -5.49
N VAL A 28 2.60 -9.75 -4.63
CA VAL A 28 1.64 -10.83 -4.79
C VAL A 28 0.61 -10.81 -3.66
N ASP A 29 -0.64 -10.54 -4.01
CA ASP A 29 -1.65 -10.17 -3.02
C ASP A 29 -1.13 -9.06 -2.11
N ASP A 30 -0.90 -9.40 -0.84
CA ASP A 30 -0.54 -8.41 0.17
C ASP A 30 0.97 -8.37 0.40
N THR A 31 1.69 -9.24 -0.32
CA THR A 31 3.10 -9.47 -0.04
C THR A 31 3.99 -8.82 -1.08
N GLN A 32 4.92 -7.99 -0.63
CA GLN A 32 6.00 -7.52 -1.48
C GLN A 32 7.10 -8.57 -1.61
N PHE A 33 7.54 -8.81 -2.84
CA PHE A 33 8.43 -9.93 -3.13
C PHE A 33 9.57 -9.51 -4.04
N VAL A 34 9.43 -8.35 -4.66
CA VAL A 34 10.52 -7.74 -5.41
C VAL A 34 10.55 -6.24 -5.23
N ARG A 35 11.73 -5.64 -5.40
CA ARG A 35 11.87 -4.19 -5.34
C ARG A 35 12.89 -3.69 -6.36
N PHE A 36 12.80 -2.41 -6.69
CA PHE A 36 13.84 -1.76 -7.47
C PHE A 36 13.83 -0.25 -7.23
N ASP A 37 15.03 0.34 -7.18
CA ASP A 37 15.16 1.77 -6.91
C ASP A 37 16.36 2.36 -7.65
N SER A 38 16.11 3.41 -8.43
CA SER A 38 17.14 4.02 -9.25
C SER A 38 18.26 4.59 -8.39
N ASP A 39 17.97 4.81 -7.11
CA ASP A 39 18.97 5.31 -6.18
C ASP A 39 19.55 4.19 -5.33
N ALA A 40 19.28 2.95 -5.73
CA ALA A 40 19.81 1.79 -5.04
C ALA A 40 21.33 1.73 -5.16
N ALA A 41 21.98 1.22 -4.12
CA ALA A 41 23.43 0.99 -4.16
C ALA A 41 23.79 -0.03 -5.24
N SER A 42 22.92 -1.01 -5.43
CA SER A 42 23.20 -2.11 -6.36
C SER A 42 22.87 -1.71 -7.79
N GLN A 43 21.93 -0.79 -7.94
CA GLN A 43 21.45 -0.40 -9.25
C GLN A 43 20.88 -1.59 -10.02
N LYS A 44 20.47 -2.62 -9.28
CA LYS A 44 19.88 -3.80 -9.88
C LYS A 44 18.57 -4.16 -9.20
N MET A 45 17.76 -4.97 -9.88
CA MET A 45 16.57 -5.56 -9.28
C MET A 45 16.94 -6.45 -8.10
N GLU A 46 16.16 -6.37 -7.02
CA GLU A 46 16.40 -7.16 -5.83
C GLU A 46 15.15 -7.92 -5.40
N PRO A 47 15.34 -9.15 -4.95
CA PRO A 47 14.24 -9.92 -4.36
C PRO A 47 13.93 -9.44 -2.95
N ARG A 48 12.73 -9.77 -2.47
CA ARG A 48 12.41 -9.67 -1.05
C ARG A 48 11.92 -11.00 -0.50
N ALA A 49 11.25 -11.77 -1.34
CA ALA A 49 10.64 -13.03 -0.91
C ALA A 49 11.62 -14.19 -1.04
N PRO A 50 11.67 -15.03 -0.02
CA PRO A 50 12.53 -16.21 -0.04
C PRO A 50 12.33 -17.02 -1.31
N TRP A 51 11.07 -17.11 -1.75
CA TRP A 51 10.69 -18.12 -2.73
C TRP A 51 10.93 -17.63 -4.15
N ILE A 52 11.50 -16.43 -4.26
CA ILE A 52 11.91 -15.90 -5.56
C ILE A 52 13.42 -15.66 -5.60
N GLU A 53 14.10 -16.01 -4.51
CA GLU A 53 15.55 -15.87 -4.44
C GLU A 53 16.26 -16.96 -5.22
N GLN A 54 15.47 -17.87 -5.79
CA GLN A 54 16.01 -18.97 -6.57
C GLN A 54 16.11 -18.59 -8.05
N GLU A 55 15.61 -17.41 -8.39
CA GLU A 55 15.71 -16.90 -9.75
C GLU A 55 17.09 -16.34 -10.04
N GLY A 56 17.63 -16.68 -11.20
CA GLY A 56 18.97 -16.26 -11.57
C GLY A 56 18.94 -15.00 -12.43
N PRO A 57 20.07 -14.66 -13.04
CA PRO A 57 20.18 -13.47 -13.87
C PRO A 57 19.33 -13.59 -15.12
N GLU A 58 18.93 -14.82 -15.44
CA GLU A 58 18.12 -15.08 -16.62
C GLU A 58 16.80 -14.32 -16.57
N TYR A 59 16.45 -13.85 -15.37
CA TYR A 59 15.31 -12.95 -15.20
C TYR A 59 15.77 -11.57 -14.75
N TRP A 60 16.57 -11.53 -13.69
CA TRP A 60 16.80 -10.29 -12.97
C TRP A 60 17.51 -9.26 -13.83
N ASP A 61 18.47 -9.73 -14.62
CA ASP A 61 19.32 -8.84 -15.42
C ASP A 61 18.52 -8.18 -16.53
N GLN A 62 17.67 -8.96 -17.20
CA GLN A 62 16.80 -8.44 -18.24
C GLN A 62 15.72 -7.54 -17.66
N GLU A 63 15.15 -7.96 -16.53
CA GLU A 63 14.12 -7.18 -15.86
C GLU A 63 14.65 -5.83 -15.38
N THR A 64 15.89 -5.84 -14.89
CA THR A 64 16.57 -4.61 -14.51
C THR A 64 16.70 -3.66 -15.70
N ARG A 65 17.12 -4.19 -16.83
CA ARG A 65 17.23 -3.41 -18.06
C ARG A 65 15.86 -2.90 -18.51
N ASN A 66 14.84 -3.74 -18.35
CA ASN A 66 13.48 -3.38 -18.70
C ASN A 66 12.97 -2.21 -17.87
N MET A 67 13.23 -2.27 -16.56
CA MET A 67 12.82 -1.22 -15.65
C MET A 67 13.59 0.07 -15.92
N LYS A 68 14.84 -0.07 -16.35
CA LYS A 68 15.61 1.06 -16.84
C LYS A 68 14.95 1.70 -18.05
N ALA A 69 14.50 0.86 -18.98
CA ALA A 69 13.77 1.34 -20.15
C ALA A 69 12.48 2.04 -19.74
N HIS A 70 11.80 1.49 -18.75
CA HIS A 70 10.61 2.12 -18.19
C HIS A 70 10.93 3.49 -17.60
N SER A 71 12.02 3.56 -16.84
CA SER A 71 12.46 4.81 -16.24
C SER A 71 12.75 5.86 -17.32
N GLN A 72 13.49 5.46 -18.35
CA GLN A 72 13.83 6.37 -19.44
C GLN A 72 12.59 6.90 -20.14
N THR A 73 11.61 6.02 -20.33
CA THR A 73 10.36 6.40 -20.98
C THR A 73 9.57 7.37 -20.10
N ASP A 74 9.45 7.05 -18.82
CA ASP A 74 8.71 7.88 -17.88
C ASP A 74 9.30 9.28 -17.80
N ARG A 75 10.63 9.35 -17.76
CA ARG A 75 11.34 10.63 -17.74
C ARG A 75 11.03 11.44 -19.00
N ALA A 76 11.05 10.77 -20.14
CA ALA A 76 10.68 11.41 -21.41
C ALA A 76 9.24 11.90 -21.37
N ASN A 77 8.36 11.09 -20.79
CA ASN A 77 6.94 11.43 -20.71
C ASN A 77 6.72 12.66 -19.85
N LEU A 78 7.43 12.73 -18.73
CA LEU A 78 7.33 13.87 -17.83
C LEU A 78 7.71 15.17 -18.53
N GLY A 79 8.80 15.14 -19.28
CA GLY A 79 9.22 16.28 -20.08
C GLY A 79 8.22 16.59 -21.18
N THR A 80 7.74 15.54 -21.84
CA THR A 80 6.81 15.71 -22.96
C THR A 80 5.50 16.33 -22.51
N LEU A 81 4.97 15.84 -21.39
CA LEU A 81 3.71 16.33 -20.86
C LEU A 81 3.81 17.79 -20.45
N ARG A 82 4.95 18.16 -19.86
CA ARG A 82 5.24 19.55 -19.57
C ARG A 82 5.10 20.42 -20.81
N GLY A 83 5.59 19.92 -21.93
CA GLY A 83 5.41 20.59 -23.22
C GLY A 83 3.93 20.69 -23.58
N TYR A 84 3.23 19.56 -23.51
CA TYR A 84 1.84 19.50 -23.93
C TYR A 84 0.99 20.55 -23.21
N TYR A 85 1.25 20.73 -21.93
CA TYR A 85 0.42 21.60 -21.10
C TYR A 85 1.09 22.94 -20.88
N ASN A 86 2.15 23.21 -21.64
CA ASN A 86 2.83 24.49 -21.59
C ASN A 86 3.15 24.90 -20.16
N GLN A 87 3.72 23.97 -19.40
CA GLN A 87 4.02 24.21 -17.99
C GLN A 87 5.44 24.74 -17.82
N SER A 88 5.68 25.42 -16.72
CA SER A 88 6.98 26.04 -16.46
C SER A 88 8.07 24.98 -16.31
N GLU A 89 9.25 25.28 -16.82
CA GLU A 89 10.38 24.37 -16.71
C GLU A 89 10.84 24.23 -15.27
N ASP A 90 10.45 25.18 -14.43
CA ASP A 90 10.88 25.21 -13.04
C ASP A 90 9.92 24.44 -12.14
N GLY A 91 8.87 23.89 -12.75
CA GLY A 91 7.84 23.17 -12.00
C GLY A 91 8.26 21.72 -11.74
N SER A 92 7.51 21.05 -10.89
CA SER A 92 7.72 19.62 -10.65
C SER A 92 6.57 18.79 -11.19
N HIS A 93 6.86 17.53 -11.50
CA HIS A 93 5.85 16.63 -12.05
C HIS A 93 6.00 15.22 -11.51
N THR A 94 4.89 14.49 -11.43
CA THR A 94 4.93 13.08 -11.06
C THR A 94 4.10 12.23 -12.01
N ILE A 95 4.65 11.11 -12.44
CA ILE A 95 3.92 10.15 -13.27
C ILE A 95 3.80 8.80 -12.57
N GLN A 96 2.62 8.22 -12.64
CA GLN A 96 2.34 6.96 -11.94
C GLN A 96 1.77 5.92 -12.90
N ILE A 97 2.40 4.75 -12.93
CA ILE A 97 1.94 3.65 -13.78
C ILE A 97 1.85 2.35 -13.00
N MET A 98 0.74 1.64 -13.18
CA MET A 98 0.57 0.33 -12.56
C MET A 98 -0.06 -0.67 -13.52
N TYR A 99 0.29 -1.94 -13.35
CA TYR A 99 -0.35 -3.02 -14.11
C TYR A 99 -0.29 -4.33 -13.34
N GLY A 100 -1.08 -5.30 -13.77
CA GLY A 100 -1.12 -6.61 -13.13
C GLY A 100 -2.28 -7.45 -13.65
N CYS A 101 -2.53 -8.58 -13.00
CA CYS A 101 -3.54 -9.53 -13.46
C CYS A 101 -4.15 -10.28 -12.29
N ASP A 102 -5.39 -10.71 -12.47
CA ASP A 102 -6.03 -11.63 -11.53
C ASP A 102 -6.15 -13.03 -12.12
N VAL A 103 -5.91 -14.03 -11.29
CA VAL A 103 -6.09 -15.43 -11.71
C VAL A 103 -7.01 -16.17 -10.75
N GLY A 104 -7.66 -17.21 -11.26
CA GLY A 104 -8.49 -18.07 -10.43
C GLY A 104 -7.65 -19.07 -9.65
N PRO A 105 -8.30 -19.90 -8.85
CA PRO A 105 -7.61 -20.90 -8.05
C PRO A 105 -6.93 -21.94 -8.93
N ASP A 106 -7.38 -22.03 -10.19
CA ASP A 106 -6.80 -22.97 -11.14
C ASP A 106 -5.78 -22.28 -12.03
N GLY A 107 -5.45 -21.04 -11.70
CA GLY A 107 -4.47 -20.27 -12.45
C GLY A 107 -5.09 -19.64 -13.69
N ARG A 108 -6.38 -19.85 -13.87
CA ARG A 108 -7.09 -19.33 -15.03
C ARG A 108 -7.08 -17.81 -15.05
N PHE A 109 -6.75 -17.24 -16.21
CA PHE A 109 -6.75 -15.79 -16.38
C PHE A 109 -8.16 -15.21 -16.18
N LEU A 110 -8.27 -14.22 -15.30
CA LEU A 110 -9.54 -13.56 -15.06
C LEU A 110 -9.56 -12.17 -15.67
N ARG A 111 -8.67 -11.30 -15.20
CA ARG A 111 -8.70 -9.88 -15.57
C ARG A 111 -7.29 -9.32 -15.71
N GLY A 112 -7.09 -8.45 -16.70
CA GLY A 112 -5.87 -7.68 -16.81
C GLY A 112 -6.06 -6.26 -16.31
N TYR A 113 -4.96 -5.64 -15.86
CA TYR A 113 -5.01 -4.27 -15.39
C TYR A 113 -3.86 -3.45 -15.97
N ARG A 114 -4.16 -2.23 -16.40
CA ARG A 114 -3.14 -1.24 -16.70
C ARG A 114 -3.71 0.17 -16.67
N GLN A 115 -3.11 1.03 -15.86
CA GLN A 115 -3.57 2.41 -15.73
C GLN A 115 -2.40 3.36 -15.54
N ASP A 116 -2.50 4.54 -16.13
CA ASP A 116 -1.53 5.61 -15.90
C ASP A 116 -2.19 6.83 -15.24
N ALA A 117 -1.38 7.63 -14.56
CA ALA A 117 -1.84 8.90 -14.02
C ALA A 117 -0.75 9.96 -14.07
N TYR A 118 -1.14 11.22 -14.02
CA TYR A 118 -0.20 12.32 -14.13
C TYR A 118 -0.56 13.45 -13.17
N ASP A 119 0.35 13.79 -12.26
CA ASP A 119 0.14 14.88 -11.32
C ASP A 119 -1.19 14.75 -10.61
N GLY A 120 -1.56 13.51 -10.28
CA GLY A 120 -2.69 13.26 -9.39
C GLY A 120 -3.96 13.01 -10.18
N LYS A 121 -3.90 13.26 -11.49
CA LYS A 121 -5.07 13.11 -12.35
C LYS A 121 -4.96 11.87 -13.23
N ASP A 122 -6.08 11.17 -13.38
CA ASP A 122 -6.14 10.00 -14.26
C ASP A 122 -5.66 10.36 -15.67
N TYR A 123 -4.86 9.48 -16.26
CA TYR A 123 -4.34 9.70 -17.60
C TYR A 123 -5.00 8.77 -18.60
N ILE A 124 -4.62 7.50 -18.57
CA ILE A 124 -5.21 6.49 -19.44
C ILE A 124 -5.52 5.21 -18.69
N ALA A 125 -6.67 4.61 -18.98
CA ALA A 125 -7.00 3.30 -18.45
C ALA A 125 -7.11 2.26 -19.56
N LEU A 126 -6.73 1.03 -19.27
CA LEU A 126 -6.97 -0.10 -20.16
C LEU A 126 -7.98 -1.07 -19.55
N ASN A 127 -8.98 -1.44 -20.33
CA ASN A 127 -10.06 -2.29 -19.85
C ASN A 127 -9.56 -3.69 -19.52
N GLU A 128 -10.35 -4.43 -18.75
CA GLU A 128 -9.94 -5.73 -18.25
C GLU A 128 -9.75 -6.73 -19.39
N ASP A 129 -10.38 -6.45 -20.52
CA ASP A 129 -10.25 -7.28 -21.70
C ASP A 129 -8.94 -6.99 -22.44
N LEU A 130 -8.29 -5.91 -22.04
CA LEU A 130 -7.01 -5.53 -22.65
C LEU A 130 -7.15 -5.34 -24.16
N ARG A 131 -8.17 -4.59 -24.56
CA ARG A 131 -8.43 -4.36 -25.98
C ARG A 131 -8.55 -2.88 -26.28
N SER A 132 -9.04 -2.12 -25.31
CA SER A 132 -9.52 -0.77 -25.56
C SER A 132 -8.97 0.22 -24.53
N TRP A 133 -8.34 1.28 -25.00
CA TRP A 133 -7.84 2.32 -24.11
C TRP A 133 -8.91 3.38 -23.85
N THR A 134 -8.84 4.00 -22.67
CA THR A 134 -9.69 5.13 -22.34
C THR A 134 -8.86 6.33 -21.91
N ALA A 135 -9.09 7.47 -22.56
CA ALA A 135 -8.41 8.71 -22.22
C ALA A 135 -9.21 9.51 -21.20
N ALA A 136 -8.51 10.06 -20.20
CA ALA A 136 -9.16 10.82 -19.14
C ALA A 136 -8.64 12.24 -19.09
N ASP A 137 -7.92 12.65 -20.13
CA ASP A 137 -7.31 13.97 -20.18
C ASP A 137 -6.94 14.35 -21.61
N MET A 138 -6.59 15.62 -21.81
CA MET A 138 -6.22 16.11 -23.13
C MET A 138 -5.01 15.36 -23.68
N ALA A 139 -3.91 15.37 -22.92
CA ALA A 139 -2.70 14.66 -23.31
C ALA A 139 -2.97 13.17 -23.44
N ALA A 140 -3.89 12.66 -22.64
CA ALA A 140 -4.27 11.24 -22.71
C ALA A 140 -4.88 10.91 -24.05
N GLN A 141 -5.67 11.82 -24.59
CA GLN A 141 -6.28 11.64 -25.91
C GLN A 141 -5.23 11.59 -27.00
N ILE A 142 -4.19 12.41 -26.87
CA ILE A 142 -3.07 12.37 -27.79
C ILE A 142 -2.34 11.03 -27.72
N THR A 143 -2.03 10.60 -26.51
CA THR A 143 -1.35 9.32 -26.31
C THR A 143 -2.24 8.16 -26.74
N LYS A 144 -3.51 8.21 -26.36
CA LYS A 144 -4.45 7.14 -26.69
C LYS A 144 -4.52 6.90 -28.19
N ARG A 145 -4.62 7.99 -28.96
CA ARG A 145 -4.62 7.90 -30.41
C ARG A 145 -3.44 7.08 -30.91
N LYS A 146 -2.25 7.36 -30.38
CA LYS A 146 -1.05 6.64 -30.76
C LYS A 146 -1.15 5.17 -30.36
N TRP A 147 -1.49 4.92 -29.11
CA TRP A 147 -1.49 3.57 -28.56
C TRP A 147 -2.49 2.69 -29.28
N GLU A 148 -3.65 3.25 -29.59
CA GLU A 148 -4.68 2.53 -30.34
C GLU A 148 -4.19 2.17 -31.74
N ALA A 149 -3.55 3.13 -32.40
CA ALA A 149 -3.09 2.94 -33.77
C ALA A 149 -2.10 1.78 -33.85
N VAL A 150 -1.29 1.62 -32.81
CA VAL A 150 -0.24 0.60 -32.81
C VAL A 150 -0.68 -0.62 -32.03
N HIS A 151 -1.92 -0.63 -31.58
CA HIS A 151 -2.47 -1.75 -30.81
C HIS A 151 -1.58 -2.06 -29.61
N ALA A 152 -1.23 -1.03 -28.85
CA ALA A 152 -0.38 -1.19 -27.68
C ALA A 152 -0.97 -2.19 -26.70
N ALA A 153 -2.29 -2.28 -26.68
CA ALA A 153 -3.00 -3.20 -25.80
C ALA A 153 -2.55 -4.64 -26.04
N GLU A 154 -2.14 -4.93 -27.28
CA GLU A 154 -1.71 -6.27 -27.65
C GLU A 154 -0.47 -6.68 -26.87
N GLN A 155 0.45 -5.74 -26.69
CA GLN A 155 1.65 -5.98 -25.89
C GLN A 155 1.31 -6.32 -24.45
N ARG A 156 0.31 -5.62 -23.91
CA ARG A 156 -0.15 -5.87 -22.56
C ARG A 156 -0.83 -7.23 -22.44
N ARG A 157 -1.58 -7.60 -23.47
CA ARG A 157 -2.28 -8.87 -23.50
C ARG A 157 -1.30 -10.03 -23.41
N VAL A 158 -0.25 -9.99 -24.22
CA VAL A 158 0.73 -11.07 -24.27
C VAL A 158 1.32 -11.33 -22.88
N TYR A 159 1.67 -10.27 -22.18
CA TYR A 159 2.17 -10.38 -20.81
C TYR A 159 1.06 -10.79 -19.86
N LEU A 160 0.02 -9.96 -19.77
CA LEU A 160 -0.93 -10.05 -18.67
C LEU A 160 -1.73 -11.36 -18.75
N GLU A 161 -2.02 -11.79 -19.97
CA GLU A 161 -2.78 -13.01 -20.18
C GLU A 161 -1.88 -14.25 -20.06
N GLY A 162 -0.59 -14.05 -20.22
CA GLY A 162 0.35 -15.15 -20.31
C GLY A 162 1.39 -15.09 -19.19
N ARG A 163 2.39 -14.23 -19.37
CA ARG A 163 3.54 -14.21 -18.47
C ARG A 163 3.12 -13.90 -17.04
N CYS A 164 2.22 -12.94 -16.89
CA CYS A 164 1.72 -12.56 -15.57
C CYS A 164 1.01 -13.73 -14.89
N VAL A 165 0.22 -14.46 -15.67
CA VAL A 165 -0.57 -15.57 -15.14
C VAL A 165 0.34 -16.71 -14.68
N ASP A 166 1.27 -17.11 -15.54
CA ASP A 166 2.17 -18.21 -15.24
C ASP A 166 3.17 -17.82 -14.15
N GLY A 167 3.68 -16.59 -14.23
CA GLY A 167 4.56 -16.05 -13.20
C GLY A 167 3.91 -16.14 -11.82
N LEU A 168 2.72 -15.57 -11.70
CA LEU A 168 1.97 -15.62 -10.44
C LEU A 168 1.70 -17.06 -10.03
N ARG A 169 1.22 -17.87 -10.97
CA ARG A 169 0.92 -19.27 -10.70
C ARG A 169 2.11 -19.96 -10.04
N ARG A 170 3.29 -19.83 -10.66
CA ARG A 170 4.49 -20.47 -10.16
C ARG A 170 4.85 -19.94 -8.78
N TYR A 171 4.67 -18.64 -8.58
CA TYR A 171 4.96 -18.01 -7.30
C TYR A 171 4.03 -18.54 -6.20
N LEU A 172 2.76 -18.73 -6.55
CA LEU A 172 1.77 -19.22 -5.60
C LEU A 172 2.13 -20.62 -5.11
N GLU A 173 2.73 -21.42 -5.99
CA GLU A 173 3.21 -22.74 -5.63
C GLU A 173 4.49 -22.66 -4.78
N ASN A 174 5.47 -21.93 -5.30
CA ASN A 174 6.78 -21.85 -4.66
C ASN A 174 6.67 -21.19 -3.28
N GLY A 175 5.76 -20.22 -3.16
CA GLY A 175 5.60 -19.48 -1.92
C GLY A 175 4.31 -19.86 -1.22
N LYS A 176 3.79 -21.04 -1.54
CA LYS A 176 2.50 -21.47 -1.02
C LYS A 176 2.40 -21.25 0.48
N GLU A 177 3.45 -21.64 1.20
CA GLU A 177 3.42 -21.65 2.66
C GLU A 177 3.69 -20.25 3.22
N THR A 178 3.96 -19.30 2.33
CA THR A 178 4.22 -17.93 2.73
C THR A 178 3.16 -16.99 2.19
N LEU A 179 2.45 -17.43 1.16
CA LEU A 179 1.46 -16.59 0.49
C LEU A 179 0.03 -16.99 0.88
N GLN A 180 -0.23 -18.29 0.85
CA GLN A 180 -1.56 -18.81 1.14
C GLN A 180 -1.71 -19.15 2.62
N ARG A 181 -0.69 -18.80 3.41
CA ARG A 181 -0.76 -18.99 4.85
C ARG A 181 -1.93 -18.23 5.46
N THR A 182 -2.38 -18.68 6.63
CA THR A 182 -3.41 -17.98 7.37
C THR A 182 -2.93 -17.61 8.78
N ASP A 183 -3.44 -16.50 9.29
CA ASP A 183 -3.16 -16.12 10.67
C ASP A 183 -4.37 -15.42 11.30
N PRO A 184 -4.99 -16.08 12.26
CA PRO A 184 -6.19 -15.56 12.90
C PRO A 184 -5.86 -14.39 13.82
N PRO A 185 -6.81 -13.47 13.97
CA PRO A 185 -6.61 -12.28 14.78
C PRO A 185 -6.53 -12.62 16.26
N LYS A 186 -5.73 -11.86 17.00
CA LYS A 186 -5.63 -12.04 18.44
C LYS A 186 -6.76 -11.31 19.17
N THR A 187 -7.97 -11.85 19.05
CA THR A 187 -9.17 -11.09 19.37
C THR A 187 -9.27 -10.80 20.87
N HIS A 188 -9.68 -9.59 21.21
CA HIS A 188 -10.04 -9.26 22.58
C HIS A 188 -10.82 -7.95 22.65
N MET A 189 -11.53 -7.75 23.75
CA MET A 189 -12.34 -6.55 23.94
C MET A 189 -11.99 -5.84 25.24
N THR A 190 -11.97 -4.51 25.19
CA THR A 190 -11.67 -3.70 26.37
C THR A 190 -12.77 -2.67 26.63
N HIS A 191 -12.87 -2.23 27.87
CA HIS A 191 -13.89 -1.25 28.25
C HIS A 191 -13.25 0.07 28.66
N HIS A 192 -13.72 1.16 28.06
CA HIS A 192 -13.12 2.47 28.26
C HIS A 192 -14.17 3.52 28.63
N PRO A 193 -14.41 3.69 29.92
CA PRO A 193 -15.37 4.67 30.40
C PRO A 193 -15.01 6.07 29.90
N ILE A 194 -16.04 6.86 29.60
CA ILE A 194 -15.84 8.23 29.15
C ILE A 194 -16.26 9.23 30.22
N SER A 195 -17.45 9.01 30.79
CA SER A 195 -17.97 9.89 31.82
C SER A 195 -18.71 9.10 32.90
N ASP A 196 -19.45 9.82 33.74
CA ASP A 196 -20.22 9.18 34.81
C ASP A 196 -21.25 8.21 34.24
N HIS A 197 -21.65 8.44 33.00
CA HIS A 197 -22.71 7.65 32.38
C HIS A 197 -22.25 7.07 31.05
N GLU A 198 -21.33 7.76 30.41
CA GLU A 198 -20.92 7.40 29.04
C GLU A 198 -19.70 6.49 29.06
N ALA A 199 -19.72 5.48 28.17
CA ALA A 199 -18.57 4.60 28.00
C ALA A 199 -18.52 4.03 26.58
N THR A 200 -17.40 3.42 26.24
CA THR A 200 -17.24 2.76 24.94
C THR A 200 -16.70 1.36 25.11
N LEU A 201 -16.95 0.51 24.11
CA LEU A 201 -16.24 -0.76 23.98
C LEU A 201 -15.35 -0.76 22.75
N ARG A 202 -14.17 -1.35 22.88
CA ARG A 202 -13.25 -1.49 21.75
C ARG A 202 -13.08 -2.95 21.36
N CYS A 203 -13.39 -3.25 20.10
CA CYS A 203 -13.28 -4.61 19.58
C CYS A 203 -11.99 -4.79 18.78
N TRP A 204 -11.03 -5.52 19.37
CA TRP A 204 -9.70 -5.62 18.80
C TRP A 204 -9.57 -6.87 17.93
N ALA A 205 -8.97 -6.70 16.75
CA ALA A 205 -8.69 -7.83 15.88
C ALA A 205 -7.31 -7.68 15.23
N LEU A 206 -6.26 -7.75 16.04
CA LEU A 206 -4.92 -7.37 15.59
C LEU A 206 -4.10 -8.60 15.24
N GLY A 207 -3.22 -8.45 14.26
CA GLY A 207 -2.17 -9.43 14.00
C GLY A 207 -2.69 -10.59 13.16
N PHE A 208 -3.34 -10.26 12.06
CA PHE A 208 -4.00 -11.26 11.22
C PHE A 208 -3.46 -11.23 9.79
N TYR A 209 -3.68 -12.32 9.07
CA TYR A 209 -3.29 -12.39 7.66
C TYR A 209 -4.19 -13.36 6.90
N PRO A 210 -4.71 -12.91 5.76
CA PRO A 210 -4.18 -11.72 5.10
C PRO A 210 -4.96 -10.47 5.52
N ALA A 211 -4.78 -9.39 4.77
CA ALA A 211 -5.35 -8.10 5.13
C ALA A 211 -6.86 -8.15 5.14
N GLU A 212 -7.42 -9.11 4.42
CA GLU A 212 -8.87 -9.24 4.27
C GLU A 212 -9.54 -9.44 5.62
N ILE A 213 -10.39 -8.49 6.00
CA ILE A 213 -11.08 -8.55 7.27
C ILE A 213 -12.38 -7.74 7.25
N THR A 214 -13.40 -8.25 7.91
CA THR A 214 -14.61 -7.47 8.17
C THR A 214 -14.97 -7.48 9.64
N LEU A 215 -15.22 -6.29 10.20
CA LEU A 215 -15.71 -6.16 11.56
C LEU A 215 -17.20 -5.81 11.58
N THR A 216 -17.93 -6.44 12.49
CA THR A 216 -19.35 -6.14 12.67
C THR A 216 -19.70 -5.97 14.14
N TRP A 217 -20.42 -4.90 14.45
CA TRP A 217 -21.02 -4.74 15.77
C TRP A 217 -22.51 -5.07 15.75
N GLN A 218 -23.01 -5.63 16.84
CA GLN A 218 -24.44 -5.83 17.03
C GLN A 218 -24.89 -5.34 18.39
N ARG A 219 -26.14 -4.88 18.47
CA ARG A 219 -26.78 -4.62 19.75
C ARG A 219 -28.19 -5.20 19.79
N ASP A 220 -28.48 -5.99 20.81
CA ASP A 220 -29.75 -6.70 20.90
C ASP A 220 -29.95 -7.62 19.71
N GLY A 221 -28.85 -8.01 19.07
CA GLY A 221 -28.90 -8.95 17.97
C GLY A 221 -28.98 -8.22 16.63
N GLU A 222 -29.18 -6.91 16.69
CA GLU A 222 -29.31 -6.10 15.49
C GLU A 222 -28.00 -5.39 15.16
N ASP A 223 -27.68 -5.30 13.87
CA ASP A 223 -26.43 -4.70 13.42
C ASP A 223 -26.34 -3.24 13.85
N GLN A 224 -25.15 -2.81 14.24
CA GLN A 224 -24.90 -1.41 14.55
C GLN A 224 -23.98 -0.77 13.51
N THR A 225 -24.53 0.12 12.71
CA THR A 225 -23.80 0.68 11.57
C THR A 225 -23.67 2.19 11.70
N GLN A 226 -24.24 2.74 12.76
CA GLN A 226 -24.36 4.20 12.90
C GLN A 226 -23.42 4.73 13.99
N ASP A 227 -23.63 4.27 15.22
CA ASP A 227 -22.87 4.76 16.35
C ASP A 227 -21.56 4.01 16.52
N THR A 228 -20.68 4.13 15.53
CA THR A 228 -19.52 3.25 15.41
C THR A 228 -18.32 4.00 14.84
N GLU A 229 -17.13 3.56 15.21
CA GLU A 229 -15.90 4.06 14.60
C GLU A 229 -14.96 2.92 14.25
N LEU A 230 -14.41 2.95 13.05
CA LEU A 230 -13.50 1.92 12.58
C LEU A 230 -12.22 2.53 12.01
N VAL A 231 -11.12 1.77 12.10
CA VAL A 231 -9.89 2.15 11.44
C VAL A 231 -9.66 1.30 10.19
N GLU A 232 -9.05 1.92 9.17
CA GLU A 232 -8.65 1.19 7.98
C GLU A 232 -7.56 0.18 8.29
N THR A 233 -7.57 -0.95 7.59
CA THR A 233 -6.58 -1.99 7.79
C THR A 233 -5.17 -1.46 7.56
N ARG A 234 -4.28 -1.73 8.51
CA ARG A 234 -2.93 -1.19 8.46
C ARG A 234 -1.89 -2.27 8.76
N PRO A 235 -0.72 -2.14 8.16
CA PRO A 235 0.39 -3.06 8.42
C PRO A 235 0.72 -3.10 9.91
N ALA A 236 0.97 -4.30 10.43
CA ALA A 236 1.45 -4.46 11.79
C ALA A 236 2.96 -4.24 11.87
N GLY A 237 3.62 -4.30 10.73
CA GLY A 237 5.07 -4.13 10.66
C GLY A 237 5.80 -5.42 10.96
N ASP A 238 5.06 -6.53 10.97
CA ASP A 238 5.63 -7.83 11.27
C ASP A 238 5.06 -8.92 10.37
N GLY A 239 4.53 -8.50 9.22
CA GLY A 239 4.04 -9.44 8.22
C GLY A 239 2.54 -9.64 8.34
N THR A 240 1.96 -9.14 9.43
CA THR A 240 0.52 -9.20 9.63
C THR A 240 -0.10 -7.82 9.59
N PHE A 241 -1.41 -7.75 9.78
CA PHE A 241 -2.14 -6.49 9.72
C PHE A 241 -2.95 -6.26 10.98
N GLN A 242 -3.29 -5.00 11.23
CA GLN A 242 -4.10 -4.64 12.39
C GLN A 242 -5.45 -4.07 11.96
N LYS A 243 -6.47 -4.27 12.81
CA LYS A 243 -7.72 -3.54 12.67
C LYS A 243 -8.51 -3.56 13.98
N TRP A 244 -9.21 -2.48 14.26
CA TRP A 244 -10.09 -2.42 15.42
C TRP A 244 -11.34 -1.60 15.13
N ALA A 245 -12.39 -1.81 15.93
CA ALA A 245 -13.58 -0.98 15.86
C ALA A 245 -14.12 -0.69 17.25
N ALA A 246 -14.92 0.37 17.36
CA ALA A 246 -15.53 0.75 18.64
C ALA A 246 -16.94 1.28 18.43
N VAL A 247 -17.78 1.14 19.45
CA VAL A 247 -19.11 1.74 19.45
C VAL A 247 -19.40 2.43 20.78
N VAL A 248 -20.43 3.27 20.79
CA VAL A 248 -20.85 3.95 22.00
C VAL A 248 -21.64 3.02 22.91
N VAL A 249 -21.16 2.87 24.15
CA VAL A 249 -21.73 1.89 25.07
C VAL A 249 -21.96 2.51 26.44
N PRO A 250 -23.16 3.05 26.67
CA PRO A 250 -23.52 3.59 27.96
C PRO A 250 -23.29 2.58 29.08
N SER A 251 -22.79 3.07 30.21
CA SER A 251 -22.39 2.20 31.31
C SER A 251 -23.54 1.29 31.73
N GLY A 252 -23.28 -0.01 31.76
CA GLY A 252 -24.25 -0.98 32.21
C GLY A 252 -24.97 -1.64 31.04
N GLU A 253 -24.84 -1.03 29.86
CA GLU A 253 -25.51 -1.52 28.66
C GLU A 253 -24.59 -2.42 27.85
N GLU A 254 -23.37 -2.61 28.34
CA GLU A 254 -22.36 -3.36 27.61
C GLU A 254 -22.81 -4.79 27.36
N GLN A 255 -23.72 -5.28 28.21
CA GLN A 255 -24.20 -6.65 28.10
C GLN A 255 -25.01 -6.86 26.82
N ARG A 256 -25.42 -5.75 26.21
CA ARG A 256 -26.30 -5.81 25.04
C ARG A 256 -25.50 -5.80 23.75
N TYR A 257 -24.19 -5.66 23.87
CA TYR A 257 -23.33 -5.48 22.70
C TYR A 257 -22.56 -6.76 22.38
N THR A 258 -22.30 -6.98 21.10
CA THR A 258 -21.39 -8.04 20.67
C THR A 258 -20.66 -7.66 19.39
N CYS A 259 -19.38 -8.00 19.32
CA CYS A 259 -18.59 -7.76 18.12
C CYS A 259 -18.21 -9.07 17.43
N HIS A 260 -18.23 -9.07 16.11
CA HIS A 260 -17.83 -10.24 15.34
C HIS A 260 -16.69 -9.90 14.38
N VAL A 261 -15.79 -10.86 14.19
CA VAL A 261 -14.68 -10.69 13.25
C VAL A 261 -14.69 -11.78 12.18
N GLN A 262 -14.91 -11.38 10.94
CA GLN A 262 -15.11 -12.33 9.85
C GLN A 262 -13.92 -12.32 8.90
N HIS A 263 -13.45 -13.52 8.56
CA HIS A 263 -12.40 -13.66 7.55
C HIS A 263 -12.78 -14.69 6.49
N GLU A 264 -12.13 -14.61 5.34
CA GLU A 264 -12.26 -15.65 4.32
C GLU A 264 -11.22 -16.74 4.49
N GLY A 265 -10.17 -16.43 5.25
CA GLY A 265 -9.07 -17.37 5.45
C GLY A 265 -9.33 -18.30 6.61
N LEU A 266 -10.42 -18.05 7.33
CA LEU A 266 -10.77 -18.85 8.50
C LEU A 266 -12.06 -19.64 8.27
N PRO A 267 -12.15 -20.81 8.90
CA PRO A 267 -13.32 -21.67 8.74
C PRO A 267 -14.52 -21.10 9.50
N LYS A 268 -14.25 -20.16 10.39
CA LYS A 268 -15.30 -19.58 11.23
C LYS A 268 -14.92 -18.18 11.70
N PRO A 269 -15.93 -17.35 11.92
CA PRO A 269 -15.71 -16.02 12.50
C PRO A 269 -15.40 -16.12 13.98
N LEU A 270 -14.83 -15.04 14.54
CA LEU A 270 -14.61 -14.95 15.97
C LEU A 270 -15.54 -13.92 16.61
N THR A 271 -15.99 -14.21 17.82
CA THR A 271 -16.95 -13.36 18.51
C THR A 271 -16.35 -12.79 19.80
N LEU A 272 -16.55 -11.50 20.01
CA LEU A 272 -16.03 -10.82 21.20
C LEU A 272 -17.15 -10.25 22.05
N ARG A 273 -17.03 -10.40 23.36
CA ARG A 273 -17.99 -9.82 24.29
C ARG A 273 -17.30 -9.29 25.54
N TRP A 274 -18.02 -8.48 26.31
CA TRP A 274 -17.50 -7.93 27.55
C TRP A 274 -18.54 -8.01 28.67
N ILE B 1 7.15 -12.39 -12.26
CA ILE B 1 7.84 -11.70 -13.35
C ILE B 1 7.03 -10.53 -13.87
N LEU B 2 7.71 -9.57 -14.48
CA LEU B 2 7.06 -8.33 -14.93
C LEU B 2 7.30 -8.09 -16.41
N ASP B 3 6.63 -7.09 -16.97
CA ASP B 3 6.55 -6.92 -18.41
C ASP B 3 7.83 -6.32 -18.98
N THR B 4 8.03 -6.49 -20.28
CA THR B 4 9.18 -5.91 -20.95
C THR B 4 8.88 -4.51 -21.46
N ALA B 5 9.91 -3.81 -21.91
CA ALA B 5 9.75 -2.48 -22.48
C ALA B 5 9.04 -2.53 -23.82
N GLY B 6 7.95 -1.77 -23.95
CA GLY B 6 7.19 -1.72 -25.19
C GLY B 6 6.93 -0.29 -25.62
N LYS B 7 5.74 -0.04 -26.15
CA LYS B 7 5.37 1.30 -26.60
C LYS B 7 4.57 2.04 -25.53
N GLU B 8 5.24 2.38 -24.44
CA GLU B 8 4.60 3.09 -23.34
C GLU B 8 4.93 4.59 -23.38
N GLU B 9 5.53 5.02 -24.49
CA GLU B 9 5.86 6.43 -24.68
C GLU B 9 4.61 7.24 -25.05
N TYR B 10 4.50 8.42 -24.46
CA TYR B 10 3.36 9.30 -24.73
C TYR B 10 3.56 10.09 -26.02
N MET C 1 -2.14 20.57 -11.41
CA MET C 1 -1.71 19.59 -10.42
C MET C 1 -2.52 19.71 -9.13
N ILE C 2 -2.82 18.58 -8.52
CA ILE C 2 -3.50 18.56 -7.23
C ILE C 2 -2.63 17.92 -6.16
N GLN C 3 -2.96 18.19 -4.90
CA GLN C 3 -2.18 17.67 -3.78
C GLN C 3 -3.09 17.05 -2.72
N ARG C 4 -2.53 16.13 -1.94
CA ARG C 4 -3.29 15.44 -0.90
C ARG C 4 -2.54 15.44 0.42
N THR C 5 -3.29 15.53 1.52
CA THR C 5 -2.69 15.61 2.84
C THR C 5 -2.59 14.23 3.50
N PRO C 6 -1.42 13.93 4.05
CA PRO C 6 -1.18 12.62 4.66
C PRO C 6 -2.02 12.42 5.92
N LYS C 7 -2.40 11.18 6.18
CA LYS C 7 -2.83 10.78 7.51
C LYS C 7 -1.71 10.10 8.28
N ILE C 8 -1.67 10.32 9.59
CA ILE C 8 -0.62 9.78 10.43
C ILE C 8 -1.17 8.87 11.51
N GLN C 9 -0.74 7.60 11.49
CA GLN C 9 -1.13 6.65 12.52
C GLN C 9 0.10 6.09 13.24
N VAL C 10 0.15 6.29 14.55
CA VAL C 10 1.27 5.80 15.35
C VAL C 10 0.83 4.71 16.31
N TYR C 11 1.50 3.57 16.25
CA TYR C 11 1.03 2.37 16.95
C TYR C 11 2.17 1.37 17.13
N SER C 12 1.90 0.31 17.90
CA SER C 12 2.82 -0.82 17.97
C SER C 12 2.16 -2.09 17.45
N ARG C 13 2.99 -3.04 17.01
CA ARG C 13 2.48 -4.26 16.39
C ARG C 13 1.67 -5.09 17.37
N HIS C 14 1.95 -4.91 18.66
CA HIS C 14 1.12 -5.51 19.71
C HIS C 14 1.00 -4.58 20.90
N PRO C 15 -0.07 -4.76 21.68
CA PRO C 15 -0.35 -3.89 22.82
C PRO C 15 0.87 -3.77 23.73
N ALA C 16 1.14 -2.54 24.18
CA ALA C 16 2.37 -2.25 24.92
C ALA C 16 2.44 -3.07 26.21
N GLU C 17 3.65 -3.51 26.56
CA GLU C 17 3.89 -4.10 27.86
C GLU C 17 5.31 -3.82 28.33
N ASN C 18 5.44 -3.34 29.57
CA ASN C 18 6.72 -2.84 30.07
C ASN C 18 7.79 -3.92 30.00
N GLY C 19 8.84 -3.64 29.24
CA GLY C 19 10.01 -4.52 29.21
C GLY C 19 9.89 -5.55 28.08
N LYS C 20 8.71 -5.63 27.49
CA LYS C 20 8.45 -6.62 26.45
C LYS C 20 8.75 -6.06 25.06
N SER C 21 9.76 -6.61 24.41
CA SER C 21 10.24 -6.10 23.13
C SER C 21 9.06 -5.81 22.20
N ASN C 22 9.14 -4.67 21.51
CA ASN C 22 8.07 -4.25 20.61
C ASN C 22 8.63 -3.46 19.44
N PHE C 23 7.77 -3.20 18.45
CA PHE C 23 8.14 -2.38 17.31
C PHE C 23 7.24 -1.16 17.18
N LEU C 24 7.84 0.01 17.07
CA LEU C 24 7.09 1.26 16.94
C LEU C 24 6.82 1.59 15.48
N ASN C 25 5.53 1.65 15.12
CA ASN C 25 5.14 1.88 13.74
C ASN C 25 4.63 3.30 13.54
N CYS C 26 4.93 3.88 12.38
CA CYS C 26 4.24 5.08 11.92
C CYS C 26 3.78 4.93 10.48
N TYR C 27 2.47 4.79 10.30
CA TYR C 27 1.91 4.55 8.97
C TYR C 27 1.35 5.83 8.36
N VAL C 28 1.94 6.25 7.24
CA VAL C 28 1.55 7.49 6.59
C VAL C 28 1.06 7.26 5.17
N SER C 29 -0.17 7.69 4.90
CA SER C 29 -0.85 7.34 3.66
C SER C 29 -1.76 8.47 3.19
N GLY C 30 -2.04 8.49 1.90
CA GLY C 30 -3.14 9.31 1.36
C GLY C 30 -2.64 10.70 0.99
N PHE C 31 -1.38 10.80 0.64
CA PHE C 31 -0.75 12.09 0.37
C PHE C 31 -0.25 12.18 -1.07
N HIS C 32 -0.04 13.40 -1.54
CA HIS C 32 0.41 13.62 -2.92
C HIS C 32 0.86 15.06 -3.13
N PRO C 33 2.04 15.23 -3.69
CA PRO C 33 2.76 14.13 -4.31
C PRO C 33 3.63 13.39 -3.30
N SER C 34 4.67 12.71 -3.81
CA SER C 34 5.46 11.81 -2.98
C SER C 34 6.36 12.58 -2.04
N ASP C 35 6.42 13.89 -2.21
CA ASP C 35 7.36 14.73 -1.47
C ASP C 35 6.97 14.82 0.00
N ILE C 36 7.42 13.85 0.79
CA ILE C 36 7.00 13.74 2.18
C ILE C 36 8.18 13.36 3.07
N GLU C 37 8.18 13.86 4.30
CA GLU C 37 9.17 13.48 5.30
C GLU C 37 8.51 12.83 6.51
N VAL C 38 8.97 11.64 6.87
CA VAL C 38 8.44 10.92 8.02
C VAL C 38 9.54 10.46 8.96
N ASP C 39 9.43 10.86 10.22
CA ASP C 39 10.44 10.54 11.21
C ASP C 39 9.80 10.06 12.52
N LEU C 40 10.48 9.16 13.21
CA LEU C 40 10.04 8.71 14.52
C LEU C 40 10.74 9.48 15.64
N LEU C 41 10.01 9.78 16.70
CA LEU C 41 10.54 10.56 17.81
C LEU C 41 10.65 9.73 19.08
N LYS C 42 11.65 10.02 19.89
CA LYS C 42 11.66 9.60 21.29
C LYS C 42 11.89 10.78 22.22
N ASN C 43 10.89 11.09 23.05
CA ASN C 43 10.94 12.27 23.89
C ASN C 43 11.20 13.52 23.07
N GLY C 44 10.68 13.55 21.85
CA GLY C 44 10.73 14.75 21.01
C GLY C 44 11.96 14.74 20.12
N GLU C 45 12.89 13.84 20.41
CA GLU C 45 14.14 13.76 19.66
C GLU C 45 14.05 12.71 18.55
N ARG C 46 14.64 13.02 17.41
CA ARG C 46 14.61 12.11 16.26
C ARG C 46 15.32 10.80 16.58
N ILE C 47 14.72 9.68 16.18
CA ILE C 47 15.38 8.39 16.23
C ILE C 47 16.13 8.10 14.94
N GLU C 48 17.42 7.83 15.06
CA GLU C 48 18.28 7.64 13.90
C GLU C 48 18.14 6.22 13.34
N LYS C 49 18.01 5.25 14.23
CA LYS C 49 17.99 3.84 13.84
C LYS C 49 16.59 3.41 13.43
N VAL C 50 16.14 3.89 12.27
CA VAL C 50 14.77 3.64 11.81
C VAL C 50 14.77 3.06 10.40
N GLU C 51 13.93 2.05 10.19
CA GLU C 51 13.74 1.48 8.86
C GLU C 51 12.39 1.87 8.29
N HIS C 52 12.20 1.60 7.00
CA HIS C 52 10.97 1.95 6.31
C HIS C 52 10.70 1.01 5.14
N SER C 53 9.46 1.00 4.68
CA SER C 53 9.09 0.25 3.48
C SER C 53 9.42 1.05 2.21
N ASP C 54 9.31 0.40 1.06
CA ASP C 54 9.41 1.08 -0.22
C ASP C 54 8.13 1.84 -0.55
N LEU C 55 8.28 3.00 -1.19
CA LEU C 55 7.14 3.85 -1.50
C LEU C 55 6.23 3.19 -2.52
N SER C 56 4.93 3.17 -2.23
CA SER C 56 3.93 2.69 -3.18
C SER C 56 2.74 3.64 -3.26
N PHE C 57 1.83 3.34 -4.19
CA PHE C 57 0.59 4.11 -4.30
C PHE C 57 -0.60 3.20 -4.59
N SER C 58 -1.79 3.69 -4.29
CA SER C 58 -2.99 2.86 -4.37
C SER C 58 -3.81 3.20 -5.61
N LYS C 59 -5.04 2.70 -5.66
CA LYS C 59 -5.88 2.85 -6.84
C LYS C 59 -6.19 4.32 -7.10
N ASP C 60 -6.26 5.11 -6.03
CA ASP C 60 -6.55 6.53 -6.15
C ASP C 60 -5.28 7.34 -6.33
N TRP C 61 -4.17 6.64 -6.59
CA TRP C 61 -2.92 7.29 -6.96
C TRP C 61 -2.33 8.06 -5.80
N SER C 62 -2.89 7.87 -4.61
CA SER C 62 -2.32 8.41 -3.39
C SER C 62 -1.14 7.58 -2.92
N PHE C 63 -0.18 8.23 -2.25
CA PHE C 63 1.03 7.55 -1.81
C PHE C 63 0.91 7.08 -0.38
N TYR C 64 1.62 6.01 -0.05
CA TYR C 64 1.72 5.54 1.32
C TYR C 64 3.06 4.85 1.58
N LEU C 65 3.51 4.90 2.83
CA LEU C 65 4.70 4.16 3.24
C LEU C 65 4.73 3.96 4.75
N LEU C 66 5.45 2.92 5.19
CA LEU C 66 5.54 2.61 6.61
C LEU C 66 6.95 2.91 7.14
N TYR C 67 7.01 3.57 8.29
CA TYR C 67 8.23 3.61 9.08
C TYR C 67 8.09 2.80 10.36
N TYR C 68 9.19 2.19 10.79
CA TYR C 68 9.18 1.35 11.99
C TYR C 68 10.56 1.29 12.63
N THR C 69 10.59 1.04 13.93
CA THR C 69 11.85 0.74 14.62
C THR C 69 11.60 -0.14 15.84
N GLU C 70 12.62 -0.89 16.23
CA GLU C 70 12.56 -1.73 17.42
C GLU C 70 12.86 -0.92 18.68
N PHE C 71 12.08 -1.16 19.72
CA PHE C 71 12.27 -0.48 21.00
C PHE C 71 11.79 -1.32 22.16
N THR C 72 12.10 -0.88 23.37
CA THR C 72 11.56 -1.51 24.57
C THR C 72 10.54 -0.60 25.28
N PRO C 73 9.29 -1.03 25.30
CA PRO C 73 8.24 -0.26 25.93
C PRO C 73 8.58 0.07 27.38
N THR C 74 8.31 1.30 27.79
CA THR C 74 8.56 1.74 29.15
C THR C 74 7.47 2.68 29.64
N GLU C 75 7.66 3.22 30.84
CA GLU C 75 6.71 4.16 31.42
C GLU C 75 7.33 5.56 31.52
N LYS C 76 8.64 5.64 31.33
CA LYS C 76 9.36 6.90 31.47
C LYS C 76 9.35 7.67 30.15
N ASP C 77 9.70 7.00 29.07
CA ASP C 77 9.90 7.65 27.78
C ASP C 77 8.60 7.68 26.98
N GLU C 78 8.42 8.73 26.19
CA GLU C 78 7.30 8.81 25.26
C GLU C 78 7.77 8.71 23.81
N TYR C 79 6.93 8.13 22.96
CA TYR C 79 7.25 7.98 21.55
C TYR C 79 6.21 8.67 20.68
N ALA C 80 6.62 9.11 19.50
CA ALA C 80 5.74 9.82 18.58
C ALA C 80 6.23 9.71 17.14
N CYS C 81 5.46 10.27 16.22
CA CYS C 81 5.88 10.36 14.82
C CYS C 81 5.62 11.75 14.25
N ARG C 82 6.58 12.26 13.50
CA ARG C 82 6.46 13.58 12.89
C ARG C 82 6.47 13.49 11.37
N VAL C 83 5.51 14.17 10.75
CA VAL C 83 5.37 14.13 9.29
C VAL C 83 5.29 15.53 8.71
N ASN C 84 6.09 15.78 7.67
CA ASN C 84 6.04 17.04 6.95
C ASN C 84 5.53 16.85 5.53
N HIS C 85 4.77 17.82 5.04
CA HIS C 85 4.23 17.77 3.69
C HIS C 85 3.84 19.16 3.20
N VAL C 86 3.84 19.34 1.88
CA VAL C 86 3.66 20.66 1.28
C VAL C 86 2.25 21.19 1.51
N THR C 87 1.33 20.28 1.85
CA THR C 87 -0.04 20.67 2.14
C THR C 87 -0.23 20.96 3.63
N LEU C 88 0.84 20.82 4.39
CA LEU C 88 0.80 21.05 5.83
C LEU C 88 1.47 22.37 6.20
N SER C 89 0.68 23.34 6.62
CA SER C 89 1.20 24.61 7.08
C SER C 89 1.98 24.45 8.39
N GLN C 90 1.73 23.34 9.07
CA GLN C 90 2.46 23.02 10.30
C GLN C 90 2.74 21.52 10.40
N PRO C 91 3.97 21.19 10.78
CA PRO C 91 4.36 19.79 10.95
C PRO C 91 3.36 19.05 11.85
N LYS C 92 2.97 17.85 11.41
CA LYS C 92 2.05 17.04 12.19
C LYS C 92 2.79 16.09 13.11
N ILE C 93 2.42 16.09 14.39
CA ILE C 93 3.02 15.18 15.36
C ILE C 93 1.95 14.35 16.07
N VAL C 94 2.09 13.03 16.03
CA VAL C 94 1.15 12.14 16.68
C VAL C 94 1.83 11.30 17.75
N LYS C 95 1.23 11.25 18.93
CA LYS C 95 1.81 10.52 20.05
C LYS C 95 1.47 9.03 19.96
N TRP C 96 2.43 8.19 20.35
CA TRP C 96 2.19 6.75 20.42
C TRP C 96 1.21 6.42 21.54
N ASP C 97 0.19 5.63 21.20
CA ASP C 97 -0.80 5.19 22.18
C ASP C 97 -0.53 3.75 22.60
N ARG C 98 -0.17 3.58 23.87
CA ARG C 98 0.21 2.26 24.39
C ARG C 98 -0.92 1.26 24.22
N ASP C 99 -2.15 1.76 24.22
CA ASP C 99 -3.32 0.89 24.23
C ASP C 99 -4.01 0.88 22.86
N MET C 100 -3.28 1.31 21.84
CA MET C 100 -3.79 1.29 20.47
C MET C 100 -2.66 1.41 19.46
N GLY A 1 -8.69 -18.89 -2.81
CA GLY A 1 -9.46 -18.73 -4.03
C GLY A 1 -8.62 -18.11 -5.14
N SER A 2 -9.07 -16.99 -5.67
CA SER A 2 -8.31 -16.25 -6.67
C SER A 2 -7.13 -15.53 -6.04
N HIS A 3 -6.18 -15.12 -6.89
CA HIS A 3 -5.02 -14.37 -6.42
C HIS A 3 -4.70 -13.22 -7.36
N SER A 4 -4.08 -12.17 -6.81
CA SER A 4 -3.76 -10.98 -7.60
C SER A 4 -2.25 -10.76 -7.67
N MET A 5 -1.79 -10.33 -8.84
CA MET A 5 -0.42 -9.82 -8.97
C MET A 5 -0.43 -8.37 -9.44
N ARG A 6 0.39 -7.54 -8.79
CA ARG A 6 0.43 -6.12 -9.09
C ARG A 6 1.86 -5.61 -9.16
N TYR A 7 2.10 -4.63 -10.02
CA TYR A 7 3.35 -3.89 -10.01
C TYR A 7 3.09 -2.38 -10.08
N PHE A 8 3.78 -1.63 -9.22
CA PHE A 8 3.58 -0.19 -9.14
C PHE A 8 4.85 0.57 -9.48
N PHE A 9 4.75 1.50 -10.42
CA PHE A 9 5.92 2.25 -10.89
C PHE A 9 5.68 3.75 -10.77
N THR A 10 6.63 4.45 -10.15
CA THR A 10 6.54 5.89 -10.00
C THR A 10 7.83 6.57 -10.44
N SER A 11 7.68 7.70 -11.14
CA SER A 11 8.83 8.54 -11.48
C SER A 11 8.59 9.98 -11.07
N VAL A 12 9.52 10.53 -10.29
CA VAL A 12 9.36 11.87 -9.73
C VAL A 12 10.48 12.79 -10.18
N SER A 13 10.10 13.93 -10.76
CA SER A 13 11.08 14.87 -11.29
C SER A 13 11.99 15.41 -10.19
N ARG A 14 13.24 15.71 -10.55
CA ARG A 14 14.18 16.29 -9.61
C ARG A 14 15.05 17.34 -10.29
N PRO A 15 14.48 18.51 -10.52
CA PRO A 15 15.20 19.61 -11.15
C PRO A 15 16.50 19.92 -10.42
N GLY A 16 17.58 20.09 -11.17
CA GLY A 16 18.88 20.40 -10.58
C GLY A 16 19.53 19.16 -9.98
N ARG A 17 18.83 18.55 -9.03
CA ARG A 17 19.41 17.46 -8.25
C ARG A 17 19.40 16.14 -9.03
N GLY A 18 20.19 16.08 -10.09
CA GLY A 18 20.36 14.84 -10.85
C GLY A 18 19.11 14.51 -11.65
N GLU A 19 18.93 13.23 -11.94
CA GLU A 19 17.81 12.78 -12.77
C GLU A 19 16.61 12.39 -11.92
N PRO A 20 15.43 12.45 -12.51
CA PRO A 20 14.21 12.05 -11.82
C PRO A 20 14.35 10.66 -11.22
N ARG A 21 13.80 10.48 -10.01
CA ARG A 21 13.90 9.21 -9.31
C ARG A 21 12.87 8.22 -9.84
N PHE A 22 13.27 6.95 -9.93
CA PHE A 22 12.37 5.90 -10.39
C PHE A 22 12.23 4.81 -9.33
N ILE A 23 11.00 4.53 -8.94
CA ILE A 23 10.71 3.52 -7.93
C ILE A 23 9.76 2.45 -8.47
N ALA A 24 10.09 1.19 -8.21
CA ALA A 24 9.26 0.08 -8.64
C ALA A 24 9.10 -0.95 -7.53
N VAL A 25 7.86 -1.31 -7.23
CA VAL A 25 7.57 -2.32 -6.22
C VAL A 25 6.55 -3.34 -6.73
N GLY A 26 6.86 -4.61 -6.55
CA GLY A 26 5.98 -5.69 -6.99
C GLY A 26 5.28 -6.34 -5.81
N TYR A 27 4.03 -6.76 -6.01
CA TYR A 27 3.27 -7.44 -4.97
C TYR A 27 2.66 -8.73 -5.49
N VAL A 28 2.60 -9.75 -4.63
CA VAL A 28 1.64 -10.83 -4.79
C VAL A 28 0.61 -10.81 -3.66
N ASP A 29 -0.64 -10.54 -4.01
CA ASP A 29 -1.65 -10.17 -3.02
C ASP A 29 -1.13 -9.06 -2.11
N ASP A 30 -0.90 -9.40 -0.84
CA ASP A 30 -0.54 -8.41 0.17
C ASP A 30 0.97 -8.37 0.40
N THR A 31 1.69 -9.24 -0.32
CA THR A 31 3.10 -9.47 -0.04
C THR A 31 3.99 -8.82 -1.08
N GLN A 32 4.92 -7.99 -0.63
CA GLN A 32 6.00 -7.52 -1.48
C GLN A 32 7.10 -8.57 -1.61
N PHE A 33 7.54 -8.81 -2.84
CA PHE A 33 8.43 -9.93 -3.13
C PHE A 33 9.57 -9.51 -4.04
N VAL A 34 9.43 -8.35 -4.66
CA VAL A 34 10.52 -7.74 -5.41
C VAL A 34 10.55 -6.24 -5.23
N ARG A 35 11.73 -5.64 -5.40
CA ARG A 35 11.87 -4.19 -5.34
C ARG A 35 12.89 -3.69 -6.36
N PHE A 36 12.80 -2.41 -6.69
CA PHE A 36 13.84 -1.76 -7.47
C PHE A 36 13.83 -0.25 -7.23
N ASP A 37 15.03 0.34 -7.18
CA ASP A 37 15.16 1.77 -6.91
C ASP A 37 16.36 2.36 -7.65
N SER A 38 16.11 3.41 -8.43
CA SER A 38 17.14 4.02 -9.25
C SER A 38 18.26 4.59 -8.39
N ASP A 39 17.97 4.81 -7.11
CA ASP A 39 18.97 5.31 -6.18
C ASP A 39 19.55 4.19 -5.33
N ALA A 40 19.28 2.95 -5.73
CA ALA A 40 19.81 1.79 -5.04
C ALA A 40 21.33 1.73 -5.16
N ALA A 41 21.98 1.22 -4.12
CA ALA A 41 23.43 0.99 -4.16
C ALA A 41 23.79 -0.03 -5.24
N SER A 42 22.92 -1.01 -5.43
CA SER A 42 23.20 -2.11 -6.36
C SER A 42 22.87 -1.71 -7.79
N GLN A 43 21.93 -0.79 -7.94
CA GLN A 43 21.45 -0.40 -9.25
C GLN A 43 20.88 -1.59 -10.02
N LYS A 44 20.47 -2.62 -9.28
CA LYS A 44 19.88 -3.80 -9.88
C LYS A 44 18.57 -4.16 -9.20
N MET A 45 17.76 -4.97 -9.88
CA MET A 45 16.57 -5.56 -9.28
C MET A 45 16.94 -6.45 -8.10
N GLU A 46 16.16 -6.37 -7.02
CA GLU A 46 16.40 -7.16 -5.83
C GLU A 46 15.15 -7.92 -5.40
N PRO A 47 15.34 -9.15 -4.95
CA PRO A 47 14.24 -9.92 -4.36
C PRO A 47 13.93 -9.44 -2.95
N ARG A 48 12.73 -9.77 -2.47
CA ARG A 48 12.41 -9.67 -1.05
C ARG A 48 11.92 -11.00 -0.50
N ALA A 49 11.25 -11.77 -1.34
CA ALA A 49 10.64 -13.03 -0.91
C ALA A 49 11.62 -14.19 -1.04
N PRO A 50 11.67 -15.03 -0.02
CA PRO A 50 12.53 -16.21 -0.04
C PRO A 50 12.33 -17.02 -1.31
N TRP A 51 11.07 -17.11 -1.75
CA TRP A 51 10.69 -18.12 -2.73
C TRP A 51 10.93 -17.63 -4.15
N ILE A 52 11.50 -16.43 -4.26
CA ILE A 52 11.91 -15.90 -5.56
C ILE A 52 13.42 -15.66 -5.60
N GLU A 53 14.10 -16.01 -4.51
CA GLU A 53 15.55 -15.87 -4.44
C GLU A 53 16.26 -16.96 -5.22
N GLN A 54 15.47 -17.87 -5.79
CA GLN A 54 16.01 -18.97 -6.57
C GLN A 54 16.11 -18.59 -8.05
N GLU A 55 15.61 -17.41 -8.39
CA GLU A 55 15.71 -16.90 -9.75
C GLU A 55 17.09 -16.34 -10.04
N GLY A 56 17.63 -16.68 -11.20
CA GLY A 56 18.97 -16.26 -11.57
C GLY A 56 18.94 -15.00 -12.43
N PRO A 57 20.07 -14.66 -13.04
CA PRO A 57 20.18 -13.47 -13.87
C PRO A 57 19.33 -13.59 -15.12
N GLU A 58 18.93 -14.82 -15.44
CA GLU A 58 18.12 -15.08 -16.62
C GLU A 58 16.80 -14.32 -16.57
N TYR A 59 16.45 -13.85 -15.37
CA TYR A 59 15.31 -12.95 -15.20
C TYR A 59 15.77 -11.57 -14.75
N TRP A 60 16.57 -11.53 -13.69
CA TRP A 60 16.80 -10.29 -12.97
C TRP A 60 17.51 -9.26 -13.83
N ASP A 61 18.47 -9.73 -14.62
CA ASP A 61 19.32 -8.84 -15.42
C ASP A 61 18.52 -8.18 -16.53
N GLN A 62 17.67 -8.96 -17.20
CA GLN A 62 16.80 -8.44 -18.24
C GLN A 62 15.72 -7.54 -17.66
N GLU A 63 15.15 -7.96 -16.53
CA GLU A 63 14.12 -7.18 -15.86
C GLU A 63 14.65 -5.83 -15.38
N THR A 64 15.89 -5.84 -14.89
CA THR A 64 16.57 -4.61 -14.51
C THR A 64 16.70 -3.66 -15.70
N ARG A 65 17.12 -4.19 -16.83
CA ARG A 65 17.23 -3.41 -18.06
C ARG A 65 15.86 -2.90 -18.51
N ASN A 66 14.84 -3.74 -18.35
CA ASN A 66 13.48 -3.38 -18.70
C ASN A 66 12.97 -2.21 -17.87
N MET A 67 13.23 -2.27 -16.56
CA MET A 67 12.82 -1.22 -15.65
C MET A 67 13.59 0.07 -15.92
N LYS A 68 14.84 -0.07 -16.35
CA LYS A 68 15.61 1.06 -16.84
C LYS A 68 14.95 1.70 -18.05
N ALA A 69 14.50 0.86 -18.98
CA ALA A 69 13.77 1.34 -20.15
C ALA A 69 12.48 2.04 -19.74
N HIS A 70 11.80 1.49 -18.75
CA HIS A 70 10.61 2.12 -18.19
C HIS A 70 10.93 3.49 -17.60
N SER A 71 12.02 3.56 -16.84
CA SER A 71 12.46 4.81 -16.24
C SER A 71 12.75 5.86 -17.32
N GLN A 72 13.49 5.46 -18.35
CA GLN A 72 13.83 6.37 -19.44
C GLN A 72 12.59 6.90 -20.14
N THR A 73 11.61 6.02 -20.33
CA THR A 73 10.36 6.40 -20.98
C THR A 73 9.57 7.37 -20.10
N ASP A 74 9.45 7.05 -18.82
CA ASP A 74 8.71 7.88 -17.88
C ASP A 74 9.30 9.28 -17.80
N ARG A 75 10.63 9.35 -17.76
CA ARG A 75 11.34 10.63 -17.74
C ARG A 75 11.03 11.44 -19.00
N ALA A 76 11.05 10.77 -20.14
CA ALA A 76 10.68 11.41 -21.41
C ALA A 76 9.24 11.90 -21.37
N ASN A 77 8.36 11.09 -20.79
CA ASN A 77 6.94 11.43 -20.71
C ASN A 77 6.72 12.66 -19.85
N LEU A 78 7.43 12.73 -18.73
CA LEU A 78 7.33 13.87 -17.83
C LEU A 78 7.71 15.17 -18.53
N GLY A 79 8.80 15.14 -19.28
CA GLY A 79 9.22 16.28 -20.08
C GLY A 79 8.22 16.59 -21.18
N THR A 80 7.74 15.54 -21.84
CA THR A 80 6.81 15.71 -22.96
C THR A 80 5.50 16.33 -22.51
N LEU A 81 4.97 15.84 -21.39
CA LEU A 81 3.71 16.33 -20.86
C LEU A 81 3.81 17.79 -20.45
N ARG A 82 4.95 18.16 -19.86
CA ARG A 82 5.24 19.55 -19.57
C ARG A 82 5.10 20.42 -20.81
N GLY A 83 5.59 19.92 -21.93
CA GLY A 83 5.41 20.59 -23.22
C GLY A 83 3.93 20.69 -23.58
N TYR A 84 3.23 19.56 -23.51
CA TYR A 84 1.84 19.50 -23.93
C TYR A 84 0.99 20.55 -23.21
N TYR A 85 1.25 20.73 -21.93
CA TYR A 85 0.42 21.60 -21.10
C TYR A 85 1.09 22.94 -20.88
N ASN A 86 2.15 23.21 -21.64
CA ASN A 86 2.83 24.49 -21.59
C ASN A 86 3.15 24.90 -20.16
N GLN A 87 3.72 23.97 -19.40
CA GLN A 87 4.02 24.21 -17.99
C GLN A 87 5.44 24.74 -17.82
N SER A 88 5.68 25.42 -16.72
CA SER A 88 6.98 26.04 -16.46
C SER A 88 8.07 24.98 -16.31
N GLU A 89 9.25 25.28 -16.82
CA GLU A 89 10.38 24.37 -16.71
C GLU A 89 10.84 24.23 -15.27
N ASP A 90 10.45 25.18 -14.43
CA ASP A 90 10.88 25.21 -13.04
C ASP A 90 9.92 24.44 -12.14
N GLY A 91 8.87 23.89 -12.75
CA GLY A 91 7.84 23.17 -12.00
C GLY A 91 8.26 21.72 -11.74
N SER A 92 7.51 21.05 -10.89
CA SER A 92 7.72 19.62 -10.65
C SER A 92 6.57 18.79 -11.19
N HIS A 93 6.86 17.53 -11.50
CA HIS A 93 5.85 16.63 -12.05
C HIS A 93 6.00 15.22 -11.51
N THR A 94 4.89 14.49 -11.43
CA THR A 94 4.93 13.08 -11.06
C THR A 94 4.10 12.23 -12.01
N ILE A 95 4.65 11.11 -12.44
CA ILE A 95 3.92 10.15 -13.27
C ILE A 95 3.80 8.80 -12.57
N GLN A 96 2.62 8.22 -12.64
CA GLN A 96 2.34 6.96 -11.94
C GLN A 96 1.77 5.92 -12.90
N ILE A 97 2.40 4.75 -12.93
CA ILE A 97 1.94 3.65 -13.78
C ILE A 97 1.85 2.35 -13.00
N MET A 98 0.74 1.64 -13.18
CA MET A 98 0.57 0.33 -12.56
C MET A 98 -0.06 -0.67 -13.52
N TYR A 99 0.29 -1.94 -13.35
CA TYR A 99 -0.35 -3.02 -14.11
C TYR A 99 -0.29 -4.33 -13.34
N GLY A 100 -1.08 -5.30 -13.77
CA GLY A 100 -1.12 -6.61 -13.13
C GLY A 100 -2.28 -7.45 -13.65
N CYS A 101 -2.53 -8.58 -13.00
CA CYS A 101 -3.54 -9.53 -13.46
C CYS A 101 -4.15 -10.28 -12.29
N ASP A 102 -5.39 -10.71 -12.47
CA ASP A 102 -6.03 -11.63 -11.53
C ASP A 102 -6.15 -13.03 -12.12
N VAL A 103 -5.91 -14.03 -11.29
CA VAL A 103 -6.09 -15.43 -11.71
C VAL A 103 -7.01 -16.17 -10.75
N GLY A 104 -7.66 -17.21 -11.26
CA GLY A 104 -8.49 -18.07 -10.43
C GLY A 104 -7.65 -19.07 -9.65
N PRO A 105 -8.30 -19.90 -8.85
CA PRO A 105 -7.61 -20.90 -8.05
C PRO A 105 -6.93 -21.94 -8.93
N ASP A 106 -7.38 -22.03 -10.19
CA ASP A 106 -6.80 -22.97 -11.14
C ASP A 106 -5.78 -22.28 -12.03
N GLY A 107 -5.45 -21.04 -11.70
CA GLY A 107 -4.47 -20.27 -12.45
C GLY A 107 -5.09 -19.64 -13.69
N ARG A 108 -6.38 -19.85 -13.87
CA ARG A 108 -7.09 -19.33 -15.03
C ARG A 108 -7.08 -17.81 -15.05
N PHE A 109 -6.75 -17.24 -16.21
CA PHE A 109 -6.75 -15.79 -16.38
C PHE A 109 -8.16 -15.21 -16.18
N LEU A 110 -8.27 -14.22 -15.30
CA LEU A 110 -9.54 -13.56 -15.06
C LEU A 110 -9.56 -12.17 -15.67
N ARG A 111 -8.67 -11.30 -15.20
CA ARG A 111 -8.70 -9.88 -15.57
C ARG A 111 -7.29 -9.32 -15.71
N GLY A 112 -7.09 -8.45 -16.70
CA GLY A 112 -5.87 -7.68 -16.81
C GLY A 112 -6.06 -6.26 -16.31
N TYR A 113 -4.96 -5.64 -15.86
CA TYR A 113 -5.01 -4.27 -15.39
C TYR A 113 -3.86 -3.45 -15.97
N ARG A 114 -4.16 -2.23 -16.40
CA ARG A 114 -3.14 -1.24 -16.70
C ARG A 114 -3.71 0.17 -16.67
N GLN A 115 -3.11 1.03 -15.86
CA GLN A 115 -3.57 2.41 -15.73
C GLN A 115 -2.40 3.36 -15.54
N ASP A 116 -2.50 4.54 -16.13
CA ASP A 116 -1.53 5.61 -15.90
C ASP A 116 -2.19 6.83 -15.24
N ALA A 117 -1.38 7.63 -14.56
CA ALA A 117 -1.84 8.90 -14.02
C ALA A 117 -0.75 9.96 -14.07
N TYR A 118 -1.14 11.22 -14.02
CA TYR A 118 -0.20 12.32 -14.13
C TYR A 118 -0.56 13.45 -13.17
N ASP A 119 0.35 13.79 -12.26
CA ASP A 119 0.14 14.88 -11.32
C ASP A 119 -1.19 14.75 -10.61
N GLY A 120 -1.56 13.51 -10.28
CA GLY A 120 -2.69 13.26 -9.39
C GLY A 120 -3.96 13.01 -10.18
N LYS A 121 -3.90 13.26 -11.49
CA LYS A 121 -5.07 13.11 -12.35
C LYS A 121 -4.96 11.87 -13.23
N ASP A 122 -6.08 11.17 -13.38
CA ASP A 122 -6.14 10.00 -14.26
C ASP A 122 -5.66 10.36 -15.67
N TYR A 123 -4.86 9.48 -16.26
CA TYR A 123 -4.34 9.70 -17.60
C TYR A 123 -5.00 8.77 -18.60
N ILE A 124 -4.62 7.50 -18.57
CA ILE A 124 -5.21 6.49 -19.44
C ILE A 124 -5.52 5.21 -18.69
N ALA A 125 -6.67 4.61 -18.98
CA ALA A 125 -7.00 3.30 -18.45
C ALA A 125 -7.11 2.26 -19.56
N LEU A 126 -6.73 1.03 -19.27
CA LEU A 126 -6.97 -0.10 -20.16
C LEU A 126 -7.98 -1.07 -19.55
N ASN A 127 -8.98 -1.44 -20.33
CA ASN A 127 -10.06 -2.29 -19.85
C ASN A 127 -9.56 -3.69 -19.52
N GLU A 128 -10.35 -4.43 -18.75
CA GLU A 128 -9.94 -5.73 -18.25
C GLU A 128 -9.75 -6.73 -19.39
N ASP A 129 -10.38 -6.45 -20.52
CA ASP A 129 -10.25 -7.28 -21.70
C ASP A 129 -8.94 -6.99 -22.44
N LEU A 130 -8.29 -5.91 -22.04
CA LEU A 130 -7.01 -5.53 -22.65
C LEU A 130 -7.15 -5.34 -24.16
N ARG A 131 -8.17 -4.59 -24.56
CA ARG A 131 -8.43 -4.36 -25.98
C ARG A 131 -8.55 -2.88 -26.28
N SER A 132 -9.04 -2.12 -25.31
CA SER A 132 -9.52 -0.77 -25.56
C SER A 132 -8.97 0.22 -24.53
N TRP A 133 -8.34 1.28 -25.00
CA TRP A 133 -7.84 2.32 -24.11
C TRP A 133 -8.91 3.38 -23.85
N THR A 134 -8.84 4.00 -22.67
CA THR A 134 -9.69 5.13 -22.34
C THR A 134 -8.86 6.33 -21.91
N ALA A 135 -9.09 7.47 -22.56
CA ALA A 135 -8.41 8.71 -22.22
C ALA A 135 -9.21 9.51 -21.20
N ALA A 136 -8.51 10.06 -20.20
CA ALA A 136 -9.16 10.82 -19.14
C ALA A 136 -8.64 12.24 -19.09
N ASP A 137 -7.92 12.65 -20.13
CA ASP A 137 -7.31 13.97 -20.18
C ASP A 137 -6.94 14.35 -21.61
N MET A 138 -6.59 15.62 -21.81
CA MET A 138 -6.22 16.11 -23.13
C MET A 138 -5.01 15.36 -23.68
N ALA A 139 -3.91 15.37 -22.92
CA ALA A 139 -2.70 14.66 -23.31
C ALA A 139 -2.97 13.17 -23.44
N ALA A 140 -3.89 12.66 -22.64
CA ALA A 140 -4.27 11.24 -22.71
C ALA A 140 -4.88 10.91 -24.05
N GLN A 141 -5.67 11.82 -24.59
CA GLN A 141 -6.28 11.64 -25.91
C GLN A 141 -5.23 11.59 -27.00
N ILE A 142 -4.19 12.41 -26.87
CA ILE A 142 -3.07 12.37 -27.79
C ILE A 142 -2.34 11.03 -27.72
N THR A 143 -2.03 10.60 -26.51
CA THR A 143 -1.35 9.32 -26.31
C THR A 143 -2.24 8.16 -26.74
N LYS A 144 -3.51 8.21 -26.36
CA LYS A 144 -4.45 7.14 -26.69
C LYS A 144 -4.52 6.90 -28.19
N ARG A 145 -4.62 7.99 -28.96
CA ARG A 145 -4.62 7.90 -30.41
C ARG A 145 -3.44 7.08 -30.91
N LYS A 146 -2.25 7.36 -30.38
CA LYS A 146 -1.05 6.64 -30.76
C LYS A 146 -1.15 5.17 -30.36
N TRP A 147 -1.49 4.92 -29.11
CA TRP A 147 -1.49 3.57 -28.56
C TRP A 147 -2.49 2.69 -29.28
N GLU A 148 -3.65 3.25 -29.59
CA GLU A 148 -4.68 2.53 -30.34
C GLU A 148 -4.19 2.17 -31.74
N ALA A 149 -3.55 3.13 -32.40
CA ALA A 149 -3.09 2.94 -33.77
C ALA A 149 -2.10 1.78 -33.85
N VAL A 150 -1.29 1.62 -32.81
CA VAL A 150 -0.24 0.60 -32.81
C VAL A 150 -0.68 -0.62 -32.03
N HIS A 151 -1.92 -0.63 -31.58
CA HIS A 151 -2.47 -1.75 -30.81
C HIS A 151 -1.58 -2.06 -29.61
N ALA A 152 -1.23 -1.03 -28.85
CA ALA A 152 -0.38 -1.19 -27.68
C ALA A 152 -0.97 -2.19 -26.70
N ALA A 153 -2.29 -2.28 -26.68
CA ALA A 153 -3.00 -3.20 -25.80
C ALA A 153 -2.55 -4.64 -26.04
N GLU A 154 -2.14 -4.93 -27.28
CA GLU A 154 -1.71 -6.27 -27.65
C GLU A 154 -0.47 -6.68 -26.87
N GLN A 155 0.45 -5.74 -26.69
CA GLN A 155 1.65 -5.98 -25.89
C GLN A 155 1.31 -6.32 -24.45
N ARG A 156 0.31 -5.62 -23.91
CA ARG A 156 -0.15 -5.87 -22.56
C ARG A 156 -0.83 -7.23 -22.44
N ARG A 157 -1.58 -7.60 -23.47
CA ARG A 157 -2.28 -8.87 -23.50
C ARG A 157 -1.30 -10.03 -23.41
N VAL A 158 -0.25 -9.99 -24.22
CA VAL A 158 0.73 -11.07 -24.27
C VAL A 158 1.32 -11.33 -22.88
N TYR A 159 1.67 -10.27 -22.18
CA TYR A 159 2.17 -10.38 -20.81
C TYR A 159 1.06 -10.79 -19.86
N LEU A 160 0.02 -9.96 -19.77
CA LEU A 160 -0.93 -10.05 -18.67
C LEU A 160 -1.73 -11.36 -18.75
N GLU A 161 -2.02 -11.79 -19.97
CA GLU A 161 -2.78 -13.01 -20.18
C GLU A 161 -1.88 -14.25 -20.06
N GLY A 162 -0.59 -14.05 -20.22
CA GLY A 162 0.35 -15.15 -20.31
C GLY A 162 1.39 -15.09 -19.19
N ARG A 163 2.39 -14.23 -19.37
CA ARG A 163 3.54 -14.21 -18.47
C ARG A 163 3.12 -13.90 -17.04
N CYS A 164 2.22 -12.94 -16.89
CA CYS A 164 1.72 -12.56 -15.57
C CYS A 164 1.01 -13.73 -14.89
N VAL A 165 0.22 -14.46 -15.67
CA VAL A 165 -0.57 -15.57 -15.14
C VAL A 165 0.34 -16.71 -14.68
N ASP A 166 1.27 -17.11 -15.54
CA ASP A 166 2.17 -18.21 -15.24
C ASP A 166 3.17 -17.82 -14.15
N GLY A 167 3.68 -16.59 -14.23
CA GLY A 167 4.56 -16.05 -13.20
C GLY A 167 3.91 -16.14 -11.82
N LEU A 168 2.72 -15.57 -11.70
CA LEU A 168 1.97 -15.62 -10.44
C LEU A 168 1.70 -17.06 -10.03
N ARG A 169 1.22 -17.87 -10.97
CA ARG A 169 0.92 -19.27 -10.70
C ARG A 169 2.11 -19.96 -10.04
N ARG A 170 3.29 -19.83 -10.66
CA ARG A 170 4.49 -20.47 -10.16
C ARG A 170 4.85 -19.94 -8.78
N TYR A 171 4.67 -18.64 -8.58
CA TYR A 171 4.96 -18.01 -7.30
C TYR A 171 4.03 -18.54 -6.20
N LEU A 172 2.76 -18.73 -6.55
CA LEU A 172 1.77 -19.22 -5.60
C LEU A 172 2.13 -20.62 -5.11
N GLU A 173 2.73 -21.42 -5.99
CA GLU A 173 3.21 -22.74 -5.63
C GLU A 173 4.49 -22.66 -4.78
N ASN A 174 5.47 -21.93 -5.30
CA ASN A 174 6.78 -21.85 -4.66
C ASN A 174 6.67 -21.19 -3.28
N GLY A 175 5.76 -20.22 -3.16
CA GLY A 175 5.60 -19.48 -1.92
C GLY A 175 4.31 -19.86 -1.22
N LYS A 176 3.79 -21.04 -1.54
CA LYS A 176 2.50 -21.47 -1.02
C LYS A 176 2.40 -21.25 0.48
N GLU A 177 3.45 -21.64 1.20
CA GLU A 177 3.42 -21.65 2.66
C GLU A 177 3.69 -20.25 3.22
N THR A 178 3.96 -19.30 2.33
CA THR A 178 4.22 -17.93 2.73
C THR A 178 3.16 -16.99 2.19
N LEU A 179 2.45 -17.43 1.16
CA LEU A 179 1.46 -16.59 0.49
C LEU A 179 0.03 -16.99 0.88
N GLN A 180 -0.23 -18.29 0.85
CA GLN A 180 -1.56 -18.81 1.14
C GLN A 180 -1.71 -19.15 2.62
N ARG A 181 -0.69 -18.80 3.41
CA ARG A 181 -0.76 -18.99 4.85
C ARG A 181 -1.93 -18.23 5.46
N THR A 182 -2.38 -18.68 6.63
CA THR A 182 -3.41 -17.98 7.37
C THR A 182 -2.93 -17.61 8.78
N ASP A 183 -3.44 -16.50 9.29
CA ASP A 183 -3.16 -16.12 10.67
C ASP A 183 -4.37 -15.42 11.30
N PRO A 184 -4.99 -16.08 12.26
CA PRO A 184 -6.19 -15.56 12.90
C PRO A 184 -5.86 -14.39 13.82
N PRO A 185 -6.81 -13.47 13.97
CA PRO A 185 -6.61 -12.28 14.78
C PRO A 185 -6.53 -12.62 16.26
N LYS A 186 -5.73 -11.86 17.00
CA LYS A 186 -5.63 -12.04 18.44
C LYS A 186 -6.76 -11.31 19.17
N THR A 187 -7.97 -11.85 19.05
CA THR A 187 -9.17 -11.09 19.37
C THR A 187 -9.27 -10.80 20.87
N HIS A 188 -9.68 -9.59 21.21
CA HIS A 188 -10.04 -9.26 22.58
C HIS A 188 -10.82 -7.95 22.65
N MET A 189 -11.53 -7.75 23.75
CA MET A 189 -12.34 -6.55 23.94
C MET A 189 -11.99 -5.84 25.24
N THR A 190 -11.97 -4.51 25.19
CA THR A 190 -11.67 -3.70 26.37
C THR A 190 -12.77 -2.67 26.63
N HIS A 191 -12.87 -2.23 27.87
CA HIS A 191 -13.89 -1.25 28.25
C HIS A 191 -13.25 0.07 28.66
N HIS A 192 -13.72 1.16 28.06
CA HIS A 192 -13.12 2.47 28.26
C HIS A 192 -14.17 3.52 28.63
N PRO A 193 -14.41 3.69 29.92
CA PRO A 193 -15.37 4.67 30.40
C PRO A 193 -15.01 6.07 29.90
N ILE A 194 -16.04 6.86 29.60
CA ILE A 194 -15.84 8.23 29.15
C ILE A 194 -16.26 9.23 30.22
N SER A 195 -17.45 9.01 30.79
CA SER A 195 -17.97 9.89 31.82
C SER A 195 -18.71 9.10 32.90
N ASP A 196 -19.45 9.82 33.74
CA ASP A 196 -20.22 9.18 34.81
C ASP A 196 -21.25 8.21 34.24
N HIS A 197 -21.65 8.44 33.00
CA HIS A 197 -22.71 7.65 32.38
C HIS A 197 -22.25 7.07 31.05
N GLU A 198 -21.33 7.76 30.41
CA GLU A 198 -20.92 7.40 29.04
C GLU A 198 -19.70 6.49 29.06
N ALA A 199 -19.72 5.48 28.17
CA ALA A 199 -18.57 4.60 28.00
C ALA A 199 -18.52 4.03 26.58
N THR A 200 -17.40 3.42 26.24
CA THR A 200 -17.24 2.76 24.94
C THR A 200 -16.70 1.36 25.11
N LEU A 201 -16.95 0.51 24.11
CA LEU A 201 -16.24 -0.76 23.98
C LEU A 201 -15.35 -0.76 22.75
N ARG A 202 -14.17 -1.35 22.88
CA ARG A 202 -13.25 -1.49 21.75
C ARG A 202 -13.08 -2.95 21.36
N CYS A 203 -13.39 -3.25 20.10
CA CYS A 203 -13.28 -4.61 19.58
C CYS A 203 -11.99 -4.79 18.78
N TRP A 204 -11.03 -5.52 19.37
CA TRP A 204 -9.70 -5.62 18.80
C TRP A 204 -9.57 -6.87 17.93
N ALA A 205 -8.97 -6.70 16.75
CA ALA A 205 -8.69 -7.83 15.88
C ALA A 205 -7.31 -7.68 15.23
N LEU A 206 -6.26 -7.75 16.04
CA LEU A 206 -4.92 -7.37 15.59
C LEU A 206 -4.10 -8.60 15.24
N GLY A 207 -3.22 -8.45 14.26
CA GLY A 207 -2.17 -9.43 14.00
C GLY A 207 -2.69 -10.59 13.16
N PHE A 208 -3.34 -10.26 12.06
CA PHE A 208 -4.00 -11.26 11.22
C PHE A 208 -3.46 -11.23 9.79
N TYR A 209 -3.68 -12.32 9.07
CA TYR A 209 -3.29 -12.39 7.66
C TYR A 209 -4.19 -13.36 6.90
N PRO A 210 -4.71 -12.91 5.76
CA PRO A 210 -4.18 -11.72 5.10
C PRO A 210 -4.96 -10.47 5.52
N ALA A 211 -4.78 -9.39 4.77
CA ALA A 211 -5.35 -8.10 5.13
C ALA A 211 -6.86 -8.15 5.14
N GLU A 212 -7.42 -9.11 4.42
CA GLU A 212 -8.87 -9.24 4.27
C GLU A 212 -9.54 -9.44 5.62
N ILE A 213 -10.39 -8.49 6.00
CA ILE A 213 -11.08 -8.55 7.27
C ILE A 213 -12.38 -7.74 7.25
N THR A 214 -13.40 -8.25 7.91
CA THR A 214 -14.61 -7.47 8.17
C THR A 214 -14.97 -7.48 9.64
N LEU A 215 -15.22 -6.29 10.20
CA LEU A 215 -15.71 -6.16 11.56
C LEU A 215 -17.20 -5.81 11.58
N THR A 216 -17.93 -6.44 12.49
CA THR A 216 -19.35 -6.14 12.67
C THR A 216 -19.70 -5.97 14.14
N TRP A 217 -20.42 -4.90 14.45
CA TRP A 217 -21.02 -4.74 15.77
C TRP A 217 -22.51 -5.07 15.75
N GLN A 218 -23.01 -5.63 16.84
CA GLN A 218 -24.44 -5.83 17.03
C GLN A 218 -24.89 -5.34 18.39
N ARG A 219 -26.14 -4.88 18.47
CA ARG A 219 -26.78 -4.62 19.75
C ARG A 219 -28.19 -5.20 19.79
N ASP A 220 -28.48 -5.99 20.81
CA ASP A 220 -29.75 -6.70 20.90
C ASP A 220 -29.95 -7.62 19.71
N GLY A 221 -28.85 -8.01 19.07
CA GLY A 221 -28.90 -8.95 17.97
C GLY A 221 -28.98 -8.22 16.63
N GLU A 222 -29.18 -6.91 16.69
CA GLU A 222 -29.31 -6.10 15.49
C GLU A 222 -28.00 -5.39 15.16
N ASP A 223 -27.68 -5.30 13.87
CA ASP A 223 -26.43 -4.70 13.42
C ASP A 223 -26.34 -3.24 13.85
N GLN A 224 -25.15 -2.81 14.24
CA GLN A 224 -24.90 -1.41 14.55
C GLN A 224 -23.98 -0.77 13.51
N THR A 225 -24.53 0.12 12.71
CA THR A 225 -23.80 0.68 11.57
C THR A 225 -23.67 2.19 11.70
N GLN A 226 -24.24 2.74 12.76
CA GLN A 226 -24.36 4.20 12.90
C GLN A 226 -23.42 4.73 13.99
N ASP A 227 -23.63 4.27 15.22
CA ASP A 227 -22.87 4.76 16.35
C ASP A 227 -21.56 4.01 16.52
N THR A 228 -20.68 4.13 15.53
CA THR A 228 -19.52 3.25 15.41
C THR A 228 -18.32 4.00 14.84
N GLU A 229 -17.13 3.56 15.21
CA GLU A 229 -15.90 4.06 14.60
C GLU A 229 -14.96 2.92 14.25
N LEU A 230 -14.41 2.95 13.05
CA LEU A 230 -13.50 1.92 12.58
C LEU A 230 -12.22 2.53 12.01
N VAL A 231 -11.12 1.77 12.10
CA VAL A 231 -9.89 2.15 11.44
C VAL A 231 -9.66 1.30 10.19
N GLU A 232 -9.05 1.92 9.17
CA GLU A 232 -8.65 1.19 7.98
C GLU A 232 -7.56 0.18 8.29
N THR A 233 -7.57 -0.95 7.59
CA THR A 233 -6.58 -1.99 7.79
C THR A 233 -5.17 -1.46 7.56
N ARG A 234 -4.28 -1.73 8.51
CA ARG A 234 -2.93 -1.19 8.46
C ARG A 234 -1.89 -2.27 8.76
N PRO A 235 -0.72 -2.14 8.16
CA PRO A 235 0.39 -3.06 8.42
C PRO A 235 0.72 -3.10 9.91
N ALA A 236 0.97 -4.30 10.43
CA ALA A 236 1.45 -4.46 11.79
C ALA A 236 2.96 -4.24 11.87
N GLY A 237 3.62 -4.30 10.73
CA GLY A 237 5.07 -4.13 10.66
C GLY A 237 5.80 -5.42 10.96
N ASP A 238 5.06 -6.53 10.97
CA ASP A 238 5.63 -7.83 11.27
C ASP A 238 5.06 -8.92 10.37
N GLY A 239 4.53 -8.50 9.22
CA GLY A 239 4.04 -9.44 8.22
C GLY A 239 2.54 -9.64 8.34
N THR A 240 1.96 -9.14 9.43
CA THR A 240 0.52 -9.20 9.63
C THR A 240 -0.10 -7.82 9.59
N PHE A 241 -1.41 -7.75 9.78
CA PHE A 241 -2.14 -6.49 9.72
C PHE A 241 -2.95 -6.26 10.98
N GLN A 242 -3.29 -5.00 11.23
CA GLN A 242 -4.10 -4.64 12.39
C GLN A 242 -5.45 -4.07 11.96
N LYS A 243 -6.47 -4.27 12.81
CA LYS A 243 -7.72 -3.54 12.67
C LYS A 243 -8.51 -3.56 13.98
N TRP A 244 -9.21 -2.48 14.26
CA TRP A 244 -10.09 -2.42 15.42
C TRP A 244 -11.34 -1.60 15.13
N ALA A 245 -12.39 -1.81 15.93
CA ALA A 245 -13.58 -0.98 15.86
C ALA A 245 -14.12 -0.69 17.25
N ALA A 246 -14.92 0.37 17.36
CA ALA A 246 -15.53 0.75 18.64
C ALA A 246 -16.94 1.28 18.43
N VAL A 247 -17.78 1.14 19.45
CA VAL A 247 -19.11 1.74 19.45
C VAL A 247 -19.40 2.43 20.78
N VAL A 248 -20.43 3.27 20.79
CA VAL A 248 -20.85 3.95 22.00
C VAL A 248 -21.64 3.02 22.91
N VAL A 249 -21.16 2.87 24.15
CA VAL A 249 -21.73 1.89 25.07
C VAL A 249 -21.96 2.51 26.44
N PRO A 250 -23.16 3.05 26.67
CA PRO A 250 -23.52 3.59 27.96
C PRO A 250 -23.29 2.58 29.08
N SER A 251 -22.79 3.07 30.21
CA SER A 251 -22.39 2.20 31.31
C SER A 251 -23.54 1.29 31.73
N GLY A 252 -23.28 -0.01 31.76
CA GLY A 252 -24.25 -0.98 32.21
C GLY A 252 -24.97 -1.64 31.04
N GLU A 253 -24.84 -1.03 29.86
CA GLU A 253 -25.51 -1.52 28.66
C GLU A 253 -24.59 -2.42 27.85
N GLU A 254 -23.37 -2.61 28.34
CA GLU A 254 -22.36 -3.36 27.61
C GLU A 254 -22.81 -4.79 27.36
N GLN A 255 -23.72 -5.28 28.21
CA GLN A 255 -24.20 -6.65 28.10
C GLN A 255 -25.01 -6.86 26.82
N ARG A 256 -25.42 -5.75 26.21
CA ARG A 256 -26.30 -5.81 25.04
C ARG A 256 -25.50 -5.80 23.75
N TYR A 257 -24.19 -5.66 23.87
CA TYR A 257 -23.33 -5.48 22.70
C TYR A 257 -22.56 -6.76 22.38
N THR A 258 -22.30 -6.98 21.10
CA THR A 258 -21.39 -8.04 20.67
C THR A 258 -20.66 -7.66 19.39
N CYS A 259 -19.38 -8.00 19.32
CA CYS A 259 -18.59 -7.76 18.12
C CYS A 259 -18.21 -9.07 17.43
N HIS A 260 -18.23 -9.07 16.11
CA HIS A 260 -17.83 -10.24 15.34
C HIS A 260 -16.69 -9.90 14.38
N VAL A 261 -15.79 -10.86 14.19
CA VAL A 261 -14.68 -10.69 13.25
C VAL A 261 -14.69 -11.78 12.18
N GLN A 262 -14.91 -11.38 10.94
CA GLN A 262 -15.11 -12.33 9.85
C GLN A 262 -13.92 -12.32 8.90
N HIS A 263 -13.45 -13.52 8.56
CA HIS A 263 -12.40 -13.66 7.55
C HIS A 263 -12.78 -14.69 6.49
N GLU A 264 -12.13 -14.61 5.34
CA GLU A 264 -12.26 -15.65 4.32
C GLU A 264 -11.22 -16.74 4.49
N GLY A 265 -10.17 -16.43 5.25
CA GLY A 265 -9.07 -17.37 5.45
C GLY A 265 -9.33 -18.30 6.61
N LEU A 266 -10.42 -18.05 7.33
CA LEU A 266 -10.77 -18.85 8.50
C LEU A 266 -12.06 -19.64 8.27
N PRO A 267 -12.15 -20.81 8.90
CA PRO A 267 -13.32 -21.67 8.74
C PRO A 267 -14.52 -21.10 9.50
N LYS A 268 -14.25 -20.16 10.39
CA LYS A 268 -15.30 -19.58 11.23
C LYS A 268 -14.92 -18.18 11.70
N PRO A 269 -15.93 -17.35 11.92
CA PRO A 269 -15.71 -16.02 12.50
C PRO A 269 -15.40 -16.12 13.98
N LEU A 270 -14.83 -15.04 14.54
CA LEU A 270 -14.61 -14.95 15.97
C LEU A 270 -15.54 -13.92 16.61
N THR A 271 -15.99 -14.21 17.82
CA THR A 271 -16.95 -13.36 18.51
C THR A 271 -16.35 -12.79 19.80
N LEU A 272 -16.55 -11.50 20.01
CA LEU A 272 -16.03 -10.82 21.20
C LEU A 272 -17.15 -10.25 22.05
N ARG A 273 -17.03 -10.40 23.36
CA ARG A 273 -17.99 -9.82 24.29
C ARG A 273 -17.30 -9.29 25.54
N TRP A 274 -18.02 -8.48 26.31
CA TRP A 274 -17.50 -7.93 27.55
C TRP A 274 -18.54 -8.01 28.67
N ILE B 1 7.84 -12.64 -13.02
CA ILE B 1 8.01 -11.91 -14.27
C ILE B 1 7.32 -10.56 -14.22
N LEU B 2 7.91 -9.57 -14.87
CA LEU B 2 7.24 -8.28 -15.08
C LEU B 2 7.55 -7.73 -16.46
N ASP B 3 6.75 -6.77 -16.91
CA ASP B 3 6.74 -6.35 -18.30
C ASP B 3 7.74 -5.23 -18.53
N THR B 4 8.14 -5.05 -19.79
CA THR B 4 9.03 -3.97 -20.17
C THR B 4 8.26 -2.70 -20.52
N ALA B 5 8.94 -1.73 -21.10
CA ALA B 5 8.30 -0.49 -21.54
C ALA B 5 7.51 -0.71 -22.82
N GLY B 6 8.19 -1.14 -23.87
CA GLY B 6 7.56 -1.39 -25.15
C GLY B 6 7.05 -0.11 -25.78
N LYS B 7 5.76 -0.11 -26.16
CA LYS B 7 5.14 1.07 -26.72
C LYS B 7 4.25 1.77 -25.70
N GLU B 8 4.85 2.62 -24.87
CA GLU B 8 4.11 3.41 -23.90
C GLU B 8 4.66 4.82 -23.79
N GLU B 9 4.94 5.42 -24.94
CA GLU B 9 5.34 6.82 -24.99
C GLU B 9 4.14 7.74 -25.19
N TYR B 10 4.20 8.93 -24.62
CA TYR B 10 3.09 9.88 -24.70
C TYR B 10 3.25 10.81 -25.89
N MET C 1 -2.14 20.57 -11.41
CA MET C 1 -1.71 19.59 -10.42
C MET C 1 -2.52 19.71 -9.13
N ILE C 2 -2.82 18.58 -8.52
CA ILE C 2 -3.50 18.56 -7.23
C ILE C 2 -2.63 17.92 -6.16
N GLN C 3 -2.96 18.19 -4.90
CA GLN C 3 -2.18 17.67 -3.78
C GLN C 3 -3.09 17.05 -2.72
N ARG C 4 -2.53 16.13 -1.94
CA ARG C 4 -3.29 15.44 -0.90
C ARG C 4 -2.54 15.44 0.42
N THR C 5 -3.29 15.53 1.52
CA THR C 5 -2.69 15.61 2.84
C THR C 5 -2.59 14.23 3.50
N PRO C 6 -1.42 13.93 4.05
CA PRO C 6 -1.18 12.62 4.66
C PRO C 6 -2.02 12.42 5.92
N LYS C 7 -2.40 11.18 6.18
CA LYS C 7 -2.83 10.78 7.51
C LYS C 7 -1.71 10.10 8.28
N ILE C 8 -1.67 10.32 9.59
CA ILE C 8 -0.62 9.78 10.43
C ILE C 8 -1.17 8.87 11.51
N GLN C 9 -0.74 7.60 11.49
CA GLN C 9 -1.13 6.65 12.52
C GLN C 9 0.10 6.09 13.24
N VAL C 10 0.15 6.29 14.55
CA VAL C 10 1.27 5.80 15.35
C VAL C 10 0.83 4.71 16.31
N TYR C 11 1.50 3.57 16.25
CA TYR C 11 1.03 2.37 16.95
C TYR C 11 2.17 1.37 17.13
N SER C 12 1.90 0.31 17.90
CA SER C 12 2.82 -0.82 17.97
C SER C 12 2.16 -2.09 17.45
N ARG C 13 2.99 -3.04 17.01
CA ARG C 13 2.48 -4.26 16.39
C ARG C 13 1.67 -5.09 17.37
N HIS C 14 1.95 -4.91 18.66
CA HIS C 14 1.12 -5.51 19.71
C HIS C 14 1.00 -4.58 20.90
N PRO C 15 -0.07 -4.76 21.68
CA PRO C 15 -0.35 -3.89 22.82
C PRO C 15 0.87 -3.77 23.73
N ALA C 16 1.14 -2.54 24.18
CA ALA C 16 2.37 -2.25 24.92
C ALA C 16 2.44 -3.07 26.21
N GLU C 17 3.65 -3.51 26.56
CA GLU C 17 3.89 -4.10 27.86
C GLU C 17 5.31 -3.82 28.33
N ASN C 18 5.44 -3.34 29.57
CA ASN C 18 6.72 -2.84 30.07
C ASN C 18 7.79 -3.92 30.00
N GLY C 19 8.84 -3.64 29.24
CA GLY C 19 10.01 -4.52 29.21
C GLY C 19 9.89 -5.55 28.08
N LYS C 20 8.71 -5.63 27.49
CA LYS C 20 8.45 -6.62 26.45
C LYS C 20 8.75 -6.06 25.06
N SER C 21 9.76 -6.61 24.41
CA SER C 21 10.24 -6.10 23.13
C SER C 21 9.06 -5.81 22.20
N ASN C 22 9.14 -4.67 21.51
CA ASN C 22 8.07 -4.25 20.61
C ASN C 22 8.63 -3.46 19.44
N PHE C 23 7.77 -3.20 18.45
CA PHE C 23 8.14 -2.38 17.31
C PHE C 23 7.24 -1.16 17.18
N LEU C 24 7.84 0.01 17.07
CA LEU C 24 7.09 1.26 16.94
C LEU C 24 6.82 1.59 15.48
N ASN C 25 5.53 1.65 15.12
CA ASN C 25 5.14 1.88 13.74
C ASN C 25 4.63 3.30 13.54
N CYS C 26 4.93 3.88 12.38
CA CYS C 26 4.24 5.08 11.92
C CYS C 26 3.78 4.93 10.48
N TYR C 27 2.47 4.79 10.30
CA TYR C 27 1.91 4.55 8.97
C TYR C 27 1.35 5.83 8.36
N VAL C 28 1.94 6.25 7.24
CA VAL C 28 1.55 7.49 6.59
C VAL C 28 1.06 7.26 5.17
N SER C 29 -0.17 7.69 4.90
CA SER C 29 -0.85 7.34 3.66
C SER C 29 -1.76 8.47 3.19
N GLY C 30 -2.04 8.49 1.90
CA GLY C 30 -3.14 9.31 1.36
C GLY C 30 -2.64 10.70 0.99
N PHE C 31 -1.38 10.80 0.64
CA PHE C 31 -0.75 12.09 0.37
C PHE C 31 -0.25 12.18 -1.07
N HIS C 32 -0.04 13.40 -1.54
CA HIS C 32 0.41 13.62 -2.92
C HIS C 32 0.86 15.06 -3.13
N PRO C 33 2.04 15.23 -3.69
CA PRO C 33 2.76 14.13 -4.31
C PRO C 33 3.63 13.39 -3.30
N SER C 34 4.67 12.71 -3.81
CA SER C 34 5.46 11.81 -2.98
C SER C 34 6.36 12.58 -2.04
N ASP C 35 6.42 13.89 -2.21
CA ASP C 35 7.36 14.73 -1.47
C ASP C 35 6.97 14.82 0.00
N ILE C 36 7.42 13.85 0.79
CA ILE C 36 7.00 13.74 2.18
C ILE C 36 8.18 13.36 3.07
N GLU C 37 8.18 13.86 4.30
CA GLU C 37 9.17 13.48 5.30
C GLU C 37 8.51 12.83 6.51
N VAL C 38 8.97 11.64 6.87
CA VAL C 38 8.44 10.92 8.02
C VAL C 38 9.54 10.46 8.96
N ASP C 39 9.43 10.86 10.22
CA ASP C 39 10.44 10.54 11.21
C ASP C 39 9.80 10.06 12.52
N LEU C 40 10.48 9.16 13.21
CA LEU C 40 10.04 8.71 14.52
C LEU C 40 10.74 9.48 15.64
N LEU C 41 10.01 9.78 16.70
CA LEU C 41 10.54 10.56 17.81
C LEU C 41 10.65 9.73 19.08
N LYS C 42 11.65 10.02 19.89
CA LYS C 42 11.66 9.60 21.29
C LYS C 42 11.89 10.78 22.22
N ASN C 43 10.89 11.09 23.05
CA ASN C 43 10.94 12.27 23.89
C ASN C 43 11.20 13.52 23.07
N GLY C 44 10.68 13.55 21.85
CA GLY C 44 10.73 14.75 21.01
C GLY C 44 11.96 14.74 20.12
N GLU C 45 12.89 13.84 20.41
CA GLU C 45 14.14 13.76 19.66
C GLU C 45 14.05 12.71 18.55
N ARG C 46 14.64 13.02 17.41
CA ARG C 46 14.61 12.11 16.26
C ARG C 46 15.32 10.80 16.58
N ILE C 47 14.72 9.68 16.18
CA ILE C 47 15.38 8.39 16.23
C ILE C 47 16.13 8.10 14.94
N GLU C 48 17.42 7.83 15.06
CA GLU C 48 18.28 7.64 13.90
C GLU C 48 18.14 6.22 13.34
N LYS C 49 18.01 5.25 14.23
CA LYS C 49 17.99 3.84 13.84
C LYS C 49 16.59 3.41 13.43
N VAL C 50 16.14 3.89 12.27
CA VAL C 50 14.77 3.64 11.81
C VAL C 50 14.77 3.06 10.40
N GLU C 51 13.93 2.05 10.19
CA GLU C 51 13.74 1.48 8.86
C GLU C 51 12.39 1.87 8.29
N HIS C 52 12.20 1.60 7.00
CA HIS C 52 10.97 1.95 6.31
C HIS C 52 10.70 1.01 5.14
N SER C 53 9.46 1.00 4.68
CA SER C 53 9.09 0.25 3.48
C SER C 53 9.42 1.05 2.21
N ASP C 54 9.31 0.40 1.06
CA ASP C 54 9.41 1.08 -0.22
C ASP C 54 8.13 1.84 -0.55
N LEU C 55 8.28 3.00 -1.19
CA LEU C 55 7.14 3.85 -1.50
C LEU C 55 6.23 3.19 -2.52
N SER C 56 4.93 3.17 -2.23
CA SER C 56 3.93 2.69 -3.18
C SER C 56 2.74 3.64 -3.26
N PHE C 57 1.83 3.34 -4.19
CA PHE C 57 0.59 4.11 -4.30
C PHE C 57 -0.60 3.20 -4.59
N SER C 58 -1.79 3.69 -4.29
CA SER C 58 -2.99 2.86 -4.37
C SER C 58 -3.81 3.20 -5.61
N LYS C 59 -5.04 2.70 -5.66
CA LYS C 59 -5.88 2.85 -6.84
C LYS C 59 -6.19 4.32 -7.10
N ASP C 60 -6.26 5.11 -6.03
CA ASP C 60 -6.55 6.53 -6.15
C ASP C 60 -5.28 7.34 -6.33
N TRP C 61 -4.17 6.64 -6.59
CA TRP C 61 -2.92 7.29 -6.96
C TRP C 61 -2.33 8.06 -5.80
N SER C 62 -2.89 7.87 -4.61
CA SER C 62 -2.32 8.41 -3.39
C SER C 62 -1.14 7.58 -2.92
N PHE C 63 -0.18 8.23 -2.25
CA PHE C 63 1.03 7.55 -1.81
C PHE C 63 0.91 7.08 -0.38
N TYR C 64 1.62 6.01 -0.05
CA TYR C 64 1.72 5.54 1.32
C TYR C 64 3.06 4.85 1.58
N LEU C 65 3.51 4.90 2.83
CA LEU C 65 4.70 4.16 3.24
C LEU C 65 4.73 3.96 4.75
N LEU C 66 5.45 2.92 5.19
CA LEU C 66 5.54 2.61 6.61
C LEU C 66 6.95 2.91 7.14
N TYR C 67 7.01 3.57 8.29
CA TYR C 67 8.23 3.61 9.08
C TYR C 67 8.09 2.80 10.36
N TYR C 68 9.19 2.19 10.79
CA TYR C 68 9.18 1.35 11.99
C TYR C 68 10.56 1.29 12.63
N THR C 69 10.59 1.04 13.93
CA THR C 69 11.85 0.74 14.62
C THR C 69 11.60 -0.14 15.84
N GLU C 70 12.62 -0.89 16.23
CA GLU C 70 12.56 -1.73 17.42
C GLU C 70 12.86 -0.92 18.68
N PHE C 71 12.08 -1.16 19.72
CA PHE C 71 12.27 -0.48 21.00
C PHE C 71 11.79 -1.32 22.16
N THR C 72 12.10 -0.88 23.37
CA THR C 72 11.56 -1.51 24.57
C THR C 72 10.54 -0.60 25.28
N PRO C 73 9.29 -1.03 25.30
CA PRO C 73 8.24 -0.26 25.93
C PRO C 73 8.58 0.07 27.38
N THR C 74 8.31 1.30 27.79
CA THR C 74 8.56 1.74 29.15
C THR C 74 7.47 2.68 29.64
N GLU C 75 7.66 3.22 30.84
CA GLU C 75 6.71 4.16 31.42
C GLU C 75 7.33 5.56 31.52
N LYS C 76 8.64 5.64 31.33
CA LYS C 76 9.36 6.90 31.47
C LYS C 76 9.35 7.67 30.15
N ASP C 77 9.70 7.00 29.07
CA ASP C 77 9.90 7.65 27.78
C ASP C 77 8.60 7.68 26.98
N GLU C 78 8.42 8.73 26.19
CA GLU C 78 7.30 8.81 25.26
C GLU C 78 7.77 8.71 23.81
N TYR C 79 6.93 8.13 22.96
CA TYR C 79 7.25 7.98 21.55
C TYR C 79 6.21 8.67 20.68
N ALA C 80 6.62 9.11 19.50
CA ALA C 80 5.74 9.82 18.58
C ALA C 80 6.23 9.71 17.14
N CYS C 81 5.46 10.27 16.22
CA CYS C 81 5.88 10.36 14.82
C CYS C 81 5.62 11.75 14.25
N ARG C 82 6.58 12.26 13.50
CA ARG C 82 6.46 13.58 12.89
C ARG C 82 6.47 13.49 11.37
N VAL C 83 5.51 14.17 10.75
CA VAL C 83 5.37 14.13 9.29
C VAL C 83 5.29 15.53 8.71
N ASN C 84 6.09 15.78 7.67
CA ASN C 84 6.04 17.04 6.95
C ASN C 84 5.53 16.85 5.53
N HIS C 85 4.77 17.82 5.04
CA HIS C 85 4.23 17.77 3.69
C HIS C 85 3.84 19.16 3.20
N VAL C 86 3.84 19.34 1.88
CA VAL C 86 3.66 20.66 1.28
C VAL C 86 2.25 21.19 1.51
N THR C 87 1.33 20.28 1.85
CA THR C 87 -0.04 20.67 2.14
C THR C 87 -0.23 20.96 3.63
N LEU C 88 0.84 20.82 4.39
CA LEU C 88 0.80 21.05 5.83
C LEU C 88 1.47 22.37 6.20
N SER C 89 0.68 23.34 6.62
CA SER C 89 1.20 24.61 7.08
C SER C 89 1.98 24.45 8.39
N GLN C 90 1.73 23.34 9.07
CA GLN C 90 2.46 23.02 10.30
C GLN C 90 2.74 21.52 10.40
N PRO C 91 3.97 21.19 10.78
CA PRO C 91 4.36 19.79 10.95
C PRO C 91 3.36 19.05 11.85
N LYS C 92 2.97 17.85 11.41
CA LYS C 92 2.05 17.04 12.19
C LYS C 92 2.79 16.09 13.11
N ILE C 93 2.42 16.09 14.39
CA ILE C 93 3.02 15.18 15.36
C ILE C 93 1.95 14.35 16.07
N VAL C 94 2.09 13.03 16.03
CA VAL C 94 1.15 12.14 16.68
C VAL C 94 1.83 11.30 17.75
N LYS C 95 1.23 11.25 18.93
CA LYS C 95 1.81 10.52 20.05
C LYS C 95 1.47 9.03 19.96
N TRP C 96 2.43 8.19 20.35
CA TRP C 96 2.19 6.75 20.42
C TRP C 96 1.21 6.42 21.54
N ASP C 97 0.19 5.63 21.20
CA ASP C 97 -0.80 5.19 22.18
C ASP C 97 -0.53 3.75 22.60
N ARG C 98 -0.17 3.58 23.87
CA ARG C 98 0.21 2.26 24.39
C ARG C 98 -0.92 1.26 24.22
N ASP C 99 -2.15 1.76 24.22
CA ASP C 99 -3.32 0.89 24.23
C ASP C 99 -4.01 0.88 22.86
N MET C 100 -3.28 1.31 21.84
CA MET C 100 -3.79 1.29 20.47
C MET C 100 -2.66 1.41 19.46
N GLY A 1 -8.69 -18.89 -2.81
CA GLY A 1 -9.46 -18.73 -4.03
C GLY A 1 -8.62 -18.11 -5.14
N SER A 2 -9.07 -16.99 -5.67
CA SER A 2 -8.31 -16.25 -6.67
C SER A 2 -7.13 -15.53 -6.04
N HIS A 3 -6.18 -15.12 -6.89
CA HIS A 3 -5.02 -14.37 -6.42
C HIS A 3 -4.70 -13.22 -7.36
N SER A 4 -4.08 -12.17 -6.81
CA SER A 4 -3.76 -10.98 -7.60
C SER A 4 -2.25 -10.76 -7.67
N MET A 5 -1.79 -10.33 -8.84
CA MET A 5 -0.42 -9.82 -8.97
C MET A 5 -0.43 -8.37 -9.44
N ARG A 6 0.39 -7.54 -8.79
CA ARG A 6 0.43 -6.12 -9.09
C ARG A 6 1.86 -5.61 -9.16
N TYR A 7 2.10 -4.63 -10.02
CA TYR A 7 3.35 -3.89 -10.01
C TYR A 7 3.09 -2.38 -10.08
N PHE A 8 3.78 -1.63 -9.22
CA PHE A 8 3.58 -0.19 -9.14
C PHE A 8 4.85 0.57 -9.48
N PHE A 9 4.75 1.50 -10.42
CA PHE A 9 5.92 2.25 -10.89
C PHE A 9 5.68 3.75 -10.77
N THR A 10 6.63 4.45 -10.15
CA THR A 10 6.54 5.89 -10.00
C THR A 10 7.83 6.57 -10.44
N SER A 11 7.68 7.70 -11.14
CA SER A 11 8.83 8.54 -11.48
C SER A 11 8.59 9.98 -11.07
N VAL A 12 9.52 10.53 -10.29
CA VAL A 12 9.36 11.87 -9.73
C VAL A 12 10.48 12.79 -10.18
N SER A 13 10.10 13.93 -10.76
CA SER A 13 11.08 14.87 -11.29
C SER A 13 11.99 15.41 -10.19
N ARG A 14 13.24 15.71 -10.55
CA ARG A 14 14.18 16.29 -9.61
C ARG A 14 15.05 17.34 -10.29
N PRO A 15 14.48 18.51 -10.52
CA PRO A 15 15.20 19.61 -11.15
C PRO A 15 16.50 19.92 -10.42
N GLY A 16 17.58 20.09 -11.17
CA GLY A 16 18.88 20.40 -10.58
C GLY A 16 19.53 19.16 -9.98
N ARG A 17 18.83 18.55 -9.03
CA ARG A 17 19.41 17.46 -8.25
C ARG A 17 19.40 16.14 -9.03
N GLY A 18 20.19 16.08 -10.09
CA GLY A 18 20.36 14.84 -10.85
C GLY A 18 19.11 14.51 -11.65
N GLU A 19 18.93 13.23 -11.94
CA GLU A 19 17.81 12.78 -12.77
C GLU A 19 16.61 12.39 -11.92
N PRO A 20 15.43 12.45 -12.51
CA PRO A 20 14.21 12.05 -11.82
C PRO A 20 14.35 10.66 -11.22
N ARG A 21 13.80 10.48 -10.01
CA ARG A 21 13.90 9.21 -9.31
C ARG A 21 12.87 8.22 -9.84
N PHE A 22 13.27 6.95 -9.93
CA PHE A 22 12.37 5.90 -10.39
C PHE A 22 12.23 4.81 -9.33
N ILE A 23 11.00 4.53 -8.94
CA ILE A 23 10.71 3.52 -7.93
C ILE A 23 9.76 2.45 -8.47
N ALA A 24 10.09 1.19 -8.21
CA ALA A 24 9.26 0.08 -8.64
C ALA A 24 9.10 -0.95 -7.53
N VAL A 25 7.86 -1.31 -7.23
CA VAL A 25 7.57 -2.32 -6.22
C VAL A 25 6.55 -3.34 -6.73
N GLY A 26 6.86 -4.61 -6.55
CA GLY A 26 5.98 -5.69 -6.99
C GLY A 26 5.28 -6.34 -5.81
N TYR A 27 4.03 -6.76 -6.01
CA TYR A 27 3.27 -7.44 -4.97
C TYR A 27 2.66 -8.73 -5.49
N VAL A 28 2.60 -9.75 -4.63
CA VAL A 28 1.64 -10.83 -4.79
C VAL A 28 0.61 -10.81 -3.66
N ASP A 29 -0.64 -10.54 -4.01
CA ASP A 29 -1.65 -10.17 -3.02
C ASP A 29 -1.13 -9.06 -2.11
N ASP A 30 -0.90 -9.40 -0.84
CA ASP A 30 -0.54 -8.41 0.17
C ASP A 30 0.97 -8.37 0.40
N THR A 31 1.69 -9.24 -0.32
CA THR A 31 3.10 -9.47 -0.04
C THR A 31 3.99 -8.82 -1.08
N GLN A 32 4.92 -7.99 -0.63
CA GLN A 32 6.00 -7.52 -1.48
C GLN A 32 7.10 -8.57 -1.61
N PHE A 33 7.54 -8.81 -2.84
CA PHE A 33 8.43 -9.93 -3.13
C PHE A 33 9.57 -9.51 -4.04
N VAL A 34 9.43 -8.35 -4.66
CA VAL A 34 10.52 -7.74 -5.41
C VAL A 34 10.55 -6.24 -5.23
N ARG A 35 11.73 -5.64 -5.40
CA ARG A 35 11.87 -4.19 -5.34
C ARG A 35 12.89 -3.69 -6.36
N PHE A 36 12.80 -2.41 -6.69
CA PHE A 36 13.84 -1.76 -7.47
C PHE A 36 13.83 -0.25 -7.23
N ASP A 37 15.03 0.34 -7.18
CA ASP A 37 15.16 1.77 -6.91
C ASP A 37 16.36 2.36 -7.65
N SER A 38 16.11 3.41 -8.43
CA SER A 38 17.14 4.02 -9.25
C SER A 38 18.26 4.59 -8.39
N ASP A 39 17.97 4.81 -7.11
CA ASP A 39 18.97 5.31 -6.18
C ASP A 39 19.55 4.19 -5.33
N ALA A 40 19.28 2.95 -5.73
CA ALA A 40 19.81 1.79 -5.04
C ALA A 40 21.33 1.73 -5.16
N ALA A 41 21.98 1.22 -4.12
CA ALA A 41 23.43 0.99 -4.16
C ALA A 41 23.79 -0.03 -5.24
N SER A 42 22.92 -1.01 -5.43
CA SER A 42 23.20 -2.11 -6.36
C SER A 42 22.87 -1.71 -7.79
N GLN A 43 21.93 -0.79 -7.94
CA GLN A 43 21.45 -0.40 -9.25
C GLN A 43 20.88 -1.59 -10.02
N LYS A 44 20.47 -2.62 -9.28
CA LYS A 44 19.88 -3.80 -9.88
C LYS A 44 18.57 -4.16 -9.20
N MET A 45 17.76 -4.97 -9.88
CA MET A 45 16.57 -5.56 -9.28
C MET A 45 16.94 -6.45 -8.10
N GLU A 46 16.16 -6.37 -7.02
CA GLU A 46 16.40 -7.16 -5.83
C GLU A 46 15.15 -7.92 -5.40
N PRO A 47 15.34 -9.15 -4.95
CA PRO A 47 14.24 -9.92 -4.36
C PRO A 47 13.93 -9.44 -2.95
N ARG A 48 12.73 -9.77 -2.47
CA ARG A 48 12.41 -9.67 -1.05
C ARG A 48 11.92 -11.00 -0.50
N ALA A 49 11.25 -11.77 -1.34
CA ALA A 49 10.64 -13.03 -0.91
C ALA A 49 11.62 -14.19 -1.04
N PRO A 50 11.67 -15.03 -0.02
CA PRO A 50 12.53 -16.21 -0.04
C PRO A 50 12.33 -17.02 -1.31
N TRP A 51 11.07 -17.11 -1.75
CA TRP A 51 10.69 -18.12 -2.73
C TRP A 51 10.93 -17.63 -4.15
N ILE A 52 11.50 -16.43 -4.26
CA ILE A 52 11.91 -15.90 -5.56
C ILE A 52 13.42 -15.66 -5.60
N GLU A 53 14.10 -16.01 -4.51
CA GLU A 53 15.55 -15.87 -4.44
C GLU A 53 16.26 -16.96 -5.22
N GLN A 54 15.47 -17.87 -5.79
CA GLN A 54 16.01 -18.97 -6.57
C GLN A 54 16.11 -18.59 -8.05
N GLU A 55 15.61 -17.41 -8.39
CA GLU A 55 15.71 -16.90 -9.75
C GLU A 55 17.09 -16.34 -10.04
N GLY A 56 17.63 -16.68 -11.20
CA GLY A 56 18.97 -16.26 -11.57
C GLY A 56 18.94 -15.00 -12.43
N PRO A 57 20.07 -14.66 -13.04
CA PRO A 57 20.18 -13.47 -13.87
C PRO A 57 19.33 -13.59 -15.12
N GLU A 58 18.93 -14.82 -15.44
CA GLU A 58 18.12 -15.08 -16.62
C GLU A 58 16.80 -14.32 -16.57
N TYR A 59 16.45 -13.85 -15.37
CA TYR A 59 15.31 -12.95 -15.20
C TYR A 59 15.77 -11.57 -14.75
N TRP A 60 16.57 -11.53 -13.69
CA TRP A 60 16.80 -10.29 -12.97
C TRP A 60 17.51 -9.26 -13.83
N ASP A 61 18.47 -9.73 -14.62
CA ASP A 61 19.32 -8.84 -15.42
C ASP A 61 18.52 -8.18 -16.53
N GLN A 62 17.67 -8.96 -17.20
CA GLN A 62 16.80 -8.44 -18.24
C GLN A 62 15.72 -7.54 -17.66
N GLU A 63 15.15 -7.96 -16.53
CA GLU A 63 14.12 -7.18 -15.86
C GLU A 63 14.65 -5.83 -15.38
N THR A 64 15.89 -5.84 -14.89
CA THR A 64 16.57 -4.61 -14.51
C THR A 64 16.70 -3.66 -15.70
N ARG A 65 17.12 -4.19 -16.83
CA ARG A 65 17.23 -3.41 -18.06
C ARG A 65 15.86 -2.90 -18.51
N ASN A 66 14.84 -3.74 -18.35
CA ASN A 66 13.48 -3.38 -18.70
C ASN A 66 12.97 -2.21 -17.87
N MET A 67 13.23 -2.27 -16.56
CA MET A 67 12.82 -1.22 -15.65
C MET A 67 13.59 0.07 -15.92
N LYS A 68 14.84 -0.07 -16.35
CA LYS A 68 15.61 1.06 -16.84
C LYS A 68 14.95 1.70 -18.05
N ALA A 69 14.50 0.86 -18.98
CA ALA A 69 13.77 1.34 -20.15
C ALA A 69 12.48 2.04 -19.74
N HIS A 70 11.80 1.49 -18.75
CA HIS A 70 10.61 2.12 -18.19
C HIS A 70 10.93 3.49 -17.60
N SER A 71 12.02 3.56 -16.84
CA SER A 71 12.46 4.81 -16.24
C SER A 71 12.75 5.86 -17.32
N GLN A 72 13.49 5.46 -18.35
CA GLN A 72 13.83 6.37 -19.44
C GLN A 72 12.59 6.90 -20.14
N THR A 73 11.61 6.02 -20.33
CA THR A 73 10.36 6.40 -20.98
C THR A 73 9.57 7.37 -20.10
N ASP A 74 9.45 7.05 -18.82
CA ASP A 74 8.71 7.88 -17.88
C ASP A 74 9.30 9.28 -17.80
N ARG A 75 10.63 9.35 -17.76
CA ARG A 75 11.34 10.63 -17.74
C ARG A 75 11.03 11.44 -19.00
N ALA A 76 11.05 10.77 -20.14
CA ALA A 76 10.68 11.41 -21.41
C ALA A 76 9.24 11.90 -21.37
N ASN A 77 8.36 11.09 -20.79
CA ASN A 77 6.94 11.43 -20.71
C ASN A 77 6.72 12.66 -19.85
N LEU A 78 7.43 12.73 -18.73
CA LEU A 78 7.33 13.87 -17.83
C LEU A 78 7.71 15.17 -18.53
N GLY A 79 8.80 15.14 -19.28
CA GLY A 79 9.22 16.28 -20.08
C GLY A 79 8.22 16.59 -21.18
N THR A 80 7.74 15.54 -21.84
CA THR A 80 6.81 15.71 -22.96
C THR A 80 5.50 16.33 -22.51
N LEU A 81 4.97 15.84 -21.39
CA LEU A 81 3.71 16.33 -20.86
C LEU A 81 3.81 17.79 -20.45
N ARG A 82 4.95 18.16 -19.86
CA ARG A 82 5.24 19.55 -19.57
C ARG A 82 5.10 20.42 -20.81
N GLY A 83 5.59 19.92 -21.93
CA GLY A 83 5.41 20.59 -23.22
C GLY A 83 3.93 20.69 -23.58
N TYR A 84 3.23 19.56 -23.51
CA TYR A 84 1.84 19.50 -23.93
C TYR A 84 0.99 20.55 -23.21
N TYR A 85 1.25 20.73 -21.93
CA TYR A 85 0.42 21.60 -21.10
C TYR A 85 1.09 22.94 -20.88
N ASN A 86 2.15 23.21 -21.64
CA ASN A 86 2.83 24.49 -21.59
C ASN A 86 3.15 24.90 -20.16
N GLN A 87 3.72 23.97 -19.40
CA GLN A 87 4.02 24.21 -17.99
C GLN A 87 5.44 24.74 -17.82
N SER A 88 5.68 25.42 -16.72
CA SER A 88 6.98 26.04 -16.46
C SER A 88 8.07 24.98 -16.31
N GLU A 89 9.25 25.28 -16.82
CA GLU A 89 10.38 24.37 -16.71
C GLU A 89 10.84 24.23 -15.27
N ASP A 90 10.45 25.18 -14.43
CA ASP A 90 10.88 25.21 -13.04
C ASP A 90 9.92 24.44 -12.14
N GLY A 91 8.87 23.89 -12.75
CA GLY A 91 7.84 23.17 -12.00
C GLY A 91 8.26 21.72 -11.74
N SER A 92 7.51 21.05 -10.89
CA SER A 92 7.72 19.62 -10.65
C SER A 92 6.57 18.79 -11.19
N HIS A 93 6.86 17.53 -11.50
CA HIS A 93 5.85 16.63 -12.05
C HIS A 93 6.00 15.22 -11.51
N THR A 94 4.89 14.49 -11.43
CA THR A 94 4.93 13.08 -11.06
C THR A 94 4.10 12.23 -12.01
N ILE A 95 4.65 11.11 -12.44
CA ILE A 95 3.92 10.15 -13.27
C ILE A 95 3.80 8.80 -12.57
N GLN A 96 2.62 8.22 -12.64
CA GLN A 96 2.34 6.96 -11.94
C GLN A 96 1.77 5.92 -12.90
N ILE A 97 2.40 4.75 -12.93
CA ILE A 97 1.94 3.65 -13.78
C ILE A 97 1.85 2.35 -13.00
N MET A 98 0.74 1.64 -13.18
CA MET A 98 0.57 0.33 -12.56
C MET A 98 -0.06 -0.67 -13.52
N TYR A 99 0.29 -1.94 -13.35
CA TYR A 99 -0.35 -3.02 -14.11
C TYR A 99 -0.29 -4.33 -13.34
N GLY A 100 -1.08 -5.30 -13.77
CA GLY A 100 -1.12 -6.61 -13.13
C GLY A 100 -2.28 -7.45 -13.65
N CYS A 101 -2.53 -8.58 -13.00
CA CYS A 101 -3.54 -9.53 -13.46
C CYS A 101 -4.15 -10.28 -12.29
N ASP A 102 -5.39 -10.71 -12.47
CA ASP A 102 -6.03 -11.63 -11.53
C ASP A 102 -6.15 -13.03 -12.12
N VAL A 103 -5.91 -14.03 -11.29
CA VAL A 103 -6.09 -15.43 -11.71
C VAL A 103 -7.01 -16.17 -10.75
N GLY A 104 -7.66 -17.21 -11.26
CA GLY A 104 -8.49 -18.07 -10.43
C GLY A 104 -7.65 -19.07 -9.65
N PRO A 105 -8.30 -19.90 -8.85
CA PRO A 105 -7.61 -20.90 -8.05
C PRO A 105 -6.93 -21.94 -8.93
N ASP A 106 -7.38 -22.03 -10.19
CA ASP A 106 -6.80 -22.97 -11.14
C ASP A 106 -5.78 -22.28 -12.03
N GLY A 107 -5.45 -21.04 -11.70
CA GLY A 107 -4.47 -20.27 -12.45
C GLY A 107 -5.09 -19.64 -13.69
N ARG A 108 -6.38 -19.85 -13.87
CA ARG A 108 -7.09 -19.33 -15.03
C ARG A 108 -7.08 -17.81 -15.05
N PHE A 109 -6.75 -17.24 -16.21
CA PHE A 109 -6.75 -15.79 -16.38
C PHE A 109 -8.16 -15.21 -16.18
N LEU A 110 -8.27 -14.22 -15.30
CA LEU A 110 -9.54 -13.56 -15.06
C LEU A 110 -9.56 -12.17 -15.67
N ARG A 111 -8.67 -11.30 -15.20
CA ARG A 111 -8.70 -9.88 -15.57
C ARG A 111 -7.29 -9.32 -15.71
N GLY A 112 -7.09 -8.45 -16.70
CA GLY A 112 -5.87 -7.68 -16.81
C GLY A 112 -6.06 -6.26 -16.31
N TYR A 113 -4.96 -5.64 -15.86
CA TYR A 113 -5.01 -4.27 -15.39
C TYR A 113 -3.86 -3.45 -15.97
N ARG A 114 -4.16 -2.23 -16.40
CA ARG A 114 -3.14 -1.24 -16.70
C ARG A 114 -3.71 0.17 -16.67
N GLN A 115 -3.11 1.03 -15.86
CA GLN A 115 -3.57 2.41 -15.73
C GLN A 115 -2.40 3.36 -15.54
N ASP A 116 -2.50 4.54 -16.13
CA ASP A 116 -1.53 5.61 -15.90
C ASP A 116 -2.19 6.83 -15.24
N ALA A 117 -1.38 7.63 -14.56
CA ALA A 117 -1.84 8.90 -14.02
C ALA A 117 -0.75 9.96 -14.07
N TYR A 118 -1.14 11.22 -14.02
CA TYR A 118 -0.20 12.32 -14.13
C TYR A 118 -0.56 13.45 -13.17
N ASP A 119 0.35 13.79 -12.26
CA ASP A 119 0.14 14.88 -11.32
C ASP A 119 -1.19 14.75 -10.61
N GLY A 120 -1.56 13.51 -10.28
CA GLY A 120 -2.69 13.26 -9.39
C GLY A 120 -3.96 13.01 -10.18
N LYS A 121 -3.90 13.26 -11.49
CA LYS A 121 -5.07 13.11 -12.35
C LYS A 121 -4.96 11.87 -13.23
N ASP A 122 -6.08 11.17 -13.38
CA ASP A 122 -6.14 10.00 -14.26
C ASP A 122 -5.66 10.36 -15.67
N TYR A 123 -4.86 9.48 -16.26
CA TYR A 123 -4.34 9.70 -17.60
C TYR A 123 -5.00 8.77 -18.60
N ILE A 124 -4.62 7.50 -18.57
CA ILE A 124 -5.21 6.49 -19.44
C ILE A 124 -5.52 5.21 -18.69
N ALA A 125 -6.67 4.61 -18.98
CA ALA A 125 -7.00 3.30 -18.45
C ALA A 125 -7.11 2.26 -19.56
N LEU A 126 -6.73 1.03 -19.27
CA LEU A 126 -6.97 -0.10 -20.16
C LEU A 126 -7.98 -1.07 -19.55
N ASN A 127 -8.98 -1.44 -20.33
CA ASN A 127 -10.06 -2.29 -19.85
C ASN A 127 -9.56 -3.69 -19.52
N GLU A 128 -10.35 -4.43 -18.75
CA GLU A 128 -9.94 -5.73 -18.25
C GLU A 128 -9.75 -6.73 -19.39
N ASP A 129 -10.38 -6.45 -20.52
CA ASP A 129 -10.25 -7.28 -21.70
C ASP A 129 -8.94 -6.99 -22.44
N LEU A 130 -8.29 -5.91 -22.04
CA LEU A 130 -7.01 -5.53 -22.65
C LEU A 130 -7.15 -5.34 -24.16
N ARG A 131 -8.17 -4.59 -24.56
CA ARG A 131 -8.43 -4.36 -25.98
C ARG A 131 -8.55 -2.88 -26.28
N SER A 132 -9.04 -2.12 -25.31
CA SER A 132 -9.52 -0.77 -25.56
C SER A 132 -8.97 0.22 -24.53
N TRP A 133 -8.34 1.28 -25.00
CA TRP A 133 -7.84 2.32 -24.11
C TRP A 133 -8.91 3.38 -23.85
N THR A 134 -8.84 4.00 -22.67
CA THR A 134 -9.69 5.13 -22.34
C THR A 134 -8.86 6.33 -21.91
N ALA A 135 -9.09 7.47 -22.56
CA ALA A 135 -8.41 8.71 -22.22
C ALA A 135 -9.21 9.51 -21.20
N ALA A 136 -8.51 10.06 -20.20
CA ALA A 136 -9.16 10.82 -19.14
C ALA A 136 -8.64 12.24 -19.09
N ASP A 137 -7.92 12.65 -20.13
CA ASP A 137 -7.31 13.97 -20.18
C ASP A 137 -6.94 14.35 -21.61
N MET A 138 -6.59 15.62 -21.81
CA MET A 138 -6.22 16.11 -23.13
C MET A 138 -5.01 15.36 -23.68
N ALA A 139 -3.91 15.37 -22.92
CA ALA A 139 -2.70 14.66 -23.31
C ALA A 139 -2.97 13.17 -23.44
N ALA A 140 -3.89 12.66 -22.64
CA ALA A 140 -4.27 11.24 -22.71
C ALA A 140 -4.88 10.91 -24.05
N GLN A 141 -5.67 11.82 -24.59
CA GLN A 141 -6.28 11.64 -25.91
C GLN A 141 -5.23 11.59 -27.00
N ILE A 142 -4.19 12.41 -26.87
CA ILE A 142 -3.07 12.37 -27.79
C ILE A 142 -2.34 11.03 -27.72
N THR A 143 -2.03 10.60 -26.51
CA THR A 143 -1.35 9.32 -26.31
C THR A 143 -2.24 8.16 -26.74
N LYS A 144 -3.51 8.21 -26.36
CA LYS A 144 -4.45 7.14 -26.69
C LYS A 144 -4.52 6.90 -28.19
N ARG A 145 -4.62 7.99 -28.96
CA ARG A 145 -4.62 7.90 -30.41
C ARG A 145 -3.44 7.08 -30.91
N LYS A 146 -2.25 7.36 -30.38
CA LYS A 146 -1.05 6.64 -30.76
C LYS A 146 -1.15 5.17 -30.36
N TRP A 147 -1.49 4.92 -29.11
CA TRP A 147 -1.49 3.57 -28.56
C TRP A 147 -2.49 2.69 -29.28
N GLU A 148 -3.65 3.25 -29.59
CA GLU A 148 -4.68 2.53 -30.34
C GLU A 148 -4.19 2.17 -31.74
N ALA A 149 -3.55 3.13 -32.40
CA ALA A 149 -3.09 2.94 -33.77
C ALA A 149 -2.10 1.78 -33.85
N VAL A 150 -1.29 1.62 -32.81
CA VAL A 150 -0.24 0.60 -32.81
C VAL A 150 -0.68 -0.62 -32.03
N HIS A 151 -1.92 -0.63 -31.58
CA HIS A 151 -2.47 -1.75 -30.81
C HIS A 151 -1.58 -2.06 -29.61
N ALA A 152 -1.23 -1.03 -28.85
CA ALA A 152 -0.38 -1.19 -27.68
C ALA A 152 -0.97 -2.19 -26.70
N ALA A 153 -2.29 -2.28 -26.68
CA ALA A 153 -3.00 -3.20 -25.80
C ALA A 153 -2.55 -4.64 -26.04
N GLU A 154 -2.14 -4.93 -27.28
CA GLU A 154 -1.71 -6.27 -27.65
C GLU A 154 -0.47 -6.68 -26.87
N GLN A 155 0.45 -5.74 -26.69
CA GLN A 155 1.65 -5.98 -25.89
C GLN A 155 1.31 -6.32 -24.45
N ARG A 156 0.31 -5.62 -23.91
CA ARG A 156 -0.15 -5.87 -22.56
C ARG A 156 -0.83 -7.23 -22.44
N ARG A 157 -1.58 -7.60 -23.47
CA ARG A 157 -2.28 -8.87 -23.50
C ARG A 157 -1.30 -10.03 -23.41
N VAL A 158 -0.25 -9.99 -24.22
CA VAL A 158 0.73 -11.07 -24.27
C VAL A 158 1.32 -11.33 -22.88
N TYR A 159 1.67 -10.27 -22.18
CA TYR A 159 2.17 -10.38 -20.81
C TYR A 159 1.06 -10.79 -19.86
N LEU A 160 0.02 -9.96 -19.77
CA LEU A 160 -0.93 -10.05 -18.67
C LEU A 160 -1.73 -11.36 -18.75
N GLU A 161 -2.02 -11.79 -19.97
CA GLU A 161 -2.78 -13.01 -20.18
C GLU A 161 -1.88 -14.25 -20.06
N GLY A 162 -0.59 -14.05 -20.22
CA GLY A 162 0.35 -15.15 -20.31
C GLY A 162 1.39 -15.09 -19.19
N ARG A 163 2.39 -14.23 -19.37
CA ARG A 163 3.54 -14.21 -18.47
C ARG A 163 3.12 -13.90 -17.04
N CYS A 164 2.22 -12.94 -16.89
CA CYS A 164 1.72 -12.56 -15.57
C CYS A 164 1.01 -13.73 -14.89
N VAL A 165 0.22 -14.46 -15.67
CA VAL A 165 -0.57 -15.57 -15.14
C VAL A 165 0.34 -16.71 -14.68
N ASP A 166 1.27 -17.11 -15.54
CA ASP A 166 2.17 -18.21 -15.24
C ASP A 166 3.17 -17.82 -14.15
N GLY A 167 3.68 -16.59 -14.23
CA GLY A 167 4.56 -16.05 -13.20
C GLY A 167 3.91 -16.14 -11.82
N LEU A 168 2.72 -15.57 -11.70
CA LEU A 168 1.97 -15.62 -10.44
C LEU A 168 1.70 -17.06 -10.03
N ARG A 169 1.22 -17.87 -10.97
CA ARG A 169 0.92 -19.27 -10.70
C ARG A 169 2.11 -19.96 -10.04
N ARG A 170 3.29 -19.83 -10.66
CA ARG A 170 4.49 -20.47 -10.16
C ARG A 170 4.85 -19.94 -8.78
N TYR A 171 4.67 -18.64 -8.58
CA TYR A 171 4.96 -18.01 -7.30
C TYR A 171 4.03 -18.54 -6.20
N LEU A 172 2.76 -18.73 -6.55
CA LEU A 172 1.77 -19.22 -5.60
C LEU A 172 2.13 -20.62 -5.11
N GLU A 173 2.73 -21.42 -5.99
CA GLU A 173 3.21 -22.74 -5.63
C GLU A 173 4.49 -22.66 -4.78
N ASN A 174 5.47 -21.93 -5.30
CA ASN A 174 6.78 -21.85 -4.66
C ASN A 174 6.67 -21.19 -3.28
N GLY A 175 5.76 -20.22 -3.16
CA GLY A 175 5.60 -19.48 -1.92
C GLY A 175 4.31 -19.86 -1.22
N LYS A 176 3.79 -21.04 -1.54
CA LYS A 176 2.50 -21.47 -1.02
C LYS A 176 2.40 -21.25 0.48
N GLU A 177 3.45 -21.64 1.20
CA GLU A 177 3.42 -21.65 2.66
C GLU A 177 3.69 -20.25 3.22
N THR A 178 3.96 -19.30 2.33
CA THR A 178 4.22 -17.93 2.73
C THR A 178 3.16 -16.99 2.19
N LEU A 179 2.45 -17.43 1.16
CA LEU A 179 1.46 -16.59 0.49
C LEU A 179 0.03 -16.99 0.88
N GLN A 180 -0.23 -18.29 0.85
CA GLN A 180 -1.56 -18.81 1.14
C GLN A 180 -1.71 -19.15 2.62
N ARG A 181 -0.69 -18.80 3.41
CA ARG A 181 -0.76 -18.99 4.85
C ARG A 181 -1.93 -18.23 5.46
N THR A 182 -2.38 -18.68 6.63
CA THR A 182 -3.41 -17.98 7.37
C THR A 182 -2.93 -17.61 8.78
N ASP A 183 -3.44 -16.50 9.29
CA ASP A 183 -3.16 -16.12 10.67
C ASP A 183 -4.37 -15.42 11.30
N PRO A 184 -4.99 -16.08 12.26
CA PRO A 184 -6.19 -15.56 12.90
C PRO A 184 -5.86 -14.39 13.82
N PRO A 185 -6.81 -13.47 13.97
CA PRO A 185 -6.61 -12.28 14.78
C PRO A 185 -6.53 -12.62 16.26
N LYS A 186 -5.73 -11.86 17.00
CA LYS A 186 -5.63 -12.04 18.44
C LYS A 186 -6.76 -11.31 19.17
N THR A 187 -7.97 -11.85 19.05
CA THR A 187 -9.17 -11.09 19.37
C THR A 187 -9.27 -10.80 20.87
N HIS A 188 -9.68 -9.59 21.21
CA HIS A 188 -10.04 -9.26 22.58
C HIS A 188 -10.82 -7.95 22.65
N MET A 189 -11.53 -7.75 23.75
CA MET A 189 -12.34 -6.55 23.94
C MET A 189 -11.99 -5.84 25.24
N THR A 190 -11.97 -4.51 25.19
CA THR A 190 -11.67 -3.70 26.37
C THR A 190 -12.77 -2.67 26.63
N HIS A 191 -12.87 -2.23 27.87
CA HIS A 191 -13.89 -1.25 28.25
C HIS A 191 -13.25 0.07 28.66
N HIS A 192 -13.72 1.16 28.06
CA HIS A 192 -13.12 2.47 28.26
C HIS A 192 -14.17 3.52 28.63
N PRO A 193 -14.41 3.69 29.92
CA PRO A 193 -15.37 4.67 30.40
C PRO A 193 -15.01 6.07 29.90
N ILE A 194 -16.04 6.86 29.60
CA ILE A 194 -15.84 8.23 29.15
C ILE A 194 -16.26 9.23 30.22
N SER A 195 -17.45 9.01 30.79
CA SER A 195 -17.97 9.89 31.82
C SER A 195 -18.71 9.10 32.90
N ASP A 196 -19.45 9.82 33.74
CA ASP A 196 -20.22 9.18 34.81
C ASP A 196 -21.25 8.21 34.24
N HIS A 197 -21.65 8.44 33.00
CA HIS A 197 -22.71 7.65 32.38
C HIS A 197 -22.25 7.07 31.05
N GLU A 198 -21.33 7.76 30.41
CA GLU A 198 -20.92 7.40 29.04
C GLU A 198 -19.70 6.49 29.06
N ALA A 199 -19.72 5.48 28.17
CA ALA A 199 -18.57 4.60 28.00
C ALA A 199 -18.52 4.03 26.58
N THR A 200 -17.40 3.42 26.24
CA THR A 200 -17.24 2.76 24.94
C THR A 200 -16.70 1.36 25.11
N LEU A 201 -16.95 0.51 24.11
CA LEU A 201 -16.24 -0.76 23.98
C LEU A 201 -15.35 -0.76 22.75
N ARG A 202 -14.17 -1.35 22.88
CA ARG A 202 -13.25 -1.49 21.75
C ARG A 202 -13.08 -2.95 21.36
N CYS A 203 -13.39 -3.25 20.10
CA CYS A 203 -13.28 -4.61 19.58
C CYS A 203 -11.99 -4.79 18.78
N TRP A 204 -11.03 -5.52 19.37
CA TRP A 204 -9.70 -5.62 18.80
C TRP A 204 -9.57 -6.87 17.93
N ALA A 205 -8.97 -6.70 16.75
CA ALA A 205 -8.69 -7.83 15.88
C ALA A 205 -7.31 -7.68 15.23
N LEU A 206 -6.26 -7.75 16.04
CA LEU A 206 -4.92 -7.37 15.59
C LEU A 206 -4.10 -8.60 15.24
N GLY A 207 -3.22 -8.45 14.26
CA GLY A 207 -2.17 -9.43 14.00
C GLY A 207 -2.69 -10.59 13.16
N PHE A 208 -3.34 -10.26 12.06
CA PHE A 208 -4.00 -11.26 11.22
C PHE A 208 -3.46 -11.23 9.79
N TYR A 209 -3.68 -12.32 9.07
CA TYR A 209 -3.29 -12.39 7.66
C TYR A 209 -4.19 -13.36 6.90
N PRO A 210 -4.71 -12.91 5.76
CA PRO A 210 -4.18 -11.72 5.10
C PRO A 210 -4.96 -10.47 5.52
N ALA A 211 -4.78 -9.39 4.77
CA ALA A 211 -5.35 -8.10 5.13
C ALA A 211 -6.86 -8.15 5.14
N GLU A 212 -7.42 -9.11 4.42
CA GLU A 212 -8.87 -9.24 4.27
C GLU A 212 -9.54 -9.44 5.62
N ILE A 213 -10.39 -8.49 6.00
CA ILE A 213 -11.08 -8.55 7.27
C ILE A 213 -12.38 -7.74 7.25
N THR A 214 -13.40 -8.25 7.91
CA THR A 214 -14.61 -7.47 8.17
C THR A 214 -14.97 -7.48 9.64
N LEU A 215 -15.22 -6.29 10.20
CA LEU A 215 -15.71 -6.16 11.56
C LEU A 215 -17.20 -5.81 11.58
N THR A 216 -17.93 -6.44 12.49
CA THR A 216 -19.35 -6.14 12.67
C THR A 216 -19.70 -5.97 14.14
N TRP A 217 -20.42 -4.90 14.45
CA TRP A 217 -21.02 -4.74 15.77
C TRP A 217 -22.51 -5.07 15.75
N GLN A 218 -23.01 -5.63 16.84
CA GLN A 218 -24.44 -5.83 17.03
C GLN A 218 -24.89 -5.34 18.39
N ARG A 219 -26.14 -4.88 18.47
CA ARG A 219 -26.78 -4.62 19.75
C ARG A 219 -28.19 -5.20 19.79
N ASP A 220 -28.48 -5.99 20.81
CA ASP A 220 -29.75 -6.70 20.90
C ASP A 220 -29.95 -7.62 19.71
N GLY A 221 -28.85 -8.01 19.07
CA GLY A 221 -28.90 -8.95 17.97
C GLY A 221 -28.98 -8.22 16.63
N GLU A 222 -29.18 -6.91 16.69
CA GLU A 222 -29.31 -6.10 15.49
C GLU A 222 -28.00 -5.39 15.16
N ASP A 223 -27.68 -5.30 13.87
CA ASP A 223 -26.43 -4.70 13.42
C ASP A 223 -26.34 -3.24 13.85
N GLN A 224 -25.15 -2.81 14.24
CA GLN A 224 -24.90 -1.41 14.55
C GLN A 224 -23.98 -0.77 13.51
N THR A 225 -24.53 0.12 12.71
CA THR A 225 -23.80 0.68 11.57
C THR A 225 -23.67 2.19 11.70
N GLN A 226 -24.24 2.74 12.76
CA GLN A 226 -24.36 4.20 12.90
C GLN A 226 -23.42 4.73 13.99
N ASP A 227 -23.63 4.27 15.22
CA ASP A 227 -22.87 4.76 16.35
C ASP A 227 -21.56 4.01 16.52
N THR A 228 -20.68 4.13 15.53
CA THR A 228 -19.52 3.25 15.41
C THR A 228 -18.32 4.00 14.84
N GLU A 229 -17.13 3.56 15.21
CA GLU A 229 -15.90 4.06 14.60
C GLU A 229 -14.96 2.92 14.25
N LEU A 230 -14.41 2.95 13.05
CA LEU A 230 -13.50 1.92 12.58
C LEU A 230 -12.22 2.53 12.01
N VAL A 231 -11.12 1.77 12.10
CA VAL A 231 -9.89 2.15 11.44
C VAL A 231 -9.66 1.30 10.19
N GLU A 232 -9.05 1.92 9.17
CA GLU A 232 -8.65 1.19 7.98
C GLU A 232 -7.56 0.18 8.29
N THR A 233 -7.57 -0.95 7.59
CA THR A 233 -6.58 -1.99 7.79
C THR A 233 -5.17 -1.46 7.56
N ARG A 234 -4.28 -1.73 8.51
CA ARG A 234 -2.93 -1.19 8.46
C ARG A 234 -1.89 -2.27 8.76
N PRO A 235 -0.72 -2.14 8.16
CA PRO A 235 0.39 -3.06 8.42
C PRO A 235 0.72 -3.10 9.91
N ALA A 236 0.97 -4.30 10.43
CA ALA A 236 1.45 -4.46 11.79
C ALA A 236 2.96 -4.24 11.87
N GLY A 237 3.62 -4.30 10.73
CA GLY A 237 5.07 -4.13 10.66
C GLY A 237 5.80 -5.42 10.96
N ASP A 238 5.06 -6.53 10.97
CA ASP A 238 5.63 -7.83 11.27
C ASP A 238 5.06 -8.92 10.37
N GLY A 239 4.53 -8.50 9.22
CA GLY A 239 4.04 -9.44 8.22
C GLY A 239 2.54 -9.64 8.34
N THR A 240 1.96 -9.14 9.43
CA THR A 240 0.52 -9.20 9.63
C THR A 240 -0.10 -7.82 9.59
N PHE A 241 -1.41 -7.75 9.78
CA PHE A 241 -2.14 -6.49 9.72
C PHE A 241 -2.95 -6.26 10.98
N GLN A 242 -3.29 -5.00 11.23
CA GLN A 242 -4.10 -4.64 12.39
C GLN A 242 -5.45 -4.07 11.96
N LYS A 243 -6.47 -4.27 12.81
CA LYS A 243 -7.72 -3.54 12.67
C LYS A 243 -8.51 -3.56 13.98
N TRP A 244 -9.21 -2.48 14.26
CA TRP A 244 -10.09 -2.42 15.42
C TRP A 244 -11.34 -1.60 15.13
N ALA A 245 -12.39 -1.81 15.93
CA ALA A 245 -13.58 -0.98 15.86
C ALA A 245 -14.12 -0.69 17.25
N ALA A 246 -14.92 0.37 17.36
CA ALA A 246 -15.53 0.75 18.64
C ALA A 246 -16.94 1.28 18.43
N VAL A 247 -17.78 1.14 19.45
CA VAL A 247 -19.11 1.74 19.45
C VAL A 247 -19.40 2.43 20.78
N VAL A 248 -20.43 3.27 20.79
CA VAL A 248 -20.85 3.95 22.00
C VAL A 248 -21.64 3.02 22.91
N VAL A 249 -21.16 2.87 24.15
CA VAL A 249 -21.73 1.89 25.07
C VAL A 249 -21.96 2.51 26.44
N PRO A 250 -23.16 3.05 26.67
CA PRO A 250 -23.52 3.59 27.96
C PRO A 250 -23.29 2.58 29.08
N SER A 251 -22.79 3.07 30.21
CA SER A 251 -22.39 2.20 31.31
C SER A 251 -23.54 1.29 31.73
N GLY A 252 -23.28 -0.01 31.76
CA GLY A 252 -24.25 -0.98 32.21
C GLY A 252 -24.97 -1.64 31.04
N GLU A 253 -24.84 -1.03 29.86
CA GLU A 253 -25.51 -1.52 28.66
C GLU A 253 -24.59 -2.42 27.85
N GLU A 254 -23.37 -2.61 28.34
CA GLU A 254 -22.36 -3.36 27.61
C GLU A 254 -22.81 -4.79 27.36
N GLN A 255 -23.72 -5.28 28.21
CA GLN A 255 -24.20 -6.65 28.10
C GLN A 255 -25.01 -6.86 26.82
N ARG A 256 -25.42 -5.75 26.21
CA ARG A 256 -26.30 -5.81 25.04
C ARG A 256 -25.50 -5.80 23.75
N TYR A 257 -24.19 -5.66 23.87
CA TYR A 257 -23.33 -5.48 22.70
C TYR A 257 -22.56 -6.76 22.38
N THR A 258 -22.30 -6.98 21.10
CA THR A 258 -21.39 -8.04 20.67
C THR A 258 -20.66 -7.66 19.39
N CYS A 259 -19.38 -8.00 19.32
CA CYS A 259 -18.59 -7.76 18.12
C CYS A 259 -18.21 -9.07 17.43
N HIS A 260 -18.23 -9.07 16.11
CA HIS A 260 -17.83 -10.24 15.34
C HIS A 260 -16.69 -9.90 14.38
N VAL A 261 -15.79 -10.86 14.19
CA VAL A 261 -14.68 -10.69 13.25
C VAL A 261 -14.69 -11.78 12.18
N GLN A 262 -14.91 -11.38 10.94
CA GLN A 262 -15.11 -12.33 9.85
C GLN A 262 -13.92 -12.32 8.90
N HIS A 263 -13.45 -13.52 8.56
CA HIS A 263 -12.40 -13.66 7.55
C HIS A 263 -12.78 -14.69 6.49
N GLU A 264 -12.13 -14.61 5.34
CA GLU A 264 -12.26 -15.65 4.32
C GLU A 264 -11.22 -16.74 4.49
N GLY A 265 -10.17 -16.43 5.25
CA GLY A 265 -9.07 -17.37 5.45
C GLY A 265 -9.33 -18.30 6.61
N LEU A 266 -10.42 -18.05 7.33
CA LEU A 266 -10.77 -18.85 8.50
C LEU A 266 -12.06 -19.64 8.27
N PRO A 267 -12.15 -20.81 8.90
CA PRO A 267 -13.32 -21.67 8.74
C PRO A 267 -14.52 -21.10 9.50
N LYS A 268 -14.25 -20.16 10.39
CA LYS A 268 -15.30 -19.58 11.23
C LYS A 268 -14.92 -18.18 11.70
N PRO A 269 -15.93 -17.35 11.92
CA PRO A 269 -15.71 -16.02 12.50
C PRO A 269 -15.40 -16.12 13.98
N LEU A 270 -14.83 -15.04 14.54
CA LEU A 270 -14.61 -14.95 15.97
C LEU A 270 -15.54 -13.92 16.61
N THR A 271 -15.99 -14.21 17.82
CA THR A 271 -16.95 -13.36 18.51
C THR A 271 -16.35 -12.79 19.80
N LEU A 272 -16.55 -11.50 20.01
CA LEU A 272 -16.03 -10.82 21.20
C LEU A 272 -17.15 -10.25 22.05
N ARG A 273 -17.03 -10.40 23.36
CA ARG A 273 -17.99 -9.82 24.29
C ARG A 273 -17.30 -9.29 25.54
N TRP A 274 -18.02 -8.48 26.31
CA TRP A 274 -17.50 -7.93 27.55
C TRP A 274 -18.54 -8.01 28.67
N ILE B 1 9.03 -11.62 -13.20
CA ILE B 1 7.92 -11.59 -14.14
C ILE B 1 7.41 -10.18 -14.35
N LEU B 2 8.28 -9.29 -14.83
CA LEU B 2 7.88 -7.93 -15.15
C LEU B 2 7.46 -7.82 -16.62
N ASP B 3 6.65 -6.80 -16.93
CA ASP B 3 6.24 -6.54 -18.29
C ASP B 3 7.34 -5.81 -19.07
N THR B 4 7.78 -6.41 -20.18
CA THR B 4 8.90 -5.89 -20.94
C THR B 4 8.55 -4.56 -21.58
N ALA B 5 9.56 -3.74 -21.84
CA ALA B 5 9.35 -2.40 -22.39
C ALA B 5 8.74 -2.48 -23.78
N GLY B 6 7.68 -1.69 -23.98
CA GLY B 6 7.02 -1.63 -25.28
C GLY B 6 6.81 -0.19 -25.73
N LYS B 7 5.62 0.09 -26.26
CA LYS B 7 5.27 1.45 -26.67
C LYS B 7 4.52 2.18 -25.57
N GLU B 8 5.24 2.58 -24.53
CA GLU B 8 4.64 3.30 -23.41
C GLU B 8 4.95 4.79 -23.50
N GLU B 9 5.31 5.25 -24.70
CA GLU B 9 5.63 6.66 -24.91
C GLU B 9 4.36 7.48 -25.09
N TYR B 10 4.37 8.70 -24.56
CA TYR B 10 3.25 9.61 -24.71
C TYR B 10 3.41 10.50 -25.94
N MET C 1 -2.14 20.57 -11.41
CA MET C 1 -1.71 19.59 -10.42
C MET C 1 -2.52 19.71 -9.13
N ILE C 2 -2.82 18.58 -8.52
CA ILE C 2 -3.50 18.56 -7.23
C ILE C 2 -2.63 17.92 -6.16
N GLN C 3 -2.96 18.19 -4.90
CA GLN C 3 -2.18 17.67 -3.78
C GLN C 3 -3.09 17.05 -2.72
N ARG C 4 -2.53 16.13 -1.94
CA ARG C 4 -3.29 15.44 -0.90
C ARG C 4 -2.54 15.44 0.42
N THR C 5 -3.29 15.53 1.52
CA THR C 5 -2.69 15.61 2.84
C THR C 5 -2.59 14.23 3.50
N PRO C 6 -1.42 13.93 4.05
CA PRO C 6 -1.18 12.62 4.66
C PRO C 6 -2.02 12.42 5.92
N LYS C 7 -2.40 11.18 6.18
CA LYS C 7 -2.83 10.78 7.51
C LYS C 7 -1.71 10.10 8.28
N ILE C 8 -1.67 10.32 9.59
CA ILE C 8 -0.62 9.78 10.43
C ILE C 8 -1.17 8.87 11.51
N GLN C 9 -0.74 7.60 11.49
CA GLN C 9 -1.13 6.65 12.52
C GLN C 9 0.10 6.09 13.24
N VAL C 10 0.15 6.29 14.55
CA VAL C 10 1.27 5.80 15.35
C VAL C 10 0.83 4.71 16.31
N TYR C 11 1.50 3.57 16.25
CA TYR C 11 1.03 2.37 16.95
C TYR C 11 2.17 1.37 17.13
N SER C 12 1.90 0.31 17.90
CA SER C 12 2.82 -0.82 17.97
C SER C 12 2.16 -2.09 17.45
N ARG C 13 2.99 -3.04 17.01
CA ARG C 13 2.48 -4.26 16.39
C ARG C 13 1.67 -5.09 17.37
N HIS C 14 1.95 -4.91 18.66
CA HIS C 14 1.12 -5.51 19.71
C HIS C 14 1.00 -4.58 20.90
N PRO C 15 -0.07 -4.76 21.68
CA PRO C 15 -0.35 -3.89 22.82
C PRO C 15 0.87 -3.77 23.73
N ALA C 16 1.14 -2.54 24.18
CA ALA C 16 2.37 -2.25 24.92
C ALA C 16 2.44 -3.07 26.21
N GLU C 17 3.65 -3.51 26.56
CA GLU C 17 3.89 -4.10 27.86
C GLU C 17 5.31 -3.82 28.33
N ASN C 18 5.44 -3.34 29.57
CA ASN C 18 6.72 -2.84 30.07
C ASN C 18 7.79 -3.92 30.00
N GLY C 19 8.84 -3.64 29.24
CA GLY C 19 10.01 -4.52 29.21
C GLY C 19 9.89 -5.55 28.08
N LYS C 20 8.71 -5.63 27.49
CA LYS C 20 8.45 -6.62 26.45
C LYS C 20 8.75 -6.06 25.06
N SER C 21 9.76 -6.61 24.41
CA SER C 21 10.24 -6.10 23.13
C SER C 21 9.06 -5.81 22.20
N ASN C 22 9.14 -4.67 21.51
CA ASN C 22 8.07 -4.25 20.61
C ASN C 22 8.63 -3.46 19.44
N PHE C 23 7.77 -3.20 18.45
CA PHE C 23 8.14 -2.38 17.31
C PHE C 23 7.24 -1.16 17.18
N LEU C 24 7.84 0.01 17.07
CA LEU C 24 7.09 1.26 16.94
C LEU C 24 6.82 1.59 15.48
N ASN C 25 5.53 1.65 15.12
CA ASN C 25 5.14 1.88 13.74
C ASN C 25 4.63 3.30 13.54
N CYS C 26 4.93 3.88 12.38
CA CYS C 26 4.24 5.08 11.92
C CYS C 26 3.78 4.93 10.48
N TYR C 27 2.47 4.79 10.30
CA TYR C 27 1.91 4.55 8.97
C TYR C 27 1.35 5.83 8.36
N VAL C 28 1.94 6.25 7.24
CA VAL C 28 1.55 7.49 6.59
C VAL C 28 1.06 7.26 5.17
N SER C 29 -0.17 7.69 4.90
CA SER C 29 -0.85 7.34 3.66
C SER C 29 -1.76 8.47 3.19
N GLY C 30 -2.04 8.49 1.90
CA GLY C 30 -3.14 9.31 1.36
C GLY C 30 -2.64 10.70 0.99
N PHE C 31 -1.38 10.80 0.64
CA PHE C 31 -0.75 12.09 0.37
C PHE C 31 -0.25 12.18 -1.07
N HIS C 32 -0.04 13.40 -1.54
CA HIS C 32 0.41 13.62 -2.92
C HIS C 32 0.86 15.06 -3.13
N PRO C 33 2.04 15.23 -3.69
CA PRO C 33 2.76 14.13 -4.31
C PRO C 33 3.63 13.39 -3.30
N SER C 34 4.67 12.71 -3.81
CA SER C 34 5.46 11.81 -2.98
C SER C 34 6.36 12.58 -2.04
N ASP C 35 6.42 13.89 -2.21
CA ASP C 35 7.36 14.73 -1.47
C ASP C 35 6.97 14.82 0.00
N ILE C 36 7.42 13.85 0.79
CA ILE C 36 7.00 13.74 2.18
C ILE C 36 8.18 13.36 3.07
N GLU C 37 8.18 13.86 4.30
CA GLU C 37 9.17 13.48 5.30
C GLU C 37 8.51 12.83 6.51
N VAL C 38 8.97 11.64 6.87
CA VAL C 38 8.44 10.92 8.02
C VAL C 38 9.54 10.46 8.96
N ASP C 39 9.43 10.86 10.22
CA ASP C 39 10.44 10.54 11.21
C ASP C 39 9.80 10.06 12.52
N LEU C 40 10.48 9.16 13.21
CA LEU C 40 10.04 8.71 14.52
C LEU C 40 10.74 9.48 15.64
N LEU C 41 10.01 9.78 16.70
CA LEU C 41 10.54 10.56 17.81
C LEU C 41 10.65 9.73 19.08
N LYS C 42 11.65 10.02 19.89
CA LYS C 42 11.66 9.60 21.29
C LYS C 42 11.89 10.78 22.22
N ASN C 43 10.89 11.09 23.05
CA ASN C 43 10.94 12.27 23.89
C ASN C 43 11.20 13.52 23.07
N GLY C 44 10.68 13.55 21.85
CA GLY C 44 10.73 14.75 21.01
C GLY C 44 11.96 14.74 20.12
N GLU C 45 12.89 13.84 20.41
CA GLU C 45 14.14 13.76 19.66
C GLU C 45 14.05 12.71 18.55
N ARG C 46 14.64 13.02 17.41
CA ARG C 46 14.61 12.11 16.26
C ARG C 46 15.32 10.80 16.58
N ILE C 47 14.72 9.68 16.18
CA ILE C 47 15.38 8.39 16.23
C ILE C 47 16.13 8.10 14.94
N GLU C 48 17.42 7.83 15.06
CA GLU C 48 18.28 7.64 13.90
C GLU C 48 18.14 6.22 13.34
N LYS C 49 18.01 5.25 14.23
CA LYS C 49 17.99 3.84 13.84
C LYS C 49 16.59 3.41 13.43
N VAL C 50 16.14 3.89 12.27
CA VAL C 50 14.77 3.64 11.81
C VAL C 50 14.77 3.06 10.40
N GLU C 51 13.93 2.05 10.19
CA GLU C 51 13.74 1.48 8.86
C GLU C 51 12.39 1.87 8.29
N HIS C 52 12.20 1.60 7.00
CA HIS C 52 10.97 1.95 6.31
C HIS C 52 10.70 1.01 5.14
N SER C 53 9.46 1.00 4.68
CA SER C 53 9.09 0.25 3.48
C SER C 53 9.42 1.05 2.21
N ASP C 54 9.31 0.40 1.06
CA ASP C 54 9.41 1.08 -0.22
C ASP C 54 8.13 1.84 -0.55
N LEU C 55 8.28 3.00 -1.19
CA LEU C 55 7.14 3.85 -1.50
C LEU C 55 6.23 3.19 -2.52
N SER C 56 4.93 3.17 -2.23
CA SER C 56 3.93 2.69 -3.18
C SER C 56 2.74 3.64 -3.26
N PHE C 57 1.83 3.34 -4.19
CA PHE C 57 0.59 4.11 -4.30
C PHE C 57 -0.60 3.20 -4.59
N SER C 58 -1.79 3.69 -4.29
CA SER C 58 -2.99 2.86 -4.37
C SER C 58 -3.81 3.20 -5.61
N LYS C 59 -5.04 2.70 -5.66
CA LYS C 59 -5.88 2.85 -6.84
C LYS C 59 -6.19 4.32 -7.10
N ASP C 60 -6.26 5.11 -6.03
CA ASP C 60 -6.55 6.53 -6.15
C ASP C 60 -5.28 7.34 -6.33
N TRP C 61 -4.17 6.64 -6.59
CA TRP C 61 -2.92 7.29 -6.96
C TRP C 61 -2.33 8.06 -5.80
N SER C 62 -2.89 7.87 -4.61
CA SER C 62 -2.32 8.41 -3.39
C SER C 62 -1.14 7.58 -2.92
N PHE C 63 -0.18 8.23 -2.25
CA PHE C 63 1.03 7.55 -1.81
C PHE C 63 0.91 7.08 -0.38
N TYR C 64 1.62 6.01 -0.05
CA TYR C 64 1.72 5.54 1.32
C TYR C 64 3.06 4.85 1.58
N LEU C 65 3.51 4.90 2.83
CA LEU C 65 4.70 4.16 3.24
C LEU C 65 4.73 3.96 4.75
N LEU C 66 5.45 2.92 5.19
CA LEU C 66 5.54 2.61 6.61
C LEU C 66 6.95 2.91 7.14
N TYR C 67 7.01 3.57 8.29
CA TYR C 67 8.23 3.61 9.08
C TYR C 67 8.09 2.80 10.36
N TYR C 68 9.19 2.19 10.79
CA TYR C 68 9.18 1.35 11.99
C TYR C 68 10.56 1.29 12.63
N THR C 69 10.59 1.04 13.93
CA THR C 69 11.85 0.74 14.62
C THR C 69 11.60 -0.14 15.84
N GLU C 70 12.62 -0.89 16.23
CA GLU C 70 12.56 -1.73 17.42
C GLU C 70 12.86 -0.92 18.68
N PHE C 71 12.08 -1.16 19.72
CA PHE C 71 12.27 -0.48 21.00
C PHE C 71 11.79 -1.32 22.16
N THR C 72 12.10 -0.88 23.37
CA THR C 72 11.56 -1.51 24.57
C THR C 72 10.54 -0.60 25.28
N PRO C 73 9.29 -1.03 25.30
CA PRO C 73 8.24 -0.26 25.93
C PRO C 73 8.58 0.07 27.38
N THR C 74 8.31 1.30 27.79
CA THR C 74 8.56 1.74 29.15
C THR C 74 7.47 2.68 29.64
N GLU C 75 7.66 3.22 30.84
CA GLU C 75 6.71 4.16 31.42
C GLU C 75 7.33 5.56 31.52
N LYS C 76 8.64 5.64 31.33
CA LYS C 76 9.36 6.90 31.47
C LYS C 76 9.35 7.67 30.15
N ASP C 77 9.70 7.00 29.07
CA ASP C 77 9.90 7.65 27.78
C ASP C 77 8.60 7.68 26.98
N GLU C 78 8.42 8.73 26.19
CA GLU C 78 7.30 8.81 25.26
C GLU C 78 7.77 8.71 23.81
N TYR C 79 6.93 8.13 22.96
CA TYR C 79 7.25 7.98 21.55
C TYR C 79 6.21 8.67 20.68
N ALA C 80 6.62 9.11 19.50
CA ALA C 80 5.74 9.82 18.58
C ALA C 80 6.23 9.71 17.14
N CYS C 81 5.46 10.27 16.22
CA CYS C 81 5.88 10.36 14.82
C CYS C 81 5.62 11.75 14.25
N ARG C 82 6.58 12.26 13.50
CA ARG C 82 6.46 13.58 12.89
C ARG C 82 6.47 13.49 11.37
N VAL C 83 5.51 14.17 10.75
CA VAL C 83 5.37 14.13 9.29
C VAL C 83 5.29 15.53 8.71
N ASN C 84 6.09 15.78 7.67
CA ASN C 84 6.04 17.04 6.95
C ASN C 84 5.53 16.85 5.53
N HIS C 85 4.77 17.82 5.04
CA HIS C 85 4.23 17.77 3.69
C HIS C 85 3.84 19.16 3.20
N VAL C 86 3.84 19.34 1.88
CA VAL C 86 3.66 20.66 1.28
C VAL C 86 2.25 21.19 1.51
N THR C 87 1.33 20.28 1.85
CA THR C 87 -0.04 20.67 2.14
C THR C 87 -0.23 20.96 3.63
N LEU C 88 0.84 20.82 4.39
CA LEU C 88 0.80 21.05 5.83
C LEU C 88 1.47 22.37 6.20
N SER C 89 0.68 23.34 6.62
CA SER C 89 1.20 24.61 7.08
C SER C 89 1.98 24.45 8.39
N GLN C 90 1.73 23.34 9.07
CA GLN C 90 2.46 23.02 10.30
C GLN C 90 2.74 21.52 10.40
N PRO C 91 3.97 21.19 10.78
CA PRO C 91 4.36 19.79 10.95
C PRO C 91 3.36 19.05 11.85
N LYS C 92 2.97 17.85 11.41
CA LYS C 92 2.05 17.04 12.19
C LYS C 92 2.79 16.09 13.11
N ILE C 93 2.42 16.09 14.39
CA ILE C 93 3.02 15.18 15.36
C ILE C 93 1.95 14.35 16.07
N VAL C 94 2.09 13.03 16.03
CA VAL C 94 1.15 12.14 16.68
C VAL C 94 1.83 11.30 17.75
N LYS C 95 1.23 11.25 18.93
CA LYS C 95 1.81 10.52 20.05
C LYS C 95 1.47 9.03 19.96
N TRP C 96 2.43 8.19 20.35
CA TRP C 96 2.19 6.75 20.42
C TRP C 96 1.21 6.42 21.54
N ASP C 97 0.19 5.63 21.20
CA ASP C 97 -0.80 5.19 22.18
C ASP C 97 -0.53 3.75 22.60
N ARG C 98 -0.17 3.58 23.87
CA ARG C 98 0.21 2.26 24.39
C ARG C 98 -0.92 1.26 24.22
N ASP C 99 -2.15 1.76 24.22
CA ASP C 99 -3.32 0.89 24.23
C ASP C 99 -4.01 0.88 22.86
N MET C 100 -3.28 1.31 21.84
CA MET C 100 -3.79 1.29 20.47
C MET C 100 -2.66 1.41 19.46
N GLY A 1 -8.69 -18.89 -2.81
CA GLY A 1 -9.46 -18.73 -4.03
C GLY A 1 -8.62 -18.11 -5.14
N SER A 2 -9.07 -16.99 -5.67
CA SER A 2 -8.31 -16.25 -6.67
C SER A 2 -7.13 -15.53 -6.04
N HIS A 3 -6.18 -15.12 -6.89
CA HIS A 3 -5.02 -14.37 -6.42
C HIS A 3 -4.70 -13.22 -7.36
N SER A 4 -4.08 -12.17 -6.81
CA SER A 4 -3.76 -10.98 -7.60
C SER A 4 -2.25 -10.76 -7.67
N MET A 5 -1.79 -10.33 -8.84
CA MET A 5 -0.42 -9.82 -8.97
C MET A 5 -0.43 -8.37 -9.44
N ARG A 6 0.39 -7.54 -8.79
CA ARG A 6 0.43 -6.12 -9.09
C ARG A 6 1.86 -5.61 -9.16
N TYR A 7 2.10 -4.63 -10.02
CA TYR A 7 3.35 -3.89 -10.01
C TYR A 7 3.09 -2.38 -10.08
N PHE A 8 3.78 -1.63 -9.22
CA PHE A 8 3.58 -0.19 -9.14
C PHE A 8 4.85 0.57 -9.48
N PHE A 9 4.75 1.50 -10.42
CA PHE A 9 5.92 2.25 -10.89
C PHE A 9 5.68 3.75 -10.77
N THR A 10 6.63 4.45 -10.15
CA THR A 10 6.54 5.89 -10.00
C THR A 10 7.83 6.57 -10.44
N SER A 11 7.68 7.70 -11.14
CA SER A 11 8.83 8.54 -11.48
C SER A 11 8.59 9.98 -11.07
N VAL A 12 9.52 10.53 -10.29
CA VAL A 12 9.36 11.87 -9.73
C VAL A 12 10.48 12.79 -10.18
N SER A 13 10.10 13.93 -10.76
CA SER A 13 11.08 14.87 -11.29
C SER A 13 11.99 15.41 -10.19
N ARG A 14 13.24 15.71 -10.55
CA ARG A 14 14.18 16.29 -9.61
C ARG A 14 15.05 17.34 -10.29
N PRO A 15 14.48 18.51 -10.52
CA PRO A 15 15.20 19.61 -11.15
C PRO A 15 16.50 19.92 -10.42
N GLY A 16 17.58 20.09 -11.17
CA GLY A 16 18.88 20.40 -10.58
C GLY A 16 19.53 19.16 -9.98
N ARG A 17 18.83 18.55 -9.03
CA ARG A 17 19.41 17.46 -8.25
C ARG A 17 19.40 16.14 -9.03
N GLY A 18 20.19 16.08 -10.09
CA GLY A 18 20.36 14.84 -10.85
C GLY A 18 19.11 14.51 -11.65
N GLU A 19 18.93 13.23 -11.94
CA GLU A 19 17.81 12.78 -12.77
C GLU A 19 16.61 12.39 -11.92
N PRO A 20 15.43 12.45 -12.51
CA PRO A 20 14.21 12.05 -11.82
C PRO A 20 14.35 10.66 -11.22
N ARG A 21 13.80 10.48 -10.01
CA ARG A 21 13.90 9.21 -9.31
C ARG A 21 12.87 8.22 -9.84
N PHE A 22 13.27 6.95 -9.93
CA PHE A 22 12.37 5.90 -10.39
C PHE A 22 12.23 4.81 -9.33
N ILE A 23 11.00 4.53 -8.94
CA ILE A 23 10.71 3.52 -7.93
C ILE A 23 9.76 2.45 -8.47
N ALA A 24 10.09 1.19 -8.21
CA ALA A 24 9.26 0.08 -8.64
C ALA A 24 9.10 -0.95 -7.53
N VAL A 25 7.86 -1.31 -7.23
CA VAL A 25 7.57 -2.32 -6.22
C VAL A 25 6.55 -3.34 -6.73
N GLY A 26 6.86 -4.61 -6.55
CA GLY A 26 5.98 -5.69 -6.99
C GLY A 26 5.28 -6.34 -5.81
N TYR A 27 4.03 -6.76 -6.01
CA TYR A 27 3.27 -7.44 -4.97
C TYR A 27 2.66 -8.73 -5.49
N VAL A 28 2.60 -9.75 -4.63
CA VAL A 28 1.64 -10.83 -4.79
C VAL A 28 0.61 -10.81 -3.66
N ASP A 29 -0.64 -10.54 -4.01
CA ASP A 29 -1.65 -10.17 -3.02
C ASP A 29 -1.13 -9.06 -2.11
N ASP A 30 -0.90 -9.40 -0.84
CA ASP A 30 -0.54 -8.41 0.17
C ASP A 30 0.97 -8.37 0.40
N THR A 31 1.69 -9.24 -0.32
CA THR A 31 3.10 -9.47 -0.04
C THR A 31 3.99 -8.82 -1.08
N GLN A 32 4.92 -7.99 -0.63
CA GLN A 32 6.00 -7.52 -1.48
C GLN A 32 7.10 -8.57 -1.61
N PHE A 33 7.54 -8.81 -2.84
CA PHE A 33 8.43 -9.93 -3.13
C PHE A 33 9.57 -9.51 -4.04
N VAL A 34 9.43 -8.35 -4.66
CA VAL A 34 10.52 -7.74 -5.41
C VAL A 34 10.55 -6.24 -5.23
N ARG A 35 11.73 -5.64 -5.40
CA ARG A 35 11.87 -4.19 -5.34
C ARG A 35 12.89 -3.69 -6.36
N PHE A 36 12.80 -2.41 -6.69
CA PHE A 36 13.84 -1.76 -7.47
C PHE A 36 13.83 -0.25 -7.23
N ASP A 37 15.03 0.34 -7.18
CA ASP A 37 15.16 1.77 -6.91
C ASP A 37 16.36 2.36 -7.65
N SER A 38 16.11 3.41 -8.43
CA SER A 38 17.14 4.02 -9.25
C SER A 38 18.26 4.59 -8.39
N ASP A 39 17.97 4.81 -7.11
CA ASP A 39 18.97 5.31 -6.18
C ASP A 39 19.55 4.19 -5.33
N ALA A 40 19.28 2.95 -5.73
CA ALA A 40 19.81 1.79 -5.04
C ALA A 40 21.33 1.73 -5.16
N ALA A 41 21.98 1.22 -4.12
CA ALA A 41 23.43 0.99 -4.16
C ALA A 41 23.79 -0.03 -5.24
N SER A 42 22.92 -1.01 -5.43
CA SER A 42 23.20 -2.11 -6.36
C SER A 42 22.87 -1.71 -7.79
N GLN A 43 21.93 -0.79 -7.94
CA GLN A 43 21.45 -0.40 -9.25
C GLN A 43 20.88 -1.59 -10.02
N LYS A 44 20.47 -2.62 -9.28
CA LYS A 44 19.88 -3.80 -9.88
C LYS A 44 18.57 -4.16 -9.20
N MET A 45 17.76 -4.97 -9.88
CA MET A 45 16.57 -5.56 -9.28
C MET A 45 16.94 -6.45 -8.10
N GLU A 46 16.16 -6.37 -7.02
CA GLU A 46 16.40 -7.16 -5.83
C GLU A 46 15.15 -7.92 -5.40
N PRO A 47 15.34 -9.15 -4.95
CA PRO A 47 14.24 -9.92 -4.36
C PRO A 47 13.93 -9.44 -2.95
N ARG A 48 12.73 -9.77 -2.47
CA ARG A 48 12.41 -9.67 -1.05
C ARG A 48 11.92 -11.00 -0.50
N ALA A 49 11.25 -11.77 -1.34
CA ALA A 49 10.64 -13.03 -0.91
C ALA A 49 11.62 -14.19 -1.04
N PRO A 50 11.67 -15.03 -0.02
CA PRO A 50 12.53 -16.21 -0.04
C PRO A 50 12.33 -17.02 -1.31
N TRP A 51 11.07 -17.11 -1.75
CA TRP A 51 10.69 -18.12 -2.73
C TRP A 51 10.93 -17.63 -4.15
N ILE A 52 11.50 -16.43 -4.26
CA ILE A 52 11.91 -15.90 -5.56
C ILE A 52 13.42 -15.66 -5.60
N GLU A 53 14.10 -16.01 -4.51
CA GLU A 53 15.55 -15.87 -4.44
C GLU A 53 16.26 -16.96 -5.22
N GLN A 54 15.47 -17.87 -5.79
CA GLN A 54 16.01 -18.97 -6.57
C GLN A 54 16.11 -18.59 -8.05
N GLU A 55 15.61 -17.41 -8.39
CA GLU A 55 15.71 -16.90 -9.75
C GLU A 55 17.09 -16.34 -10.04
N GLY A 56 17.63 -16.68 -11.20
CA GLY A 56 18.97 -16.26 -11.57
C GLY A 56 18.94 -15.00 -12.43
N PRO A 57 20.07 -14.66 -13.04
CA PRO A 57 20.18 -13.47 -13.87
C PRO A 57 19.33 -13.59 -15.12
N GLU A 58 18.93 -14.82 -15.44
CA GLU A 58 18.12 -15.08 -16.62
C GLU A 58 16.80 -14.32 -16.57
N TYR A 59 16.45 -13.85 -15.37
CA TYR A 59 15.31 -12.95 -15.20
C TYR A 59 15.77 -11.57 -14.75
N TRP A 60 16.57 -11.53 -13.69
CA TRP A 60 16.80 -10.29 -12.97
C TRP A 60 17.51 -9.26 -13.83
N ASP A 61 18.47 -9.73 -14.62
CA ASP A 61 19.32 -8.84 -15.42
C ASP A 61 18.52 -8.18 -16.53
N GLN A 62 17.67 -8.96 -17.20
CA GLN A 62 16.80 -8.44 -18.24
C GLN A 62 15.72 -7.54 -17.66
N GLU A 63 15.15 -7.96 -16.53
CA GLU A 63 14.12 -7.18 -15.86
C GLU A 63 14.65 -5.83 -15.38
N THR A 64 15.89 -5.84 -14.89
CA THR A 64 16.57 -4.61 -14.51
C THR A 64 16.70 -3.66 -15.70
N ARG A 65 17.12 -4.19 -16.83
CA ARG A 65 17.23 -3.41 -18.06
C ARG A 65 15.86 -2.90 -18.51
N ASN A 66 14.84 -3.74 -18.35
CA ASN A 66 13.48 -3.38 -18.70
C ASN A 66 12.97 -2.21 -17.87
N MET A 67 13.23 -2.27 -16.56
CA MET A 67 12.82 -1.22 -15.65
C MET A 67 13.59 0.07 -15.92
N LYS A 68 14.84 -0.07 -16.35
CA LYS A 68 15.61 1.06 -16.84
C LYS A 68 14.95 1.70 -18.05
N ALA A 69 14.50 0.86 -18.98
CA ALA A 69 13.77 1.34 -20.15
C ALA A 69 12.48 2.04 -19.74
N HIS A 70 11.80 1.49 -18.75
CA HIS A 70 10.61 2.12 -18.19
C HIS A 70 10.93 3.49 -17.60
N SER A 71 12.02 3.56 -16.84
CA SER A 71 12.46 4.81 -16.24
C SER A 71 12.75 5.86 -17.32
N GLN A 72 13.49 5.46 -18.35
CA GLN A 72 13.83 6.37 -19.44
C GLN A 72 12.59 6.90 -20.14
N THR A 73 11.61 6.02 -20.33
CA THR A 73 10.36 6.40 -20.98
C THR A 73 9.57 7.37 -20.10
N ASP A 74 9.45 7.05 -18.82
CA ASP A 74 8.71 7.88 -17.88
C ASP A 74 9.30 9.28 -17.80
N ARG A 75 10.63 9.35 -17.76
CA ARG A 75 11.34 10.63 -17.74
C ARG A 75 11.03 11.44 -19.00
N ALA A 76 11.05 10.77 -20.14
CA ALA A 76 10.68 11.41 -21.41
C ALA A 76 9.24 11.90 -21.37
N ASN A 77 8.36 11.09 -20.79
CA ASN A 77 6.94 11.43 -20.71
C ASN A 77 6.72 12.66 -19.85
N LEU A 78 7.43 12.73 -18.73
CA LEU A 78 7.33 13.87 -17.83
C LEU A 78 7.71 15.17 -18.53
N GLY A 79 8.80 15.14 -19.28
CA GLY A 79 9.22 16.28 -20.08
C GLY A 79 8.22 16.59 -21.18
N THR A 80 7.74 15.54 -21.84
CA THR A 80 6.81 15.71 -22.96
C THR A 80 5.50 16.33 -22.51
N LEU A 81 4.97 15.84 -21.39
CA LEU A 81 3.71 16.33 -20.86
C LEU A 81 3.81 17.79 -20.45
N ARG A 82 4.95 18.16 -19.86
CA ARG A 82 5.24 19.55 -19.57
C ARG A 82 5.10 20.42 -20.81
N GLY A 83 5.59 19.92 -21.93
CA GLY A 83 5.41 20.59 -23.22
C GLY A 83 3.93 20.69 -23.58
N TYR A 84 3.23 19.56 -23.51
CA TYR A 84 1.84 19.50 -23.93
C TYR A 84 0.99 20.55 -23.21
N TYR A 85 1.25 20.73 -21.93
CA TYR A 85 0.42 21.60 -21.10
C TYR A 85 1.09 22.94 -20.88
N ASN A 86 2.15 23.21 -21.64
CA ASN A 86 2.83 24.49 -21.59
C ASN A 86 3.15 24.90 -20.16
N GLN A 87 3.72 23.97 -19.40
CA GLN A 87 4.02 24.21 -17.99
C GLN A 87 5.44 24.74 -17.82
N SER A 88 5.68 25.42 -16.72
CA SER A 88 6.98 26.04 -16.46
C SER A 88 8.07 24.98 -16.31
N GLU A 89 9.25 25.28 -16.82
CA GLU A 89 10.38 24.37 -16.71
C GLU A 89 10.84 24.23 -15.27
N ASP A 90 10.45 25.18 -14.43
CA ASP A 90 10.88 25.21 -13.04
C ASP A 90 9.92 24.44 -12.14
N GLY A 91 8.87 23.89 -12.75
CA GLY A 91 7.84 23.17 -12.00
C GLY A 91 8.26 21.72 -11.74
N SER A 92 7.51 21.05 -10.89
CA SER A 92 7.72 19.62 -10.65
C SER A 92 6.57 18.79 -11.19
N HIS A 93 6.86 17.53 -11.50
CA HIS A 93 5.85 16.63 -12.05
C HIS A 93 6.00 15.22 -11.51
N THR A 94 4.89 14.49 -11.43
CA THR A 94 4.93 13.08 -11.06
C THR A 94 4.10 12.23 -12.01
N ILE A 95 4.65 11.11 -12.44
CA ILE A 95 3.92 10.15 -13.27
C ILE A 95 3.80 8.80 -12.57
N GLN A 96 2.62 8.22 -12.64
CA GLN A 96 2.34 6.96 -11.94
C GLN A 96 1.77 5.92 -12.90
N ILE A 97 2.40 4.75 -12.93
CA ILE A 97 1.94 3.65 -13.78
C ILE A 97 1.85 2.35 -13.00
N MET A 98 0.74 1.64 -13.18
CA MET A 98 0.57 0.33 -12.56
C MET A 98 -0.06 -0.67 -13.52
N TYR A 99 0.29 -1.94 -13.35
CA TYR A 99 -0.35 -3.02 -14.11
C TYR A 99 -0.29 -4.33 -13.34
N GLY A 100 -1.08 -5.30 -13.77
CA GLY A 100 -1.12 -6.61 -13.13
C GLY A 100 -2.28 -7.45 -13.65
N CYS A 101 -2.53 -8.58 -13.00
CA CYS A 101 -3.54 -9.53 -13.46
C CYS A 101 -4.15 -10.28 -12.29
N ASP A 102 -5.39 -10.71 -12.47
CA ASP A 102 -6.03 -11.63 -11.53
C ASP A 102 -6.15 -13.03 -12.12
N VAL A 103 -5.91 -14.03 -11.29
CA VAL A 103 -6.09 -15.43 -11.71
C VAL A 103 -7.01 -16.17 -10.75
N GLY A 104 -7.66 -17.21 -11.26
CA GLY A 104 -8.49 -18.07 -10.43
C GLY A 104 -7.65 -19.07 -9.65
N PRO A 105 -8.30 -19.90 -8.85
CA PRO A 105 -7.61 -20.90 -8.05
C PRO A 105 -6.93 -21.94 -8.93
N ASP A 106 -7.38 -22.03 -10.19
CA ASP A 106 -6.80 -22.97 -11.14
C ASP A 106 -5.78 -22.28 -12.03
N GLY A 107 -5.45 -21.04 -11.70
CA GLY A 107 -4.47 -20.27 -12.45
C GLY A 107 -5.09 -19.64 -13.69
N ARG A 108 -6.38 -19.85 -13.87
CA ARG A 108 -7.09 -19.33 -15.03
C ARG A 108 -7.08 -17.81 -15.05
N PHE A 109 -6.75 -17.24 -16.21
CA PHE A 109 -6.75 -15.79 -16.38
C PHE A 109 -8.16 -15.21 -16.18
N LEU A 110 -8.27 -14.22 -15.30
CA LEU A 110 -9.54 -13.56 -15.06
C LEU A 110 -9.56 -12.17 -15.67
N ARG A 111 -8.67 -11.30 -15.20
CA ARG A 111 -8.70 -9.88 -15.57
C ARG A 111 -7.29 -9.32 -15.71
N GLY A 112 -7.09 -8.45 -16.70
CA GLY A 112 -5.87 -7.68 -16.81
C GLY A 112 -6.06 -6.26 -16.31
N TYR A 113 -4.96 -5.64 -15.86
CA TYR A 113 -5.01 -4.27 -15.39
C TYR A 113 -3.86 -3.45 -15.97
N ARG A 114 -4.16 -2.23 -16.40
CA ARG A 114 -3.14 -1.24 -16.70
C ARG A 114 -3.71 0.17 -16.67
N GLN A 115 -3.11 1.03 -15.86
CA GLN A 115 -3.57 2.41 -15.73
C GLN A 115 -2.40 3.36 -15.54
N ASP A 116 -2.50 4.54 -16.13
CA ASP A 116 -1.53 5.61 -15.90
C ASP A 116 -2.19 6.83 -15.24
N ALA A 117 -1.38 7.63 -14.56
CA ALA A 117 -1.84 8.90 -14.02
C ALA A 117 -0.75 9.96 -14.07
N TYR A 118 -1.14 11.22 -14.02
CA TYR A 118 -0.20 12.32 -14.13
C TYR A 118 -0.56 13.45 -13.17
N ASP A 119 0.35 13.79 -12.26
CA ASP A 119 0.14 14.88 -11.32
C ASP A 119 -1.19 14.75 -10.61
N GLY A 120 -1.56 13.51 -10.28
CA GLY A 120 -2.69 13.26 -9.39
C GLY A 120 -3.96 13.01 -10.18
N LYS A 121 -3.90 13.26 -11.49
CA LYS A 121 -5.07 13.11 -12.35
C LYS A 121 -4.96 11.87 -13.23
N ASP A 122 -6.08 11.17 -13.38
CA ASP A 122 -6.14 10.00 -14.26
C ASP A 122 -5.66 10.36 -15.67
N TYR A 123 -4.86 9.48 -16.26
CA TYR A 123 -4.34 9.70 -17.60
C TYR A 123 -5.00 8.77 -18.60
N ILE A 124 -4.62 7.50 -18.57
CA ILE A 124 -5.21 6.49 -19.44
C ILE A 124 -5.52 5.21 -18.69
N ALA A 125 -6.67 4.61 -18.98
CA ALA A 125 -7.00 3.30 -18.45
C ALA A 125 -7.11 2.26 -19.56
N LEU A 126 -6.73 1.03 -19.27
CA LEU A 126 -6.97 -0.10 -20.16
C LEU A 126 -7.98 -1.07 -19.55
N ASN A 127 -8.98 -1.44 -20.33
CA ASN A 127 -10.06 -2.29 -19.85
C ASN A 127 -9.56 -3.69 -19.52
N GLU A 128 -10.35 -4.43 -18.75
CA GLU A 128 -9.94 -5.73 -18.25
C GLU A 128 -9.75 -6.73 -19.39
N ASP A 129 -10.38 -6.45 -20.52
CA ASP A 129 -10.25 -7.28 -21.70
C ASP A 129 -8.94 -6.99 -22.44
N LEU A 130 -8.29 -5.91 -22.04
CA LEU A 130 -7.01 -5.53 -22.65
C LEU A 130 -7.15 -5.34 -24.16
N ARG A 131 -8.17 -4.59 -24.56
CA ARG A 131 -8.43 -4.36 -25.98
C ARG A 131 -8.55 -2.88 -26.28
N SER A 132 -9.04 -2.12 -25.31
CA SER A 132 -9.52 -0.77 -25.56
C SER A 132 -8.97 0.22 -24.53
N TRP A 133 -8.34 1.28 -25.00
CA TRP A 133 -7.84 2.32 -24.11
C TRP A 133 -8.91 3.38 -23.85
N THR A 134 -8.84 4.00 -22.67
CA THR A 134 -9.69 5.13 -22.34
C THR A 134 -8.86 6.33 -21.91
N ALA A 135 -9.09 7.47 -22.56
CA ALA A 135 -8.41 8.71 -22.22
C ALA A 135 -9.21 9.51 -21.20
N ALA A 136 -8.51 10.06 -20.20
CA ALA A 136 -9.16 10.82 -19.14
C ALA A 136 -8.64 12.24 -19.09
N ASP A 137 -7.92 12.65 -20.13
CA ASP A 137 -7.31 13.97 -20.18
C ASP A 137 -6.94 14.35 -21.61
N MET A 138 -6.59 15.62 -21.81
CA MET A 138 -6.22 16.11 -23.13
C MET A 138 -5.01 15.36 -23.68
N ALA A 139 -3.91 15.37 -22.92
CA ALA A 139 -2.70 14.66 -23.31
C ALA A 139 -2.97 13.17 -23.44
N ALA A 140 -3.89 12.66 -22.64
CA ALA A 140 -4.27 11.24 -22.71
C ALA A 140 -4.88 10.91 -24.05
N GLN A 141 -5.67 11.82 -24.59
CA GLN A 141 -6.28 11.64 -25.91
C GLN A 141 -5.23 11.59 -27.00
N ILE A 142 -4.19 12.41 -26.87
CA ILE A 142 -3.07 12.37 -27.79
C ILE A 142 -2.34 11.03 -27.72
N THR A 143 -2.03 10.60 -26.51
CA THR A 143 -1.35 9.32 -26.31
C THR A 143 -2.24 8.16 -26.74
N LYS A 144 -3.51 8.21 -26.36
CA LYS A 144 -4.45 7.14 -26.69
C LYS A 144 -4.52 6.90 -28.19
N ARG A 145 -4.62 7.99 -28.96
CA ARG A 145 -4.62 7.90 -30.41
C ARG A 145 -3.44 7.08 -30.91
N LYS A 146 -2.25 7.36 -30.38
CA LYS A 146 -1.05 6.64 -30.76
C LYS A 146 -1.15 5.17 -30.36
N TRP A 147 -1.49 4.92 -29.11
CA TRP A 147 -1.49 3.57 -28.56
C TRP A 147 -2.49 2.69 -29.28
N GLU A 148 -3.65 3.25 -29.59
CA GLU A 148 -4.68 2.53 -30.34
C GLU A 148 -4.19 2.17 -31.74
N ALA A 149 -3.55 3.13 -32.40
CA ALA A 149 -3.09 2.94 -33.77
C ALA A 149 -2.10 1.78 -33.85
N VAL A 150 -1.29 1.62 -32.81
CA VAL A 150 -0.24 0.60 -32.81
C VAL A 150 -0.68 -0.62 -32.03
N HIS A 151 -1.92 -0.63 -31.58
CA HIS A 151 -2.47 -1.75 -30.81
C HIS A 151 -1.58 -2.06 -29.61
N ALA A 152 -1.23 -1.03 -28.85
CA ALA A 152 -0.38 -1.19 -27.68
C ALA A 152 -0.97 -2.19 -26.70
N ALA A 153 -2.29 -2.28 -26.68
CA ALA A 153 -3.00 -3.20 -25.80
C ALA A 153 -2.55 -4.64 -26.04
N GLU A 154 -2.14 -4.93 -27.28
CA GLU A 154 -1.71 -6.27 -27.65
C GLU A 154 -0.47 -6.68 -26.87
N GLN A 155 0.45 -5.74 -26.69
CA GLN A 155 1.65 -5.98 -25.89
C GLN A 155 1.31 -6.32 -24.45
N ARG A 156 0.31 -5.62 -23.91
CA ARG A 156 -0.15 -5.87 -22.56
C ARG A 156 -0.83 -7.23 -22.44
N ARG A 157 -1.58 -7.60 -23.47
CA ARG A 157 -2.28 -8.87 -23.50
C ARG A 157 -1.30 -10.03 -23.41
N VAL A 158 -0.25 -9.99 -24.22
CA VAL A 158 0.73 -11.07 -24.27
C VAL A 158 1.32 -11.33 -22.88
N TYR A 159 1.67 -10.27 -22.18
CA TYR A 159 2.17 -10.38 -20.81
C TYR A 159 1.06 -10.79 -19.86
N LEU A 160 0.02 -9.96 -19.77
CA LEU A 160 -0.93 -10.05 -18.67
C LEU A 160 -1.73 -11.36 -18.75
N GLU A 161 -2.02 -11.79 -19.97
CA GLU A 161 -2.78 -13.01 -20.18
C GLU A 161 -1.88 -14.25 -20.06
N GLY A 162 -0.59 -14.05 -20.22
CA GLY A 162 0.35 -15.15 -20.31
C GLY A 162 1.39 -15.09 -19.19
N ARG A 163 2.39 -14.23 -19.37
CA ARG A 163 3.54 -14.21 -18.47
C ARG A 163 3.12 -13.90 -17.04
N CYS A 164 2.22 -12.94 -16.89
CA CYS A 164 1.72 -12.56 -15.57
C CYS A 164 1.01 -13.73 -14.89
N VAL A 165 0.22 -14.46 -15.67
CA VAL A 165 -0.57 -15.57 -15.14
C VAL A 165 0.34 -16.71 -14.68
N ASP A 166 1.27 -17.11 -15.54
CA ASP A 166 2.17 -18.21 -15.24
C ASP A 166 3.17 -17.82 -14.15
N GLY A 167 3.68 -16.59 -14.23
CA GLY A 167 4.56 -16.05 -13.20
C GLY A 167 3.91 -16.14 -11.82
N LEU A 168 2.72 -15.57 -11.70
CA LEU A 168 1.97 -15.62 -10.44
C LEU A 168 1.70 -17.06 -10.03
N ARG A 169 1.22 -17.87 -10.97
CA ARG A 169 0.92 -19.27 -10.70
C ARG A 169 2.11 -19.96 -10.04
N ARG A 170 3.29 -19.83 -10.66
CA ARG A 170 4.49 -20.47 -10.16
C ARG A 170 4.85 -19.94 -8.78
N TYR A 171 4.67 -18.64 -8.58
CA TYR A 171 4.96 -18.01 -7.30
C TYR A 171 4.03 -18.54 -6.20
N LEU A 172 2.76 -18.73 -6.55
CA LEU A 172 1.77 -19.22 -5.60
C LEU A 172 2.13 -20.62 -5.11
N GLU A 173 2.73 -21.42 -5.99
CA GLU A 173 3.21 -22.74 -5.63
C GLU A 173 4.49 -22.66 -4.78
N ASN A 174 5.47 -21.93 -5.30
CA ASN A 174 6.78 -21.85 -4.66
C ASN A 174 6.67 -21.19 -3.28
N GLY A 175 5.76 -20.22 -3.16
CA GLY A 175 5.60 -19.48 -1.92
C GLY A 175 4.31 -19.86 -1.22
N LYS A 176 3.79 -21.04 -1.54
CA LYS A 176 2.50 -21.47 -1.02
C LYS A 176 2.40 -21.25 0.48
N GLU A 177 3.45 -21.64 1.20
CA GLU A 177 3.42 -21.65 2.66
C GLU A 177 3.69 -20.25 3.22
N THR A 178 3.96 -19.30 2.33
CA THR A 178 4.22 -17.93 2.73
C THR A 178 3.16 -16.99 2.19
N LEU A 179 2.45 -17.43 1.16
CA LEU A 179 1.46 -16.59 0.49
C LEU A 179 0.03 -16.99 0.88
N GLN A 180 -0.23 -18.29 0.85
CA GLN A 180 -1.56 -18.81 1.14
C GLN A 180 -1.71 -19.15 2.62
N ARG A 181 -0.69 -18.80 3.41
CA ARG A 181 -0.76 -18.99 4.85
C ARG A 181 -1.93 -18.23 5.46
N THR A 182 -2.38 -18.68 6.63
CA THR A 182 -3.41 -17.98 7.37
C THR A 182 -2.93 -17.61 8.78
N ASP A 183 -3.44 -16.50 9.29
CA ASP A 183 -3.16 -16.12 10.67
C ASP A 183 -4.37 -15.42 11.30
N PRO A 184 -4.99 -16.08 12.26
CA PRO A 184 -6.19 -15.56 12.90
C PRO A 184 -5.86 -14.39 13.82
N PRO A 185 -6.81 -13.47 13.97
CA PRO A 185 -6.61 -12.28 14.78
C PRO A 185 -6.53 -12.62 16.26
N LYS A 186 -5.73 -11.86 17.00
CA LYS A 186 -5.63 -12.04 18.44
C LYS A 186 -6.76 -11.31 19.17
N THR A 187 -7.97 -11.85 19.05
CA THR A 187 -9.17 -11.09 19.37
C THR A 187 -9.27 -10.80 20.87
N HIS A 188 -9.68 -9.59 21.21
CA HIS A 188 -10.04 -9.26 22.58
C HIS A 188 -10.82 -7.95 22.65
N MET A 189 -11.53 -7.75 23.75
CA MET A 189 -12.34 -6.55 23.94
C MET A 189 -11.99 -5.84 25.24
N THR A 190 -11.97 -4.51 25.19
CA THR A 190 -11.67 -3.70 26.37
C THR A 190 -12.77 -2.67 26.63
N HIS A 191 -12.87 -2.23 27.87
CA HIS A 191 -13.89 -1.25 28.25
C HIS A 191 -13.25 0.07 28.66
N HIS A 192 -13.72 1.16 28.06
CA HIS A 192 -13.12 2.47 28.26
C HIS A 192 -14.17 3.52 28.63
N PRO A 193 -14.41 3.69 29.92
CA PRO A 193 -15.37 4.67 30.40
C PRO A 193 -15.01 6.07 29.90
N ILE A 194 -16.04 6.86 29.60
CA ILE A 194 -15.84 8.23 29.15
C ILE A 194 -16.26 9.23 30.22
N SER A 195 -17.45 9.01 30.79
CA SER A 195 -17.97 9.89 31.82
C SER A 195 -18.71 9.10 32.90
N ASP A 196 -19.45 9.82 33.74
CA ASP A 196 -20.22 9.18 34.81
C ASP A 196 -21.25 8.21 34.24
N HIS A 197 -21.65 8.44 33.00
CA HIS A 197 -22.71 7.65 32.38
C HIS A 197 -22.25 7.07 31.05
N GLU A 198 -21.33 7.76 30.41
CA GLU A 198 -20.92 7.40 29.04
C GLU A 198 -19.70 6.49 29.06
N ALA A 199 -19.72 5.48 28.17
CA ALA A 199 -18.57 4.60 28.00
C ALA A 199 -18.52 4.03 26.58
N THR A 200 -17.40 3.42 26.24
CA THR A 200 -17.24 2.76 24.94
C THR A 200 -16.70 1.36 25.11
N LEU A 201 -16.95 0.51 24.11
CA LEU A 201 -16.24 -0.76 23.98
C LEU A 201 -15.35 -0.76 22.75
N ARG A 202 -14.17 -1.35 22.88
CA ARG A 202 -13.25 -1.49 21.75
C ARG A 202 -13.08 -2.95 21.36
N CYS A 203 -13.39 -3.25 20.10
CA CYS A 203 -13.28 -4.61 19.58
C CYS A 203 -11.99 -4.79 18.78
N TRP A 204 -11.03 -5.52 19.37
CA TRP A 204 -9.70 -5.62 18.80
C TRP A 204 -9.57 -6.87 17.93
N ALA A 205 -8.97 -6.70 16.75
CA ALA A 205 -8.69 -7.83 15.88
C ALA A 205 -7.31 -7.68 15.23
N LEU A 206 -6.26 -7.75 16.04
CA LEU A 206 -4.92 -7.37 15.59
C LEU A 206 -4.10 -8.60 15.24
N GLY A 207 -3.22 -8.45 14.26
CA GLY A 207 -2.17 -9.43 14.00
C GLY A 207 -2.69 -10.59 13.16
N PHE A 208 -3.34 -10.26 12.06
CA PHE A 208 -4.00 -11.26 11.22
C PHE A 208 -3.46 -11.23 9.79
N TYR A 209 -3.68 -12.32 9.07
CA TYR A 209 -3.29 -12.39 7.66
C TYR A 209 -4.19 -13.36 6.90
N PRO A 210 -4.71 -12.91 5.76
CA PRO A 210 -4.18 -11.72 5.10
C PRO A 210 -4.96 -10.47 5.52
N ALA A 211 -4.78 -9.39 4.77
CA ALA A 211 -5.35 -8.10 5.13
C ALA A 211 -6.86 -8.15 5.14
N GLU A 212 -7.42 -9.11 4.42
CA GLU A 212 -8.87 -9.24 4.27
C GLU A 212 -9.54 -9.44 5.62
N ILE A 213 -10.39 -8.49 6.00
CA ILE A 213 -11.08 -8.55 7.27
C ILE A 213 -12.38 -7.74 7.25
N THR A 214 -13.40 -8.25 7.91
CA THR A 214 -14.61 -7.47 8.17
C THR A 214 -14.97 -7.48 9.64
N LEU A 215 -15.22 -6.29 10.20
CA LEU A 215 -15.71 -6.16 11.56
C LEU A 215 -17.20 -5.81 11.58
N THR A 216 -17.93 -6.44 12.49
CA THR A 216 -19.35 -6.14 12.67
C THR A 216 -19.70 -5.97 14.14
N TRP A 217 -20.42 -4.90 14.45
CA TRP A 217 -21.02 -4.74 15.77
C TRP A 217 -22.51 -5.07 15.75
N GLN A 218 -23.01 -5.63 16.84
CA GLN A 218 -24.44 -5.83 17.03
C GLN A 218 -24.89 -5.34 18.39
N ARG A 219 -26.14 -4.88 18.47
CA ARG A 219 -26.78 -4.62 19.75
C ARG A 219 -28.19 -5.20 19.79
N ASP A 220 -28.48 -5.99 20.81
CA ASP A 220 -29.75 -6.70 20.90
C ASP A 220 -29.95 -7.62 19.71
N GLY A 221 -28.85 -8.01 19.07
CA GLY A 221 -28.90 -8.95 17.97
C GLY A 221 -28.98 -8.22 16.63
N GLU A 222 -29.18 -6.91 16.69
CA GLU A 222 -29.31 -6.10 15.49
C GLU A 222 -28.00 -5.39 15.16
N ASP A 223 -27.68 -5.30 13.87
CA ASP A 223 -26.43 -4.70 13.42
C ASP A 223 -26.34 -3.24 13.85
N GLN A 224 -25.15 -2.81 14.24
CA GLN A 224 -24.90 -1.41 14.55
C GLN A 224 -23.98 -0.77 13.51
N THR A 225 -24.53 0.12 12.71
CA THR A 225 -23.80 0.68 11.57
C THR A 225 -23.67 2.19 11.70
N GLN A 226 -24.24 2.74 12.76
CA GLN A 226 -24.36 4.20 12.90
C GLN A 226 -23.42 4.73 13.99
N ASP A 227 -23.63 4.27 15.22
CA ASP A 227 -22.87 4.76 16.35
C ASP A 227 -21.56 4.01 16.52
N THR A 228 -20.68 4.13 15.53
CA THR A 228 -19.52 3.25 15.41
C THR A 228 -18.32 4.00 14.84
N GLU A 229 -17.13 3.56 15.21
CA GLU A 229 -15.90 4.06 14.60
C GLU A 229 -14.96 2.92 14.25
N LEU A 230 -14.41 2.95 13.05
CA LEU A 230 -13.50 1.92 12.58
C LEU A 230 -12.22 2.53 12.01
N VAL A 231 -11.12 1.77 12.10
CA VAL A 231 -9.89 2.15 11.44
C VAL A 231 -9.66 1.30 10.19
N GLU A 232 -9.05 1.92 9.17
CA GLU A 232 -8.65 1.19 7.98
C GLU A 232 -7.56 0.18 8.29
N THR A 233 -7.57 -0.95 7.59
CA THR A 233 -6.58 -1.99 7.79
C THR A 233 -5.17 -1.46 7.56
N ARG A 234 -4.28 -1.73 8.51
CA ARG A 234 -2.93 -1.19 8.46
C ARG A 234 -1.89 -2.27 8.76
N PRO A 235 -0.72 -2.14 8.16
CA PRO A 235 0.39 -3.06 8.42
C PRO A 235 0.72 -3.10 9.91
N ALA A 236 0.97 -4.30 10.43
CA ALA A 236 1.45 -4.46 11.79
C ALA A 236 2.96 -4.24 11.87
N GLY A 237 3.62 -4.30 10.73
CA GLY A 237 5.07 -4.13 10.66
C GLY A 237 5.80 -5.42 10.96
N ASP A 238 5.06 -6.53 10.97
CA ASP A 238 5.63 -7.83 11.27
C ASP A 238 5.06 -8.92 10.37
N GLY A 239 4.53 -8.50 9.22
CA GLY A 239 4.04 -9.44 8.22
C GLY A 239 2.54 -9.64 8.34
N THR A 240 1.96 -9.14 9.43
CA THR A 240 0.52 -9.20 9.63
C THR A 240 -0.10 -7.82 9.59
N PHE A 241 -1.41 -7.75 9.78
CA PHE A 241 -2.14 -6.49 9.72
C PHE A 241 -2.95 -6.26 10.98
N GLN A 242 -3.29 -5.00 11.23
CA GLN A 242 -4.10 -4.64 12.39
C GLN A 242 -5.45 -4.07 11.96
N LYS A 243 -6.47 -4.27 12.81
CA LYS A 243 -7.72 -3.54 12.67
C LYS A 243 -8.51 -3.56 13.98
N TRP A 244 -9.21 -2.48 14.26
CA TRP A 244 -10.09 -2.42 15.42
C TRP A 244 -11.34 -1.60 15.13
N ALA A 245 -12.39 -1.81 15.93
CA ALA A 245 -13.58 -0.98 15.86
C ALA A 245 -14.12 -0.69 17.25
N ALA A 246 -14.92 0.37 17.36
CA ALA A 246 -15.53 0.75 18.64
C ALA A 246 -16.94 1.28 18.43
N VAL A 247 -17.78 1.14 19.45
CA VAL A 247 -19.11 1.74 19.45
C VAL A 247 -19.40 2.43 20.78
N VAL A 248 -20.43 3.27 20.79
CA VAL A 248 -20.85 3.95 22.00
C VAL A 248 -21.64 3.02 22.91
N VAL A 249 -21.16 2.87 24.15
CA VAL A 249 -21.73 1.89 25.07
C VAL A 249 -21.96 2.51 26.44
N PRO A 250 -23.16 3.05 26.67
CA PRO A 250 -23.52 3.59 27.96
C PRO A 250 -23.29 2.58 29.08
N SER A 251 -22.79 3.07 30.21
CA SER A 251 -22.39 2.20 31.31
C SER A 251 -23.54 1.29 31.73
N GLY A 252 -23.28 -0.01 31.76
CA GLY A 252 -24.25 -0.98 32.21
C GLY A 252 -24.97 -1.64 31.04
N GLU A 253 -24.84 -1.03 29.86
CA GLU A 253 -25.51 -1.52 28.66
C GLU A 253 -24.59 -2.42 27.85
N GLU A 254 -23.37 -2.61 28.34
CA GLU A 254 -22.36 -3.36 27.61
C GLU A 254 -22.81 -4.79 27.36
N GLN A 255 -23.72 -5.28 28.21
CA GLN A 255 -24.20 -6.65 28.10
C GLN A 255 -25.01 -6.86 26.82
N ARG A 256 -25.42 -5.75 26.21
CA ARG A 256 -26.30 -5.81 25.04
C ARG A 256 -25.50 -5.80 23.75
N TYR A 257 -24.19 -5.66 23.87
CA TYR A 257 -23.33 -5.48 22.70
C TYR A 257 -22.56 -6.76 22.38
N THR A 258 -22.30 -6.98 21.10
CA THR A 258 -21.39 -8.04 20.67
C THR A 258 -20.66 -7.66 19.39
N CYS A 259 -19.38 -8.00 19.32
CA CYS A 259 -18.59 -7.76 18.12
C CYS A 259 -18.21 -9.07 17.43
N HIS A 260 -18.23 -9.07 16.11
CA HIS A 260 -17.83 -10.24 15.34
C HIS A 260 -16.69 -9.90 14.38
N VAL A 261 -15.79 -10.86 14.19
CA VAL A 261 -14.68 -10.69 13.25
C VAL A 261 -14.69 -11.78 12.18
N GLN A 262 -14.91 -11.38 10.94
CA GLN A 262 -15.11 -12.33 9.85
C GLN A 262 -13.92 -12.32 8.90
N HIS A 263 -13.45 -13.52 8.56
CA HIS A 263 -12.40 -13.66 7.55
C HIS A 263 -12.78 -14.69 6.49
N GLU A 264 -12.13 -14.61 5.34
CA GLU A 264 -12.26 -15.65 4.32
C GLU A 264 -11.22 -16.74 4.49
N GLY A 265 -10.17 -16.43 5.25
CA GLY A 265 -9.07 -17.37 5.45
C GLY A 265 -9.33 -18.30 6.61
N LEU A 266 -10.42 -18.05 7.33
CA LEU A 266 -10.77 -18.85 8.50
C LEU A 266 -12.06 -19.64 8.27
N PRO A 267 -12.15 -20.81 8.90
CA PRO A 267 -13.32 -21.67 8.74
C PRO A 267 -14.52 -21.10 9.50
N LYS A 268 -14.25 -20.16 10.39
CA LYS A 268 -15.30 -19.58 11.23
C LYS A 268 -14.92 -18.18 11.70
N PRO A 269 -15.93 -17.35 11.92
CA PRO A 269 -15.71 -16.02 12.50
C PRO A 269 -15.40 -16.12 13.98
N LEU A 270 -14.83 -15.04 14.54
CA LEU A 270 -14.61 -14.95 15.97
C LEU A 270 -15.54 -13.92 16.61
N THR A 271 -15.99 -14.21 17.82
CA THR A 271 -16.95 -13.36 18.51
C THR A 271 -16.35 -12.79 19.80
N LEU A 272 -16.55 -11.50 20.01
CA LEU A 272 -16.03 -10.82 21.20
C LEU A 272 -17.15 -10.25 22.05
N ARG A 273 -17.03 -10.40 23.36
CA ARG A 273 -17.99 -9.82 24.29
C ARG A 273 -17.30 -9.29 25.54
N TRP A 274 -18.02 -8.48 26.31
CA TRP A 274 -17.50 -7.93 27.55
C TRP A 274 -18.54 -8.01 28.67
N ILE B 1 9.03 -11.60 -12.98
CA ILE B 1 7.95 -11.59 -13.97
C ILE B 1 7.45 -10.16 -14.22
N LEU B 2 8.35 -9.30 -14.68
CA LEU B 2 7.97 -7.95 -15.11
C LEU B 2 7.68 -7.92 -16.60
N ASP B 3 6.88 -6.93 -17.01
CA ASP B 3 6.61 -6.72 -18.43
C ASP B 3 7.81 -6.11 -19.14
N THR B 4 7.86 -6.27 -20.46
CA THR B 4 8.98 -5.78 -21.25
C THR B 4 8.74 -4.34 -21.70
N ALA B 5 9.79 -3.69 -22.18
CA ALA B 5 9.70 -2.30 -22.63
C ALA B 5 8.85 -2.18 -23.88
N GLY B 6 7.54 -2.02 -23.70
CA GLY B 6 6.63 -1.79 -24.81
C GLY B 6 6.68 -0.34 -25.27
N LYS B 7 5.76 0.01 -26.17
CA LYS B 7 5.77 1.34 -26.77
C LYS B 7 4.95 2.33 -25.95
N GLU B 8 5.46 2.67 -24.78
CA GLU B 8 4.72 3.51 -23.84
C GLU B 8 4.97 4.99 -24.10
N GLU B 9 4.82 5.39 -25.37
CA GLU B 9 5.09 6.76 -25.77
C GLU B 9 3.86 7.65 -25.57
N TYR B 10 4.08 8.85 -25.06
CA TYR B 10 3.02 9.84 -24.94
C TYR B 10 3.01 10.80 -26.12
N MET C 1 -2.14 20.57 -11.41
CA MET C 1 -1.71 19.59 -10.42
C MET C 1 -2.52 19.71 -9.13
N ILE C 2 -2.82 18.58 -8.52
CA ILE C 2 -3.50 18.56 -7.23
C ILE C 2 -2.63 17.92 -6.16
N GLN C 3 -2.96 18.19 -4.90
CA GLN C 3 -2.18 17.67 -3.78
C GLN C 3 -3.09 17.05 -2.72
N ARG C 4 -2.53 16.13 -1.94
CA ARG C 4 -3.29 15.44 -0.90
C ARG C 4 -2.54 15.44 0.42
N THR C 5 -3.29 15.53 1.52
CA THR C 5 -2.69 15.61 2.84
C THR C 5 -2.59 14.23 3.50
N PRO C 6 -1.42 13.93 4.05
CA PRO C 6 -1.18 12.62 4.66
C PRO C 6 -2.02 12.42 5.92
N LYS C 7 -2.40 11.18 6.18
CA LYS C 7 -2.83 10.78 7.51
C LYS C 7 -1.71 10.10 8.28
N ILE C 8 -1.67 10.32 9.59
CA ILE C 8 -0.62 9.78 10.43
C ILE C 8 -1.17 8.87 11.51
N GLN C 9 -0.74 7.60 11.49
CA GLN C 9 -1.13 6.65 12.52
C GLN C 9 0.10 6.09 13.24
N VAL C 10 0.15 6.29 14.55
CA VAL C 10 1.27 5.80 15.35
C VAL C 10 0.83 4.71 16.31
N TYR C 11 1.50 3.57 16.25
CA TYR C 11 1.03 2.37 16.95
C TYR C 11 2.17 1.37 17.13
N SER C 12 1.90 0.31 17.90
CA SER C 12 2.82 -0.82 17.97
C SER C 12 2.16 -2.09 17.45
N ARG C 13 2.99 -3.04 17.01
CA ARG C 13 2.48 -4.26 16.39
C ARG C 13 1.67 -5.09 17.37
N HIS C 14 1.95 -4.91 18.66
CA HIS C 14 1.12 -5.51 19.71
C HIS C 14 1.00 -4.58 20.90
N PRO C 15 -0.07 -4.76 21.68
CA PRO C 15 -0.35 -3.89 22.82
C PRO C 15 0.87 -3.77 23.73
N ALA C 16 1.14 -2.54 24.18
CA ALA C 16 2.37 -2.25 24.92
C ALA C 16 2.44 -3.07 26.21
N GLU C 17 3.65 -3.51 26.56
CA GLU C 17 3.89 -4.10 27.86
C GLU C 17 5.31 -3.82 28.33
N ASN C 18 5.44 -3.34 29.57
CA ASN C 18 6.72 -2.84 30.07
C ASN C 18 7.79 -3.92 30.00
N GLY C 19 8.84 -3.64 29.24
CA GLY C 19 10.01 -4.52 29.21
C GLY C 19 9.89 -5.55 28.08
N LYS C 20 8.71 -5.63 27.49
CA LYS C 20 8.45 -6.62 26.45
C LYS C 20 8.75 -6.06 25.06
N SER C 21 9.76 -6.61 24.41
CA SER C 21 10.24 -6.10 23.13
C SER C 21 9.06 -5.81 22.20
N ASN C 22 9.14 -4.67 21.51
CA ASN C 22 8.07 -4.25 20.61
C ASN C 22 8.63 -3.46 19.44
N PHE C 23 7.77 -3.20 18.45
CA PHE C 23 8.14 -2.38 17.31
C PHE C 23 7.24 -1.16 17.18
N LEU C 24 7.84 0.01 17.07
CA LEU C 24 7.09 1.26 16.94
C LEU C 24 6.82 1.59 15.48
N ASN C 25 5.53 1.65 15.12
CA ASN C 25 5.14 1.88 13.74
C ASN C 25 4.63 3.30 13.54
N CYS C 26 4.93 3.88 12.38
CA CYS C 26 4.24 5.08 11.92
C CYS C 26 3.78 4.93 10.48
N TYR C 27 2.47 4.79 10.30
CA TYR C 27 1.91 4.55 8.97
C TYR C 27 1.35 5.83 8.36
N VAL C 28 1.94 6.25 7.24
CA VAL C 28 1.55 7.49 6.59
C VAL C 28 1.06 7.26 5.17
N SER C 29 -0.17 7.69 4.90
CA SER C 29 -0.85 7.34 3.66
C SER C 29 -1.76 8.47 3.19
N GLY C 30 -2.04 8.49 1.90
CA GLY C 30 -3.14 9.31 1.36
C GLY C 30 -2.64 10.70 0.99
N PHE C 31 -1.38 10.80 0.64
CA PHE C 31 -0.75 12.09 0.37
C PHE C 31 -0.25 12.18 -1.07
N HIS C 32 -0.04 13.40 -1.54
CA HIS C 32 0.41 13.62 -2.92
C HIS C 32 0.86 15.06 -3.13
N PRO C 33 2.04 15.23 -3.69
CA PRO C 33 2.76 14.13 -4.31
C PRO C 33 3.63 13.39 -3.30
N SER C 34 4.67 12.71 -3.81
CA SER C 34 5.46 11.81 -2.98
C SER C 34 6.36 12.58 -2.04
N ASP C 35 6.42 13.89 -2.21
CA ASP C 35 7.36 14.73 -1.47
C ASP C 35 6.97 14.82 0.00
N ILE C 36 7.42 13.85 0.79
CA ILE C 36 7.00 13.74 2.18
C ILE C 36 8.18 13.36 3.07
N GLU C 37 8.18 13.86 4.30
CA GLU C 37 9.17 13.48 5.30
C GLU C 37 8.51 12.83 6.51
N VAL C 38 8.97 11.64 6.87
CA VAL C 38 8.44 10.92 8.02
C VAL C 38 9.54 10.46 8.96
N ASP C 39 9.43 10.86 10.22
CA ASP C 39 10.44 10.54 11.21
C ASP C 39 9.80 10.06 12.52
N LEU C 40 10.48 9.16 13.21
CA LEU C 40 10.04 8.71 14.52
C LEU C 40 10.74 9.48 15.64
N LEU C 41 10.01 9.78 16.70
CA LEU C 41 10.54 10.56 17.81
C LEU C 41 10.65 9.73 19.08
N LYS C 42 11.65 10.02 19.89
CA LYS C 42 11.66 9.60 21.29
C LYS C 42 11.89 10.78 22.22
N ASN C 43 10.89 11.09 23.05
CA ASN C 43 10.94 12.27 23.89
C ASN C 43 11.20 13.52 23.07
N GLY C 44 10.68 13.55 21.85
CA GLY C 44 10.73 14.75 21.01
C GLY C 44 11.96 14.74 20.12
N GLU C 45 12.89 13.84 20.41
CA GLU C 45 14.14 13.76 19.66
C GLU C 45 14.05 12.71 18.55
N ARG C 46 14.64 13.02 17.41
CA ARG C 46 14.61 12.11 16.26
C ARG C 46 15.32 10.80 16.58
N ILE C 47 14.72 9.68 16.18
CA ILE C 47 15.38 8.39 16.23
C ILE C 47 16.13 8.10 14.94
N GLU C 48 17.42 7.83 15.06
CA GLU C 48 18.28 7.64 13.90
C GLU C 48 18.14 6.22 13.34
N LYS C 49 18.01 5.25 14.23
CA LYS C 49 17.99 3.84 13.84
C LYS C 49 16.59 3.41 13.43
N VAL C 50 16.14 3.89 12.27
CA VAL C 50 14.77 3.64 11.81
C VAL C 50 14.77 3.06 10.40
N GLU C 51 13.93 2.05 10.19
CA GLU C 51 13.74 1.48 8.86
C GLU C 51 12.39 1.87 8.29
N HIS C 52 12.20 1.60 7.00
CA HIS C 52 10.97 1.95 6.31
C HIS C 52 10.70 1.01 5.14
N SER C 53 9.46 1.00 4.68
CA SER C 53 9.09 0.25 3.48
C SER C 53 9.42 1.05 2.21
N ASP C 54 9.31 0.40 1.06
CA ASP C 54 9.41 1.08 -0.22
C ASP C 54 8.13 1.84 -0.55
N LEU C 55 8.28 3.00 -1.19
CA LEU C 55 7.14 3.85 -1.50
C LEU C 55 6.23 3.19 -2.52
N SER C 56 4.93 3.17 -2.23
CA SER C 56 3.93 2.69 -3.18
C SER C 56 2.74 3.64 -3.26
N PHE C 57 1.83 3.34 -4.19
CA PHE C 57 0.59 4.11 -4.30
C PHE C 57 -0.60 3.20 -4.59
N SER C 58 -1.79 3.69 -4.29
CA SER C 58 -2.99 2.86 -4.37
C SER C 58 -3.81 3.20 -5.61
N LYS C 59 -5.04 2.70 -5.66
CA LYS C 59 -5.88 2.85 -6.84
C LYS C 59 -6.19 4.32 -7.10
N ASP C 60 -6.26 5.11 -6.03
CA ASP C 60 -6.55 6.53 -6.15
C ASP C 60 -5.28 7.34 -6.33
N TRP C 61 -4.17 6.64 -6.59
CA TRP C 61 -2.92 7.29 -6.96
C TRP C 61 -2.33 8.06 -5.80
N SER C 62 -2.89 7.87 -4.61
CA SER C 62 -2.32 8.41 -3.39
C SER C 62 -1.14 7.58 -2.92
N PHE C 63 -0.18 8.23 -2.25
CA PHE C 63 1.03 7.55 -1.81
C PHE C 63 0.91 7.08 -0.38
N TYR C 64 1.62 6.01 -0.05
CA TYR C 64 1.72 5.54 1.32
C TYR C 64 3.06 4.85 1.58
N LEU C 65 3.51 4.90 2.83
CA LEU C 65 4.70 4.16 3.24
C LEU C 65 4.73 3.96 4.75
N LEU C 66 5.45 2.92 5.19
CA LEU C 66 5.54 2.61 6.61
C LEU C 66 6.95 2.91 7.14
N TYR C 67 7.01 3.57 8.29
CA TYR C 67 8.23 3.61 9.08
C TYR C 67 8.09 2.80 10.36
N TYR C 68 9.19 2.19 10.79
CA TYR C 68 9.18 1.35 11.99
C TYR C 68 10.56 1.29 12.63
N THR C 69 10.59 1.04 13.93
CA THR C 69 11.85 0.74 14.62
C THR C 69 11.60 -0.14 15.84
N GLU C 70 12.62 -0.89 16.23
CA GLU C 70 12.56 -1.73 17.42
C GLU C 70 12.86 -0.92 18.68
N PHE C 71 12.08 -1.16 19.72
CA PHE C 71 12.27 -0.48 21.00
C PHE C 71 11.79 -1.32 22.16
N THR C 72 12.10 -0.88 23.37
CA THR C 72 11.56 -1.51 24.57
C THR C 72 10.54 -0.60 25.28
N PRO C 73 9.29 -1.03 25.30
CA PRO C 73 8.24 -0.26 25.93
C PRO C 73 8.58 0.07 27.38
N THR C 74 8.31 1.30 27.79
CA THR C 74 8.56 1.74 29.15
C THR C 74 7.47 2.68 29.64
N GLU C 75 7.66 3.22 30.84
CA GLU C 75 6.71 4.16 31.42
C GLU C 75 7.33 5.56 31.52
N LYS C 76 8.64 5.64 31.33
CA LYS C 76 9.36 6.90 31.47
C LYS C 76 9.35 7.67 30.15
N ASP C 77 9.70 7.00 29.07
CA ASP C 77 9.90 7.65 27.78
C ASP C 77 8.60 7.68 26.98
N GLU C 78 8.42 8.73 26.19
CA GLU C 78 7.30 8.81 25.26
C GLU C 78 7.77 8.71 23.81
N TYR C 79 6.93 8.13 22.96
CA TYR C 79 7.25 7.98 21.55
C TYR C 79 6.21 8.67 20.68
N ALA C 80 6.62 9.11 19.50
CA ALA C 80 5.74 9.82 18.58
C ALA C 80 6.23 9.71 17.14
N CYS C 81 5.46 10.27 16.22
CA CYS C 81 5.88 10.36 14.82
C CYS C 81 5.62 11.75 14.25
N ARG C 82 6.58 12.26 13.50
CA ARG C 82 6.46 13.58 12.89
C ARG C 82 6.47 13.49 11.37
N VAL C 83 5.51 14.17 10.75
CA VAL C 83 5.37 14.13 9.29
C VAL C 83 5.29 15.53 8.71
N ASN C 84 6.09 15.78 7.67
CA ASN C 84 6.04 17.04 6.95
C ASN C 84 5.53 16.85 5.53
N HIS C 85 4.77 17.82 5.04
CA HIS C 85 4.23 17.77 3.69
C HIS C 85 3.84 19.16 3.20
N VAL C 86 3.84 19.34 1.88
CA VAL C 86 3.66 20.66 1.28
C VAL C 86 2.25 21.19 1.51
N THR C 87 1.33 20.28 1.85
CA THR C 87 -0.04 20.67 2.14
C THR C 87 -0.23 20.96 3.63
N LEU C 88 0.84 20.82 4.39
CA LEU C 88 0.80 21.05 5.83
C LEU C 88 1.47 22.37 6.20
N SER C 89 0.68 23.34 6.62
CA SER C 89 1.20 24.61 7.08
C SER C 89 1.98 24.45 8.39
N GLN C 90 1.73 23.34 9.07
CA GLN C 90 2.46 23.02 10.30
C GLN C 90 2.74 21.52 10.40
N PRO C 91 3.97 21.19 10.78
CA PRO C 91 4.36 19.79 10.95
C PRO C 91 3.36 19.05 11.85
N LYS C 92 2.97 17.85 11.41
CA LYS C 92 2.05 17.04 12.19
C LYS C 92 2.79 16.09 13.11
N ILE C 93 2.42 16.09 14.39
CA ILE C 93 3.02 15.18 15.36
C ILE C 93 1.95 14.35 16.07
N VAL C 94 2.09 13.03 16.03
CA VAL C 94 1.15 12.14 16.68
C VAL C 94 1.83 11.30 17.75
N LYS C 95 1.23 11.25 18.93
CA LYS C 95 1.81 10.52 20.05
C LYS C 95 1.47 9.03 19.96
N TRP C 96 2.43 8.19 20.35
CA TRP C 96 2.19 6.75 20.42
C TRP C 96 1.21 6.42 21.54
N ASP C 97 0.19 5.63 21.20
CA ASP C 97 -0.80 5.19 22.18
C ASP C 97 -0.53 3.75 22.60
N ARG C 98 -0.17 3.58 23.87
CA ARG C 98 0.21 2.26 24.39
C ARG C 98 -0.92 1.26 24.22
N ASP C 99 -2.15 1.76 24.22
CA ASP C 99 -3.32 0.89 24.23
C ASP C 99 -4.01 0.88 22.86
N MET C 100 -3.28 1.31 21.84
CA MET C 100 -3.79 1.29 20.47
C MET C 100 -2.66 1.41 19.46
N GLY A 1 -8.69 -18.89 -2.81
CA GLY A 1 -9.46 -18.73 -4.03
C GLY A 1 -8.62 -18.11 -5.14
N SER A 2 -9.07 -16.99 -5.67
CA SER A 2 -8.31 -16.25 -6.67
C SER A 2 -7.13 -15.53 -6.04
N HIS A 3 -6.18 -15.12 -6.89
CA HIS A 3 -5.02 -14.37 -6.42
C HIS A 3 -4.70 -13.22 -7.36
N SER A 4 -4.08 -12.17 -6.81
CA SER A 4 -3.76 -10.98 -7.60
C SER A 4 -2.25 -10.76 -7.67
N MET A 5 -1.79 -10.33 -8.84
CA MET A 5 -0.42 -9.82 -8.97
C MET A 5 -0.43 -8.37 -9.44
N ARG A 6 0.39 -7.54 -8.79
CA ARG A 6 0.43 -6.12 -9.09
C ARG A 6 1.86 -5.61 -9.16
N TYR A 7 2.10 -4.63 -10.02
CA TYR A 7 3.35 -3.89 -10.01
C TYR A 7 3.09 -2.38 -10.08
N PHE A 8 3.78 -1.63 -9.22
CA PHE A 8 3.58 -0.19 -9.14
C PHE A 8 4.85 0.57 -9.48
N PHE A 9 4.75 1.50 -10.42
CA PHE A 9 5.92 2.25 -10.89
C PHE A 9 5.68 3.75 -10.77
N THR A 10 6.63 4.45 -10.15
CA THR A 10 6.54 5.89 -10.00
C THR A 10 7.83 6.57 -10.44
N SER A 11 7.68 7.70 -11.14
CA SER A 11 8.83 8.54 -11.48
C SER A 11 8.59 9.98 -11.07
N VAL A 12 9.52 10.53 -10.29
CA VAL A 12 9.36 11.87 -9.73
C VAL A 12 10.48 12.79 -10.18
N SER A 13 10.10 13.93 -10.76
CA SER A 13 11.08 14.87 -11.29
C SER A 13 11.99 15.41 -10.19
N ARG A 14 13.24 15.71 -10.55
CA ARG A 14 14.18 16.29 -9.61
C ARG A 14 15.05 17.34 -10.29
N PRO A 15 14.48 18.51 -10.52
CA PRO A 15 15.20 19.61 -11.15
C PRO A 15 16.50 19.92 -10.42
N GLY A 16 17.58 20.09 -11.17
CA GLY A 16 18.88 20.40 -10.58
C GLY A 16 19.53 19.16 -9.98
N ARG A 17 18.83 18.55 -9.03
CA ARG A 17 19.41 17.46 -8.25
C ARG A 17 19.40 16.14 -9.03
N GLY A 18 20.19 16.08 -10.09
CA GLY A 18 20.36 14.84 -10.85
C GLY A 18 19.11 14.51 -11.65
N GLU A 19 18.93 13.23 -11.94
CA GLU A 19 17.81 12.78 -12.77
C GLU A 19 16.61 12.39 -11.92
N PRO A 20 15.43 12.45 -12.51
CA PRO A 20 14.21 12.05 -11.82
C PRO A 20 14.35 10.66 -11.22
N ARG A 21 13.80 10.48 -10.01
CA ARG A 21 13.90 9.21 -9.31
C ARG A 21 12.87 8.22 -9.84
N PHE A 22 13.27 6.95 -9.93
CA PHE A 22 12.37 5.90 -10.39
C PHE A 22 12.23 4.81 -9.33
N ILE A 23 11.00 4.53 -8.94
CA ILE A 23 10.71 3.52 -7.93
C ILE A 23 9.76 2.45 -8.47
N ALA A 24 10.09 1.19 -8.21
CA ALA A 24 9.26 0.08 -8.64
C ALA A 24 9.10 -0.95 -7.53
N VAL A 25 7.86 -1.31 -7.23
CA VAL A 25 7.57 -2.32 -6.22
C VAL A 25 6.55 -3.34 -6.73
N GLY A 26 6.86 -4.61 -6.55
CA GLY A 26 5.98 -5.69 -6.99
C GLY A 26 5.28 -6.34 -5.81
N TYR A 27 4.03 -6.76 -6.01
CA TYR A 27 3.27 -7.44 -4.97
C TYR A 27 2.66 -8.73 -5.49
N VAL A 28 2.60 -9.75 -4.63
CA VAL A 28 1.64 -10.83 -4.79
C VAL A 28 0.61 -10.81 -3.66
N ASP A 29 -0.64 -10.54 -4.01
CA ASP A 29 -1.65 -10.17 -3.02
C ASP A 29 -1.13 -9.06 -2.11
N ASP A 30 -0.90 -9.40 -0.84
CA ASP A 30 -0.54 -8.41 0.17
C ASP A 30 0.97 -8.37 0.40
N THR A 31 1.69 -9.24 -0.32
CA THR A 31 3.10 -9.47 -0.04
C THR A 31 3.99 -8.82 -1.08
N GLN A 32 4.92 -7.99 -0.63
CA GLN A 32 6.00 -7.52 -1.48
C GLN A 32 7.10 -8.57 -1.61
N PHE A 33 7.54 -8.81 -2.84
CA PHE A 33 8.43 -9.93 -3.13
C PHE A 33 9.57 -9.51 -4.04
N VAL A 34 9.43 -8.35 -4.66
CA VAL A 34 10.52 -7.74 -5.41
C VAL A 34 10.55 -6.24 -5.23
N ARG A 35 11.73 -5.64 -5.40
CA ARG A 35 11.87 -4.19 -5.34
C ARG A 35 12.89 -3.69 -6.36
N PHE A 36 12.80 -2.41 -6.69
CA PHE A 36 13.84 -1.76 -7.47
C PHE A 36 13.83 -0.25 -7.23
N ASP A 37 15.03 0.34 -7.18
CA ASP A 37 15.16 1.77 -6.91
C ASP A 37 16.36 2.36 -7.65
N SER A 38 16.11 3.41 -8.43
CA SER A 38 17.14 4.02 -9.25
C SER A 38 18.26 4.59 -8.39
N ASP A 39 17.97 4.81 -7.11
CA ASP A 39 18.97 5.31 -6.18
C ASP A 39 19.55 4.19 -5.33
N ALA A 40 19.28 2.95 -5.73
CA ALA A 40 19.81 1.79 -5.04
C ALA A 40 21.33 1.73 -5.16
N ALA A 41 21.98 1.22 -4.12
CA ALA A 41 23.43 0.99 -4.16
C ALA A 41 23.79 -0.03 -5.24
N SER A 42 22.92 -1.01 -5.43
CA SER A 42 23.20 -2.11 -6.36
C SER A 42 22.87 -1.71 -7.79
N GLN A 43 21.93 -0.79 -7.94
CA GLN A 43 21.45 -0.40 -9.25
C GLN A 43 20.88 -1.59 -10.02
N LYS A 44 20.47 -2.62 -9.28
CA LYS A 44 19.88 -3.80 -9.88
C LYS A 44 18.57 -4.16 -9.20
N MET A 45 17.76 -4.97 -9.88
CA MET A 45 16.57 -5.56 -9.28
C MET A 45 16.94 -6.45 -8.10
N GLU A 46 16.16 -6.37 -7.02
CA GLU A 46 16.40 -7.16 -5.83
C GLU A 46 15.15 -7.92 -5.40
N PRO A 47 15.34 -9.15 -4.95
CA PRO A 47 14.24 -9.92 -4.36
C PRO A 47 13.93 -9.44 -2.95
N ARG A 48 12.73 -9.77 -2.47
CA ARG A 48 12.41 -9.67 -1.05
C ARG A 48 11.92 -11.00 -0.50
N ALA A 49 11.25 -11.77 -1.34
CA ALA A 49 10.64 -13.03 -0.91
C ALA A 49 11.62 -14.19 -1.04
N PRO A 50 11.67 -15.03 -0.02
CA PRO A 50 12.53 -16.21 -0.04
C PRO A 50 12.33 -17.02 -1.31
N TRP A 51 11.07 -17.11 -1.75
CA TRP A 51 10.69 -18.12 -2.73
C TRP A 51 10.93 -17.63 -4.15
N ILE A 52 11.50 -16.43 -4.26
CA ILE A 52 11.91 -15.90 -5.56
C ILE A 52 13.42 -15.66 -5.60
N GLU A 53 14.10 -16.01 -4.51
CA GLU A 53 15.55 -15.87 -4.44
C GLU A 53 16.26 -16.96 -5.22
N GLN A 54 15.47 -17.87 -5.79
CA GLN A 54 16.01 -18.97 -6.57
C GLN A 54 16.11 -18.59 -8.05
N GLU A 55 15.61 -17.41 -8.39
CA GLU A 55 15.71 -16.90 -9.75
C GLU A 55 17.09 -16.34 -10.04
N GLY A 56 17.63 -16.68 -11.20
CA GLY A 56 18.97 -16.26 -11.57
C GLY A 56 18.94 -15.00 -12.43
N PRO A 57 20.07 -14.66 -13.04
CA PRO A 57 20.18 -13.47 -13.87
C PRO A 57 19.33 -13.59 -15.12
N GLU A 58 18.93 -14.82 -15.44
CA GLU A 58 18.12 -15.08 -16.62
C GLU A 58 16.80 -14.32 -16.57
N TYR A 59 16.45 -13.85 -15.37
CA TYR A 59 15.31 -12.95 -15.20
C TYR A 59 15.77 -11.57 -14.75
N TRP A 60 16.57 -11.53 -13.69
CA TRP A 60 16.80 -10.29 -12.97
C TRP A 60 17.51 -9.26 -13.83
N ASP A 61 18.47 -9.73 -14.62
CA ASP A 61 19.32 -8.84 -15.42
C ASP A 61 18.52 -8.18 -16.53
N GLN A 62 17.67 -8.96 -17.20
CA GLN A 62 16.80 -8.44 -18.24
C GLN A 62 15.72 -7.54 -17.66
N GLU A 63 15.15 -7.96 -16.53
CA GLU A 63 14.12 -7.18 -15.86
C GLU A 63 14.65 -5.83 -15.38
N THR A 64 15.89 -5.84 -14.89
CA THR A 64 16.57 -4.61 -14.51
C THR A 64 16.70 -3.66 -15.70
N ARG A 65 17.12 -4.19 -16.83
CA ARG A 65 17.23 -3.41 -18.06
C ARG A 65 15.86 -2.90 -18.51
N ASN A 66 14.84 -3.74 -18.35
CA ASN A 66 13.48 -3.38 -18.70
C ASN A 66 12.97 -2.21 -17.87
N MET A 67 13.23 -2.27 -16.56
CA MET A 67 12.82 -1.22 -15.65
C MET A 67 13.59 0.07 -15.92
N LYS A 68 14.84 -0.07 -16.35
CA LYS A 68 15.61 1.06 -16.84
C LYS A 68 14.95 1.70 -18.05
N ALA A 69 14.50 0.86 -18.98
CA ALA A 69 13.77 1.34 -20.15
C ALA A 69 12.48 2.04 -19.74
N HIS A 70 11.80 1.49 -18.75
CA HIS A 70 10.61 2.12 -18.19
C HIS A 70 10.93 3.49 -17.60
N SER A 71 12.02 3.56 -16.84
CA SER A 71 12.46 4.81 -16.24
C SER A 71 12.75 5.86 -17.32
N GLN A 72 13.49 5.46 -18.35
CA GLN A 72 13.83 6.37 -19.44
C GLN A 72 12.59 6.90 -20.14
N THR A 73 11.61 6.02 -20.33
CA THR A 73 10.36 6.40 -20.98
C THR A 73 9.57 7.37 -20.10
N ASP A 74 9.45 7.05 -18.82
CA ASP A 74 8.71 7.88 -17.88
C ASP A 74 9.30 9.28 -17.80
N ARG A 75 10.63 9.35 -17.76
CA ARG A 75 11.34 10.63 -17.74
C ARG A 75 11.03 11.44 -19.00
N ALA A 76 11.05 10.77 -20.14
CA ALA A 76 10.68 11.41 -21.41
C ALA A 76 9.24 11.90 -21.37
N ASN A 77 8.36 11.09 -20.79
CA ASN A 77 6.94 11.43 -20.71
C ASN A 77 6.72 12.66 -19.85
N LEU A 78 7.43 12.73 -18.73
CA LEU A 78 7.33 13.87 -17.83
C LEU A 78 7.71 15.17 -18.53
N GLY A 79 8.80 15.14 -19.28
CA GLY A 79 9.22 16.28 -20.08
C GLY A 79 8.22 16.59 -21.18
N THR A 80 7.74 15.54 -21.84
CA THR A 80 6.81 15.71 -22.96
C THR A 80 5.50 16.33 -22.51
N LEU A 81 4.97 15.84 -21.39
CA LEU A 81 3.71 16.33 -20.86
C LEU A 81 3.81 17.79 -20.45
N ARG A 82 4.95 18.16 -19.86
CA ARG A 82 5.24 19.55 -19.57
C ARG A 82 5.10 20.42 -20.81
N GLY A 83 5.59 19.92 -21.93
CA GLY A 83 5.41 20.59 -23.22
C GLY A 83 3.93 20.69 -23.58
N TYR A 84 3.23 19.56 -23.51
CA TYR A 84 1.84 19.50 -23.93
C TYR A 84 0.99 20.55 -23.21
N TYR A 85 1.25 20.73 -21.93
CA TYR A 85 0.42 21.60 -21.10
C TYR A 85 1.09 22.94 -20.88
N ASN A 86 2.15 23.21 -21.64
CA ASN A 86 2.83 24.49 -21.59
C ASN A 86 3.15 24.90 -20.16
N GLN A 87 3.72 23.97 -19.40
CA GLN A 87 4.02 24.21 -17.99
C GLN A 87 5.44 24.74 -17.82
N SER A 88 5.68 25.42 -16.72
CA SER A 88 6.98 26.04 -16.46
C SER A 88 8.07 24.98 -16.31
N GLU A 89 9.25 25.28 -16.82
CA GLU A 89 10.38 24.37 -16.71
C GLU A 89 10.84 24.23 -15.27
N ASP A 90 10.45 25.18 -14.43
CA ASP A 90 10.88 25.21 -13.04
C ASP A 90 9.92 24.44 -12.14
N GLY A 91 8.87 23.89 -12.75
CA GLY A 91 7.84 23.17 -12.00
C GLY A 91 8.26 21.72 -11.74
N SER A 92 7.51 21.05 -10.89
CA SER A 92 7.72 19.62 -10.65
C SER A 92 6.57 18.79 -11.19
N HIS A 93 6.86 17.53 -11.50
CA HIS A 93 5.85 16.63 -12.05
C HIS A 93 6.00 15.22 -11.51
N THR A 94 4.89 14.49 -11.43
CA THR A 94 4.93 13.08 -11.06
C THR A 94 4.10 12.23 -12.01
N ILE A 95 4.65 11.11 -12.44
CA ILE A 95 3.92 10.15 -13.27
C ILE A 95 3.80 8.80 -12.57
N GLN A 96 2.62 8.22 -12.64
CA GLN A 96 2.34 6.96 -11.94
C GLN A 96 1.77 5.92 -12.90
N ILE A 97 2.40 4.75 -12.93
CA ILE A 97 1.94 3.65 -13.78
C ILE A 97 1.85 2.35 -13.00
N MET A 98 0.74 1.64 -13.18
CA MET A 98 0.57 0.33 -12.56
C MET A 98 -0.06 -0.67 -13.52
N TYR A 99 0.29 -1.94 -13.35
CA TYR A 99 -0.35 -3.02 -14.11
C TYR A 99 -0.29 -4.33 -13.34
N GLY A 100 -1.08 -5.30 -13.77
CA GLY A 100 -1.12 -6.61 -13.13
C GLY A 100 -2.28 -7.45 -13.65
N CYS A 101 -2.53 -8.58 -13.00
CA CYS A 101 -3.54 -9.53 -13.46
C CYS A 101 -4.15 -10.28 -12.29
N ASP A 102 -5.39 -10.71 -12.47
CA ASP A 102 -6.03 -11.63 -11.53
C ASP A 102 -6.15 -13.03 -12.12
N VAL A 103 -5.91 -14.03 -11.29
CA VAL A 103 -6.09 -15.43 -11.71
C VAL A 103 -7.01 -16.17 -10.75
N GLY A 104 -7.66 -17.21 -11.26
CA GLY A 104 -8.49 -18.07 -10.43
C GLY A 104 -7.65 -19.07 -9.65
N PRO A 105 -8.30 -19.90 -8.85
CA PRO A 105 -7.61 -20.90 -8.05
C PRO A 105 -6.93 -21.94 -8.93
N ASP A 106 -7.38 -22.03 -10.19
CA ASP A 106 -6.80 -22.97 -11.14
C ASP A 106 -5.78 -22.28 -12.03
N GLY A 107 -5.45 -21.04 -11.70
CA GLY A 107 -4.47 -20.27 -12.45
C GLY A 107 -5.09 -19.64 -13.69
N ARG A 108 -6.38 -19.85 -13.87
CA ARG A 108 -7.09 -19.33 -15.03
C ARG A 108 -7.08 -17.81 -15.05
N PHE A 109 -6.75 -17.24 -16.21
CA PHE A 109 -6.75 -15.79 -16.38
C PHE A 109 -8.16 -15.21 -16.18
N LEU A 110 -8.27 -14.22 -15.30
CA LEU A 110 -9.54 -13.56 -15.06
C LEU A 110 -9.56 -12.17 -15.67
N ARG A 111 -8.67 -11.30 -15.20
CA ARG A 111 -8.70 -9.88 -15.57
C ARG A 111 -7.29 -9.32 -15.71
N GLY A 112 -7.09 -8.45 -16.70
CA GLY A 112 -5.87 -7.68 -16.81
C GLY A 112 -6.06 -6.26 -16.31
N TYR A 113 -4.96 -5.64 -15.86
CA TYR A 113 -5.01 -4.27 -15.39
C TYR A 113 -3.86 -3.45 -15.97
N ARG A 114 -4.16 -2.23 -16.40
CA ARG A 114 -3.14 -1.24 -16.70
C ARG A 114 -3.71 0.17 -16.67
N GLN A 115 -3.11 1.03 -15.86
CA GLN A 115 -3.57 2.41 -15.73
C GLN A 115 -2.40 3.36 -15.54
N ASP A 116 -2.50 4.54 -16.13
CA ASP A 116 -1.53 5.61 -15.90
C ASP A 116 -2.19 6.83 -15.24
N ALA A 117 -1.38 7.63 -14.56
CA ALA A 117 -1.84 8.90 -14.02
C ALA A 117 -0.75 9.96 -14.07
N TYR A 118 -1.14 11.22 -14.02
CA TYR A 118 -0.20 12.32 -14.13
C TYR A 118 -0.56 13.45 -13.17
N ASP A 119 0.35 13.79 -12.26
CA ASP A 119 0.14 14.88 -11.32
C ASP A 119 -1.19 14.75 -10.61
N GLY A 120 -1.56 13.51 -10.28
CA GLY A 120 -2.69 13.26 -9.39
C GLY A 120 -3.96 13.01 -10.18
N LYS A 121 -3.90 13.26 -11.49
CA LYS A 121 -5.07 13.11 -12.35
C LYS A 121 -4.96 11.87 -13.23
N ASP A 122 -6.08 11.17 -13.38
CA ASP A 122 -6.14 10.00 -14.26
C ASP A 122 -5.66 10.36 -15.67
N TYR A 123 -4.86 9.48 -16.26
CA TYR A 123 -4.34 9.70 -17.60
C TYR A 123 -5.00 8.77 -18.60
N ILE A 124 -4.62 7.50 -18.57
CA ILE A 124 -5.21 6.49 -19.44
C ILE A 124 -5.52 5.21 -18.69
N ALA A 125 -6.67 4.61 -18.98
CA ALA A 125 -7.00 3.30 -18.45
C ALA A 125 -7.11 2.26 -19.56
N LEU A 126 -6.73 1.03 -19.27
CA LEU A 126 -6.97 -0.10 -20.16
C LEU A 126 -7.98 -1.07 -19.55
N ASN A 127 -8.98 -1.44 -20.33
CA ASN A 127 -10.06 -2.29 -19.85
C ASN A 127 -9.56 -3.69 -19.52
N GLU A 128 -10.35 -4.43 -18.75
CA GLU A 128 -9.94 -5.73 -18.25
C GLU A 128 -9.75 -6.73 -19.39
N ASP A 129 -10.38 -6.45 -20.52
CA ASP A 129 -10.25 -7.28 -21.70
C ASP A 129 -8.94 -6.99 -22.44
N LEU A 130 -8.29 -5.91 -22.04
CA LEU A 130 -7.01 -5.53 -22.65
C LEU A 130 -7.15 -5.34 -24.16
N ARG A 131 -8.17 -4.59 -24.56
CA ARG A 131 -8.43 -4.36 -25.98
C ARG A 131 -8.55 -2.88 -26.28
N SER A 132 -9.04 -2.12 -25.31
CA SER A 132 -9.52 -0.77 -25.56
C SER A 132 -8.97 0.22 -24.53
N TRP A 133 -8.34 1.28 -25.00
CA TRP A 133 -7.84 2.32 -24.11
C TRP A 133 -8.91 3.38 -23.85
N THR A 134 -8.84 4.00 -22.67
CA THR A 134 -9.69 5.13 -22.34
C THR A 134 -8.86 6.33 -21.91
N ALA A 135 -9.09 7.47 -22.56
CA ALA A 135 -8.41 8.71 -22.22
C ALA A 135 -9.21 9.51 -21.20
N ALA A 136 -8.51 10.06 -20.20
CA ALA A 136 -9.16 10.82 -19.14
C ALA A 136 -8.64 12.24 -19.09
N ASP A 137 -7.92 12.65 -20.13
CA ASP A 137 -7.31 13.97 -20.18
C ASP A 137 -6.94 14.35 -21.61
N MET A 138 -6.59 15.62 -21.81
CA MET A 138 -6.22 16.11 -23.13
C MET A 138 -5.01 15.36 -23.68
N ALA A 139 -3.91 15.37 -22.92
CA ALA A 139 -2.70 14.66 -23.31
C ALA A 139 -2.97 13.17 -23.44
N ALA A 140 -3.89 12.66 -22.64
CA ALA A 140 -4.27 11.24 -22.71
C ALA A 140 -4.88 10.91 -24.05
N GLN A 141 -5.67 11.82 -24.59
CA GLN A 141 -6.28 11.64 -25.91
C GLN A 141 -5.23 11.59 -27.00
N ILE A 142 -4.19 12.41 -26.87
CA ILE A 142 -3.07 12.37 -27.79
C ILE A 142 -2.34 11.03 -27.72
N THR A 143 -2.03 10.60 -26.51
CA THR A 143 -1.35 9.32 -26.31
C THR A 143 -2.24 8.16 -26.74
N LYS A 144 -3.51 8.21 -26.36
CA LYS A 144 -4.45 7.14 -26.69
C LYS A 144 -4.52 6.90 -28.19
N ARG A 145 -4.62 7.99 -28.96
CA ARG A 145 -4.62 7.90 -30.41
C ARG A 145 -3.44 7.08 -30.91
N LYS A 146 -2.25 7.36 -30.38
CA LYS A 146 -1.05 6.64 -30.76
C LYS A 146 -1.15 5.17 -30.36
N TRP A 147 -1.49 4.92 -29.11
CA TRP A 147 -1.49 3.57 -28.56
C TRP A 147 -2.49 2.69 -29.28
N GLU A 148 -3.65 3.25 -29.59
CA GLU A 148 -4.68 2.53 -30.34
C GLU A 148 -4.19 2.17 -31.74
N ALA A 149 -3.55 3.13 -32.40
CA ALA A 149 -3.09 2.94 -33.77
C ALA A 149 -2.10 1.78 -33.85
N VAL A 150 -1.29 1.62 -32.81
CA VAL A 150 -0.24 0.60 -32.81
C VAL A 150 -0.68 -0.62 -32.03
N HIS A 151 -1.92 -0.63 -31.58
CA HIS A 151 -2.47 -1.75 -30.81
C HIS A 151 -1.58 -2.06 -29.61
N ALA A 152 -1.23 -1.03 -28.85
CA ALA A 152 -0.38 -1.19 -27.68
C ALA A 152 -0.97 -2.19 -26.70
N ALA A 153 -2.29 -2.28 -26.68
CA ALA A 153 -3.00 -3.20 -25.80
C ALA A 153 -2.55 -4.64 -26.04
N GLU A 154 -2.14 -4.93 -27.28
CA GLU A 154 -1.71 -6.27 -27.65
C GLU A 154 -0.47 -6.68 -26.87
N GLN A 155 0.45 -5.74 -26.69
CA GLN A 155 1.65 -5.98 -25.89
C GLN A 155 1.31 -6.32 -24.45
N ARG A 156 0.31 -5.62 -23.91
CA ARG A 156 -0.15 -5.87 -22.56
C ARG A 156 -0.83 -7.23 -22.44
N ARG A 157 -1.58 -7.60 -23.47
CA ARG A 157 -2.28 -8.87 -23.50
C ARG A 157 -1.30 -10.03 -23.41
N VAL A 158 -0.25 -9.99 -24.22
CA VAL A 158 0.73 -11.07 -24.27
C VAL A 158 1.32 -11.33 -22.88
N TYR A 159 1.67 -10.27 -22.18
CA TYR A 159 2.17 -10.38 -20.81
C TYR A 159 1.06 -10.79 -19.86
N LEU A 160 0.02 -9.96 -19.77
CA LEU A 160 -0.93 -10.05 -18.67
C LEU A 160 -1.73 -11.36 -18.75
N GLU A 161 -2.02 -11.79 -19.97
CA GLU A 161 -2.78 -13.01 -20.18
C GLU A 161 -1.88 -14.25 -20.06
N GLY A 162 -0.59 -14.05 -20.22
CA GLY A 162 0.35 -15.15 -20.31
C GLY A 162 1.39 -15.09 -19.19
N ARG A 163 2.39 -14.23 -19.37
CA ARG A 163 3.54 -14.21 -18.47
C ARG A 163 3.12 -13.90 -17.04
N CYS A 164 2.22 -12.94 -16.89
CA CYS A 164 1.72 -12.56 -15.57
C CYS A 164 1.01 -13.73 -14.89
N VAL A 165 0.22 -14.46 -15.67
CA VAL A 165 -0.57 -15.57 -15.14
C VAL A 165 0.34 -16.71 -14.68
N ASP A 166 1.27 -17.11 -15.54
CA ASP A 166 2.17 -18.21 -15.24
C ASP A 166 3.17 -17.82 -14.15
N GLY A 167 3.68 -16.59 -14.23
CA GLY A 167 4.56 -16.05 -13.20
C GLY A 167 3.91 -16.14 -11.82
N LEU A 168 2.72 -15.57 -11.70
CA LEU A 168 1.97 -15.62 -10.44
C LEU A 168 1.70 -17.06 -10.03
N ARG A 169 1.22 -17.87 -10.97
CA ARG A 169 0.92 -19.27 -10.70
C ARG A 169 2.11 -19.96 -10.04
N ARG A 170 3.29 -19.83 -10.66
CA ARG A 170 4.49 -20.47 -10.16
C ARG A 170 4.85 -19.94 -8.78
N TYR A 171 4.67 -18.64 -8.58
CA TYR A 171 4.96 -18.01 -7.30
C TYR A 171 4.03 -18.54 -6.20
N LEU A 172 2.76 -18.73 -6.55
CA LEU A 172 1.77 -19.22 -5.60
C LEU A 172 2.13 -20.62 -5.11
N GLU A 173 2.73 -21.42 -5.99
CA GLU A 173 3.21 -22.74 -5.63
C GLU A 173 4.49 -22.66 -4.78
N ASN A 174 5.47 -21.93 -5.30
CA ASN A 174 6.78 -21.85 -4.66
C ASN A 174 6.67 -21.19 -3.28
N GLY A 175 5.76 -20.22 -3.16
CA GLY A 175 5.60 -19.48 -1.92
C GLY A 175 4.31 -19.86 -1.22
N LYS A 176 3.79 -21.04 -1.54
CA LYS A 176 2.50 -21.47 -1.02
C LYS A 176 2.40 -21.25 0.48
N GLU A 177 3.45 -21.64 1.20
CA GLU A 177 3.42 -21.65 2.66
C GLU A 177 3.69 -20.25 3.22
N THR A 178 3.96 -19.30 2.33
CA THR A 178 4.22 -17.93 2.73
C THR A 178 3.16 -16.99 2.19
N LEU A 179 2.45 -17.43 1.16
CA LEU A 179 1.46 -16.59 0.49
C LEU A 179 0.03 -16.99 0.88
N GLN A 180 -0.23 -18.29 0.85
CA GLN A 180 -1.56 -18.81 1.14
C GLN A 180 -1.71 -19.15 2.62
N ARG A 181 -0.69 -18.80 3.41
CA ARG A 181 -0.76 -18.99 4.85
C ARG A 181 -1.93 -18.23 5.46
N THR A 182 -2.38 -18.68 6.63
CA THR A 182 -3.41 -17.98 7.37
C THR A 182 -2.93 -17.61 8.78
N ASP A 183 -3.44 -16.50 9.29
CA ASP A 183 -3.16 -16.12 10.67
C ASP A 183 -4.37 -15.42 11.30
N PRO A 184 -4.99 -16.08 12.26
CA PRO A 184 -6.19 -15.56 12.90
C PRO A 184 -5.86 -14.39 13.82
N PRO A 185 -6.81 -13.47 13.97
CA PRO A 185 -6.61 -12.28 14.78
C PRO A 185 -6.53 -12.62 16.26
N LYS A 186 -5.73 -11.86 17.00
CA LYS A 186 -5.63 -12.04 18.44
C LYS A 186 -6.76 -11.31 19.17
N THR A 187 -7.97 -11.85 19.05
CA THR A 187 -9.17 -11.09 19.37
C THR A 187 -9.27 -10.80 20.87
N HIS A 188 -9.68 -9.59 21.21
CA HIS A 188 -10.04 -9.26 22.58
C HIS A 188 -10.82 -7.95 22.65
N MET A 189 -11.53 -7.75 23.75
CA MET A 189 -12.34 -6.55 23.94
C MET A 189 -11.99 -5.84 25.24
N THR A 190 -11.97 -4.51 25.19
CA THR A 190 -11.67 -3.70 26.37
C THR A 190 -12.77 -2.67 26.63
N HIS A 191 -12.87 -2.23 27.87
CA HIS A 191 -13.89 -1.25 28.25
C HIS A 191 -13.25 0.07 28.66
N HIS A 192 -13.72 1.16 28.06
CA HIS A 192 -13.12 2.47 28.26
C HIS A 192 -14.17 3.52 28.63
N PRO A 193 -14.41 3.69 29.92
CA PRO A 193 -15.37 4.67 30.40
C PRO A 193 -15.01 6.07 29.90
N ILE A 194 -16.04 6.86 29.60
CA ILE A 194 -15.84 8.23 29.15
C ILE A 194 -16.26 9.23 30.22
N SER A 195 -17.45 9.01 30.79
CA SER A 195 -17.97 9.89 31.82
C SER A 195 -18.71 9.10 32.90
N ASP A 196 -19.45 9.82 33.74
CA ASP A 196 -20.22 9.18 34.81
C ASP A 196 -21.25 8.21 34.24
N HIS A 197 -21.65 8.44 33.00
CA HIS A 197 -22.71 7.65 32.38
C HIS A 197 -22.25 7.07 31.05
N GLU A 198 -21.33 7.76 30.41
CA GLU A 198 -20.92 7.40 29.04
C GLU A 198 -19.70 6.49 29.06
N ALA A 199 -19.72 5.48 28.17
CA ALA A 199 -18.57 4.60 28.00
C ALA A 199 -18.52 4.03 26.58
N THR A 200 -17.40 3.42 26.24
CA THR A 200 -17.24 2.76 24.94
C THR A 200 -16.70 1.36 25.11
N LEU A 201 -16.95 0.51 24.11
CA LEU A 201 -16.24 -0.76 23.98
C LEU A 201 -15.35 -0.76 22.75
N ARG A 202 -14.17 -1.35 22.88
CA ARG A 202 -13.25 -1.49 21.75
C ARG A 202 -13.08 -2.95 21.36
N CYS A 203 -13.39 -3.25 20.10
CA CYS A 203 -13.28 -4.61 19.58
C CYS A 203 -11.99 -4.79 18.78
N TRP A 204 -11.03 -5.52 19.37
CA TRP A 204 -9.70 -5.62 18.80
C TRP A 204 -9.57 -6.87 17.93
N ALA A 205 -8.97 -6.70 16.75
CA ALA A 205 -8.69 -7.83 15.88
C ALA A 205 -7.31 -7.68 15.23
N LEU A 206 -6.26 -7.75 16.04
CA LEU A 206 -4.92 -7.37 15.59
C LEU A 206 -4.10 -8.60 15.24
N GLY A 207 -3.22 -8.45 14.26
CA GLY A 207 -2.17 -9.43 14.00
C GLY A 207 -2.69 -10.59 13.16
N PHE A 208 -3.34 -10.26 12.06
CA PHE A 208 -4.00 -11.26 11.22
C PHE A 208 -3.46 -11.23 9.79
N TYR A 209 -3.68 -12.32 9.07
CA TYR A 209 -3.29 -12.39 7.66
C TYR A 209 -4.19 -13.36 6.90
N PRO A 210 -4.71 -12.91 5.76
CA PRO A 210 -4.18 -11.72 5.10
C PRO A 210 -4.96 -10.47 5.52
N ALA A 211 -4.78 -9.39 4.77
CA ALA A 211 -5.35 -8.10 5.13
C ALA A 211 -6.86 -8.15 5.14
N GLU A 212 -7.42 -9.11 4.42
CA GLU A 212 -8.87 -9.24 4.27
C GLU A 212 -9.54 -9.44 5.62
N ILE A 213 -10.39 -8.49 6.00
CA ILE A 213 -11.08 -8.55 7.27
C ILE A 213 -12.38 -7.74 7.25
N THR A 214 -13.40 -8.25 7.91
CA THR A 214 -14.61 -7.47 8.17
C THR A 214 -14.97 -7.48 9.64
N LEU A 215 -15.22 -6.29 10.20
CA LEU A 215 -15.71 -6.16 11.56
C LEU A 215 -17.20 -5.81 11.58
N THR A 216 -17.93 -6.44 12.49
CA THR A 216 -19.35 -6.14 12.67
C THR A 216 -19.70 -5.97 14.14
N TRP A 217 -20.42 -4.90 14.45
CA TRP A 217 -21.02 -4.74 15.77
C TRP A 217 -22.51 -5.07 15.75
N GLN A 218 -23.01 -5.63 16.84
CA GLN A 218 -24.44 -5.83 17.03
C GLN A 218 -24.89 -5.34 18.39
N ARG A 219 -26.14 -4.88 18.47
CA ARG A 219 -26.78 -4.62 19.75
C ARG A 219 -28.19 -5.20 19.79
N ASP A 220 -28.48 -5.99 20.81
CA ASP A 220 -29.75 -6.70 20.90
C ASP A 220 -29.95 -7.62 19.71
N GLY A 221 -28.85 -8.01 19.07
CA GLY A 221 -28.90 -8.95 17.97
C GLY A 221 -28.98 -8.22 16.63
N GLU A 222 -29.18 -6.91 16.69
CA GLU A 222 -29.31 -6.10 15.49
C GLU A 222 -28.00 -5.39 15.16
N ASP A 223 -27.68 -5.30 13.87
CA ASP A 223 -26.43 -4.70 13.42
C ASP A 223 -26.34 -3.24 13.85
N GLN A 224 -25.15 -2.81 14.24
CA GLN A 224 -24.90 -1.41 14.55
C GLN A 224 -23.98 -0.77 13.51
N THR A 225 -24.53 0.12 12.71
CA THR A 225 -23.80 0.68 11.57
C THR A 225 -23.67 2.19 11.70
N GLN A 226 -24.24 2.74 12.76
CA GLN A 226 -24.36 4.20 12.90
C GLN A 226 -23.42 4.73 13.99
N ASP A 227 -23.63 4.27 15.22
CA ASP A 227 -22.87 4.76 16.35
C ASP A 227 -21.56 4.01 16.52
N THR A 228 -20.68 4.13 15.53
CA THR A 228 -19.52 3.25 15.41
C THR A 228 -18.32 4.00 14.84
N GLU A 229 -17.13 3.56 15.21
CA GLU A 229 -15.90 4.06 14.60
C GLU A 229 -14.96 2.92 14.25
N LEU A 230 -14.41 2.95 13.05
CA LEU A 230 -13.50 1.92 12.58
C LEU A 230 -12.22 2.53 12.01
N VAL A 231 -11.12 1.77 12.10
CA VAL A 231 -9.89 2.15 11.44
C VAL A 231 -9.66 1.30 10.19
N GLU A 232 -9.05 1.92 9.17
CA GLU A 232 -8.65 1.19 7.98
C GLU A 232 -7.56 0.18 8.29
N THR A 233 -7.57 -0.95 7.59
CA THR A 233 -6.58 -1.99 7.79
C THR A 233 -5.17 -1.46 7.56
N ARG A 234 -4.28 -1.73 8.51
CA ARG A 234 -2.93 -1.19 8.46
C ARG A 234 -1.89 -2.27 8.76
N PRO A 235 -0.72 -2.14 8.16
CA PRO A 235 0.39 -3.06 8.42
C PRO A 235 0.72 -3.10 9.91
N ALA A 236 0.97 -4.30 10.43
CA ALA A 236 1.45 -4.46 11.79
C ALA A 236 2.96 -4.24 11.87
N GLY A 237 3.62 -4.30 10.73
CA GLY A 237 5.07 -4.13 10.66
C GLY A 237 5.80 -5.42 10.96
N ASP A 238 5.06 -6.53 10.97
CA ASP A 238 5.63 -7.83 11.27
C ASP A 238 5.06 -8.92 10.37
N GLY A 239 4.53 -8.50 9.22
CA GLY A 239 4.04 -9.44 8.22
C GLY A 239 2.54 -9.64 8.34
N THR A 240 1.96 -9.14 9.43
CA THR A 240 0.52 -9.20 9.63
C THR A 240 -0.10 -7.82 9.59
N PHE A 241 -1.41 -7.75 9.78
CA PHE A 241 -2.14 -6.49 9.72
C PHE A 241 -2.95 -6.26 10.98
N GLN A 242 -3.29 -5.00 11.23
CA GLN A 242 -4.10 -4.64 12.39
C GLN A 242 -5.45 -4.07 11.96
N LYS A 243 -6.47 -4.27 12.81
CA LYS A 243 -7.72 -3.54 12.67
C LYS A 243 -8.51 -3.56 13.98
N TRP A 244 -9.21 -2.48 14.26
CA TRP A 244 -10.09 -2.42 15.42
C TRP A 244 -11.34 -1.60 15.13
N ALA A 245 -12.39 -1.81 15.93
CA ALA A 245 -13.58 -0.98 15.86
C ALA A 245 -14.12 -0.69 17.25
N ALA A 246 -14.92 0.37 17.36
CA ALA A 246 -15.53 0.75 18.64
C ALA A 246 -16.94 1.28 18.43
N VAL A 247 -17.78 1.14 19.45
CA VAL A 247 -19.11 1.74 19.45
C VAL A 247 -19.40 2.43 20.78
N VAL A 248 -20.43 3.27 20.79
CA VAL A 248 -20.85 3.95 22.00
C VAL A 248 -21.64 3.02 22.91
N VAL A 249 -21.16 2.87 24.15
CA VAL A 249 -21.73 1.89 25.07
C VAL A 249 -21.96 2.51 26.44
N PRO A 250 -23.16 3.05 26.67
CA PRO A 250 -23.52 3.59 27.96
C PRO A 250 -23.29 2.58 29.08
N SER A 251 -22.79 3.07 30.21
CA SER A 251 -22.39 2.20 31.31
C SER A 251 -23.54 1.29 31.73
N GLY A 252 -23.28 -0.01 31.76
CA GLY A 252 -24.25 -0.98 32.21
C GLY A 252 -24.97 -1.64 31.04
N GLU A 253 -24.84 -1.03 29.86
CA GLU A 253 -25.51 -1.52 28.66
C GLU A 253 -24.59 -2.42 27.85
N GLU A 254 -23.37 -2.61 28.34
CA GLU A 254 -22.36 -3.36 27.61
C GLU A 254 -22.81 -4.79 27.36
N GLN A 255 -23.72 -5.28 28.21
CA GLN A 255 -24.20 -6.65 28.10
C GLN A 255 -25.01 -6.86 26.82
N ARG A 256 -25.42 -5.75 26.21
CA ARG A 256 -26.30 -5.81 25.04
C ARG A 256 -25.50 -5.80 23.75
N TYR A 257 -24.19 -5.66 23.87
CA TYR A 257 -23.33 -5.48 22.70
C TYR A 257 -22.56 -6.76 22.38
N THR A 258 -22.30 -6.98 21.10
CA THR A 258 -21.39 -8.04 20.67
C THR A 258 -20.66 -7.66 19.39
N CYS A 259 -19.38 -8.00 19.32
CA CYS A 259 -18.59 -7.76 18.12
C CYS A 259 -18.21 -9.07 17.43
N HIS A 260 -18.23 -9.07 16.11
CA HIS A 260 -17.83 -10.24 15.34
C HIS A 260 -16.69 -9.90 14.38
N VAL A 261 -15.79 -10.86 14.19
CA VAL A 261 -14.68 -10.69 13.25
C VAL A 261 -14.69 -11.78 12.18
N GLN A 262 -14.91 -11.38 10.94
CA GLN A 262 -15.11 -12.33 9.85
C GLN A 262 -13.92 -12.32 8.90
N HIS A 263 -13.45 -13.52 8.56
CA HIS A 263 -12.40 -13.66 7.55
C HIS A 263 -12.78 -14.69 6.49
N GLU A 264 -12.13 -14.61 5.34
CA GLU A 264 -12.26 -15.65 4.32
C GLU A 264 -11.22 -16.74 4.49
N GLY A 265 -10.17 -16.43 5.25
CA GLY A 265 -9.07 -17.37 5.45
C GLY A 265 -9.33 -18.30 6.61
N LEU A 266 -10.42 -18.05 7.33
CA LEU A 266 -10.77 -18.85 8.50
C LEU A 266 -12.06 -19.64 8.27
N PRO A 267 -12.15 -20.81 8.90
CA PRO A 267 -13.32 -21.67 8.74
C PRO A 267 -14.52 -21.10 9.50
N LYS A 268 -14.25 -20.16 10.39
CA LYS A 268 -15.30 -19.58 11.23
C LYS A 268 -14.92 -18.18 11.70
N PRO A 269 -15.93 -17.35 11.92
CA PRO A 269 -15.71 -16.02 12.50
C PRO A 269 -15.40 -16.12 13.98
N LEU A 270 -14.83 -15.04 14.54
CA LEU A 270 -14.61 -14.95 15.97
C LEU A 270 -15.54 -13.92 16.61
N THR A 271 -15.99 -14.21 17.82
CA THR A 271 -16.95 -13.36 18.51
C THR A 271 -16.35 -12.79 19.80
N LEU A 272 -16.55 -11.50 20.01
CA LEU A 272 -16.03 -10.82 21.20
C LEU A 272 -17.15 -10.25 22.05
N ARG A 273 -17.03 -10.40 23.36
CA ARG A 273 -17.99 -9.82 24.29
C ARG A 273 -17.30 -9.29 25.54
N TRP A 274 -18.02 -8.48 26.31
CA TRP A 274 -17.50 -7.93 27.55
C TRP A 274 -18.54 -8.01 28.67
N ILE B 1 7.37 -12.31 -12.33
CA ILE B 1 7.99 -11.63 -13.46
C ILE B 1 7.14 -10.48 -13.97
N LEU B 2 7.78 -9.48 -14.57
CA LEU B 2 7.09 -8.25 -14.94
C LEU B 2 7.30 -7.93 -16.42
N ASP B 3 6.61 -6.90 -16.89
CA ASP B 3 6.46 -6.67 -18.32
C ASP B 3 7.63 -5.88 -18.89
N THR B 4 8.35 -6.50 -19.81
CA THR B 4 9.37 -5.78 -20.59
C THR B 4 8.80 -4.50 -21.18
N ALA B 5 9.69 -3.56 -21.51
CA ALA B 5 9.27 -2.31 -22.14
C ALA B 5 8.56 -2.56 -23.46
N GLY B 6 7.42 -1.93 -23.64
CA GLY B 6 6.62 -2.10 -24.86
C GLY B 6 6.41 -0.78 -25.57
N LYS B 7 5.40 -0.73 -26.44
CA LYS B 7 5.08 0.48 -27.19
C LYS B 7 4.53 1.56 -26.26
N GLU B 8 5.42 2.16 -25.49
CA GLU B 8 5.01 3.14 -24.48
C GLU B 8 5.63 4.51 -24.74
N GLU B 9 4.84 5.41 -25.29
CA GLU B 9 5.26 6.80 -25.49
C GLU B 9 4.06 7.73 -25.54
N TYR B 10 4.16 8.85 -24.81
CA TYR B 10 3.09 9.84 -24.80
C TYR B 10 3.20 10.80 -25.97
N MET C 1 -2.14 20.57 -11.41
CA MET C 1 -1.71 19.59 -10.42
C MET C 1 -2.52 19.71 -9.13
N ILE C 2 -2.82 18.58 -8.52
CA ILE C 2 -3.50 18.56 -7.23
C ILE C 2 -2.63 17.92 -6.16
N GLN C 3 -2.96 18.19 -4.90
CA GLN C 3 -2.18 17.67 -3.78
C GLN C 3 -3.09 17.05 -2.72
N ARG C 4 -2.53 16.13 -1.94
CA ARG C 4 -3.29 15.44 -0.90
C ARG C 4 -2.54 15.44 0.42
N THR C 5 -3.29 15.53 1.52
CA THR C 5 -2.69 15.61 2.84
C THR C 5 -2.59 14.23 3.50
N PRO C 6 -1.42 13.93 4.05
CA PRO C 6 -1.18 12.62 4.66
C PRO C 6 -2.02 12.42 5.92
N LYS C 7 -2.40 11.18 6.18
CA LYS C 7 -2.83 10.78 7.51
C LYS C 7 -1.71 10.10 8.28
N ILE C 8 -1.67 10.32 9.59
CA ILE C 8 -0.62 9.78 10.43
C ILE C 8 -1.17 8.87 11.51
N GLN C 9 -0.74 7.60 11.49
CA GLN C 9 -1.13 6.65 12.52
C GLN C 9 0.10 6.09 13.24
N VAL C 10 0.15 6.29 14.55
CA VAL C 10 1.27 5.80 15.35
C VAL C 10 0.83 4.71 16.31
N TYR C 11 1.50 3.57 16.25
CA TYR C 11 1.03 2.37 16.95
C TYR C 11 2.17 1.37 17.13
N SER C 12 1.90 0.31 17.90
CA SER C 12 2.82 -0.82 17.97
C SER C 12 2.16 -2.09 17.45
N ARG C 13 2.99 -3.04 17.01
CA ARG C 13 2.48 -4.26 16.39
C ARG C 13 1.67 -5.09 17.37
N HIS C 14 1.95 -4.91 18.66
CA HIS C 14 1.12 -5.51 19.71
C HIS C 14 1.00 -4.58 20.90
N PRO C 15 -0.07 -4.76 21.68
CA PRO C 15 -0.35 -3.89 22.82
C PRO C 15 0.87 -3.77 23.73
N ALA C 16 1.14 -2.54 24.18
CA ALA C 16 2.37 -2.25 24.92
C ALA C 16 2.44 -3.07 26.21
N GLU C 17 3.65 -3.51 26.56
CA GLU C 17 3.89 -4.10 27.86
C GLU C 17 5.31 -3.82 28.33
N ASN C 18 5.44 -3.34 29.57
CA ASN C 18 6.72 -2.84 30.07
C ASN C 18 7.79 -3.92 30.00
N GLY C 19 8.84 -3.64 29.24
CA GLY C 19 10.01 -4.52 29.21
C GLY C 19 9.89 -5.55 28.08
N LYS C 20 8.71 -5.63 27.49
CA LYS C 20 8.45 -6.62 26.45
C LYS C 20 8.75 -6.06 25.06
N SER C 21 9.76 -6.61 24.41
CA SER C 21 10.24 -6.10 23.13
C SER C 21 9.06 -5.81 22.20
N ASN C 22 9.14 -4.67 21.51
CA ASN C 22 8.07 -4.25 20.61
C ASN C 22 8.63 -3.46 19.44
N PHE C 23 7.77 -3.20 18.45
CA PHE C 23 8.14 -2.38 17.31
C PHE C 23 7.24 -1.16 17.18
N LEU C 24 7.84 0.01 17.07
CA LEU C 24 7.09 1.26 16.94
C LEU C 24 6.82 1.59 15.48
N ASN C 25 5.53 1.65 15.12
CA ASN C 25 5.14 1.88 13.74
C ASN C 25 4.63 3.30 13.54
N CYS C 26 4.93 3.88 12.38
CA CYS C 26 4.24 5.08 11.92
C CYS C 26 3.78 4.93 10.48
N TYR C 27 2.47 4.79 10.30
CA TYR C 27 1.91 4.55 8.97
C TYR C 27 1.35 5.83 8.36
N VAL C 28 1.94 6.25 7.24
CA VAL C 28 1.55 7.49 6.59
C VAL C 28 1.06 7.26 5.17
N SER C 29 -0.17 7.69 4.90
CA SER C 29 -0.85 7.34 3.66
C SER C 29 -1.76 8.47 3.19
N GLY C 30 -2.04 8.49 1.90
CA GLY C 30 -3.14 9.31 1.36
C GLY C 30 -2.64 10.70 0.99
N PHE C 31 -1.38 10.80 0.64
CA PHE C 31 -0.75 12.09 0.37
C PHE C 31 -0.25 12.18 -1.07
N HIS C 32 -0.04 13.40 -1.54
CA HIS C 32 0.41 13.62 -2.92
C HIS C 32 0.86 15.06 -3.13
N PRO C 33 2.04 15.23 -3.69
CA PRO C 33 2.76 14.13 -4.31
C PRO C 33 3.63 13.39 -3.30
N SER C 34 4.67 12.71 -3.81
CA SER C 34 5.46 11.81 -2.98
C SER C 34 6.36 12.58 -2.04
N ASP C 35 6.42 13.89 -2.21
CA ASP C 35 7.36 14.73 -1.47
C ASP C 35 6.97 14.82 0.00
N ILE C 36 7.42 13.85 0.79
CA ILE C 36 7.00 13.74 2.18
C ILE C 36 8.18 13.36 3.07
N GLU C 37 8.18 13.86 4.30
CA GLU C 37 9.17 13.48 5.30
C GLU C 37 8.51 12.83 6.51
N VAL C 38 8.97 11.64 6.87
CA VAL C 38 8.44 10.92 8.02
C VAL C 38 9.54 10.46 8.96
N ASP C 39 9.43 10.86 10.22
CA ASP C 39 10.44 10.54 11.21
C ASP C 39 9.80 10.06 12.52
N LEU C 40 10.48 9.16 13.21
CA LEU C 40 10.04 8.71 14.52
C LEU C 40 10.74 9.48 15.64
N LEU C 41 10.01 9.78 16.70
CA LEU C 41 10.54 10.56 17.81
C LEU C 41 10.65 9.73 19.08
N LYS C 42 11.65 10.02 19.89
CA LYS C 42 11.66 9.60 21.29
C LYS C 42 11.89 10.78 22.22
N ASN C 43 10.89 11.09 23.05
CA ASN C 43 10.94 12.27 23.89
C ASN C 43 11.20 13.52 23.07
N GLY C 44 10.68 13.55 21.85
CA GLY C 44 10.73 14.75 21.01
C GLY C 44 11.96 14.74 20.12
N GLU C 45 12.89 13.84 20.41
CA GLU C 45 14.14 13.76 19.66
C GLU C 45 14.05 12.71 18.55
N ARG C 46 14.64 13.02 17.41
CA ARG C 46 14.61 12.11 16.26
C ARG C 46 15.32 10.80 16.58
N ILE C 47 14.72 9.68 16.18
CA ILE C 47 15.38 8.39 16.23
C ILE C 47 16.13 8.10 14.94
N GLU C 48 17.42 7.83 15.06
CA GLU C 48 18.28 7.64 13.90
C GLU C 48 18.14 6.22 13.34
N LYS C 49 18.01 5.25 14.23
CA LYS C 49 17.99 3.84 13.84
C LYS C 49 16.59 3.41 13.43
N VAL C 50 16.14 3.89 12.27
CA VAL C 50 14.77 3.64 11.81
C VAL C 50 14.77 3.06 10.40
N GLU C 51 13.93 2.05 10.19
CA GLU C 51 13.74 1.48 8.86
C GLU C 51 12.39 1.87 8.29
N HIS C 52 12.20 1.60 7.00
CA HIS C 52 10.97 1.95 6.31
C HIS C 52 10.70 1.01 5.14
N SER C 53 9.46 1.00 4.68
CA SER C 53 9.09 0.25 3.48
C SER C 53 9.42 1.05 2.21
N ASP C 54 9.31 0.40 1.06
CA ASP C 54 9.41 1.08 -0.22
C ASP C 54 8.13 1.84 -0.55
N LEU C 55 8.28 3.00 -1.19
CA LEU C 55 7.14 3.85 -1.50
C LEU C 55 6.23 3.19 -2.52
N SER C 56 4.93 3.17 -2.23
CA SER C 56 3.93 2.69 -3.18
C SER C 56 2.74 3.64 -3.26
N PHE C 57 1.83 3.34 -4.19
CA PHE C 57 0.59 4.11 -4.30
C PHE C 57 -0.60 3.20 -4.59
N SER C 58 -1.79 3.69 -4.29
CA SER C 58 -2.99 2.86 -4.37
C SER C 58 -3.81 3.20 -5.61
N LYS C 59 -5.04 2.70 -5.66
CA LYS C 59 -5.88 2.85 -6.84
C LYS C 59 -6.19 4.32 -7.10
N ASP C 60 -6.26 5.11 -6.03
CA ASP C 60 -6.55 6.53 -6.15
C ASP C 60 -5.28 7.34 -6.33
N TRP C 61 -4.17 6.64 -6.59
CA TRP C 61 -2.92 7.29 -6.96
C TRP C 61 -2.33 8.06 -5.80
N SER C 62 -2.89 7.87 -4.61
CA SER C 62 -2.32 8.41 -3.39
C SER C 62 -1.14 7.58 -2.92
N PHE C 63 -0.18 8.23 -2.25
CA PHE C 63 1.03 7.55 -1.81
C PHE C 63 0.91 7.08 -0.38
N TYR C 64 1.62 6.01 -0.05
CA TYR C 64 1.72 5.54 1.32
C TYR C 64 3.06 4.85 1.58
N LEU C 65 3.51 4.90 2.83
CA LEU C 65 4.70 4.16 3.24
C LEU C 65 4.73 3.96 4.75
N LEU C 66 5.45 2.92 5.19
CA LEU C 66 5.54 2.61 6.61
C LEU C 66 6.95 2.91 7.14
N TYR C 67 7.01 3.57 8.29
CA TYR C 67 8.23 3.61 9.08
C TYR C 67 8.09 2.80 10.36
N TYR C 68 9.19 2.19 10.79
CA TYR C 68 9.18 1.35 11.99
C TYR C 68 10.56 1.29 12.63
N THR C 69 10.59 1.04 13.93
CA THR C 69 11.85 0.74 14.62
C THR C 69 11.60 -0.14 15.84
N GLU C 70 12.62 -0.89 16.23
CA GLU C 70 12.56 -1.73 17.42
C GLU C 70 12.86 -0.92 18.68
N PHE C 71 12.08 -1.16 19.72
CA PHE C 71 12.27 -0.48 21.00
C PHE C 71 11.79 -1.32 22.16
N THR C 72 12.10 -0.88 23.37
CA THR C 72 11.56 -1.51 24.57
C THR C 72 10.54 -0.60 25.28
N PRO C 73 9.29 -1.03 25.30
CA PRO C 73 8.24 -0.26 25.93
C PRO C 73 8.58 0.07 27.38
N THR C 74 8.31 1.30 27.79
CA THR C 74 8.56 1.74 29.15
C THR C 74 7.47 2.68 29.64
N GLU C 75 7.66 3.22 30.84
CA GLU C 75 6.71 4.16 31.42
C GLU C 75 7.33 5.56 31.52
N LYS C 76 8.64 5.64 31.33
CA LYS C 76 9.36 6.90 31.47
C LYS C 76 9.35 7.67 30.15
N ASP C 77 9.70 7.00 29.07
CA ASP C 77 9.90 7.65 27.78
C ASP C 77 8.60 7.68 26.98
N GLU C 78 8.42 8.73 26.19
CA GLU C 78 7.30 8.81 25.26
C GLU C 78 7.77 8.71 23.81
N TYR C 79 6.93 8.13 22.96
CA TYR C 79 7.25 7.98 21.55
C TYR C 79 6.21 8.67 20.68
N ALA C 80 6.62 9.11 19.50
CA ALA C 80 5.74 9.82 18.58
C ALA C 80 6.23 9.71 17.14
N CYS C 81 5.46 10.27 16.22
CA CYS C 81 5.88 10.36 14.82
C CYS C 81 5.62 11.75 14.25
N ARG C 82 6.58 12.26 13.50
CA ARG C 82 6.46 13.58 12.89
C ARG C 82 6.47 13.49 11.37
N VAL C 83 5.51 14.17 10.75
CA VAL C 83 5.37 14.13 9.29
C VAL C 83 5.29 15.53 8.71
N ASN C 84 6.09 15.78 7.67
CA ASN C 84 6.04 17.04 6.95
C ASN C 84 5.53 16.85 5.53
N HIS C 85 4.77 17.82 5.04
CA HIS C 85 4.23 17.77 3.69
C HIS C 85 3.84 19.16 3.20
N VAL C 86 3.84 19.34 1.88
CA VAL C 86 3.66 20.66 1.28
C VAL C 86 2.25 21.19 1.51
N THR C 87 1.33 20.28 1.85
CA THR C 87 -0.04 20.67 2.14
C THR C 87 -0.23 20.96 3.63
N LEU C 88 0.84 20.82 4.39
CA LEU C 88 0.80 21.05 5.83
C LEU C 88 1.47 22.37 6.20
N SER C 89 0.68 23.34 6.62
CA SER C 89 1.20 24.61 7.08
C SER C 89 1.98 24.45 8.39
N GLN C 90 1.73 23.34 9.07
CA GLN C 90 2.46 23.02 10.30
C GLN C 90 2.74 21.52 10.40
N PRO C 91 3.97 21.19 10.78
CA PRO C 91 4.36 19.79 10.95
C PRO C 91 3.36 19.05 11.85
N LYS C 92 2.97 17.85 11.41
CA LYS C 92 2.05 17.04 12.19
C LYS C 92 2.79 16.09 13.11
N ILE C 93 2.42 16.09 14.39
CA ILE C 93 3.02 15.18 15.36
C ILE C 93 1.95 14.35 16.07
N VAL C 94 2.09 13.03 16.03
CA VAL C 94 1.15 12.14 16.68
C VAL C 94 1.83 11.30 17.75
N LYS C 95 1.23 11.25 18.93
CA LYS C 95 1.81 10.52 20.05
C LYS C 95 1.47 9.03 19.96
N TRP C 96 2.43 8.19 20.35
CA TRP C 96 2.19 6.75 20.42
C TRP C 96 1.21 6.42 21.54
N ASP C 97 0.19 5.63 21.20
CA ASP C 97 -0.80 5.19 22.18
C ASP C 97 -0.53 3.75 22.60
N ARG C 98 -0.17 3.58 23.87
CA ARG C 98 0.21 2.26 24.39
C ARG C 98 -0.92 1.26 24.22
N ASP C 99 -2.15 1.76 24.22
CA ASP C 99 -3.32 0.89 24.23
C ASP C 99 -4.01 0.88 22.86
N MET C 100 -3.28 1.31 21.84
CA MET C 100 -3.79 1.29 20.47
C MET C 100 -2.66 1.41 19.46
N GLY A 1 -8.69 -18.89 -2.81
CA GLY A 1 -9.46 -18.73 -4.03
C GLY A 1 -8.62 -18.11 -5.14
N SER A 2 -9.07 -16.99 -5.67
CA SER A 2 -8.31 -16.25 -6.67
C SER A 2 -7.13 -15.53 -6.04
N HIS A 3 -6.18 -15.12 -6.89
CA HIS A 3 -5.02 -14.37 -6.42
C HIS A 3 -4.70 -13.22 -7.36
N SER A 4 -4.08 -12.17 -6.81
CA SER A 4 -3.76 -10.98 -7.60
C SER A 4 -2.25 -10.76 -7.67
N MET A 5 -1.79 -10.33 -8.84
CA MET A 5 -0.42 -9.82 -8.97
C MET A 5 -0.43 -8.37 -9.44
N ARG A 6 0.39 -7.54 -8.79
CA ARG A 6 0.43 -6.12 -9.09
C ARG A 6 1.86 -5.61 -9.16
N TYR A 7 2.10 -4.63 -10.02
CA TYR A 7 3.35 -3.89 -10.01
C TYR A 7 3.09 -2.38 -10.08
N PHE A 8 3.78 -1.63 -9.22
CA PHE A 8 3.58 -0.19 -9.14
C PHE A 8 4.85 0.57 -9.48
N PHE A 9 4.75 1.50 -10.42
CA PHE A 9 5.92 2.25 -10.89
C PHE A 9 5.68 3.75 -10.77
N THR A 10 6.63 4.45 -10.15
CA THR A 10 6.54 5.89 -10.00
C THR A 10 7.83 6.57 -10.44
N SER A 11 7.68 7.70 -11.14
CA SER A 11 8.83 8.54 -11.48
C SER A 11 8.59 9.98 -11.07
N VAL A 12 9.52 10.53 -10.29
CA VAL A 12 9.36 11.87 -9.73
C VAL A 12 10.48 12.79 -10.18
N SER A 13 10.10 13.93 -10.76
CA SER A 13 11.08 14.87 -11.29
C SER A 13 11.99 15.41 -10.19
N ARG A 14 13.24 15.71 -10.55
CA ARG A 14 14.18 16.29 -9.61
C ARG A 14 15.05 17.34 -10.29
N PRO A 15 14.48 18.51 -10.52
CA PRO A 15 15.20 19.61 -11.15
C PRO A 15 16.50 19.92 -10.42
N GLY A 16 17.58 20.09 -11.17
CA GLY A 16 18.88 20.40 -10.58
C GLY A 16 19.53 19.16 -9.98
N ARG A 17 18.83 18.55 -9.03
CA ARG A 17 19.41 17.46 -8.25
C ARG A 17 19.40 16.14 -9.03
N GLY A 18 20.19 16.08 -10.09
CA GLY A 18 20.36 14.84 -10.85
C GLY A 18 19.11 14.51 -11.65
N GLU A 19 18.93 13.23 -11.94
CA GLU A 19 17.81 12.78 -12.77
C GLU A 19 16.61 12.39 -11.92
N PRO A 20 15.43 12.45 -12.51
CA PRO A 20 14.21 12.05 -11.82
C PRO A 20 14.35 10.66 -11.22
N ARG A 21 13.80 10.48 -10.01
CA ARG A 21 13.90 9.21 -9.31
C ARG A 21 12.87 8.22 -9.84
N PHE A 22 13.27 6.95 -9.93
CA PHE A 22 12.37 5.90 -10.39
C PHE A 22 12.23 4.81 -9.33
N ILE A 23 11.00 4.53 -8.94
CA ILE A 23 10.71 3.52 -7.93
C ILE A 23 9.76 2.45 -8.47
N ALA A 24 10.09 1.19 -8.21
CA ALA A 24 9.26 0.08 -8.64
C ALA A 24 9.10 -0.95 -7.53
N VAL A 25 7.86 -1.31 -7.23
CA VAL A 25 7.57 -2.32 -6.22
C VAL A 25 6.55 -3.34 -6.73
N GLY A 26 6.86 -4.61 -6.55
CA GLY A 26 5.98 -5.69 -6.99
C GLY A 26 5.28 -6.34 -5.81
N TYR A 27 4.03 -6.76 -6.01
CA TYR A 27 3.27 -7.44 -4.97
C TYR A 27 2.66 -8.73 -5.49
N VAL A 28 2.60 -9.75 -4.63
CA VAL A 28 1.64 -10.83 -4.79
C VAL A 28 0.61 -10.81 -3.66
N ASP A 29 -0.64 -10.54 -4.01
CA ASP A 29 -1.65 -10.17 -3.02
C ASP A 29 -1.13 -9.06 -2.11
N ASP A 30 -0.90 -9.40 -0.84
CA ASP A 30 -0.54 -8.41 0.17
C ASP A 30 0.97 -8.37 0.40
N THR A 31 1.69 -9.24 -0.32
CA THR A 31 3.10 -9.47 -0.04
C THR A 31 3.99 -8.82 -1.08
N GLN A 32 4.92 -7.99 -0.63
CA GLN A 32 6.00 -7.52 -1.48
C GLN A 32 7.10 -8.57 -1.61
N PHE A 33 7.54 -8.81 -2.84
CA PHE A 33 8.43 -9.93 -3.13
C PHE A 33 9.57 -9.51 -4.04
N VAL A 34 9.43 -8.35 -4.66
CA VAL A 34 10.52 -7.74 -5.41
C VAL A 34 10.55 -6.24 -5.23
N ARG A 35 11.73 -5.64 -5.40
CA ARG A 35 11.87 -4.19 -5.34
C ARG A 35 12.89 -3.69 -6.36
N PHE A 36 12.80 -2.41 -6.69
CA PHE A 36 13.84 -1.76 -7.47
C PHE A 36 13.83 -0.25 -7.23
N ASP A 37 15.03 0.34 -7.18
CA ASP A 37 15.16 1.77 -6.91
C ASP A 37 16.36 2.36 -7.65
N SER A 38 16.11 3.41 -8.43
CA SER A 38 17.14 4.02 -9.25
C SER A 38 18.26 4.59 -8.39
N ASP A 39 17.97 4.81 -7.11
CA ASP A 39 18.97 5.31 -6.18
C ASP A 39 19.55 4.19 -5.33
N ALA A 40 19.28 2.95 -5.73
CA ALA A 40 19.81 1.79 -5.04
C ALA A 40 21.33 1.73 -5.16
N ALA A 41 21.98 1.22 -4.12
CA ALA A 41 23.43 0.99 -4.16
C ALA A 41 23.79 -0.03 -5.24
N SER A 42 22.92 -1.01 -5.43
CA SER A 42 23.20 -2.11 -6.36
C SER A 42 22.87 -1.71 -7.79
N GLN A 43 21.93 -0.79 -7.94
CA GLN A 43 21.45 -0.40 -9.25
C GLN A 43 20.88 -1.59 -10.02
N LYS A 44 20.47 -2.62 -9.28
CA LYS A 44 19.88 -3.80 -9.88
C LYS A 44 18.57 -4.16 -9.20
N MET A 45 17.76 -4.97 -9.88
CA MET A 45 16.57 -5.56 -9.28
C MET A 45 16.94 -6.45 -8.10
N GLU A 46 16.16 -6.37 -7.02
CA GLU A 46 16.40 -7.16 -5.83
C GLU A 46 15.15 -7.92 -5.40
N PRO A 47 15.34 -9.15 -4.95
CA PRO A 47 14.24 -9.92 -4.36
C PRO A 47 13.93 -9.44 -2.95
N ARG A 48 12.73 -9.77 -2.47
CA ARG A 48 12.41 -9.67 -1.05
C ARG A 48 11.92 -11.00 -0.50
N ALA A 49 11.25 -11.77 -1.34
CA ALA A 49 10.64 -13.03 -0.91
C ALA A 49 11.62 -14.19 -1.04
N PRO A 50 11.67 -15.03 -0.02
CA PRO A 50 12.53 -16.21 -0.04
C PRO A 50 12.33 -17.02 -1.31
N TRP A 51 11.07 -17.11 -1.75
CA TRP A 51 10.69 -18.12 -2.73
C TRP A 51 10.93 -17.63 -4.15
N ILE A 52 11.50 -16.43 -4.26
CA ILE A 52 11.91 -15.90 -5.56
C ILE A 52 13.42 -15.66 -5.60
N GLU A 53 14.10 -16.01 -4.51
CA GLU A 53 15.55 -15.87 -4.44
C GLU A 53 16.26 -16.96 -5.22
N GLN A 54 15.47 -17.87 -5.79
CA GLN A 54 16.01 -18.97 -6.57
C GLN A 54 16.11 -18.59 -8.05
N GLU A 55 15.61 -17.41 -8.39
CA GLU A 55 15.71 -16.90 -9.75
C GLU A 55 17.09 -16.34 -10.04
N GLY A 56 17.63 -16.68 -11.20
CA GLY A 56 18.97 -16.26 -11.57
C GLY A 56 18.94 -15.00 -12.43
N PRO A 57 20.07 -14.66 -13.04
CA PRO A 57 20.18 -13.47 -13.87
C PRO A 57 19.33 -13.59 -15.12
N GLU A 58 18.93 -14.82 -15.44
CA GLU A 58 18.12 -15.08 -16.62
C GLU A 58 16.80 -14.32 -16.57
N TYR A 59 16.45 -13.85 -15.37
CA TYR A 59 15.31 -12.95 -15.20
C TYR A 59 15.77 -11.57 -14.75
N TRP A 60 16.57 -11.53 -13.69
CA TRP A 60 16.80 -10.29 -12.97
C TRP A 60 17.51 -9.26 -13.83
N ASP A 61 18.47 -9.73 -14.62
CA ASP A 61 19.32 -8.84 -15.42
C ASP A 61 18.52 -8.18 -16.53
N GLN A 62 17.67 -8.96 -17.20
CA GLN A 62 16.80 -8.44 -18.24
C GLN A 62 15.72 -7.54 -17.66
N GLU A 63 15.15 -7.96 -16.53
CA GLU A 63 14.12 -7.18 -15.86
C GLU A 63 14.65 -5.83 -15.38
N THR A 64 15.89 -5.84 -14.89
CA THR A 64 16.57 -4.61 -14.51
C THR A 64 16.70 -3.66 -15.70
N ARG A 65 17.12 -4.19 -16.83
CA ARG A 65 17.23 -3.41 -18.06
C ARG A 65 15.86 -2.90 -18.51
N ASN A 66 14.84 -3.74 -18.35
CA ASN A 66 13.48 -3.38 -18.70
C ASN A 66 12.97 -2.21 -17.87
N MET A 67 13.23 -2.27 -16.56
CA MET A 67 12.82 -1.22 -15.65
C MET A 67 13.59 0.07 -15.92
N LYS A 68 14.84 -0.07 -16.35
CA LYS A 68 15.61 1.06 -16.84
C LYS A 68 14.95 1.70 -18.05
N ALA A 69 14.50 0.86 -18.98
CA ALA A 69 13.77 1.34 -20.15
C ALA A 69 12.48 2.04 -19.74
N HIS A 70 11.80 1.49 -18.75
CA HIS A 70 10.61 2.12 -18.19
C HIS A 70 10.93 3.49 -17.60
N SER A 71 12.02 3.56 -16.84
CA SER A 71 12.46 4.81 -16.24
C SER A 71 12.75 5.86 -17.32
N GLN A 72 13.49 5.46 -18.35
CA GLN A 72 13.83 6.37 -19.44
C GLN A 72 12.59 6.90 -20.14
N THR A 73 11.61 6.02 -20.33
CA THR A 73 10.36 6.40 -20.98
C THR A 73 9.57 7.37 -20.10
N ASP A 74 9.45 7.05 -18.82
CA ASP A 74 8.71 7.88 -17.88
C ASP A 74 9.30 9.28 -17.80
N ARG A 75 10.63 9.35 -17.76
CA ARG A 75 11.34 10.63 -17.74
C ARG A 75 11.03 11.44 -19.00
N ALA A 76 11.05 10.77 -20.14
CA ALA A 76 10.68 11.41 -21.41
C ALA A 76 9.24 11.90 -21.37
N ASN A 77 8.36 11.09 -20.79
CA ASN A 77 6.94 11.43 -20.71
C ASN A 77 6.72 12.66 -19.85
N LEU A 78 7.43 12.73 -18.73
CA LEU A 78 7.33 13.87 -17.83
C LEU A 78 7.71 15.17 -18.53
N GLY A 79 8.80 15.14 -19.28
CA GLY A 79 9.22 16.28 -20.08
C GLY A 79 8.22 16.59 -21.18
N THR A 80 7.74 15.54 -21.84
CA THR A 80 6.81 15.71 -22.96
C THR A 80 5.50 16.33 -22.51
N LEU A 81 4.97 15.84 -21.39
CA LEU A 81 3.71 16.33 -20.86
C LEU A 81 3.81 17.79 -20.45
N ARG A 82 4.95 18.16 -19.86
CA ARG A 82 5.24 19.55 -19.57
C ARG A 82 5.10 20.42 -20.81
N GLY A 83 5.59 19.92 -21.93
CA GLY A 83 5.41 20.59 -23.22
C GLY A 83 3.93 20.69 -23.58
N TYR A 84 3.23 19.56 -23.51
CA TYR A 84 1.84 19.50 -23.93
C TYR A 84 0.99 20.55 -23.21
N TYR A 85 1.25 20.73 -21.93
CA TYR A 85 0.42 21.60 -21.10
C TYR A 85 1.09 22.94 -20.88
N ASN A 86 2.15 23.21 -21.64
CA ASN A 86 2.83 24.49 -21.59
C ASN A 86 3.15 24.90 -20.16
N GLN A 87 3.72 23.97 -19.40
CA GLN A 87 4.02 24.21 -17.99
C GLN A 87 5.44 24.74 -17.82
N SER A 88 5.68 25.42 -16.72
CA SER A 88 6.98 26.04 -16.46
C SER A 88 8.07 24.98 -16.31
N GLU A 89 9.25 25.28 -16.82
CA GLU A 89 10.38 24.37 -16.71
C GLU A 89 10.84 24.23 -15.27
N ASP A 90 10.45 25.18 -14.43
CA ASP A 90 10.88 25.21 -13.04
C ASP A 90 9.92 24.44 -12.14
N GLY A 91 8.87 23.89 -12.75
CA GLY A 91 7.84 23.17 -12.00
C GLY A 91 8.26 21.72 -11.74
N SER A 92 7.51 21.05 -10.89
CA SER A 92 7.72 19.62 -10.65
C SER A 92 6.57 18.79 -11.19
N HIS A 93 6.86 17.53 -11.50
CA HIS A 93 5.85 16.63 -12.05
C HIS A 93 6.00 15.22 -11.51
N THR A 94 4.89 14.49 -11.43
CA THR A 94 4.93 13.08 -11.06
C THR A 94 4.10 12.23 -12.01
N ILE A 95 4.65 11.11 -12.44
CA ILE A 95 3.92 10.15 -13.27
C ILE A 95 3.80 8.80 -12.57
N GLN A 96 2.62 8.22 -12.64
CA GLN A 96 2.34 6.96 -11.94
C GLN A 96 1.77 5.92 -12.90
N ILE A 97 2.40 4.75 -12.93
CA ILE A 97 1.94 3.65 -13.78
C ILE A 97 1.85 2.35 -13.00
N MET A 98 0.74 1.64 -13.18
CA MET A 98 0.57 0.33 -12.56
C MET A 98 -0.06 -0.67 -13.52
N TYR A 99 0.29 -1.94 -13.35
CA TYR A 99 -0.35 -3.02 -14.11
C TYR A 99 -0.29 -4.33 -13.34
N GLY A 100 -1.08 -5.30 -13.77
CA GLY A 100 -1.12 -6.61 -13.13
C GLY A 100 -2.28 -7.45 -13.65
N CYS A 101 -2.53 -8.58 -13.00
CA CYS A 101 -3.54 -9.53 -13.46
C CYS A 101 -4.15 -10.28 -12.29
N ASP A 102 -5.39 -10.71 -12.47
CA ASP A 102 -6.03 -11.63 -11.53
C ASP A 102 -6.15 -13.03 -12.12
N VAL A 103 -5.91 -14.03 -11.29
CA VAL A 103 -6.09 -15.43 -11.71
C VAL A 103 -7.01 -16.17 -10.75
N GLY A 104 -7.66 -17.21 -11.26
CA GLY A 104 -8.49 -18.07 -10.43
C GLY A 104 -7.65 -19.07 -9.65
N PRO A 105 -8.30 -19.90 -8.85
CA PRO A 105 -7.61 -20.90 -8.05
C PRO A 105 -6.93 -21.94 -8.93
N ASP A 106 -7.38 -22.03 -10.19
CA ASP A 106 -6.80 -22.97 -11.14
C ASP A 106 -5.78 -22.28 -12.03
N GLY A 107 -5.45 -21.04 -11.70
CA GLY A 107 -4.47 -20.27 -12.45
C GLY A 107 -5.09 -19.64 -13.69
N ARG A 108 -6.38 -19.85 -13.87
CA ARG A 108 -7.09 -19.33 -15.03
C ARG A 108 -7.08 -17.81 -15.05
N PHE A 109 -6.75 -17.24 -16.21
CA PHE A 109 -6.75 -15.79 -16.38
C PHE A 109 -8.16 -15.21 -16.18
N LEU A 110 -8.27 -14.22 -15.30
CA LEU A 110 -9.54 -13.56 -15.06
C LEU A 110 -9.56 -12.17 -15.67
N ARG A 111 -8.67 -11.30 -15.20
CA ARG A 111 -8.70 -9.88 -15.57
C ARG A 111 -7.29 -9.32 -15.71
N GLY A 112 -7.09 -8.45 -16.70
CA GLY A 112 -5.87 -7.68 -16.81
C GLY A 112 -6.06 -6.26 -16.31
N TYR A 113 -4.96 -5.64 -15.86
CA TYR A 113 -5.01 -4.27 -15.39
C TYR A 113 -3.86 -3.45 -15.97
N ARG A 114 -4.16 -2.23 -16.40
CA ARG A 114 -3.14 -1.24 -16.70
C ARG A 114 -3.71 0.17 -16.67
N GLN A 115 -3.11 1.03 -15.86
CA GLN A 115 -3.57 2.41 -15.73
C GLN A 115 -2.40 3.36 -15.54
N ASP A 116 -2.50 4.54 -16.13
CA ASP A 116 -1.53 5.61 -15.90
C ASP A 116 -2.19 6.83 -15.24
N ALA A 117 -1.38 7.63 -14.56
CA ALA A 117 -1.84 8.90 -14.02
C ALA A 117 -0.75 9.96 -14.07
N TYR A 118 -1.14 11.22 -14.02
CA TYR A 118 -0.20 12.32 -14.13
C TYR A 118 -0.56 13.45 -13.17
N ASP A 119 0.35 13.79 -12.26
CA ASP A 119 0.14 14.88 -11.32
C ASP A 119 -1.19 14.75 -10.61
N GLY A 120 -1.56 13.51 -10.28
CA GLY A 120 -2.69 13.26 -9.39
C GLY A 120 -3.96 13.01 -10.18
N LYS A 121 -3.90 13.26 -11.49
CA LYS A 121 -5.07 13.11 -12.35
C LYS A 121 -4.96 11.87 -13.23
N ASP A 122 -6.08 11.17 -13.38
CA ASP A 122 -6.14 10.00 -14.26
C ASP A 122 -5.66 10.36 -15.67
N TYR A 123 -4.86 9.48 -16.26
CA TYR A 123 -4.34 9.70 -17.60
C TYR A 123 -5.00 8.77 -18.60
N ILE A 124 -4.62 7.50 -18.57
CA ILE A 124 -5.21 6.49 -19.44
C ILE A 124 -5.52 5.21 -18.69
N ALA A 125 -6.67 4.61 -18.98
CA ALA A 125 -7.00 3.30 -18.45
C ALA A 125 -7.11 2.26 -19.56
N LEU A 126 -6.73 1.03 -19.27
CA LEU A 126 -6.97 -0.10 -20.16
C LEU A 126 -7.98 -1.07 -19.55
N ASN A 127 -8.98 -1.44 -20.33
CA ASN A 127 -10.06 -2.29 -19.85
C ASN A 127 -9.56 -3.69 -19.52
N GLU A 128 -10.35 -4.43 -18.75
CA GLU A 128 -9.94 -5.73 -18.25
C GLU A 128 -9.75 -6.73 -19.39
N ASP A 129 -10.38 -6.45 -20.52
CA ASP A 129 -10.25 -7.28 -21.70
C ASP A 129 -8.94 -6.99 -22.44
N LEU A 130 -8.29 -5.91 -22.04
CA LEU A 130 -7.01 -5.53 -22.65
C LEU A 130 -7.15 -5.34 -24.16
N ARG A 131 -8.17 -4.59 -24.56
CA ARG A 131 -8.43 -4.36 -25.98
C ARG A 131 -8.55 -2.88 -26.28
N SER A 132 -9.04 -2.12 -25.31
CA SER A 132 -9.52 -0.77 -25.56
C SER A 132 -8.97 0.22 -24.53
N TRP A 133 -8.34 1.28 -25.00
CA TRP A 133 -7.84 2.32 -24.11
C TRP A 133 -8.91 3.38 -23.85
N THR A 134 -8.84 4.00 -22.67
CA THR A 134 -9.69 5.13 -22.34
C THR A 134 -8.86 6.33 -21.91
N ALA A 135 -9.09 7.47 -22.56
CA ALA A 135 -8.41 8.71 -22.22
C ALA A 135 -9.21 9.51 -21.20
N ALA A 136 -8.51 10.06 -20.20
CA ALA A 136 -9.16 10.82 -19.14
C ALA A 136 -8.64 12.24 -19.09
N ASP A 137 -7.92 12.65 -20.13
CA ASP A 137 -7.31 13.97 -20.18
C ASP A 137 -6.94 14.35 -21.61
N MET A 138 -6.59 15.62 -21.81
CA MET A 138 -6.22 16.11 -23.13
C MET A 138 -5.01 15.36 -23.68
N ALA A 139 -3.91 15.37 -22.92
CA ALA A 139 -2.70 14.66 -23.31
C ALA A 139 -2.97 13.17 -23.44
N ALA A 140 -3.89 12.66 -22.64
CA ALA A 140 -4.27 11.24 -22.71
C ALA A 140 -4.88 10.91 -24.05
N GLN A 141 -5.67 11.82 -24.59
CA GLN A 141 -6.28 11.64 -25.91
C GLN A 141 -5.23 11.59 -27.00
N ILE A 142 -4.19 12.41 -26.87
CA ILE A 142 -3.07 12.37 -27.79
C ILE A 142 -2.34 11.03 -27.72
N THR A 143 -2.03 10.60 -26.51
CA THR A 143 -1.35 9.32 -26.31
C THR A 143 -2.24 8.16 -26.74
N LYS A 144 -3.51 8.21 -26.36
CA LYS A 144 -4.45 7.14 -26.69
C LYS A 144 -4.52 6.90 -28.19
N ARG A 145 -4.62 7.99 -28.96
CA ARG A 145 -4.62 7.90 -30.41
C ARG A 145 -3.44 7.08 -30.91
N LYS A 146 -2.25 7.36 -30.38
CA LYS A 146 -1.05 6.64 -30.76
C LYS A 146 -1.15 5.17 -30.36
N TRP A 147 -1.49 4.92 -29.11
CA TRP A 147 -1.49 3.57 -28.56
C TRP A 147 -2.49 2.69 -29.28
N GLU A 148 -3.65 3.25 -29.59
CA GLU A 148 -4.68 2.53 -30.34
C GLU A 148 -4.19 2.17 -31.74
N ALA A 149 -3.55 3.13 -32.40
CA ALA A 149 -3.09 2.94 -33.77
C ALA A 149 -2.10 1.78 -33.85
N VAL A 150 -1.29 1.62 -32.81
CA VAL A 150 -0.24 0.60 -32.81
C VAL A 150 -0.68 -0.62 -32.03
N HIS A 151 -1.92 -0.63 -31.58
CA HIS A 151 -2.47 -1.75 -30.81
C HIS A 151 -1.58 -2.06 -29.61
N ALA A 152 -1.23 -1.03 -28.85
CA ALA A 152 -0.38 -1.19 -27.68
C ALA A 152 -0.97 -2.19 -26.70
N ALA A 153 -2.29 -2.28 -26.68
CA ALA A 153 -3.00 -3.20 -25.80
C ALA A 153 -2.55 -4.64 -26.04
N GLU A 154 -2.14 -4.93 -27.28
CA GLU A 154 -1.71 -6.27 -27.65
C GLU A 154 -0.47 -6.68 -26.87
N GLN A 155 0.45 -5.74 -26.69
CA GLN A 155 1.65 -5.98 -25.89
C GLN A 155 1.31 -6.32 -24.45
N ARG A 156 0.31 -5.62 -23.91
CA ARG A 156 -0.15 -5.87 -22.56
C ARG A 156 -0.83 -7.23 -22.44
N ARG A 157 -1.58 -7.60 -23.47
CA ARG A 157 -2.28 -8.87 -23.50
C ARG A 157 -1.30 -10.03 -23.41
N VAL A 158 -0.25 -9.99 -24.22
CA VAL A 158 0.73 -11.07 -24.27
C VAL A 158 1.32 -11.33 -22.88
N TYR A 159 1.67 -10.27 -22.18
CA TYR A 159 2.17 -10.38 -20.81
C TYR A 159 1.06 -10.79 -19.86
N LEU A 160 0.02 -9.96 -19.77
CA LEU A 160 -0.93 -10.05 -18.67
C LEU A 160 -1.73 -11.36 -18.75
N GLU A 161 -2.02 -11.79 -19.97
CA GLU A 161 -2.78 -13.01 -20.18
C GLU A 161 -1.88 -14.25 -20.06
N GLY A 162 -0.59 -14.05 -20.22
CA GLY A 162 0.35 -15.15 -20.31
C GLY A 162 1.39 -15.09 -19.19
N ARG A 163 2.39 -14.23 -19.37
CA ARG A 163 3.54 -14.21 -18.47
C ARG A 163 3.12 -13.90 -17.04
N CYS A 164 2.22 -12.94 -16.89
CA CYS A 164 1.72 -12.56 -15.57
C CYS A 164 1.01 -13.73 -14.89
N VAL A 165 0.22 -14.46 -15.67
CA VAL A 165 -0.57 -15.57 -15.14
C VAL A 165 0.34 -16.71 -14.68
N ASP A 166 1.27 -17.11 -15.54
CA ASP A 166 2.17 -18.21 -15.24
C ASP A 166 3.17 -17.82 -14.15
N GLY A 167 3.68 -16.59 -14.23
CA GLY A 167 4.56 -16.05 -13.20
C GLY A 167 3.91 -16.14 -11.82
N LEU A 168 2.72 -15.57 -11.70
CA LEU A 168 1.97 -15.62 -10.44
C LEU A 168 1.70 -17.06 -10.03
N ARG A 169 1.22 -17.87 -10.97
CA ARG A 169 0.92 -19.27 -10.70
C ARG A 169 2.11 -19.96 -10.04
N ARG A 170 3.29 -19.83 -10.66
CA ARG A 170 4.49 -20.47 -10.16
C ARG A 170 4.85 -19.94 -8.78
N TYR A 171 4.67 -18.64 -8.58
CA TYR A 171 4.96 -18.01 -7.30
C TYR A 171 4.03 -18.54 -6.20
N LEU A 172 2.76 -18.73 -6.55
CA LEU A 172 1.77 -19.22 -5.60
C LEU A 172 2.13 -20.62 -5.11
N GLU A 173 2.73 -21.42 -5.99
CA GLU A 173 3.21 -22.74 -5.63
C GLU A 173 4.49 -22.66 -4.78
N ASN A 174 5.47 -21.93 -5.30
CA ASN A 174 6.78 -21.85 -4.66
C ASN A 174 6.67 -21.19 -3.28
N GLY A 175 5.76 -20.22 -3.16
CA GLY A 175 5.60 -19.48 -1.92
C GLY A 175 4.31 -19.86 -1.22
N LYS A 176 3.79 -21.04 -1.54
CA LYS A 176 2.50 -21.47 -1.02
C LYS A 176 2.40 -21.25 0.48
N GLU A 177 3.45 -21.64 1.20
CA GLU A 177 3.42 -21.65 2.66
C GLU A 177 3.69 -20.25 3.22
N THR A 178 3.96 -19.30 2.33
CA THR A 178 4.22 -17.93 2.73
C THR A 178 3.16 -16.99 2.19
N LEU A 179 2.45 -17.43 1.16
CA LEU A 179 1.46 -16.59 0.49
C LEU A 179 0.03 -16.99 0.88
N GLN A 180 -0.23 -18.29 0.85
CA GLN A 180 -1.56 -18.81 1.14
C GLN A 180 -1.71 -19.15 2.62
N ARG A 181 -0.69 -18.80 3.41
CA ARG A 181 -0.76 -18.99 4.85
C ARG A 181 -1.93 -18.23 5.46
N THR A 182 -2.38 -18.68 6.63
CA THR A 182 -3.41 -17.98 7.37
C THR A 182 -2.93 -17.61 8.78
N ASP A 183 -3.44 -16.50 9.29
CA ASP A 183 -3.16 -16.12 10.67
C ASP A 183 -4.37 -15.42 11.30
N PRO A 184 -4.99 -16.08 12.26
CA PRO A 184 -6.19 -15.56 12.90
C PRO A 184 -5.86 -14.39 13.82
N PRO A 185 -6.81 -13.47 13.97
CA PRO A 185 -6.61 -12.28 14.78
C PRO A 185 -6.53 -12.62 16.26
N LYS A 186 -5.73 -11.86 17.00
CA LYS A 186 -5.63 -12.04 18.44
C LYS A 186 -6.76 -11.31 19.17
N THR A 187 -7.97 -11.85 19.05
CA THR A 187 -9.17 -11.09 19.37
C THR A 187 -9.27 -10.80 20.87
N HIS A 188 -9.68 -9.59 21.21
CA HIS A 188 -10.04 -9.26 22.58
C HIS A 188 -10.82 -7.95 22.65
N MET A 189 -11.53 -7.75 23.75
CA MET A 189 -12.34 -6.55 23.94
C MET A 189 -11.99 -5.84 25.24
N THR A 190 -11.97 -4.51 25.19
CA THR A 190 -11.67 -3.70 26.37
C THR A 190 -12.77 -2.67 26.63
N HIS A 191 -12.87 -2.23 27.87
CA HIS A 191 -13.89 -1.25 28.25
C HIS A 191 -13.25 0.07 28.66
N HIS A 192 -13.72 1.16 28.06
CA HIS A 192 -13.12 2.47 28.26
C HIS A 192 -14.17 3.52 28.63
N PRO A 193 -14.41 3.69 29.92
CA PRO A 193 -15.37 4.67 30.40
C PRO A 193 -15.01 6.07 29.90
N ILE A 194 -16.04 6.86 29.60
CA ILE A 194 -15.84 8.23 29.15
C ILE A 194 -16.26 9.23 30.22
N SER A 195 -17.45 9.01 30.79
CA SER A 195 -17.97 9.89 31.82
C SER A 195 -18.71 9.10 32.90
N ASP A 196 -19.45 9.82 33.74
CA ASP A 196 -20.22 9.18 34.81
C ASP A 196 -21.25 8.21 34.24
N HIS A 197 -21.65 8.44 33.00
CA HIS A 197 -22.71 7.65 32.38
C HIS A 197 -22.25 7.07 31.05
N GLU A 198 -21.33 7.76 30.41
CA GLU A 198 -20.92 7.40 29.04
C GLU A 198 -19.70 6.49 29.06
N ALA A 199 -19.72 5.48 28.17
CA ALA A 199 -18.57 4.60 28.00
C ALA A 199 -18.52 4.03 26.58
N THR A 200 -17.40 3.42 26.24
CA THR A 200 -17.24 2.76 24.94
C THR A 200 -16.70 1.36 25.11
N LEU A 201 -16.95 0.51 24.11
CA LEU A 201 -16.24 -0.76 23.98
C LEU A 201 -15.35 -0.76 22.75
N ARG A 202 -14.17 -1.35 22.88
CA ARG A 202 -13.25 -1.49 21.75
C ARG A 202 -13.08 -2.95 21.36
N CYS A 203 -13.39 -3.25 20.10
CA CYS A 203 -13.28 -4.61 19.58
C CYS A 203 -11.99 -4.79 18.78
N TRP A 204 -11.03 -5.52 19.37
CA TRP A 204 -9.70 -5.62 18.80
C TRP A 204 -9.57 -6.87 17.93
N ALA A 205 -8.97 -6.70 16.75
CA ALA A 205 -8.69 -7.83 15.88
C ALA A 205 -7.31 -7.68 15.23
N LEU A 206 -6.26 -7.75 16.04
CA LEU A 206 -4.92 -7.37 15.59
C LEU A 206 -4.10 -8.60 15.24
N GLY A 207 -3.22 -8.45 14.26
CA GLY A 207 -2.17 -9.43 14.00
C GLY A 207 -2.69 -10.59 13.16
N PHE A 208 -3.34 -10.26 12.06
CA PHE A 208 -4.00 -11.26 11.22
C PHE A 208 -3.46 -11.23 9.79
N TYR A 209 -3.68 -12.32 9.07
CA TYR A 209 -3.29 -12.39 7.66
C TYR A 209 -4.19 -13.36 6.90
N PRO A 210 -4.71 -12.91 5.76
CA PRO A 210 -4.18 -11.72 5.10
C PRO A 210 -4.96 -10.47 5.52
N ALA A 211 -4.78 -9.39 4.77
CA ALA A 211 -5.35 -8.10 5.13
C ALA A 211 -6.86 -8.15 5.14
N GLU A 212 -7.42 -9.11 4.42
CA GLU A 212 -8.87 -9.24 4.27
C GLU A 212 -9.54 -9.44 5.62
N ILE A 213 -10.39 -8.49 6.00
CA ILE A 213 -11.08 -8.55 7.27
C ILE A 213 -12.38 -7.74 7.25
N THR A 214 -13.40 -8.25 7.91
CA THR A 214 -14.61 -7.47 8.17
C THR A 214 -14.97 -7.48 9.64
N LEU A 215 -15.22 -6.29 10.20
CA LEU A 215 -15.71 -6.16 11.56
C LEU A 215 -17.20 -5.81 11.58
N THR A 216 -17.93 -6.44 12.49
CA THR A 216 -19.35 -6.14 12.67
C THR A 216 -19.70 -5.97 14.14
N TRP A 217 -20.42 -4.90 14.45
CA TRP A 217 -21.02 -4.74 15.77
C TRP A 217 -22.51 -5.07 15.75
N GLN A 218 -23.01 -5.63 16.84
CA GLN A 218 -24.44 -5.83 17.03
C GLN A 218 -24.89 -5.34 18.39
N ARG A 219 -26.14 -4.88 18.47
CA ARG A 219 -26.78 -4.62 19.75
C ARG A 219 -28.19 -5.20 19.79
N ASP A 220 -28.48 -5.99 20.81
CA ASP A 220 -29.75 -6.70 20.90
C ASP A 220 -29.95 -7.62 19.71
N GLY A 221 -28.85 -8.01 19.07
CA GLY A 221 -28.90 -8.95 17.97
C GLY A 221 -28.98 -8.22 16.63
N GLU A 222 -29.18 -6.91 16.69
CA GLU A 222 -29.31 -6.10 15.49
C GLU A 222 -28.00 -5.39 15.16
N ASP A 223 -27.68 -5.30 13.87
CA ASP A 223 -26.43 -4.70 13.42
C ASP A 223 -26.34 -3.24 13.85
N GLN A 224 -25.15 -2.81 14.24
CA GLN A 224 -24.90 -1.41 14.55
C GLN A 224 -23.98 -0.77 13.51
N THR A 225 -24.53 0.12 12.71
CA THR A 225 -23.80 0.68 11.57
C THR A 225 -23.67 2.19 11.70
N GLN A 226 -24.24 2.74 12.76
CA GLN A 226 -24.36 4.20 12.90
C GLN A 226 -23.42 4.73 13.99
N ASP A 227 -23.63 4.27 15.22
CA ASP A 227 -22.87 4.76 16.35
C ASP A 227 -21.56 4.01 16.52
N THR A 228 -20.68 4.13 15.53
CA THR A 228 -19.52 3.25 15.41
C THR A 228 -18.32 4.00 14.84
N GLU A 229 -17.13 3.56 15.21
CA GLU A 229 -15.90 4.06 14.60
C GLU A 229 -14.96 2.92 14.25
N LEU A 230 -14.41 2.95 13.05
CA LEU A 230 -13.50 1.92 12.58
C LEU A 230 -12.22 2.53 12.01
N VAL A 231 -11.12 1.77 12.10
CA VAL A 231 -9.89 2.15 11.44
C VAL A 231 -9.66 1.30 10.19
N GLU A 232 -9.05 1.92 9.17
CA GLU A 232 -8.65 1.19 7.98
C GLU A 232 -7.56 0.18 8.29
N THR A 233 -7.57 -0.95 7.59
CA THR A 233 -6.58 -1.99 7.79
C THR A 233 -5.17 -1.46 7.56
N ARG A 234 -4.28 -1.73 8.51
CA ARG A 234 -2.93 -1.19 8.46
C ARG A 234 -1.89 -2.27 8.76
N PRO A 235 -0.72 -2.14 8.16
CA PRO A 235 0.39 -3.06 8.42
C PRO A 235 0.72 -3.10 9.91
N ALA A 236 0.97 -4.30 10.43
CA ALA A 236 1.45 -4.46 11.79
C ALA A 236 2.96 -4.24 11.87
N GLY A 237 3.62 -4.30 10.73
CA GLY A 237 5.07 -4.13 10.66
C GLY A 237 5.80 -5.42 10.96
N ASP A 238 5.06 -6.53 10.97
CA ASP A 238 5.63 -7.83 11.27
C ASP A 238 5.06 -8.92 10.37
N GLY A 239 4.53 -8.50 9.22
CA GLY A 239 4.04 -9.44 8.22
C GLY A 239 2.54 -9.64 8.34
N THR A 240 1.96 -9.14 9.43
CA THR A 240 0.52 -9.20 9.63
C THR A 240 -0.10 -7.82 9.59
N PHE A 241 -1.41 -7.75 9.78
CA PHE A 241 -2.14 -6.49 9.72
C PHE A 241 -2.95 -6.26 10.98
N GLN A 242 -3.29 -5.00 11.23
CA GLN A 242 -4.10 -4.64 12.39
C GLN A 242 -5.45 -4.07 11.96
N LYS A 243 -6.47 -4.27 12.81
CA LYS A 243 -7.72 -3.54 12.67
C LYS A 243 -8.51 -3.56 13.98
N TRP A 244 -9.21 -2.48 14.26
CA TRP A 244 -10.09 -2.42 15.42
C TRP A 244 -11.34 -1.60 15.13
N ALA A 245 -12.39 -1.81 15.93
CA ALA A 245 -13.58 -0.98 15.86
C ALA A 245 -14.12 -0.69 17.25
N ALA A 246 -14.92 0.37 17.36
CA ALA A 246 -15.53 0.75 18.64
C ALA A 246 -16.94 1.28 18.43
N VAL A 247 -17.78 1.14 19.45
CA VAL A 247 -19.11 1.74 19.45
C VAL A 247 -19.40 2.43 20.78
N VAL A 248 -20.43 3.27 20.79
CA VAL A 248 -20.85 3.95 22.00
C VAL A 248 -21.64 3.02 22.91
N VAL A 249 -21.16 2.87 24.15
CA VAL A 249 -21.73 1.89 25.07
C VAL A 249 -21.96 2.51 26.44
N PRO A 250 -23.16 3.05 26.67
CA PRO A 250 -23.52 3.59 27.96
C PRO A 250 -23.29 2.58 29.08
N SER A 251 -22.79 3.07 30.21
CA SER A 251 -22.39 2.20 31.31
C SER A 251 -23.54 1.29 31.73
N GLY A 252 -23.28 -0.01 31.76
CA GLY A 252 -24.25 -0.98 32.21
C GLY A 252 -24.97 -1.64 31.04
N GLU A 253 -24.84 -1.03 29.86
CA GLU A 253 -25.51 -1.52 28.66
C GLU A 253 -24.59 -2.42 27.85
N GLU A 254 -23.37 -2.61 28.34
CA GLU A 254 -22.36 -3.36 27.61
C GLU A 254 -22.81 -4.79 27.36
N GLN A 255 -23.72 -5.28 28.21
CA GLN A 255 -24.20 -6.65 28.10
C GLN A 255 -25.01 -6.86 26.82
N ARG A 256 -25.42 -5.75 26.21
CA ARG A 256 -26.30 -5.81 25.04
C ARG A 256 -25.50 -5.80 23.75
N TYR A 257 -24.19 -5.66 23.87
CA TYR A 257 -23.33 -5.48 22.70
C TYR A 257 -22.56 -6.76 22.38
N THR A 258 -22.30 -6.98 21.10
CA THR A 258 -21.39 -8.04 20.67
C THR A 258 -20.66 -7.66 19.39
N CYS A 259 -19.38 -8.00 19.32
CA CYS A 259 -18.59 -7.76 18.12
C CYS A 259 -18.21 -9.07 17.43
N HIS A 260 -18.23 -9.07 16.11
CA HIS A 260 -17.83 -10.24 15.34
C HIS A 260 -16.69 -9.90 14.38
N VAL A 261 -15.79 -10.86 14.19
CA VAL A 261 -14.68 -10.69 13.25
C VAL A 261 -14.69 -11.78 12.18
N GLN A 262 -14.91 -11.38 10.94
CA GLN A 262 -15.11 -12.33 9.85
C GLN A 262 -13.92 -12.32 8.90
N HIS A 263 -13.45 -13.52 8.56
CA HIS A 263 -12.40 -13.66 7.55
C HIS A 263 -12.78 -14.69 6.49
N GLU A 264 -12.13 -14.61 5.34
CA GLU A 264 -12.26 -15.65 4.32
C GLU A 264 -11.22 -16.74 4.49
N GLY A 265 -10.17 -16.43 5.25
CA GLY A 265 -9.07 -17.37 5.45
C GLY A 265 -9.33 -18.30 6.61
N LEU A 266 -10.42 -18.05 7.33
CA LEU A 266 -10.77 -18.85 8.50
C LEU A 266 -12.06 -19.64 8.27
N PRO A 267 -12.15 -20.81 8.90
CA PRO A 267 -13.32 -21.67 8.74
C PRO A 267 -14.52 -21.10 9.50
N LYS A 268 -14.25 -20.16 10.39
CA LYS A 268 -15.30 -19.58 11.23
C LYS A 268 -14.92 -18.18 11.70
N PRO A 269 -15.93 -17.35 11.92
CA PRO A 269 -15.71 -16.02 12.50
C PRO A 269 -15.40 -16.12 13.98
N LEU A 270 -14.83 -15.04 14.54
CA LEU A 270 -14.61 -14.95 15.97
C LEU A 270 -15.54 -13.92 16.61
N THR A 271 -15.99 -14.21 17.82
CA THR A 271 -16.95 -13.36 18.51
C THR A 271 -16.35 -12.79 19.80
N LEU A 272 -16.55 -11.50 20.01
CA LEU A 272 -16.03 -10.82 21.20
C LEU A 272 -17.15 -10.25 22.05
N ARG A 273 -17.03 -10.40 23.36
CA ARG A 273 -17.99 -9.82 24.29
C ARG A 273 -17.30 -9.29 25.54
N TRP A 274 -18.02 -8.48 26.31
CA TRP A 274 -17.50 -7.93 27.55
C TRP A 274 -18.54 -8.01 28.67
N ILE B 1 6.46 -12.04 -13.03
CA ILE B 1 7.11 -11.46 -14.21
C ILE B 1 7.00 -9.95 -14.20
N LEU B 2 8.04 -9.28 -14.69
CA LEU B 2 7.96 -7.87 -15.02
C LEU B 2 7.75 -7.66 -16.51
N ASP B 3 6.91 -6.70 -16.86
CA ASP B 3 6.48 -6.51 -18.25
C ASP B 3 7.50 -5.69 -19.03
N THR B 4 8.07 -6.31 -20.07
CA THR B 4 9.06 -5.64 -20.90
C THR B 4 8.49 -4.35 -21.48
N ALA B 5 9.26 -3.28 -21.39
CA ALA B 5 8.82 -1.96 -21.84
C ALA B 5 8.42 -2.01 -23.31
N GLY B 6 7.26 -1.46 -23.62
CA GLY B 6 6.78 -1.39 -25.01
C GLY B 6 6.45 0.04 -25.40
N LYS B 7 5.30 0.22 -26.04
CA LYS B 7 4.83 1.55 -26.42
C LYS B 7 4.46 2.37 -25.19
N GLU B 8 5.47 2.93 -24.53
CA GLU B 8 5.24 3.77 -23.36
C GLU B 8 5.35 5.25 -23.71
N GLU B 9 5.29 5.55 -25.00
CA GLU B 9 5.48 6.92 -25.47
C GLU B 9 4.18 7.71 -25.41
N TYR B 10 4.23 8.87 -24.76
CA TYR B 10 3.11 9.80 -24.77
C TYR B 10 3.18 10.75 -25.96
N MET C 1 -2.14 20.57 -11.41
CA MET C 1 -1.71 19.59 -10.42
C MET C 1 -2.52 19.71 -9.13
N ILE C 2 -2.82 18.58 -8.52
CA ILE C 2 -3.50 18.56 -7.23
C ILE C 2 -2.63 17.92 -6.16
N GLN C 3 -2.96 18.19 -4.90
CA GLN C 3 -2.18 17.67 -3.78
C GLN C 3 -3.09 17.05 -2.72
N ARG C 4 -2.53 16.13 -1.94
CA ARG C 4 -3.29 15.44 -0.90
C ARG C 4 -2.54 15.44 0.42
N THR C 5 -3.29 15.53 1.52
CA THR C 5 -2.69 15.61 2.84
C THR C 5 -2.59 14.23 3.50
N PRO C 6 -1.42 13.93 4.05
CA PRO C 6 -1.18 12.62 4.66
C PRO C 6 -2.02 12.42 5.92
N LYS C 7 -2.40 11.18 6.18
CA LYS C 7 -2.83 10.78 7.51
C LYS C 7 -1.71 10.10 8.28
N ILE C 8 -1.67 10.32 9.59
CA ILE C 8 -0.62 9.78 10.43
C ILE C 8 -1.17 8.87 11.51
N GLN C 9 -0.74 7.60 11.49
CA GLN C 9 -1.13 6.65 12.52
C GLN C 9 0.10 6.09 13.24
N VAL C 10 0.15 6.29 14.55
CA VAL C 10 1.27 5.80 15.35
C VAL C 10 0.83 4.71 16.31
N TYR C 11 1.50 3.57 16.25
CA TYR C 11 1.03 2.37 16.95
C TYR C 11 2.17 1.37 17.13
N SER C 12 1.90 0.31 17.90
CA SER C 12 2.82 -0.82 17.97
C SER C 12 2.16 -2.09 17.45
N ARG C 13 2.99 -3.04 17.01
CA ARG C 13 2.48 -4.26 16.39
C ARG C 13 1.67 -5.09 17.37
N HIS C 14 1.95 -4.91 18.66
CA HIS C 14 1.12 -5.51 19.71
C HIS C 14 1.00 -4.58 20.90
N PRO C 15 -0.07 -4.76 21.68
CA PRO C 15 -0.35 -3.89 22.82
C PRO C 15 0.87 -3.77 23.73
N ALA C 16 1.14 -2.54 24.18
CA ALA C 16 2.37 -2.25 24.92
C ALA C 16 2.44 -3.07 26.21
N GLU C 17 3.65 -3.51 26.56
CA GLU C 17 3.89 -4.10 27.86
C GLU C 17 5.31 -3.82 28.33
N ASN C 18 5.44 -3.34 29.57
CA ASN C 18 6.72 -2.84 30.07
C ASN C 18 7.79 -3.92 30.00
N GLY C 19 8.84 -3.64 29.24
CA GLY C 19 10.01 -4.52 29.21
C GLY C 19 9.89 -5.55 28.08
N LYS C 20 8.71 -5.63 27.49
CA LYS C 20 8.45 -6.62 26.45
C LYS C 20 8.75 -6.06 25.06
N SER C 21 9.76 -6.61 24.41
CA SER C 21 10.24 -6.10 23.13
C SER C 21 9.06 -5.81 22.20
N ASN C 22 9.14 -4.67 21.51
CA ASN C 22 8.07 -4.25 20.61
C ASN C 22 8.63 -3.46 19.44
N PHE C 23 7.77 -3.20 18.45
CA PHE C 23 8.14 -2.38 17.31
C PHE C 23 7.24 -1.16 17.18
N LEU C 24 7.84 0.01 17.07
CA LEU C 24 7.09 1.26 16.94
C LEU C 24 6.82 1.59 15.48
N ASN C 25 5.53 1.65 15.12
CA ASN C 25 5.14 1.88 13.74
C ASN C 25 4.63 3.30 13.54
N CYS C 26 4.93 3.88 12.38
CA CYS C 26 4.24 5.08 11.92
C CYS C 26 3.78 4.93 10.48
N TYR C 27 2.47 4.79 10.30
CA TYR C 27 1.91 4.55 8.97
C TYR C 27 1.35 5.83 8.36
N VAL C 28 1.94 6.25 7.24
CA VAL C 28 1.55 7.49 6.59
C VAL C 28 1.06 7.26 5.17
N SER C 29 -0.17 7.69 4.90
CA SER C 29 -0.85 7.34 3.66
C SER C 29 -1.76 8.47 3.19
N GLY C 30 -2.04 8.49 1.90
CA GLY C 30 -3.14 9.31 1.36
C GLY C 30 -2.64 10.70 0.99
N PHE C 31 -1.38 10.80 0.64
CA PHE C 31 -0.75 12.09 0.37
C PHE C 31 -0.25 12.18 -1.07
N HIS C 32 -0.04 13.40 -1.54
CA HIS C 32 0.41 13.62 -2.92
C HIS C 32 0.86 15.06 -3.13
N PRO C 33 2.04 15.23 -3.69
CA PRO C 33 2.76 14.13 -4.31
C PRO C 33 3.63 13.39 -3.30
N SER C 34 4.67 12.71 -3.81
CA SER C 34 5.46 11.81 -2.98
C SER C 34 6.36 12.58 -2.04
N ASP C 35 6.42 13.89 -2.21
CA ASP C 35 7.36 14.73 -1.47
C ASP C 35 6.97 14.82 0.00
N ILE C 36 7.42 13.85 0.79
CA ILE C 36 7.00 13.74 2.18
C ILE C 36 8.18 13.36 3.07
N GLU C 37 8.18 13.86 4.30
CA GLU C 37 9.17 13.48 5.30
C GLU C 37 8.51 12.83 6.51
N VAL C 38 8.97 11.64 6.87
CA VAL C 38 8.44 10.92 8.02
C VAL C 38 9.54 10.46 8.96
N ASP C 39 9.43 10.86 10.22
CA ASP C 39 10.44 10.54 11.21
C ASP C 39 9.80 10.06 12.52
N LEU C 40 10.48 9.16 13.21
CA LEU C 40 10.04 8.71 14.52
C LEU C 40 10.74 9.48 15.64
N LEU C 41 10.01 9.78 16.70
CA LEU C 41 10.54 10.56 17.81
C LEU C 41 10.65 9.73 19.08
N LYS C 42 11.65 10.02 19.89
CA LYS C 42 11.66 9.60 21.29
C LYS C 42 11.89 10.78 22.22
N ASN C 43 10.89 11.09 23.05
CA ASN C 43 10.94 12.27 23.89
C ASN C 43 11.20 13.52 23.07
N GLY C 44 10.68 13.55 21.85
CA GLY C 44 10.73 14.75 21.01
C GLY C 44 11.96 14.74 20.12
N GLU C 45 12.89 13.84 20.41
CA GLU C 45 14.14 13.76 19.66
C GLU C 45 14.05 12.71 18.55
N ARG C 46 14.64 13.02 17.41
CA ARG C 46 14.61 12.11 16.26
C ARG C 46 15.32 10.80 16.58
N ILE C 47 14.72 9.68 16.18
CA ILE C 47 15.38 8.39 16.23
C ILE C 47 16.13 8.10 14.94
N GLU C 48 17.42 7.83 15.06
CA GLU C 48 18.28 7.64 13.90
C GLU C 48 18.14 6.22 13.34
N LYS C 49 18.01 5.25 14.23
CA LYS C 49 17.99 3.84 13.84
C LYS C 49 16.59 3.41 13.43
N VAL C 50 16.14 3.89 12.27
CA VAL C 50 14.77 3.64 11.81
C VAL C 50 14.77 3.06 10.40
N GLU C 51 13.93 2.05 10.19
CA GLU C 51 13.74 1.48 8.86
C GLU C 51 12.39 1.87 8.29
N HIS C 52 12.20 1.60 7.00
CA HIS C 52 10.97 1.95 6.31
C HIS C 52 10.70 1.01 5.14
N SER C 53 9.46 1.00 4.68
CA SER C 53 9.09 0.25 3.48
C SER C 53 9.42 1.05 2.21
N ASP C 54 9.31 0.40 1.06
CA ASP C 54 9.41 1.08 -0.22
C ASP C 54 8.13 1.84 -0.55
N LEU C 55 8.28 3.00 -1.19
CA LEU C 55 7.14 3.85 -1.50
C LEU C 55 6.23 3.19 -2.52
N SER C 56 4.93 3.17 -2.23
CA SER C 56 3.93 2.69 -3.18
C SER C 56 2.74 3.64 -3.26
N PHE C 57 1.83 3.34 -4.19
CA PHE C 57 0.59 4.11 -4.30
C PHE C 57 -0.60 3.20 -4.59
N SER C 58 -1.79 3.69 -4.29
CA SER C 58 -2.99 2.86 -4.37
C SER C 58 -3.81 3.20 -5.61
N LYS C 59 -5.04 2.70 -5.66
CA LYS C 59 -5.88 2.85 -6.84
C LYS C 59 -6.19 4.32 -7.10
N ASP C 60 -6.26 5.11 -6.03
CA ASP C 60 -6.55 6.53 -6.15
C ASP C 60 -5.28 7.34 -6.33
N TRP C 61 -4.17 6.64 -6.59
CA TRP C 61 -2.92 7.29 -6.96
C TRP C 61 -2.33 8.06 -5.80
N SER C 62 -2.89 7.87 -4.61
CA SER C 62 -2.32 8.41 -3.39
C SER C 62 -1.14 7.58 -2.92
N PHE C 63 -0.18 8.23 -2.25
CA PHE C 63 1.03 7.55 -1.81
C PHE C 63 0.91 7.08 -0.38
N TYR C 64 1.62 6.01 -0.05
CA TYR C 64 1.72 5.54 1.32
C TYR C 64 3.06 4.85 1.58
N LEU C 65 3.51 4.90 2.83
CA LEU C 65 4.70 4.16 3.24
C LEU C 65 4.73 3.96 4.75
N LEU C 66 5.45 2.92 5.19
CA LEU C 66 5.54 2.61 6.61
C LEU C 66 6.95 2.91 7.14
N TYR C 67 7.01 3.57 8.29
CA TYR C 67 8.23 3.61 9.08
C TYR C 67 8.09 2.80 10.36
N TYR C 68 9.19 2.19 10.79
CA TYR C 68 9.18 1.35 11.99
C TYR C 68 10.56 1.29 12.63
N THR C 69 10.59 1.04 13.93
CA THR C 69 11.85 0.74 14.62
C THR C 69 11.60 -0.14 15.84
N GLU C 70 12.62 -0.89 16.23
CA GLU C 70 12.56 -1.73 17.42
C GLU C 70 12.86 -0.92 18.68
N PHE C 71 12.08 -1.16 19.72
CA PHE C 71 12.27 -0.48 21.00
C PHE C 71 11.79 -1.32 22.16
N THR C 72 12.10 -0.88 23.37
CA THR C 72 11.56 -1.51 24.57
C THR C 72 10.54 -0.60 25.28
N PRO C 73 9.29 -1.03 25.30
CA PRO C 73 8.24 -0.26 25.93
C PRO C 73 8.58 0.07 27.38
N THR C 74 8.31 1.30 27.79
CA THR C 74 8.56 1.74 29.15
C THR C 74 7.47 2.68 29.64
N GLU C 75 7.66 3.22 30.84
CA GLU C 75 6.71 4.16 31.42
C GLU C 75 7.33 5.56 31.52
N LYS C 76 8.64 5.64 31.33
CA LYS C 76 9.36 6.90 31.47
C LYS C 76 9.35 7.67 30.15
N ASP C 77 9.70 7.00 29.07
CA ASP C 77 9.90 7.65 27.78
C ASP C 77 8.60 7.68 26.98
N GLU C 78 8.42 8.73 26.19
CA GLU C 78 7.30 8.81 25.26
C GLU C 78 7.77 8.71 23.81
N TYR C 79 6.93 8.13 22.96
CA TYR C 79 7.25 7.98 21.55
C TYR C 79 6.21 8.67 20.68
N ALA C 80 6.62 9.11 19.50
CA ALA C 80 5.74 9.82 18.58
C ALA C 80 6.23 9.71 17.14
N CYS C 81 5.46 10.27 16.22
CA CYS C 81 5.88 10.36 14.82
C CYS C 81 5.62 11.75 14.25
N ARG C 82 6.58 12.26 13.50
CA ARG C 82 6.46 13.58 12.89
C ARG C 82 6.47 13.49 11.37
N VAL C 83 5.51 14.17 10.75
CA VAL C 83 5.37 14.13 9.29
C VAL C 83 5.29 15.53 8.71
N ASN C 84 6.09 15.78 7.67
CA ASN C 84 6.04 17.04 6.95
C ASN C 84 5.53 16.85 5.53
N HIS C 85 4.77 17.82 5.04
CA HIS C 85 4.23 17.77 3.69
C HIS C 85 3.84 19.16 3.20
N VAL C 86 3.84 19.34 1.88
CA VAL C 86 3.66 20.66 1.28
C VAL C 86 2.25 21.19 1.51
N THR C 87 1.33 20.28 1.85
CA THR C 87 -0.04 20.67 2.14
C THR C 87 -0.23 20.96 3.63
N LEU C 88 0.84 20.82 4.39
CA LEU C 88 0.80 21.05 5.83
C LEU C 88 1.47 22.37 6.20
N SER C 89 0.68 23.34 6.62
CA SER C 89 1.20 24.61 7.08
C SER C 89 1.98 24.45 8.39
N GLN C 90 1.73 23.34 9.07
CA GLN C 90 2.46 23.02 10.30
C GLN C 90 2.74 21.52 10.40
N PRO C 91 3.97 21.19 10.78
CA PRO C 91 4.36 19.79 10.95
C PRO C 91 3.36 19.05 11.85
N LYS C 92 2.97 17.85 11.41
CA LYS C 92 2.05 17.04 12.19
C LYS C 92 2.79 16.09 13.11
N ILE C 93 2.42 16.09 14.39
CA ILE C 93 3.02 15.18 15.36
C ILE C 93 1.95 14.35 16.07
N VAL C 94 2.09 13.03 16.03
CA VAL C 94 1.15 12.14 16.68
C VAL C 94 1.83 11.30 17.75
N LYS C 95 1.23 11.25 18.93
CA LYS C 95 1.81 10.52 20.05
C LYS C 95 1.47 9.03 19.96
N TRP C 96 2.43 8.19 20.35
CA TRP C 96 2.19 6.75 20.42
C TRP C 96 1.21 6.42 21.54
N ASP C 97 0.19 5.63 21.20
CA ASP C 97 -0.80 5.19 22.18
C ASP C 97 -0.53 3.75 22.60
N ARG C 98 -0.17 3.58 23.87
CA ARG C 98 0.21 2.26 24.39
C ARG C 98 -0.92 1.26 24.22
N ASP C 99 -2.15 1.76 24.22
CA ASP C 99 -3.32 0.89 24.23
C ASP C 99 -4.01 0.88 22.86
N MET C 100 -3.28 1.31 21.84
CA MET C 100 -3.79 1.29 20.47
C MET C 100 -2.66 1.41 19.46
N GLY A 1 -8.69 -18.89 -2.81
CA GLY A 1 -9.46 -18.73 -4.03
C GLY A 1 -8.62 -18.11 -5.14
N SER A 2 -9.07 -16.99 -5.67
CA SER A 2 -8.31 -16.25 -6.67
C SER A 2 -7.13 -15.53 -6.04
N HIS A 3 -6.18 -15.12 -6.89
CA HIS A 3 -5.02 -14.37 -6.42
C HIS A 3 -4.70 -13.22 -7.36
N SER A 4 -4.08 -12.17 -6.81
CA SER A 4 -3.76 -10.98 -7.60
C SER A 4 -2.25 -10.76 -7.67
N MET A 5 -1.79 -10.33 -8.84
CA MET A 5 -0.42 -9.82 -8.97
C MET A 5 -0.43 -8.37 -9.44
N ARG A 6 0.39 -7.54 -8.79
CA ARG A 6 0.43 -6.12 -9.09
C ARG A 6 1.86 -5.61 -9.16
N TYR A 7 2.10 -4.63 -10.02
CA TYR A 7 3.35 -3.89 -10.01
C TYR A 7 3.09 -2.38 -10.08
N PHE A 8 3.78 -1.63 -9.22
CA PHE A 8 3.58 -0.19 -9.14
C PHE A 8 4.85 0.57 -9.48
N PHE A 9 4.75 1.50 -10.42
CA PHE A 9 5.92 2.25 -10.89
C PHE A 9 5.68 3.75 -10.77
N THR A 10 6.63 4.45 -10.15
CA THR A 10 6.54 5.89 -10.00
C THR A 10 7.83 6.57 -10.44
N SER A 11 7.68 7.70 -11.14
CA SER A 11 8.83 8.54 -11.48
C SER A 11 8.59 9.98 -11.07
N VAL A 12 9.52 10.53 -10.29
CA VAL A 12 9.36 11.87 -9.73
C VAL A 12 10.48 12.79 -10.18
N SER A 13 10.10 13.93 -10.76
CA SER A 13 11.08 14.87 -11.29
C SER A 13 11.99 15.41 -10.19
N ARG A 14 13.24 15.71 -10.55
CA ARG A 14 14.18 16.29 -9.61
C ARG A 14 15.05 17.34 -10.29
N PRO A 15 14.48 18.51 -10.52
CA PRO A 15 15.20 19.61 -11.15
C PRO A 15 16.50 19.92 -10.42
N GLY A 16 17.58 20.09 -11.17
CA GLY A 16 18.88 20.40 -10.58
C GLY A 16 19.53 19.16 -9.98
N ARG A 17 18.83 18.55 -9.03
CA ARG A 17 19.41 17.46 -8.25
C ARG A 17 19.40 16.14 -9.03
N GLY A 18 20.19 16.08 -10.09
CA GLY A 18 20.36 14.84 -10.85
C GLY A 18 19.11 14.51 -11.65
N GLU A 19 18.93 13.23 -11.94
CA GLU A 19 17.81 12.78 -12.77
C GLU A 19 16.61 12.39 -11.92
N PRO A 20 15.43 12.45 -12.51
CA PRO A 20 14.21 12.05 -11.82
C PRO A 20 14.35 10.66 -11.22
N ARG A 21 13.80 10.48 -10.01
CA ARG A 21 13.90 9.21 -9.31
C ARG A 21 12.87 8.22 -9.84
N PHE A 22 13.27 6.95 -9.93
CA PHE A 22 12.37 5.90 -10.39
C PHE A 22 12.23 4.81 -9.33
N ILE A 23 11.00 4.53 -8.94
CA ILE A 23 10.71 3.52 -7.93
C ILE A 23 9.76 2.45 -8.47
N ALA A 24 10.09 1.19 -8.21
CA ALA A 24 9.26 0.08 -8.64
C ALA A 24 9.10 -0.95 -7.53
N VAL A 25 7.86 -1.31 -7.23
CA VAL A 25 7.57 -2.32 -6.22
C VAL A 25 6.55 -3.34 -6.73
N GLY A 26 6.86 -4.61 -6.55
CA GLY A 26 5.98 -5.69 -6.99
C GLY A 26 5.28 -6.34 -5.81
N TYR A 27 4.03 -6.76 -6.01
CA TYR A 27 3.27 -7.44 -4.97
C TYR A 27 2.66 -8.73 -5.49
N VAL A 28 2.60 -9.75 -4.63
CA VAL A 28 1.64 -10.83 -4.79
C VAL A 28 0.61 -10.81 -3.66
N ASP A 29 -0.64 -10.54 -4.01
CA ASP A 29 -1.65 -10.17 -3.02
C ASP A 29 -1.13 -9.06 -2.11
N ASP A 30 -0.90 -9.40 -0.84
CA ASP A 30 -0.54 -8.41 0.17
C ASP A 30 0.97 -8.37 0.40
N THR A 31 1.69 -9.24 -0.32
CA THR A 31 3.10 -9.47 -0.04
C THR A 31 3.99 -8.82 -1.08
N GLN A 32 4.92 -7.99 -0.63
CA GLN A 32 6.00 -7.52 -1.48
C GLN A 32 7.10 -8.57 -1.61
N PHE A 33 7.54 -8.81 -2.84
CA PHE A 33 8.43 -9.93 -3.13
C PHE A 33 9.57 -9.51 -4.04
N VAL A 34 9.43 -8.35 -4.66
CA VAL A 34 10.52 -7.74 -5.41
C VAL A 34 10.55 -6.24 -5.23
N ARG A 35 11.73 -5.64 -5.40
CA ARG A 35 11.87 -4.19 -5.34
C ARG A 35 12.89 -3.69 -6.36
N PHE A 36 12.80 -2.41 -6.69
CA PHE A 36 13.84 -1.76 -7.47
C PHE A 36 13.83 -0.25 -7.23
N ASP A 37 15.03 0.34 -7.18
CA ASP A 37 15.16 1.77 -6.91
C ASP A 37 16.36 2.36 -7.65
N SER A 38 16.11 3.41 -8.43
CA SER A 38 17.14 4.02 -9.25
C SER A 38 18.26 4.59 -8.39
N ASP A 39 17.97 4.81 -7.11
CA ASP A 39 18.97 5.31 -6.18
C ASP A 39 19.55 4.19 -5.33
N ALA A 40 19.28 2.95 -5.73
CA ALA A 40 19.81 1.79 -5.04
C ALA A 40 21.33 1.73 -5.16
N ALA A 41 21.98 1.22 -4.12
CA ALA A 41 23.43 0.99 -4.16
C ALA A 41 23.79 -0.03 -5.24
N SER A 42 22.92 -1.01 -5.43
CA SER A 42 23.20 -2.11 -6.36
C SER A 42 22.87 -1.71 -7.79
N GLN A 43 21.93 -0.79 -7.94
CA GLN A 43 21.45 -0.40 -9.25
C GLN A 43 20.88 -1.59 -10.02
N LYS A 44 20.47 -2.62 -9.28
CA LYS A 44 19.88 -3.80 -9.88
C LYS A 44 18.57 -4.16 -9.20
N MET A 45 17.76 -4.97 -9.88
CA MET A 45 16.57 -5.56 -9.28
C MET A 45 16.94 -6.45 -8.10
N GLU A 46 16.16 -6.37 -7.02
CA GLU A 46 16.40 -7.16 -5.83
C GLU A 46 15.15 -7.92 -5.40
N PRO A 47 15.34 -9.15 -4.95
CA PRO A 47 14.24 -9.92 -4.36
C PRO A 47 13.93 -9.44 -2.95
N ARG A 48 12.73 -9.77 -2.47
CA ARG A 48 12.41 -9.67 -1.05
C ARG A 48 11.92 -11.00 -0.50
N ALA A 49 11.25 -11.77 -1.34
CA ALA A 49 10.64 -13.03 -0.91
C ALA A 49 11.62 -14.19 -1.04
N PRO A 50 11.67 -15.03 -0.02
CA PRO A 50 12.53 -16.21 -0.04
C PRO A 50 12.33 -17.02 -1.31
N TRP A 51 11.07 -17.11 -1.75
CA TRP A 51 10.69 -18.12 -2.73
C TRP A 51 10.93 -17.63 -4.15
N ILE A 52 11.50 -16.43 -4.26
CA ILE A 52 11.91 -15.90 -5.56
C ILE A 52 13.42 -15.66 -5.60
N GLU A 53 14.10 -16.01 -4.51
CA GLU A 53 15.55 -15.87 -4.44
C GLU A 53 16.26 -16.96 -5.22
N GLN A 54 15.47 -17.87 -5.79
CA GLN A 54 16.01 -18.97 -6.57
C GLN A 54 16.11 -18.59 -8.05
N GLU A 55 15.61 -17.41 -8.39
CA GLU A 55 15.71 -16.90 -9.75
C GLU A 55 17.09 -16.34 -10.04
N GLY A 56 17.63 -16.68 -11.20
CA GLY A 56 18.97 -16.26 -11.57
C GLY A 56 18.94 -15.00 -12.43
N PRO A 57 20.07 -14.66 -13.04
CA PRO A 57 20.18 -13.47 -13.87
C PRO A 57 19.33 -13.59 -15.12
N GLU A 58 18.93 -14.82 -15.44
CA GLU A 58 18.12 -15.08 -16.62
C GLU A 58 16.80 -14.32 -16.57
N TYR A 59 16.45 -13.85 -15.37
CA TYR A 59 15.31 -12.95 -15.20
C TYR A 59 15.77 -11.57 -14.75
N TRP A 60 16.57 -11.53 -13.69
CA TRP A 60 16.80 -10.29 -12.97
C TRP A 60 17.51 -9.26 -13.83
N ASP A 61 18.47 -9.73 -14.62
CA ASP A 61 19.32 -8.84 -15.42
C ASP A 61 18.52 -8.18 -16.53
N GLN A 62 17.67 -8.96 -17.20
CA GLN A 62 16.80 -8.44 -18.24
C GLN A 62 15.72 -7.54 -17.66
N GLU A 63 15.15 -7.96 -16.53
CA GLU A 63 14.12 -7.18 -15.86
C GLU A 63 14.65 -5.83 -15.38
N THR A 64 15.89 -5.84 -14.89
CA THR A 64 16.57 -4.61 -14.51
C THR A 64 16.70 -3.66 -15.70
N ARG A 65 17.12 -4.19 -16.83
CA ARG A 65 17.23 -3.41 -18.06
C ARG A 65 15.86 -2.90 -18.51
N ASN A 66 14.84 -3.74 -18.35
CA ASN A 66 13.48 -3.38 -18.70
C ASN A 66 12.97 -2.21 -17.87
N MET A 67 13.23 -2.27 -16.56
CA MET A 67 12.82 -1.22 -15.65
C MET A 67 13.59 0.07 -15.92
N LYS A 68 14.84 -0.07 -16.35
CA LYS A 68 15.61 1.06 -16.84
C LYS A 68 14.95 1.70 -18.05
N ALA A 69 14.50 0.86 -18.98
CA ALA A 69 13.77 1.34 -20.15
C ALA A 69 12.48 2.04 -19.74
N HIS A 70 11.80 1.49 -18.75
CA HIS A 70 10.61 2.12 -18.19
C HIS A 70 10.93 3.49 -17.60
N SER A 71 12.02 3.56 -16.84
CA SER A 71 12.46 4.81 -16.24
C SER A 71 12.75 5.86 -17.32
N GLN A 72 13.49 5.46 -18.35
CA GLN A 72 13.83 6.37 -19.44
C GLN A 72 12.59 6.90 -20.14
N THR A 73 11.61 6.02 -20.33
CA THR A 73 10.36 6.40 -20.98
C THR A 73 9.57 7.37 -20.10
N ASP A 74 9.45 7.05 -18.82
CA ASP A 74 8.71 7.88 -17.88
C ASP A 74 9.30 9.28 -17.80
N ARG A 75 10.63 9.35 -17.76
CA ARG A 75 11.34 10.63 -17.74
C ARG A 75 11.03 11.44 -19.00
N ALA A 76 11.05 10.77 -20.14
CA ALA A 76 10.68 11.41 -21.41
C ALA A 76 9.24 11.90 -21.37
N ASN A 77 8.36 11.09 -20.79
CA ASN A 77 6.94 11.43 -20.71
C ASN A 77 6.72 12.66 -19.85
N LEU A 78 7.43 12.73 -18.73
CA LEU A 78 7.33 13.87 -17.83
C LEU A 78 7.71 15.17 -18.53
N GLY A 79 8.80 15.14 -19.28
CA GLY A 79 9.22 16.28 -20.08
C GLY A 79 8.22 16.59 -21.18
N THR A 80 7.74 15.54 -21.84
CA THR A 80 6.81 15.71 -22.96
C THR A 80 5.50 16.33 -22.51
N LEU A 81 4.97 15.84 -21.39
CA LEU A 81 3.71 16.33 -20.86
C LEU A 81 3.81 17.79 -20.45
N ARG A 82 4.95 18.16 -19.86
CA ARG A 82 5.24 19.55 -19.57
C ARG A 82 5.10 20.42 -20.81
N GLY A 83 5.59 19.92 -21.93
CA GLY A 83 5.41 20.59 -23.22
C GLY A 83 3.93 20.69 -23.58
N TYR A 84 3.23 19.56 -23.51
CA TYR A 84 1.84 19.50 -23.93
C TYR A 84 0.99 20.55 -23.21
N TYR A 85 1.25 20.73 -21.93
CA TYR A 85 0.42 21.60 -21.10
C TYR A 85 1.09 22.94 -20.88
N ASN A 86 2.15 23.21 -21.64
CA ASN A 86 2.83 24.49 -21.59
C ASN A 86 3.15 24.90 -20.16
N GLN A 87 3.72 23.97 -19.40
CA GLN A 87 4.02 24.21 -17.99
C GLN A 87 5.44 24.74 -17.82
N SER A 88 5.68 25.42 -16.72
CA SER A 88 6.98 26.04 -16.46
C SER A 88 8.07 24.98 -16.31
N GLU A 89 9.25 25.28 -16.82
CA GLU A 89 10.38 24.37 -16.71
C GLU A 89 10.84 24.23 -15.27
N ASP A 90 10.45 25.18 -14.43
CA ASP A 90 10.88 25.21 -13.04
C ASP A 90 9.92 24.44 -12.14
N GLY A 91 8.87 23.89 -12.75
CA GLY A 91 7.84 23.17 -12.00
C GLY A 91 8.26 21.72 -11.74
N SER A 92 7.51 21.05 -10.89
CA SER A 92 7.72 19.62 -10.65
C SER A 92 6.57 18.79 -11.19
N HIS A 93 6.86 17.53 -11.50
CA HIS A 93 5.85 16.63 -12.05
C HIS A 93 6.00 15.22 -11.51
N THR A 94 4.89 14.49 -11.43
CA THR A 94 4.93 13.08 -11.06
C THR A 94 4.10 12.23 -12.01
N ILE A 95 4.65 11.11 -12.44
CA ILE A 95 3.92 10.15 -13.27
C ILE A 95 3.80 8.80 -12.57
N GLN A 96 2.62 8.22 -12.64
CA GLN A 96 2.34 6.96 -11.94
C GLN A 96 1.77 5.92 -12.90
N ILE A 97 2.40 4.75 -12.93
CA ILE A 97 1.94 3.65 -13.78
C ILE A 97 1.85 2.35 -13.00
N MET A 98 0.74 1.64 -13.18
CA MET A 98 0.57 0.33 -12.56
C MET A 98 -0.06 -0.67 -13.52
N TYR A 99 0.29 -1.94 -13.35
CA TYR A 99 -0.35 -3.02 -14.11
C TYR A 99 -0.29 -4.33 -13.34
N GLY A 100 -1.08 -5.30 -13.77
CA GLY A 100 -1.12 -6.61 -13.13
C GLY A 100 -2.28 -7.45 -13.65
N CYS A 101 -2.53 -8.58 -13.00
CA CYS A 101 -3.54 -9.53 -13.46
C CYS A 101 -4.15 -10.28 -12.29
N ASP A 102 -5.39 -10.71 -12.47
CA ASP A 102 -6.03 -11.63 -11.53
C ASP A 102 -6.15 -13.03 -12.12
N VAL A 103 -5.91 -14.03 -11.29
CA VAL A 103 -6.09 -15.43 -11.71
C VAL A 103 -7.01 -16.17 -10.75
N GLY A 104 -7.66 -17.21 -11.26
CA GLY A 104 -8.49 -18.07 -10.43
C GLY A 104 -7.65 -19.07 -9.65
N PRO A 105 -8.30 -19.90 -8.85
CA PRO A 105 -7.61 -20.90 -8.05
C PRO A 105 -6.93 -21.94 -8.93
N ASP A 106 -7.38 -22.03 -10.19
CA ASP A 106 -6.80 -22.97 -11.14
C ASP A 106 -5.78 -22.28 -12.03
N GLY A 107 -5.45 -21.04 -11.70
CA GLY A 107 -4.47 -20.27 -12.45
C GLY A 107 -5.09 -19.64 -13.69
N ARG A 108 -6.38 -19.85 -13.87
CA ARG A 108 -7.09 -19.33 -15.03
C ARG A 108 -7.08 -17.81 -15.05
N PHE A 109 -6.75 -17.24 -16.21
CA PHE A 109 -6.75 -15.79 -16.38
C PHE A 109 -8.16 -15.21 -16.18
N LEU A 110 -8.27 -14.22 -15.30
CA LEU A 110 -9.54 -13.56 -15.06
C LEU A 110 -9.56 -12.17 -15.67
N ARG A 111 -8.67 -11.30 -15.20
CA ARG A 111 -8.70 -9.88 -15.57
C ARG A 111 -7.29 -9.32 -15.71
N GLY A 112 -7.09 -8.45 -16.70
CA GLY A 112 -5.87 -7.68 -16.81
C GLY A 112 -6.06 -6.26 -16.31
N TYR A 113 -4.96 -5.64 -15.86
CA TYR A 113 -5.01 -4.27 -15.39
C TYR A 113 -3.86 -3.45 -15.97
N ARG A 114 -4.16 -2.23 -16.40
CA ARG A 114 -3.14 -1.24 -16.70
C ARG A 114 -3.71 0.17 -16.67
N GLN A 115 -3.11 1.03 -15.86
CA GLN A 115 -3.57 2.41 -15.73
C GLN A 115 -2.40 3.36 -15.54
N ASP A 116 -2.50 4.54 -16.13
CA ASP A 116 -1.53 5.61 -15.90
C ASP A 116 -2.19 6.83 -15.24
N ALA A 117 -1.38 7.63 -14.56
CA ALA A 117 -1.84 8.90 -14.02
C ALA A 117 -0.75 9.96 -14.07
N TYR A 118 -1.14 11.22 -14.02
CA TYR A 118 -0.20 12.32 -14.13
C TYR A 118 -0.56 13.45 -13.17
N ASP A 119 0.35 13.79 -12.26
CA ASP A 119 0.14 14.88 -11.32
C ASP A 119 -1.19 14.75 -10.61
N GLY A 120 -1.56 13.51 -10.28
CA GLY A 120 -2.69 13.26 -9.39
C GLY A 120 -3.96 13.01 -10.18
N LYS A 121 -3.90 13.26 -11.49
CA LYS A 121 -5.07 13.11 -12.35
C LYS A 121 -4.96 11.87 -13.23
N ASP A 122 -6.08 11.17 -13.38
CA ASP A 122 -6.14 10.00 -14.26
C ASP A 122 -5.66 10.36 -15.67
N TYR A 123 -4.86 9.48 -16.26
CA TYR A 123 -4.34 9.70 -17.60
C TYR A 123 -5.00 8.77 -18.60
N ILE A 124 -4.62 7.50 -18.57
CA ILE A 124 -5.21 6.49 -19.44
C ILE A 124 -5.52 5.21 -18.69
N ALA A 125 -6.67 4.61 -18.98
CA ALA A 125 -7.00 3.30 -18.45
C ALA A 125 -7.11 2.26 -19.56
N LEU A 126 -6.73 1.03 -19.27
CA LEU A 126 -6.97 -0.10 -20.16
C LEU A 126 -7.98 -1.07 -19.55
N ASN A 127 -8.98 -1.44 -20.33
CA ASN A 127 -10.06 -2.29 -19.85
C ASN A 127 -9.56 -3.69 -19.52
N GLU A 128 -10.35 -4.43 -18.75
CA GLU A 128 -9.94 -5.73 -18.25
C GLU A 128 -9.75 -6.73 -19.39
N ASP A 129 -10.38 -6.45 -20.52
CA ASP A 129 -10.25 -7.28 -21.70
C ASP A 129 -8.94 -6.99 -22.44
N LEU A 130 -8.29 -5.91 -22.04
CA LEU A 130 -7.01 -5.53 -22.65
C LEU A 130 -7.15 -5.34 -24.16
N ARG A 131 -8.17 -4.59 -24.56
CA ARG A 131 -8.43 -4.36 -25.98
C ARG A 131 -8.55 -2.88 -26.28
N SER A 132 -9.04 -2.12 -25.31
CA SER A 132 -9.52 -0.77 -25.56
C SER A 132 -8.97 0.22 -24.53
N TRP A 133 -8.34 1.28 -25.00
CA TRP A 133 -7.84 2.32 -24.11
C TRP A 133 -8.91 3.38 -23.85
N THR A 134 -8.84 4.00 -22.67
CA THR A 134 -9.69 5.13 -22.34
C THR A 134 -8.86 6.33 -21.91
N ALA A 135 -9.09 7.47 -22.56
CA ALA A 135 -8.41 8.71 -22.22
C ALA A 135 -9.21 9.51 -21.20
N ALA A 136 -8.51 10.06 -20.20
CA ALA A 136 -9.16 10.82 -19.14
C ALA A 136 -8.64 12.24 -19.09
N ASP A 137 -7.92 12.65 -20.13
CA ASP A 137 -7.31 13.97 -20.18
C ASP A 137 -6.94 14.35 -21.61
N MET A 138 -6.59 15.62 -21.81
CA MET A 138 -6.22 16.11 -23.13
C MET A 138 -5.01 15.36 -23.68
N ALA A 139 -3.91 15.37 -22.92
CA ALA A 139 -2.70 14.66 -23.31
C ALA A 139 -2.97 13.17 -23.44
N ALA A 140 -3.89 12.66 -22.64
CA ALA A 140 -4.27 11.24 -22.71
C ALA A 140 -4.88 10.91 -24.05
N GLN A 141 -5.67 11.82 -24.59
CA GLN A 141 -6.28 11.64 -25.91
C GLN A 141 -5.23 11.59 -27.00
N ILE A 142 -4.19 12.41 -26.87
CA ILE A 142 -3.07 12.37 -27.79
C ILE A 142 -2.34 11.03 -27.72
N THR A 143 -2.03 10.60 -26.51
CA THR A 143 -1.35 9.32 -26.31
C THR A 143 -2.24 8.16 -26.74
N LYS A 144 -3.51 8.21 -26.36
CA LYS A 144 -4.45 7.14 -26.69
C LYS A 144 -4.52 6.90 -28.19
N ARG A 145 -4.62 7.99 -28.96
CA ARG A 145 -4.62 7.90 -30.41
C ARG A 145 -3.44 7.08 -30.91
N LYS A 146 -2.25 7.36 -30.38
CA LYS A 146 -1.05 6.64 -30.76
C LYS A 146 -1.15 5.17 -30.36
N TRP A 147 -1.49 4.92 -29.11
CA TRP A 147 -1.49 3.57 -28.56
C TRP A 147 -2.49 2.69 -29.28
N GLU A 148 -3.65 3.25 -29.59
CA GLU A 148 -4.68 2.53 -30.34
C GLU A 148 -4.19 2.17 -31.74
N ALA A 149 -3.55 3.13 -32.40
CA ALA A 149 -3.09 2.94 -33.77
C ALA A 149 -2.10 1.78 -33.85
N VAL A 150 -1.29 1.62 -32.81
CA VAL A 150 -0.24 0.60 -32.81
C VAL A 150 -0.68 -0.62 -32.03
N HIS A 151 -1.92 -0.63 -31.58
CA HIS A 151 -2.47 -1.75 -30.81
C HIS A 151 -1.58 -2.06 -29.61
N ALA A 152 -1.23 -1.03 -28.85
CA ALA A 152 -0.38 -1.19 -27.68
C ALA A 152 -0.97 -2.19 -26.70
N ALA A 153 -2.29 -2.28 -26.68
CA ALA A 153 -3.00 -3.20 -25.80
C ALA A 153 -2.55 -4.64 -26.04
N GLU A 154 -2.14 -4.93 -27.28
CA GLU A 154 -1.71 -6.27 -27.65
C GLU A 154 -0.47 -6.68 -26.87
N GLN A 155 0.45 -5.74 -26.69
CA GLN A 155 1.65 -5.98 -25.89
C GLN A 155 1.31 -6.32 -24.45
N ARG A 156 0.31 -5.62 -23.91
CA ARG A 156 -0.15 -5.87 -22.56
C ARG A 156 -0.83 -7.23 -22.44
N ARG A 157 -1.58 -7.60 -23.47
CA ARG A 157 -2.28 -8.87 -23.50
C ARG A 157 -1.30 -10.03 -23.41
N VAL A 158 -0.25 -9.99 -24.22
CA VAL A 158 0.73 -11.07 -24.27
C VAL A 158 1.32 -11.33 -22.88
N TYR A 159 1.67 -10.27 -22.18
CA TYR A 159 2.17 -10.38 -20.81
C TYR A 159 1.06 -10.79 -19.86
N LEU A 160 0.02 -9.96 -19.77
CA LEU A 160 -0.93 -10.05 -18.67
C LEU A 160 -1.73 -11.36 -18.75
N GLU A 161 -2.02 -11.79 -19.97
CA GLU A 161 -2.78 -13.01 -20.18
C GLU A 161 -1.88 -14.25 -20.06
N GLY A 162 -0.59 -14.05 -20.22
CA GLY A 162 0.35 -15.15 -20.31
C GLY A 162 1.39 -15.09 -19.19
N ARG A 163 2.39 -14.23 -19.37
CA ARG A 163 3.54 -14.21 -18.47
C ARG A 163 3.12 -13.90 -17.04
N CYS A 164 2.22 -12.94 -16.89
CA CYS A 164 1.72 -12.56 -15.57
C CYS A 164 1.01 -13.73 -14.89
N VAL A 165 0.22 -14.46 -15.67
CA VAL A 165 -0.57 -15.57 -15.14
C VAL A 165 0.34 -16.71 -14.68
N ASP A 166 1.27 -17.11 -15.54
CA ASP A 166 2.17 -18.21 -15.24
C ASP A 166 3.17 -17.82 -14.15
N GLY A 167 3.68 -16.59 -14.23
CA GLY A 167 4.56 -16.05 -13.20
C GLY A 167 3.91 -16.14 -11.82
N LEU A 168 2.72 -15.57 -11.70
CA LEU A 168 1.97 -15.62 -10.44
C LEU A 168 1.70 -17.06 -10.03
N ARG A 169 1.22 -17.87 -10.97
CA ARG A 169 0.92 -19.27 -10.70
C ARG A 169 2.11 -19.96 -10.04
N ARG A 170 3.29 -19.83 -10.66
CA ARG A 170 4.49 -20.47 -10.16
C ARG A 170 4.85 -19.94 -8.78
N TYR A 171 4.67 -18.64 -8.58
CA TYR A 171 4.96 -18.01 -7.30
C TYR A 171 4.03 -18.54 -6.20
N LEU A 172 2.76 -18.73 -6.55
CA LEU A 172 1.77 -19.22 -5.60
C LEU A 172 2.13 -20.62 -5.11
N GLU A 173 2.73 -21.42 -5.99
CA GLU A 173 3.21 -22.74 -5.63
C GLU A 173 4.49 -22.66 -4.78
N ASN A 174 5.47 -21.93 -5.30
CA ASN A 174 6.78 -21.85 -4.66
C ASN A 174 6.67 -21.19 -3.28
N GLY A 175 5.76 -20.22 -3.16
CA GLY A 175 5.60 -19.48 -1.92
C GLY A 175 4.31 -19.86 -1.22
N LYS A 176 3.79 -21.04 -1.54
CA LYS A 176 2.50 -21.47 -1.02
C LYS A 176 2.40 -21.25 0.48
N GLU A 177 3.45 -21.64 1.20
CA GLU A 177 3.42 -21.65 2.66
C GLU A 177 3.69 -20.25 3.22
N THR A 178 3.96 -19.30 2.33
CA THR A 178 4.22 -17.93 2.73
C THR A 178 3.16 -16.99 2.19
N LEU A 179 2.45 -17.43 1.16
CA LEU A 179 1.46 -16.59 0.49
C LEU A 179 0.03 -16.99 0.88
N GLN A 180 -0.23 -18.29 0.85
CA GLN A 180 -1.56 -18.81 1.14
C GLN A 180 -1.71 -19.15 2.62
N ARG A 181 -0.69 -18.80 3.41
CA ARG A 181 -0.76 -18.99 4.85
C ARG A 181 -1.93 -18.23 5.46
N THR A 182 -2.38 -18.68 6.63
CA THR A 182 -3.41 -17.98 7.37
C THR A 182 -2.93 -17.61 8.78
N ASP A 183 -3.44 -16.50 9.29
CA ASP A 183 -3.16 -16.12 10.67
C ASP A 183 -4.37 -15.42 11.30
N PRO A 184 -4.99 -16.08 12.26
CA PRO A 184 -6.19 -15.56 12.90
C PRO A 184 -5.86 -14.39 13.82
N PRO A 185 -6.81 -13.47 13.97
CA PRO A 185 -6.61 -12.28 14.78
C PRO A 185 -6.53 -12.62 16.26
N LYS A 186 -5.73 -11.86 17.00
CA LYS A 186 -5.63 -12.04 18.44
C LYS A 186 -6.76 -11.31 19.17
N THR A 187 -7.97 -11.85 19.05
CA THR A 187 -9.17 -11.09 19.37
C THR A 187 -9.27 -10.80 20.87
N HIS A 188 -9.68 -9.59 21.21
CA HIS A 188 -10.04 -9.26 22.58
C HIS A 188 -10.82 -7.95 22.65
N MET A 189 -11.53 -7.75 23.75
CA MET A 189 -12.34 -6.55 23.94
C MET A 189 -11.99 -5.84 25.24
N THR A 190 -11.97 -4.51 25.19
CA THR A 190 -11.67 -3.70 26.37
C THR A 190 -12.77 -2.67 26.63
N HIS A 191 -12.87 -2.23 27.87
CA HIS A 191 -13.89 -1.25 28.25
C HIS A 191 -13.25 0.07 28.66
N HIS A 192 -13.72 1.16 28.06
CA HIS A 192 -13.12 2.47 28.26
C HIS A 192 -14.17 3.52 28.63
N PRO A 193 -14.41 3.69 29.92
CA PRO A 193 -15.37 4.67 30.40
C PRO A 193 -15.01 6.07 29.90
N ILE A 194 -16.04 6.86 29.60
CA ILE A 194 -15.84 8.23 29.15
C ILE A 194 -16.26 9.23 30.22
N SER A 195 -17.45 9.01 30.79
CA SER A 195 -17.97 9.89 31.82
C SER A 195 -18.71 9.10 32.90
N ASP A 196 -19.45 9.82 33.74
CA ASP A 196 -20.22 9.18 34.81
C ASP A 196 -21.25 8.21 34.24
N HIS A 197 -21.65 8.44 33.00
CA HIS A 197 -22.71 7.65 32.38
C HIS A 197 -22.25 7.07 31.05
N GLU A 198 -21.33 7.76 30.41
CA GLU A 198 -20.92 7.40 29.04
C GLU A 198 -19.70 6.49 29.06
N ALA A 199 -19.72 5.48 28.17
CA ALA A 199 -18.57 4.60 28.00
C ALA A 199 -18.52 4.03 26.58
N THR A 200 -17.40 3.42 26.24
CA THR A 200 -17.24 2.76 24.94
C THR A 200 -16.70 1.36 25.11
N LEU A 201 -16.95 0.51 24.11
CA LEU A 201 -16.24 -0.76 23.98
C LEU A 201 -15.35 -0.76 22.75
N ARG A 202 -14.17 -1.35 22.88
CA ARG A 202 -13.25 -1.49 21.75
C ARG A 202 -13.08 -2.95 21.36
N CYS A 203 -13.39 -3.25 20.10
CA CYS A 203 -13.28 -4.61 19.58
C CYS A 203 -11.99 -4.79 18.78
N TRP A 204 -11.03 -5.52 19.37
CA TRP A 204 -9.70 -5.62 18.80
C TRP A 204 -9.57 -6.87 17.93
N ALA A 205 -8.97 -6.70 16.75
CA ALA A 205 -8.69 -7.83 15.88
C ALA A 205 -7.31 -7.68 15.23
N LEU A 206 -6.26 -7.75 16.04
CA LEU A 206 -4.92 -7.37 15.59
C LEU A 206 -4.10 -8.60 15.24
N GLY A 207 -3.22 -8.45 14.26
CA GLY A 207 -2.17 -9.43 14.00
C GLY A 207 -2.69 -10.59 13.16
N PHE A 208 -3.34 -10.26 12.06
CA PHE A 208 -4.00 -11.26 11.22
C PHE A 208 -3.46 -11.23 9.79
N TYR A 209 -3.68 -12.32 9.07
CA TYR A 209 -3.29 -12.39 7.66
C TYR A 209 -4.19 -13.36 6.90
N PRO A 210 -4.71 -12.91 5.76
CA PRO A 210 -4.18 -11.72 5.10
C PRO A 210 -4.96 -10.47 5.52
N ALA A 211 -4.78 -9.39 4.77
CA ALA A 211 -5.35 -8.10 5.13
C ALA A 211 -6.86 -8.15 5.14
N GLU A 212 -7.42 -9.11 4.42
CA GLU A 212 -8.87 -9.24 4.27
C GLU A 212 -9.54 -9.44 5.62
N ILE A 213 -10.39 -8.49 6.00
CA ILE A 213 -11.08 -8.55 7.27
C ILE A 213 -12.38 -7.74 7.25
N THR A 214 -13.40 -8.25 7.91
CA THR A 214 -14.61 -7.47 8.17
C THR A 214 -14.97 -7.48 9.64
N LEU A 215 -15.22 -6.29 10.20
CA LEU A 215 -15.71 -6.16 11.56
C LEU A 215 -17.20 -5.81 11.58
N THR A 216 -17.93 -6.44 12.49
CA THR A 216 -19.35 -6.14 12.67
C THR A 216 -19.70 -5.97 14.14
N TRP A 217 -20.42 -4.90 14.45
CA TRP A 217 -21.02 -4.74 15.77
C TRP A 217 -22.51 -5.07 15.75
N GLN A 218 -23.01 -5.63 16.84
CA GLN A 218 -24.44 -5.83 17.03
C GLN A 218 -24.89 -5.34 18.39
N ARG A 219 -26.14 -4.88 18.47
CA ARG A 219 -26.78 -4.62 19.75
C ARG A 219 -28.19 -5.20 19.79
N ASP A 220 -28.48 -5.99 20.81
CA ASP A 220 -29.75 -6.70 20.90
C ASP A 220 -29.95 -7.62 19.71
N GLY A 221 -28.85 -8.01 19.07
CA GLY A 221 -28.90 -8.95 17.97
C GLY A 221 -28.98 -8.22 16.63
N GLU A 222 -29.18 -6.91 16.69
CA GLU A 222 -29.31 -6.10 15.49
C GLU A 222 -28.00 -5.39 15.16
N ASP A 223 -27.68 -5.30 13.87
CA ASP A 223 -26.43 -4.70 13.42
C ASP A 223 -26.34 -3.24 13.85
N GLN A 224 -25.15 -2.81 14.24
CA GLN A 224 -24.90 -1.41 14.55
C GLN A 224 -23.98 -0.77 13.51
N THR A 225 -24.53 0.12 12.71
CA THR A 225 -23.80 0.68 11.57
C THR A 225 -23.67 2.19 11.70
N GLN A 226 -24.24 2.74 12.76
CA GLN A 226 -24.36 4.20 12.90
C GLN A 226 -23.42 4.73 13.99
N ASP A 227 -23.63 4.27 15.22
CA ASP A 227 -22.87 4.76 16.35
C ASP A 227 -21.56 4.01 16.52
N THR A 228 -20.68 4.13 15.53
CA THR A 228 -19.52 3.25 15.41
C THR A 228 -18.32 4.00 14.84
N GLU A 229 -17.13 3.56 15.21
CA GLU A 229 -15.90 4.06 14.60
C GLU A 229 -14.96 2.92 14.25
N LEU A 230 -14.41 2.95 13.05
CA LEU A 230 -13.50 1.92 12.58
C LEU A 230 -12.22 2.53 12.01
N VAL A 231 -11.12 1.77 12.10
CA VAL A 231 -9.89 2.15 11.44
C VAL A 231 -9.66 1.30 10.19
N GLU A 232 -9.05 1.92 9.17
CA GLU A 232 -8.65 1.19 7.98
C GLU A 232 -7.56 0.18 8.29
N THR A 233 -7.57 -0.95 7.59
CA THR A 233 -6.58 -1.99 7.79
C THR A 233 -5.17 -1.46 7.56
N ARG A 234 -4.28 -1.73 8.51
CA ARG A 234 -2.93 -1.19 8.46
C ARG A 234 -1.89 -2.27 8.76
N PRO A 235 -0.72 -2.14 8.16
CA PRO A 235 0.39 -3.06 8.42
C PRO A 235 0.72 -3.10 9.91
N ALA A 236 0.97 -4.30 10.43
CA ALA A 236 1.45 -4.46 11.79
C ALA A 236 2.96 -4.24 11.87
N GLY A 237 3.62 -4.30 10.73
CA GLY A 237 5.07 -4.13 10.66
C GLY A 237 5.80 -5.42 10.96
N ASP A 238 5.06 -6.53 10.97
CA ASP A 238 5.63 -7.83 11.27
C ASP A 238 5.06 -8.92 10.37
N GLY A 239 4.53 -8.50 9.22
CA GLY A 239 4.04 -9.44 8.22
C GLY A 239 2.54 -9.64 8.34
N THR A 240 1.96 -9.14 9.43
CA THR A 240 0.52 -9.20 9.63
C THR A 240 -0.10 -7.82 9.59
N PHE A 241 -1.41 -7.75 9.78
CA PHE A 241 -2.14 -6.49 9.72
C PHE A 241 -2.95 -6.26 10.98
N GLN A 242 -3.29 -5.00 11.23
CA GLN A 242 -4.10 -4.64 12.39
C GLN A 242 -5.45 -4.07 11.96
N LYS A 243 -6.47 -4.27 12.81
CA LYS A 243 -7.72 -3.54 12.67
C LYS A 243 -8.51 -3.56 13.98
N TRP A 244 -9.21 -2.48 14.26
CA TRP A 244 -10.09 -2.42 15.42
C TRP A 244 -11.34 -1.60 15.13
N ALA A 245 -12.39 -1.81 15.93
CA ALA A 245 -13.58 -0.98 15.86
C ALA A 245 -14.12 -0.69 17.25
N ALA A 246 -14.92 0.37 17.36
CA ALA A 246 -15.53 0.75 18.64
C ALA A 246 -16.94 1.28 18.43
N VAL A 247 -17.78 1.14 19.45
CA VAL A 247 -19.11 1.74 19.45
C VAL A 247 -19.40 2.43 20.78
N VAL A 248 -20.43 3.27 20.79
CA VAL A 248 -20.85 3.95 22.00
C VAL A 248 -21.64 3.02 22.91
N VAL A 249 -21.16 2.87 24.15
CA VAL A 249 -21.73 1.89 25.07
C VAL A 249 -21.96 2.51 26.44
N PRO A 250 -23.16 3.05 26.67
CA PRO A 250 -23.52 3.59 27.96
C PRO A 250 -23.29 2.58 29.08
N SER A 251 -22.79 3.07 30.21
CA SER A 251 -22.39 2.20 31.31
C SER A 251 -23.54 1.29 31.73
N GLY A 252 -23.28 -0.01 31.76
CA GLY A 252 -24.25 -0.98 32.21
C GLY A 252 -24.97 -1.64 31.04
N GLU A 253 -24.84 -1.03 29.86
CA GLU A 253 -25.51 -1.52 28.66
C GLU A 253 -24.59 -2.42 27.85
N GLU A 254 -23.37 -2.61 28.34
CA GLU A 254 -22.36 -3.36 27.61
C GLU A 254 -22.81 -4.79 27.36
N GLN A 255 -23.72 -5.28 28.21
CA GLN A 255 -24.20 -6.65 28.10
C GLN A 255 -25.01 -6.86 26.82
N ARG A 256 -25.42 -5.75 26.21
CA ARG A 256 -26.30 -5.81 25.04
C ARG A 256 -25.50 -5.80 23.75
N TYR A 257 -24.19 -5.66 23.87
CA TYR A 257 -23.33 -5.48 22.70
C TYR A 257 -22.56 -6.76 22.38
N THR A 258 -22.30 -6.98 21.10
CA THR A 258 -21.39 -8.04 20.67
C THR A 258 -20.66 -7.66 19.39
N CYS A 259 -19.38 -8.00 19.32
CA CYS A 259 -18.59 -7.76 18.12
C CYS A 259 -18.21 -9.07 17.43
N HIS A 260 -18.23 -9.07 16.11
CA HIS A 260 -17.83 -10.24 15.34
C HIS A 260 -16.69 -9.90 14.38
N VAL A 261 -15.79 -10.86 14.19
CA VAL A 261 -14.68 -10.69 13.25
C VAL A 261 -14.69 -11.78 12.18
N GLN A 262 -14.91 -11.38 10.94
CA GLN A 262 -15.11 -12.33 9.85
C GLN A 262 -13.92 -12.32 8.90
N HIS A 263 -13.45 -13.52 8.56
CA HIS A 263 -12.40 -13.66 7.55
C HIS A 263 -12.78 -14.69 6.49
N GLU A 264 -12.13 -14.61 5.34
CA GLU A 264 -12.26 -15.65 4.32
C GLU A 264 -11.22 -16.74 4.49
N GLY A 265 -10.17 -16.43 5.25
CA GLY A 265 -9.07 -17.37 5.45
C GLY A 265 -9.33 -18.30 6.61
N LEU A 266 -10.42 -18.05 7.33
CA LEU A 266 -10.77 -18.85 8.50
C LEU A 266 -12.06 -19.64 8.27
N PRO A 267 -12.15 -20.81 8.90
CA PRO A 267 -13.32 -21.67 8.74
C PRO A 267 -14.52 -21.10 9.50
N LYS A 268 -14.25 -20.16 10.39
CA LYS A 268 -15.30 -19.58 11.23
C LYS A 268 -14.92 -18.18 11.70
N PRO A 269 -15.93 -17.35 11.92
CA PRO A 269 -15.71 -16.02 12.50
C PRO A 269 -15.40 -16.12 13.98
N LEU A 270 -14.83 -15.04 14.54
CA LEU A 270 -14.61 -14.95 15.97
C LEU A 270 -15.54 -13.92 16.61
N THR A 271 -15.99 -14.21 17.82
CA THR A 271 -16.95 -13.36 18.51
C THR A 271 -16.35 -12.79 19.80
N LEU A 272 -16.55 -11.50 20.01
CA LEU A 272 -16.03 -10.82 21.20
C LEU A 272 -17.15 -10.25 22.05
N ARG A 273 -17.03 -10.40 23.36
CA ARG A 273 -17.99 -9.82 24.29
C ARG A 273 -17.30 -9.29 25.54
N TRP A 274 -18.02 -8.48 26.31
CA TRP A 274 -17.50 -7.93 27.55
C TRP A 274 -18.54 -8.01 28.67
N ILE B 1 9.27 -11.95 -13.16
CA ILE B 1 8.86 -11.89 -14.56
C ILE B 1 8.10 -10.60 -14.85
N LEU B 2 8.83 -9.49 -14.91
CA LEU B 2 8.22 -8.19 -15.24
C LEU B 2 7.91 -8.10 -16.73
N ASP B 3 7.07 -7.13 -17.09
CA ASP B 3 6.80 -6.84 -18.50
C ASP B 3 8.01 -6.20 -19.17
N THR B 4 8.05 -6.31 -20.50
CA THR B 4 9.21 -5.84 -21.26
C THR B 4 8.95 -4.47 -21.87
N ALA B 5 10.01 -3.84 -22.36
CA ALA B 5 9.89 -2.54 -23.01
C ALA B 5 9.25 -2.65 -24.38
N GLY B 6 8.62 -1.58 -24.84
CA GLY B 6 7.96 -1.56 -26.13
C GLY B 6 7.37 -0.19 -26.44
N LYS B 7 6.06 -0.15 -26.67
CA LYS B 7 5.40 1.08 -27.06
C LYS B 7 4.65 1.70 -25.88
N GLU B 8 5.39 2.08 -24.86
CA GLU B 8 4.82 2.67 -23.65
C GLU B 8 5.22 4.13 -23.50
N GLU B 9 5.18 4.87 -24.61
CA GLU B 9 5.55 6.28 -24.60
C GLU B 9 4.36 7.16 -24.96
N TYR B 10 4.36 8.39 -24.45
CA TYR B 10 3.27 9.33 -24.71
C TYR B 10 3.51 10.13 -25.98
N MET C 1 -2.14 20.57 -11.41
CA MET C 1 -1.71 19.59 -10.42
C MET C 1 -2.52 19.71 -9.13
N ILE C 2 -2.82 18.58 -8.52
CA ILE C 2 -3.50 18.56 -7.23
C ILE C 2 -2.63 17.92 -6.16
N GLN C 3 -2.96 18.19 -4.90
CA GLN C 3 -2.18 17.67 -3.78
C GLN C 3 -3.09 17.05 -2.72
N ARG C 4 -2.53 16.13 -1.94
CA ARG C 4 -3.29 15.44 -0.90
C ARG C 4 -2.54 15.44 0.42
N THR C 5 -3.29 15.53 1.52
CA THR C 5 -2.69 15.61 2.84
C THR C 5 -2.59 14.23 3.50
N PRO C 6 -1.42 13.93 4.05
CA PRO C 6 -1.18 12.62 4.66
C PRO C 6 -2.02 12.42 5.92
N LYS C 7 -2.40 11.18 6.18
CA LYS C 7 -2.83 10.78 7.51
C LYS C 7 -1.71 10.10 8.28
N ILE C 8 -1.67 10.32 9.59
CA ILE C 8 -0.62 9.78 10.43
C ILE C 8 -1.17 8.87 11.51
N GLN C 9 -0.74 7.60 11.49
CA GLN C 9 -1.13 6.65 12.52
C GLN C 9 0.10 6.09 13.24
N VAL C 10 0.15 6.29 14.55
CA VAL C 10 1.27 5.80 15.35
C VAL C 10 0.83 4.71 16.31
N TYR C 11 1.50 3.57 16.25
CA TYR C 11 1.03 2.37 16.95
C TYR C 11 2.17 1.37 17.13
N SER C 12 1.90 0.31 17.90
CA SER C 12 2.82 -0.82 17.97
C SER C 12 2.16 -2.09 17.45
N ARG C 13 2.99 -3.04 17.01
CA ARG C 13 2.48 -4.26 16.39
C ARG C 13 1.67 -5.09 17.37
N HIS C 14 1.95 -4.91 18.66
CA HIS C 14 1.12 -5.51 19.71
C HIS C 14 1.00 -4.58 20.90
N PRO C 15 -0.07 -4.76 21.68
CA PRO C 15 -0.35 -3.89 22.82
C PRO C 15 0.87 -3.77 23.73
N ALA C 16 1.14 -2.54 24.18
CA ALA C 16 2.37 -2.25 24.92
C ALA C 16 2.44 -3.07 26.21
N GLU C 17 3.65 -3.51 26.56
CA GLU C 17 3.89 -4.10 27.86
C GLU C 17 5.31 -3.82 28.33
N ASN C 18 5.44 -3.34 29.57
CA ASN C 18 6.72 -2.84 30.07
C ASN C 18 7.79 -3.92 30.00
N GLY C 19 8.84 -3.64 29.24
CA GLY C 19 10.01 -4.52 29.21
C GLY C 19 9.89 -5.55 28.08
N LYS C 20 8.71 -5.63 27.49
CA LYS C 20 8.45 -6.62 26.45
C LYS C 20 8.75 -6.06 25.06
N SER C 21 9.76 -6.61 24.41
CA SER C 21 10.24 -6.10 23.13
C SER C 21 9.06 -5.81 22.20
N ASN C 22 9.14 -4.67 21.51
CA ASN C 22 8.07 -4.25 20.61
C ASN C 22 8.63 -3.46 19.44
N PHE C 23 7.77 -3.20 18.45
CA PHE C 23 8.14 -2.38 17.31
C PHE C 23 7.24 -1.16 17.18
N LEU C 24 7.84 0.01 17.07
CA LEU C 24 7.09 1.26 16.94
C LEU C 24 6.82 1.59 15.48
N ASN C 25 5.53 1.65 15.12
CA ASN C 25 5.14 1.88 13.74
C ASN C 25 4.63 3.30 13.54
N CYS C 26 4.93 3.88 12.38
CA CYS C 26 4.24 5.08 11.92
C CYS C 26 3.78 4.93 10.48
N TYR C 27 2.47 4.79 10.30
CA TYR C 27 1.91 4.55 8.97
C TYR C 27 1.35 5.83 8.36
N VAL C 28 1.94 6.25 7.24
CA VAL C 28 1.55 7.49 6.59
C VAL C 28 1.06 7.26 5.17
N SER C 29 -0.17 7.69 4.90
CA SER C 29 -0.85 7.34 3.66
C SER C 29 -1.76 8.47 3.19
N GLY C 30 -2.04 8.49 1.90
CA GLY C 30 -3.14 9.31 1.36
C GLY C 30 -2.64 10.70 0.99
N PHE C 31 -1.38 10.80 0.64
CA PHE C 31 -0.75 12.09 0.37
C PHE C 31 -0.25 12.18 -1.07
N HIS C 32 -0.04 13.40 -1.54
CA HIS C 32 0.41 13.62 -2.92
C HIS C 32 0.86 15.06 -3.13
N PRO C 33 2.04 15.23 -3.69
CA PRO C 33 2.76 14.13 -4.31
C PRO C 33 3.63 13.39 -3.30
N SER C 34 4.67 12.71 -3.81
CA SER C 34 5.46 11.81 -2.98
C SER C 34 6.36 12.58 -2.04
N ASP C 35 6.42 13.89 -2.21
CA ASP C 35 7.36 14.73 -1.47
C ASP C 35 6.97 14.82 0.00
N ILE C 36 7.42 13.85 0.79
CA ILE C 36 7.00 13.74 2.18
C ILE C 36 8.18 13.36 3.07
N GLU C 37 8.18 13.86 4.30
CA GLU C 37 9.17 13.48 5.30
C GLU C 37 8.51 12.83 6.51
N VAL C 38 8.97 11.64 6.87
CA VAL C 38 8.44 10.92 8.02
C VAL C 38 9.54 10.46 8.96
N ASP C 39 9.43 10.86 10.22
CA ASP C 39 10.44 10.54 11.21
C ASP C 39 9.80 10.06 12.52
N LEU C 40 10.48 9.16 13.21
CA LEU C 40 10.04 8.71 14.52
C LEU C 40 10.74 9.48 15.64
N LEU C 41 10.01 9.78 16.70
CA LEU C 41 10.54 10.56 17.81
C LEU C 41 10.65 9.73 19.08
N LYS C 42 11.65 10.02 19.89
CA LYS C 42 11.66 9.60 21.29
C LYS C 42 11.89 10.78 22.22
N ASN C 43 10.89 11.09 23.05
CA ASN C 43 10.94 12.27 23.89
C ASN C 43 11.20 13.52 23.07
N GLY C 44 10.68 13.55 21.85
CA GLY C 44 10.73 14.75 21.01
C GLY C 44 11.96 14.74 20.12
N GLU C 45 12.89 13.84 20.41
CA GLU C 45 14.14 13.76 19.66
C GLU C 45 14.05 12.71 18.55
N ARG C 46 14.64 13.02 17.41
CA ARG C 46 14.61 12.11 16.26
C ARG C 46 15.32 10.80 16.58
N ILE C 47 14.72 9.68 16.18
CA ILE C 47 15.38 8.39 16.23
C ILE C 47 16.13 8.10 14.94
N GLU C 48 17.42 7.83 15.06
CA GLU C 48 18.28 7.64 13.90
C GLU C 48 18.14 6.22 13.34
N LYS C 49 18.01 5.25 14.23
CA LYS C 49 17.99 3.84 13.84
C LYS C 49 16.59 3.41 13.43
N VAL C 50 16.14 3.89 12.27
CA VAL C 50 14.77 3.64 11.81
C VAL C 50 14.77 3.06 10.40
N GLU C 51 13.93 2.05 10.19
CA GLU C 51 13.74 1.48 8.86
C GLU C 51 12.39 1.87 8.29
N HIS C 52 12.20 1.60 7.00
CA HIS C 52 10.97 1.95 6.31
C HIS C 52 10.70 1.01 5.14
N SER C 53 9.46 1.00 4.68
CA SER C 53 9.09 0.25 3.48
C SER C 53 9.42 1.05 2.21
N ASP C 54 9.31 0.40 1.06
CA ASP C 54 9.41 1.08 -0.22
C ASP C 54 8.13 1.84 -0.55
N LEU C 55 8.28 3.00 -1.19
CA LEU C 55 7.14 3.85 -1.50
C LEU C 55 6.23 3.19 -2.52
N SER C 56 4.93 3.17 -2.23
CA SER C 56 3.93 2.69 -3.18
C SER C 56 2.74 3.64 -3.26
N PHE C 57 1.83 3.34 -4.19
CA PHE C 57 0.59 4.11 -4.30
C PHE C 57 -0.60 3.20 -4.59
N SER C 58 -1.79 3.69 -4.29
CA SER C 58 -2.99 2.86 -4.37
C SER C 58 -3.81 3.20 -5.61
N LYS C 59 -5.04 2.70 -5.66
CA LYS C 59 -5.88 2.85 -6.84
C LYS C 59 -6.19 4.32 -7.10
N ASP C 60 -6.26 5.11 -6.03
CA ASP C 60 -6.55 6.53 -6.15
C ASP C 60 -5.28 7.34 -6.33
N TRP C 61 -4.17 6.64 -6.59
CA TRP C 61 -2.92 7.29 -6.96
C TRP C 61 -2.33 8.06 -5.80
N SER C 62 -2.89 7.87 -4.61
CA SER C 62 -2.32 8.41 -3.39
C SER C 62 -1.14 7.58 -2.92
N PHE C 63 -0.18 8.23 -2.25
CA PHE C 63 1.03 7.55 -1.81
C PHE C 63 0.91 7.08 -0.38
N TYR C 64 1.62 6.01 -0.05
CA TYR C 64 1.72 5.54 1.32
C TYR C 64 3.06 4.85 1.58
N LEU C 65 3.51 4.90 2.83
CA LEU C 65 4.70 4.16 3.24
C LEU C 65 4.73 3.96 4.75
N LEU C 66 5.45 2.92 5.19
CA LEU C 66 5.54 2.61 6.61
C LEU C 66 6.95 2.91 7.14
N TYR C 67 7.01 3.57 8.29
CA TYR C 67 8.23 3.61 9.08
C TYR C 67 8.09 2.80 10.36
N TYR C 68 9.19 2.19 10.79
CA TYR C 68 9.18 1.35 11.99
C TYR C 68 10.56 1.29 12.63
N THR C 69 10.59 1.04 13.93
CA THR C 69 11.85 0.74 14.62
C THR C 69 11.60 -0.14 15.84
N GLU C 70 12.62 -0.89 16.23
CA GLU C 70 12.56 -1.73 17.42
C GLU C 70 12.86 -0.92 18.68
N PHE C 71 12.08 -1.16 19.72
CA PHE C 71 12.27 -0.48 21.00
C PHE C 71 11.79 -1.32 22.16
N THR C 72 12.10 -0.88 23.37
CA THR C 72 11.56 -1.51 24.57
C THR C 72 10.54 -0.60 25.28
N PRO C 73 9.29 -1.03 25.30
CA PRO C 73 8.24 -0.26 25.93
C PRO C 73 8.58 0.07 27.38
N THR C 74 8.31 1.30 27.79
CA THR C 74 8.56 1.74 29.15
C THR C 74 7.47 2.68 29.64
N GLU C 75 7.66 3.22 30.84
CA GLU C 75 6.71 4.16 31.42
C GLU C 75 7.33 5.56 31.52
N LYS C 76 8.64 5.64 31.33
CA LYS C 76 9.36 6.90 31.47
C LYS C 76 9.35 7.67 30.15
N ASP C 77 9.70 7.00 29.07
CA ASP C 77 9.90 7.65 27.78
C ASP C 77 8.60 7.68 26.98
N GLU C 78 8.42 8.73 26.19
CA GLU C 78 7.30 8.81 25.26
C GLU C 78 7.77 8.71 23.81
N TYR C 79 6.93 8.13 22.96
CA TYR C 79 7.25 7.98 21.55
C TYR C 79 6.21 8.67 20.68
N ALA C 80 6.62 9.11 19.50
CA ALA C 80 5.74 9.82 18.58
C ALA C 80 6.23 9.71 17.14
N CYS C 81 5.46 10.27 16.22
CA CYS C 81 5.88 10.36 14.82
C CYS C 81 5.62 11.75 14.25
N ARG C 82 6.58 12.26 13.50
CA ARG C 82 6.46 13.58 12.89
C ARG C 82 6.47 13.49 11.37
N VAL C 83 5.51 14.17 10.75
CA VAL C 83 5.37 14.13 9.29
C VAL C 83 5.29 15.53 8.71
N ASN C 84 6.09 15.78 7.67
CA ASN C 84 6.04 17.04 6.95
C ASN C 84 5.53 16.85 5.53
N HIS C 85 4.77 17.82 5.04
CA HIS C 85 4.23 17.77 3.69
C HIS C 85 3.84 19.16 3.20
N VAL C 86 3.84 19.34 1.88
CA VAL C 86 3.66 20.66 1.28
C VAL C 86 2.25 21.19 1.51
N THR C 87 1.33 20.28 1.85
CA THR C 87 -0.04 20.67 2.14
C THR C 87 -0.23 20.96 3.63
N LEU C 88 0.84 20.82 4.39
CA LEU C 88 0.80 21.05 5.83
C LEU C 88 1.47 22.37 6.20
N SER C 89 0.68 23.34 6.62
CA SER C 89 1.20 24.61 7.08
C SER C 89 1.98 24.45 8.39
N GLN C 90 1.73 23.34 9.07
CA GLN C 90 2.46 23.02 10.30
C GLN C 90 2.74 21.52 10.40
N PRO C 91 3.97 21.19 10.78
CA PRO C 91 4.36 19.79 10.95
C PRO C 91 3.36 19.05 11.85
N LYS C 92 2.97 17.85 11.41
CA LYS C 92 2.05 17.04 12.19
C LYS C 92 2.79 16.09 13.11
N ILE C 93 2.42 16.09 14.39
CA ILE C 93 3.02 15.18 15.36
C ILE C 93 1.95 14.35 16.07
N VAL C 94 2.09 13.03 16.03
CA VAL C 94 1.15 12.14 16.68
C VAL C 94 1.83 11.30 17.75
N LYS C 95 1.23 11.25 18.93
CA LYS C 95 1.81 10.52 20.05
C LYS C 95 1.47 9.03 19.96
N TRP C 96 2.43 8.19 20.35
CA TRP C 96 2.19 6.75 20.42
C TRP C 96 1.21 6.42 21.54
N ASP C 97 0.19 5.63 21.20
CA ASP C 97 -0.80 5.19 22.18
C ASP C 97 -0.53 3.75 22.60
N ARG C 98 -0.17 3.58 23.87
CA ARG C 98 0.21 2.26 24.39
C ARG C 98 -0.92 1.26 24.22
N ASP C 99 -2.15 1.76 24.22
CA ASP C 99 -3.32 0.89 24.23
C ASP C 99 -4.01 0.88 22.86
N MET C 100 -3.28 1.31 21.84
CA MET C 100 -3.79 1.29 20.47
C MET C 100 -2.66 1.41 19.46
N GLY A 1 -8.69 -18.89 -2.81
CA GLY A 1 -9.46 -18.73 -4.03
C GLY A 1 -8.62 -18.11 -5.14
N SER A 2 -9.07 -16.99 -5.67
CA SER A 2 -8.31 -16.25 -6.67
C SER A 2 -7.13 -15.53 -6.04
N HIS A 3 -6.18 -15.12 -6.89
CA HIS A 3 -5.02 -14.37 -6.42
C HIS A 3 -4.70 -13.22 -7.36
N SER A 4 -4.08 -12.17 -6.81
CA SER A 4 -3.76 -10.98 -7.60
C SER A 4 -2.25 -10.76 -7.67
N MET A 5 -1.79 -10.33 -8.84
CA MET A 5 -0.42 -9.82 -8.97
C MET A 5 -0.43 -8.37 -9.44
N ARG A 6 0.39 -7.54 -8.79
CA ARG A 6 0.43 -6.12 -9.09
C ARG A 6 1.86 -5.61 -9.16
N TYR A 7 2.10 -4.63 -10.02
CA TYR A 7 3.35 -3.89 -10.01
C TYR A 7 3.09 -2.38 -10.08
N PHE A 8 3.78 -1.63 -9.22
CA PHE A 8 3.58 -0.19 -9.14
C PHE A 8 4.85 0.57 -9.48
N PHE A 9 4.75 1.50 -10.42
CA PHE A 9 5.92 2.25 -10.89
C PHE A 9 5.68 3.75 -10.77
N THR A 10 6.63 4.45 -10.15
CA THR A 10 6.54 5.89 -10.00
C THR A 10 7.83 6.57 -10.44
N SER A 11 7.68 7.70 -11.14
CA SER A 11 8.83 8.54 -11.48
C SER A 11 8.59 9.98 -11.07
N VAL A 12 9.52 10.53 -10.29
CA VAL A 12 9.36 11.87 -9.73
C VAL A 12 10.48 12.79 -10.18
N SER A 13 10.10 13.93 -10.76
CA SER A 13 11.08 14.87 -11.29
C SER A 13 11.99 15.41 -10.19
N ARG A 14 13.24 15.71 -10.55
CA ARG A 14 14.18 16.29 -9.61
C ARG A 14 15.05 17.34 -10.29
N PRO A 15 14.48 18.51 -10.52
CA PRO A 15 15.20 19.61 -11.15
C PRO A 15 16.50 19.92 -10.42
N GLY A 16 17.58 20.09 -11.17
CA GLY A 16 18.88 20.40 -10.58
C GLY A 16 19.53 19.16 -9.98
N ARG A 17 18.83 18.55 -9.03
CA ARG A 17 19.41 17.46 -8.25
C ARG A 17 19.40 16.14 -9.03
N GLY A 18 20.19 16.08 -10.09
CA GLY A 18 20.36 14.84 -10.85
C GLY A 18 19.11 14.51 -11.65
N GLU A 19 18.93 13.23 -11.94
CA GLU A 19 17.81 12.78 -12.77
C GLU A 19 16.61 12.39 -11.92
N PRO A 20 15.43 12.45 -12.51
CA PRO A 20 14.21 12.05 -11.82
C PRO A 20 14.35 10.66 -11.22
N ARG A 21 13.80 10.48 -10.01
CA ARG A 21 13.90 9.21 -9.31
C ARG A 21 12.87 8.22 -9.84
N PHE A 22 13.27 6.95 -9.93
CA PHE A 22 12.37 5.90 -10.39
C PHE A 22 12.23 4.81 -9.33
N ILE A 23 11.00 4.53 -8.94
CA ILE A 23 10.71 3.52 -7.93
C ILE A 23 9.76 2.45 -8.47
N ALA A 24 10.09 1.19 -8.21
CA ALA A 24 9.26 0.08 -8.64
C ALA A 24 9.10 -0.95 -7.53
N VAL A 25 7.86 -1.31 -7.23
CA VAL A 25 7.57 -2.32 -6.22
C VAL A 25 6.55 -3.34 -6.73
N GLY A 26 6.86 -4.61 -6.55
CA GLY A 26 5.98 -5.69 -6.99
C GLY A 26 5.28 -6.34 -5.81
N TYR A 27 4.03 -6.76 -6.01
CA TYR A 27 3.27 -7.44 -4.97
C TYR A 27 2.66 -8.73 -5.49
N VAL A 28 2.60 -9.75 -4.63
CA VAL A 28 1.64 -10.83 -4.79
C VAL A 28 0.61 -10.81 -3.66
N ASP A 29 -0.64 -10.54 -4.01
CA ASP A 29 -1.65 -10.17 -3.02
C ASP A 29 -1.13 -9.06 -2.11
N ASP A 30 -0.90 -9.40 -0.84
CA ASP A 30 -0.54 -8.41 0.17
C ASP A 30 0.97 -8.37 0.40
N THR A 31 1.69 -9.24 -0.32
CA THR A 31 3.10 -9.47 -0.04
C THR A 31 3.99 -8.82 -1.08
N GLN A 32 4.92 -7.99 -0.63
CA GLN A 32 6.00 -7.52 -1.48
C GLN A 32 7.10 -8.57 -1.61
N PHE A 33 7.54 -8.81 -2.84
CA PHE A 33 8.43 -9.93 -3.13
C PHE A 33 9.57 -9.51 -4.04
N VAL A 34 9.43 -8.35 -4.66
CA VAL A 34 10.52 -7.74 -5.41
C VAL A 34 10.55 -6.24 -5.23
N ARG A 35 11.73 -5.64 -5.40
CA ARG A 35 11.87 -4.19 -5.34
C ARG A 35 12.89 -3.69 -6.36
N PHE A 36 12.80 -2.41 -6.69
CA PHE A 36 13.84 -1.76 -7.47
C PHE A 36 13.83 -0.25 -7.23
N ASP A 37 15.03 0.34 -7.18
CA ASP A 37 15.16 1.77 -6.91
C ASP A 37 16.36 2.36 -7.65
N SER A 38 16.11 3.41 -8.43
CA SER A 38 17.14 4.02 -9.25
C SER A 38 18.26 4.59 -8.39
N ASP A 39 17.97 4.81 -7.11
CA ASP A 39 18.97 5.31 -6.18
C ASP A 39 19.55 4.19 -5.33
N ALA A 40 19.28 2.95 -5.73
CA ALA A 40 19.81 1.79 -5.04
C ALA A 40 21.33 1.73 -5.16
N ALA A 41 21.98 1.22 -4.12
CA ALA A 41 23.43 0.99 -4.16
C ALA A 41 23.79 -0.03 -5.24
N SER A 42 22.92 -1.01 -5.43
CA SER A 42 23.20 -2.11 -6.36
C SER A 42 22.87 -1.71 -7.79
N GLN A 43 21.93 -0.79 -7.94
CA GLN A 43 21.45 -0.40 -9.25
C GLN A 43 20.88 -1.59 -10.02
N LYS A 44 20.47 -2.62 -9.28
CA LYS A 44 19.88 -3.80 -9.88
C LYS A 44 18.57 -4.16 -9.20
N MET A 45 17.76 -4.97 -9.88
CA MET A 45 16.57 -5.56 -9.28
C MET A 45 16.94 -6.45 -8.10
N GLU A 46 16.16 -6.37 -7.02
CA GLU A 46 16.40 -7.16 -5.83
C GLU A 46 15.15 -7.92 -5.40
N PRO A 47 15.34 -9.15 -4.95
CA PRO A 47 14.24 -9.92 -4.36
C PRO A 47 13.93 -9.44 -2.95
N ARG A 48 12.73 -9.77 -2.47
CA ARG A 48 12.41 -9.67 -1.05
C ARG A 48 11.92 -11.00 -0.50
N ALA A 49 11.25 -11.77 -1.34
CA ALA A 49 10.64 -13.03 -0.91
C ALA A 49 11.62 -14.19 -1.04
N PRO A 50 11.67 -15.03 -0.02
CA PRO A 50 12.53 -16.21 -0.04
C PRO A 50 12.33 -17.02 -1.31
N TRP A 51 11.07 -17.11 -1.75
CA TRP A 51 10.69 -18.12 -2.73
C TRP A 51 10.93 -17.63 -4.15
N ILE A 52 11.50 -16.43 -4.26
CA ILE A 52 11.91 -15.90 -5.56
C ILE A 52 13.42 -15.66 -5.60
N GLU A 53 14.10 -16.01 -4.51
CA GLU A 53 15.55 -15.87 -4.44
C GLU A 53 16.26 -16.96 -5.22
N GLN A 54 15.47 -17.87 -5.79
CA GLN A 54 16.01 -18.97 -6.57
C GLN A 54 16.11 -18.59 -8.05
N GLU A 55 15.61 -17.41 -8.39
CA GLU A 55 15.71 -16.90 -9.75
C GLU A 55 17.09 -16.34 -10.04
N GLY A 56 17.63 -16.68 -11.20
CA GLY A 56 18.97 -16.26 -11.57
C GLY A 56 18.94 -15.00 -12.43
N PRO A 57 20.07 -14.66 -13.04
CA PRO A 57 20.18 -13.47 -13.87
C PRO A 57 19.33 -13.59 -15.12
N GLU A 58 18.93 -14.82 -15.44
CA GLU A 58 18.12 -15.08 -16.62
C GLU A 58 16.80 -14.32 -16.57
N TYR A 59 16.45 -13.85 -15.37
CA TYR A 59 15.31 -12.95 -15.20
C TYR A 59 15.77 -11.57 -14.75
N TRP A 60 16.57 -11.53 -13.69
CA TRP A 60 16.80 -10.29 -12.97
C TRP A 60 17.51 -9.26 -13.83
N ASP A 61 18.47 -9.73 -14.62
CA ASP A 61 19.32 -8.84 -15.42
C ASP A 61 18.52 -8.18 -16.53
N GLN A 62 17.67 -8.96 -17.20
CA GLN A 62 16.80 -8.44 -18.24
C GLN A 62 15.72 -7.54 -17.66
N GLU A 63 15.15 -7.96 -16.53
CA GLU A 63 14.12 -7.18 -15.86
C GLU A 63 14.65 -5.83 -15.38
N THR A 64 15.89 -5.84 -14.89
CA THR A 64 16.57 -4.61 -14.51
C THR A 64 16.70 -3.66 -15.70
N ARG A 65 17.12 -4.19 -16.83
CA ARG A 65 17.23 -3.41 -18.06
C ARG A 65 15.86 -2.90 -18.51
N ASN A 66 14.84 -3.74 -18.35
CA ASN A 66 13.48 -3.38 -18.70
C ASN A 66 12.97 -2.21 -17.87
N MET A 67 13.23 -2.27 -16.56
CA MET A 67 12.82 -1.22 -15.65
C MET A 67 13.59 0.07 -15.92
N LYS A 68 14.84 -0.07 -16.35
CA LYS A 68 15.61 1.06 -16.84
C LYS A 68 14.95 1.70 -18.05
N ALA A 69 14.50 0.86 -18.98
CA ALA A 69 13.77 1.34 -20.15
C ALA A 69 12.48 2.04 -19.74
N HIS A 70 11.80 1.49 -18.75
CA HIS A 70 10.61 2.12 -18.19
C HIS A 70 10.93 3.49 -17.60
N SER A 71 12.02 3.56 -16.84
CA SER A 71 12.46 4.81 -16.24
C SER A 71 12.75 5.86 -17.32
N GLN A 72 13.49 5.46 -18.35
CA GLN A 72 13.83 6.37 -19.44
C GLN A 72 12.59 6.90 -20.14
N THR A 73 11.61 6.02 -20.33
CA THR A 73 10.36 6.40 -20.98
C THR A 73 9.57 7.37 -20.10
N ASP A 74 9.45 7.05 -18.82
CA ASP A 74 8.71 7.88 -17.88
C ASP A 74 9.30 9.28 -17.80
N ARG A 75 10.63 9.35 -17.76
CA ARG A 75 11.34 10.63 -17.74
C ARG A 75 11.03 11.44 -19.00
N ALA A 76 11.05 10.77 -20.14
CA ALA A 76 10.68 11.41 -21.41
C ALA A 76 9.24 11.90 -21.37
N ASN A 77 8.36 11.09 -20.79
CA ASN A 77 6.94 11.43 -20.71
C ASN A 77 6.72 12.66 -19.85
N LEU A 78 7.43 12.73 -18.73
CA LEU A 78 7.33 13.87 -17.83
C LEU A 78 7.71 15.17 -18.53
N GLY A 79 8.80 15.14 -19.28
CA GLY A 79 9.22 16.28 -20.08
C GLY A 79 8.22 16.59 -21.18
N THR A 80 7.74 15.54 -21.84
CA THR A 80 6.81 15.71 -22.96
C THR A 80 5.50 16.33 -22.51
N LEU A 81 4.97 15.84 -21.39
CA LEU A 81 3.71 16.33 -20.86
C LEU A 81 3.81 17.79 -20.45
N ARG A 82 4.95 18.16 -19.86
CA ARG A 82 5.24 19.55 -19.57
C ARG A 82 5.10 20.42 -20.81
N GLY A 83 5.59 19.92 -21.93
CA GLY A 83 5.41 20.59 -23.22
C GLY A 83 3.93 20.69 -23.58
N TYR A 84 3.23 19.56 -23.51
CA TYR A 84 1.84 19.50 -23.93
C TYR A 84 0.99 20.55 -23.21
N TYR A 85 1.25 20.73 -21.93
CA TYR A 85 0.42 21.60 -21.10
C TYR A 85 1.09 22.94 -20.88
N ASN A 86 2.15 23.21 -21.64
CA ASN A 86 2.83 24.49 -21.59
C ASN A 86 3.15 24.90 -20.16
N GLN A 87 3.72 23.97 -19.40
CA GLN A 87 4.02 24.21 -17.99
C GLN A 87 5.44 24.74 -17.82
N SER A 88 5.68 25.42 -16.72
CA SER A 88 6.98 26.04 -16.46
C SER A 88 8.07 24.98 -16.31
N GLU A 89 9.25 25.28 -16.82
CA GLU A 89 10.38 24.37 -16.71
C GLU A 89 10.84 24.23 -15.27
N ASP A 90 10.45 25.18 -14.43
CA ASP A 90 10.88 25.21 -13.04
C ASP A 90 9.92 24.44 -12.14
N GLY A 91 8.87 23.89 -12.75
CA GLY A 91 7.84 23.17 -12.00
C GLY A 91 8.26 21.72 -11.74
N SER A 92 7.51 21.05 -10.89
CA SER A 92 7.72 19.62 -10.65
C SER A 92 6.57 18.79 -11.19
N HIS A 93 6.86 17.53 -11.50
CA HIS A 93 5.85 16.63 -12.05
C HIS A 93 6.00 15.22 -11.51
N THR A 94 4.89 14.49 -11.43
CA THR A 94 4.93 13.08 -11.06
C THR A 94 4.10 12.23 -12.01
N ILE A 95 4.65 11.11 -12.44
CA ILE A 95 3.92 10.15 -13.27
C ILE A 95 3.80 8.80 -12.57
N GLN A 96 2.62 8.22 -12.64
CA GLN A 96 2.34 6.96 -11.94
C GLN A 96 1.77 5.92 -12.90
N ILE A 97 2.40 4.75 -12.93
CA ILE A 97 1.94 3.65 -13.78
C ILE A 97 1.85 2.35 -13.00
N MET A 98 0.74 1.64 -13.18
CA MET A 98 0.57 0.33 -12.56
C MET A 98 -0.06 -0.67 -13.52
N TYR A 99 0.29 -1.94 -13.35
CA TYR A 99 -0.35 -3.02 -14.11
C TYR A 99 -0.29 -4.33 -13.34
N GLY A 100 -1.08 -5.30 -13.77
CA GLY A 100 -1.12 -6.61 -13.13
C GLY A 100 -2.28 -7.45 -13.65
N CYS A 101 -2.53 -8.58 -13.00
CA CYS A 101 -3.54 -9.53 -13.46
C CYS A 101 -4.15 -10.28 -12.29
N ASP A 102 -5.39 -10.71 -12.47
CA ASP A 102 -6.03 -11.63 -11.53
C ASP A 102 -6.15 -13.03 -12.12
N VAL A 103 -5.91 -14.03 -11.29
CA VAL A 103 -6.09 -15.43 -11.71
C VAL A 103 -7.01 -16.17 -10.75
N GLY A 104 -7.66 -17.21 -11.26
CA GLY A 104 -8.49 -18.07 -10.43
C GLY A 104 -7.65 -19.07 -9.65
N PRO A 105 -8.30 -19.90 -8.85
CA PRO A 105 -7.61 -20.90 -8.05
C PRO A 105 -6.93 -21.94 -8.93
N ASP A 106 -7.38 -22.03 -10.19
CA ASP A 106 -6.80 -22.97 -11.14
C ASP A 106 -5.78 -22.28 -12.03
N GLY A 107 -5.45 -21.04 -11.70
CA GLY A 107 -4.47 -20.27 -12.45
C GLY A 107 -5.09 -19.64 -13.69
N ARG A 108 -6.38 -19.85 -13.87
CA ARG A 108 -7.09 -19.33 -15.03
C ARG A 108 -7.08 -17.81 -15.05
N PHE A 109 -6.75 -17.24 -16.21
CA PHE A 109 -6.75 -15.79 -16.38
C PHE A 109 -8.16 -15.21 -16.18
N LEU A 110 -8.27 -14.22 -15.30
CA LEU A 110 -9.54 -13.56 -15.06
C LEU A 110 -9.56 -12.17 -15.67
N ARG A 111 -8.67 -11.30 -15.20
CA ARG A 111 -8.70 -9.88 -15.57
C ARG A 111 -7.29 -9.32 -15.71
N GLY A 112 -7.09 -8.45 -16.70
CA GLY A 112 -5.87 -7.68 -16.81
C GLY A 112 -6.06 -6.26 -16.31
N TYR A 113 -4.96 -5.64 -15.86
CA TYR A 113 -5.01 -4.27 -15.39
C TYR A 113 -3.86 -3.45 -15.97
N ARG A 114 -4.16 -2.23 -16.40
CA ARG A 114 -3.14 -1.24 -16.70
C ARG A 114 -3.71 0.17 -16.67
N GLN A 115 -3.11 1.03 -15.86
CA GLN A 115 -3.57 2.41 -15.73
C GLN A 115 -2.40 3.36 -15.54
N ASP A 116 -2.50 4.54 -16.13
CA ASP A 116 -1.53 5.61 -15.90
C ASP A 116 -2.19 6.83 -15.24
N ALA A 117 -1.38 7.63 -14.56
CA ALA A 117 -1.84 8.90 -14.02
C ALA A 117 -0.75 9.96 -14.07
N TYR A 118 -1.14 11.22 -14.02
CA TYR A 118 -0.20 12.32 -14.13
C TYR A 118 -0.56 13.45 -13.17
N ASP A 119 0.35 13.79 -12.26
CA ASP A 119 0.14 14.88 -11.32
C ASP A 119 -1.19 14.75 -10.61
N GLY A 120 -1.56 13.51 -10.28
CA GLY A 120 -2.69 13.26 -9.39
C GLY A 120 -3.96 13.01 -10.18
N LYS A 121 -3.90 13.26 -11.49
CA LYS A 121 -5.07 13.11 -12.35
C LYS A 121 -4.96 11.87 -13.23
N ASP A 122 -6.08 11.17 -13.38
CA ASP A 122 -6.14 10.00 -14.26
C ASP A 122 -5.66 10.36 -15.67
N TYR A 123 -4.86 9.48 -16.26
CA TYR A 123 -4.34 9.70 -17.60
C TYR A 123 -5.00 8.77 -18.60
N ILE A 124 -4.62 7.50 -18.57
CA ILE A 124 -5.21 6.49 -19.44
C ILE A 124 -5.52 5.21 -18.69
N ALA A 125 -6.67 4.61 -18.98
CA ALA A 125 -7.00 3.30 -18.45
C ALA A 125 -7.11 2.26 -19.56
N LEU A 126 -6.73 1.03 -19.27
CA LEU A 126 -6.97 -0.10 -20.16
C LEU A 126 -7.98 -1.07 -19.55
N ASN A 127 -8.98 -1.44 -20.33
CA ASN A 127 -10.06 -2.29 -19.85
C ASN A 127 -9.56 -3.69 -19.52
N GLU A 128 -10.35 -4.43 -18.75
CA GLU A 128 -9.94 -5.73 -18.25
C GLU A 128 -9.75 -6.73 -19.39
N ASP A 129 -10.38 -6.45 -20.52
CA ASP A 129 -10.25 -7.28 -21.70
C ASP A 129 -8.94 -6.99 -22.44
N LEU A 130 -8.29 -5.91 -22.04
CA LEU A 130 -7.01 -5.53 -22.65
C LEU A 130 -7.15 -5.34 -24.16
N ARG A 131 -8.17 -4.59 -24.56
CA ARG A 131 -8.43 -4.36 -25.98
C ARG A 131 -8.55 -2.88 -26.28
N SER A 132 -9.04 -2.12 -25.31
CA SER A 132 -9.52 -0.77 -25.56
C SER A 132 -8.97 0.22 -24.53
N TRP A 133 -8.34 1.28 -25.00
CA TRP A 133 -7.84 2.32 -24.11
C TRP A 133 -8.91 3.38 -23.85
N THR A 134 -8.84 4.00 -22.67
CA THR A 134 -9.69 5.13 -22.34
C THR A 134 -8.86 6.33 -21.91
N ALA A 135 -9.09 7.47 -22.56
CA ALA A 135 -8.41 8.71 -22.22
C ALA A 135 -9.21 9.51 -21.20
N ALA A 136 -8.51 10.06 -20.20
CA ALA A 136 -9.16 10.82 -19.14
C ALA A 136 -8.64 12.24 -19.09
N ASP A 137 -7.92 12.65 -20.13
CA ASP A 137 -7.31 13.97 -20.18
C ASP A 137 -6.94 14.35 -21.61
N MET A 138 -6.59 15.62 -21.81
CA MET A 138 -6.22 16.11 -23.13
C MET A 138 -5.01 15.36 -23.68
N ALA A 139 -3.91 15.37 -22.92
CA ALA A 139 -2.70 14.66 -23.31
C ALA A 139 -2.97 13.17 -23.44
N ALA A 140 -3.89 12.66 -22.64
CA ALA A 140 -4.27 11.24 -22.71
C ALA A 140 -4.88 10.91 -24.05
N GLN A 141 -5.67 11.82 -24.59
CA GLN A 141 -6.28 11.64 -25.91
C GLN A 141 -5.23 11.59 -27.00
N ILE A 142 -4.19 12.41 -26.87
CA ILE A 142 -3.07 12.37 -27.79
C ILE A 142 -2.34 11.03 -27.72
N THR A 143 -2.03 10.60 -26.51
CA THR A 143 -1.35 9.32 -26.31
C THR A 143 -2.24 8.16 -26.74
N LYS A 144 -3.51 8.21 -26.36
CA LYS A 144 -4.45 7.14 -26.69
C LYS A 144 -4.52 6.90 -28.19
N ARG A 145 -4.62 7.99 -28.96
CA ARG A 145 -4.62 7.90 -30.41
C ARG A 145 -3.44 7.08 -30.91
N LYS A 146 -2.25 7.36 -30.38
CA LYS A 146 -1.05 6.64 -30.76
C LYS A 146 -1.15 5.17 -30.36
N TRP A 147 -1.49 4.92 -29.11
CA TRP A 147 -1.49 3.57 -28.56
C TRP A 147 -2.49 2.69 -29.28
N GLU A 148 -3.65 3.25 -29.59
CA GLU A 148 -4.68 2.53 -30.34
C GLU A 148 -4.19 2.17 -31.74
N ALA A 149 -3.55 3.13 -32.40
CA ALA A 149 -3.09 2.94 -33.77
C ALA A 149 -2.10 1.78 -33.85
N VAL A 150 -1.29 1.62 -32.81
CA VAL A 150 -0.24 0.60 -32.81
C VAL A 150 -0.68 -0.62 -32.03
N HIS A 151 -1.92 -0.63 -31.58
CA HIS A 151 -2.47 -1.75 -30.81
C HIS A 151 -1.58 -2.06 -29.61
N ALA A 152 -1.23 -1.03 -28.85
CA ALA A 152 -0.38 -1.19 -27.68
C ALA A 152 -0.97 -2.19 -26.70
N ALA A 153 -2.29 -2.28 -26.68
CA ALA A 153 -3.00 -3.20 -25.80
C ALA A 153 -2.55 -4.64 -26.04
N GLU A 154 -2.14 -4.93 -27.28
CA GLU A 154 -1.71 -6.27 -27.65
C GLU A 154 -0.47 -6.68 -26.87
N GLN A 155 0.45 -5.74 -26.69
CA GLN A 155 1.65 -5.98 -25.89
C GLN A 155 1.31 -6.32 -24.45
N ARG A 156 0.31 -5.62 -23.91
CA ARG A 156 -0.15 -5.87 -22.56
C ARG A 156 -0.83 -7.23 -22.44
N ARG A 157 -1.58 -7.60 -23.47
CA ARG A 157 -2.28 -8.87 -23.50
C ARG A 157 -1.30 -10.03 -23.41
N VAL A 158 -0.25 -9.99 -24.22
CA VAL A 158 0.73 -11.07 -24.27
C VAL A 158 1.32 -11.33 -22.88
N TYR A 159 1.67 -10.27 -22.18
CA TYR A 159 2.17 -10.38 -20.81
C TYR A 159 1.06 -10.79 -19.86
N LEU A 160 0.02 -9.96 -19.77
CA LEU A 160 -0.93 -10.05 -18.67
C LEU A 160 -1.73 -11.36 -18.75
N GLU A 161 -2.02 -11.79 -19.97
CA GLU A 161 -2.78 -13.01 -20.18
C GLU A 161 -1.88 -14.25 -20.06
N GLY A 162 -0.59 -14.05 -20.22
CA GLY A 162 0.35 -15.15 -20.31
C GLY A 162 1.39 -15.09 -19.19
N ARG A 163 2.39 -14.23 -19.37
CA ARG A 163 3.54 -14.21 -18.47
C ARG A 163 3.12 -13.90 -17.04
N CYS A 164 2.22 -12.94 -16.89
CA CYS A 164 1.72 -12.56 -15.57
C CYS A 164 1.01 -13.73 -14.89
N VAL A 165 0.22 -14.46 -15.67
CA VAL A 165 -0.57 -15.57 -15.14
C VAL A 165 0.34 -16.71 -14.68
N ASP A 166 1.27 -17.11 -15.54
CA ASP A 166 2.17 -18.21 -15.24
C ASP A 166 3.17 -17.82 -14.15
N GLY A 167 3.68 -16.59 -14.23
CA GLY A 167 4.56 -16.05 -13.20
C GLY A 167 3.91 -16.14 -11.82
N LEU A 168 2.72 -15.57 -11.70
CA LEU A 168 1.97 -15.62 -10.44
C LEU A 168 1.70 -17.06 -10.03
N ARG A 169 1.22 -17.87 -10.97
CA ARG A 169 0.92 -19.27 -10.70
C ARG A 169 2.11 -19.96 -10.04
N ARG A 170 3.29 -19.83 -10.66
CA ARG A 170 4.49 -20.47 -10.16
C ARG A 170 4.85 -19.94 -8.78
N TYR A 171 4.67 -18.64 -8.58
CA TYR A 171 4.96 -18.01 -7.30
C TYR A 171 4.03 -18.54 -6.20
N LEU A 172 2.76 -18.73 -6.55
CA LEU A 172 1.77 -19.22 -5.60
C LEU A 172 2.13 -20.62 -5.11
N GLU A 173 2.73 -21.42 -5.99
CA GLU A 173 3.21 -22.74 -5.63
C GLU A 173 4.49 -22.66 -4.78
N ASN A 174 5.47 -21.93 -5.30
CA ASN A 174 6.78 -21.85 -4.66
C ASN A 174 6.67 -21.19 -3.28
N GLY A 175 5.76 -20.22 -3.16
CA GLY A 175 5.60 -19.48 -1.92
C GLY A 175 4.31 -19.86 -1.22
N LYS A 176 3.79 -21.04 -1.54
CA LYS A 176 2.50 -21.47 -1.02
C LYS A 176 2.40 -21.25 0.48
N GLU A 177 3.45 -21.64 1.20
CA GLU A 177 3.42 -21.65 2.66
C GLU A 177 3.69 -20.25 3.22
N THR A 178 3.96 -19.30 2.33
CA THR A 178 4.22 -17.93 2.73
C THR A 178 3.16 -16.99 2.19
N LEU A 179 2.45 -17.43 1.16
CA LEU A 179 1.46 -16.59 0.49
C LEU A 179 0.03 -16.99 0.88
N GLN A 180 -0.23 -18.29 0.85
CA GLN A 180 -1.56 -18.81 1.14
C GLN A 180 -1.71 -19.15 2.62
N ARG A 181 -0.69 -18.80 3.41
CA ARG A 181 -0.76 -18.99 4.85
C ARG A 181 -1.93 -18.23 5.46
N THR A 182 -2.38 -18.68 6.63
CA THR A 182 -3.41 -17.98 7.37
C THR A 182 -2.93 -17.61 8.78
N ASP A 183 -3.44 -16.50 9.29
CA ASP A 183 -3.16 -16.12 10.67
C ASP A 183 -4.37 -15.42 11.30
N PRO A 184 -4.99 -16.08 12.26
CA PRO A 184 -6.19 -15.56 12.90
C PRO A 184 -5.86 -14.39 13.82
N PRO A 185 -6.81 -13.47 13.97
CA PRO A 185 -6.61 -12.28 14.78
C PRO A 185 -6.53 -12.62 16.26
N LYS A 186 -5.73 -11.86 17.00
CA LYS A 186 -5.63 -12.04 18.44
C LYS A 186 -6.76 -11.31 19.17
N THR A 187 -7.97 -11.85 19.05
CA THR A 187 -9.17 -11.09 19.37
C THR A 187 -9.27 -10.80 20.87
N HIS A 188 -9.68 -9.59 21.21
CA HIS A 188 -10.04 -9.26 22.58
C HIS A 188 -10.82 -7.95 22.65
N MET A 189 -11.53 -7.75 23.75
CA MET A 189 -12.34 -6.55 23.94
C MET A 189 -11.99 -5.84 25.24
N THR A 190 -11.97 -4.51 25.19
CA THR A 190 -11.67 -3.70 26.37
C THR A 190 -12.77 -2.67 26.63
N HIS A 191 -12.87 -2.23 27.87
CA HIS A 191 -13.89 -1.25 28.25
C HIS A 191 -13.25 0.07 28.66
N HIS A 192 -13.72 1.16 28.06
CA HIS A 192 -13.12 2.47 28.26
C HIS A 192 -14.17 3.52 28.63
N PRO A 193 -14.41 3.69 29.92
CA PRO A 193 -15.37 4.67 30.40
C PRO A 193 -15.01 6.07 29.90
N ILE A 194 -16.04 6.86 29.60
CA ILE A 194 -15.84 8.23 29.15
C ILE A 194 -16.26 9.23 30.22
N SER A 195 -17.45 9.01 30.79
CA SER A 195 -17.97 9.89 31.82
C SER A 195 -18.71 9.10 32.90
N ASP A 196 -19.45 9.82 33.74
CA ASP A 196 -20.22 9.18 34.81
C ASP A 196 -21.25 8.21 34.24
N HIS A 197 -21.65 8.44 33.00
CA HIS A 197 -22.71 7.65 32.38
C HIS A 197 -22.25 7.07 31.05
N GLU A 198 -21.33 7.76 30.41
CA GLU A 198 -20.92 7.40 29.04
C GLU A 198 -19.70 6.49 29.06
N ALA A 199 -19.72 5.48 28.17
CA ALA A 199 -18.57 4.60 28.00
C ALA A 199 -18.52 4.03 26.58
N THR A 200 -17.40 3.42 26.24
CA THR A 200 -17.24 2.76 24.94
C THR A 200 -16.70 1.36 25.11
N LEU A 201 -16.95 0.51 24.11
CA LEU A 201 -16.24 -0.76 23.98
C LEU A 201 -15.35 -0.76 22.75
N ARG A 202 -14.17 -1.35 22.88
CA ARG A 202 -13.25 -1.49 21.75
C ARG A 202 -13.08 -2.95 21.36
N CYS A 203 -13.39 -3.25 20.10
CA CYS A 203 -13.28 -4.61 19.58
C CYS A 203 -11.99 -4.79 18.78
N TRP A 204 -11.03 -5.52 19.37
CA TRP A 204 -9.70 -5.62 18.80
C TRP A 204 -9.57 -6.87 17.93
N ALA A 205 -8.97 -6.70 16.75
CA ALA A 205 -8.69 -7.83 15.88
C ALA A 205 -7.31 -7.68 15.23
N LEU A 206 -6.26 -7.75 16.04
CA LEU A 206 -4.92 -7.37 15.59
C LEU A 206 -4.10 -8.60 15.24
N GLY A 207 -3.22 -8.45 14.26
CA GLY A 207 -2.17 -9.43 14.00
C GLY A 207 -2.69 -10.59 13.16
N PHE A 208 -3.34 -10.26 12.06
CA PHE A 208 -4.00 -11.26 11.22
C PHE A 208 -3.46 -11.23 9.79
N TYR A 209 -3.68 -12.32 9.07
CA TYR A 209 -3.29 -12.39 7.66
C TYR A 209 -4.19 -13.36 6.90
N PRO A 210 -4.71 -12.91 5.76
CA PRO A 210 -4.18 -11.72 5.10
C PRO A 210 -4.96 -10.47 5.52
N ALA A 211 -4.78 -9.39 4.77
CA ALA A 211 -5.35 -8.10 5.13
C ALA A 211 -6.86 -8.15 5.14
N GLU A 212 -7.42 -9.11 4.42
CA GLU A 212 -8.87 -9.24 4.27
C GLU A 212 -9.54 -9.44 5.62
N ILE A 213 -10.39 -8.49 6.00
CA ILE A 213 -11.08 -8.55 7.27
C ILE A 213 -12.38 -7.74 7.25
N THR A 214 -13.40 -8.25 7.91
CA THR A 214 -14.61 -7.47 8.17
C THR A 214 -14.97 -7.48 9.64
N LEU A 215 -15.22 -6.29 10.20
CA LEU A 215 -15.71 -6.16 11.56
C LEU A 215 -17.20 -5.81 11.58
N THR A 216 -17.93 -6.44 12.49
CA THR A 216 -19.35 -6.14 12.67
C THR A 216 -19.70 -5.97 14.14
N TRP A 217 -20.42 -4.90 14.45
CA TRP A 217 -21.02 -4.74 15.77
C TRP A 217 -22.51 -5.07 15.75
N GLN A 218 -23.01 -5.63 16.84
CA GLN A 218 -24.44 -5.83 17.03
C GLN A 218 -24.89 -5.34 18.39
N ARG A 219 -26.14 -4.88 18.47
CA ARG A 219 -26.78 -4.62 19.75
C ARG A 219 -28.19 -5.20 19.79
N ASP A 220 -28.48 -5.99 20.81
CA ASP A 220 -29.75 -6.70 20.90
C ASP A 220 -29.95 -7.62 19.71
N GLY A 221 -28.85 -8.01 19.07
CA GLY A 221 -28.90 -8.95 17.97
C GLY A 221 -28.98 -8.22 16.63
N GLU A 222 -29.18 -6.91 16.69
CA GLU A 222 -29.31 -6.10 15.49
C GLU A 222 -28.00 -5.39 15.16
N ASP A 223 -27.68 -5.30 13.87
CA ASP A 223 -26.43 -4.70 13.42
C ASP A 223 -26.34 -3.24 13.85
N GLN A 224 -25.15 -2.81 14.24
CA GLN A 224 -24.90 -1.41 14.55
C GLN A 224 -23.98 -0.77 13.51
N THR A 225 -24.53 0.12 12.71
CA THR A 225 -23.80 0.68 11.57
C THR A 225 -23.67 2.19 11.70
N GLN A 226 -24.24 2.74 12.76
CA GLN A 226 -24.36 4.20 12.90
C GLN A 226 -23.42 4.73 13.99
N ASP A 227 -23.63 4.27 15.22
CA ASP A 227 -22.87 4.76 16.35
C ASP A 227 -21.56 4.01 16.52
N THR A 228 -20.68 4.13 15.53
CA THR A 228 -19.52 3.25 15.41
C THR A 228 -18.32 4.00 14.84
N GLU A 229 -17.13 3.56 15.21
CA GLU A 229 -15.90 4.06 14.60
C GLU A 229 -14.96 2.92 14.25
N LEU A 230 -14.41 2.95 13.05
CA LEU A 230 -13.50 1.92 12.58
C LEU A 230 -12.22 2.53 12.01
N VAL A 231 -11.12 1.77 12.10
CA VAL A 231 -9.89 2.15 11.44
C VAL A 231 -9.66 1.30 10.19
N GLU A 232 -9.05 1.92 9.17
CA GLU A 232 -8.65 1.19 7.98
C GLU A 232 -7.56 0.18 8.29
N THR A 233 -7.57 -0.95 7.59
CA THR A 233 -6.58 -1.99 7.79
C THR A 233 -5.17 -1.46 7.56
N ARG A 234 -4.28 -1.73 8.51
CA ARG A 234 -2.93 -1.19 8.46
C ARG A 234 -1.89 -2.27 8.76
N PRO A 235 -0.72 -2.14 8.16
CA PRO A 235 0.39 -3.06 8.42
C PRO A 235 0.72 -3.10 9.91
N ALA A 236 0.97 -4.30 10.43
CA ALA A 236 1.45 -4.46 11.79
C ALA A 236 2.96 -4.24 11.87
N GLY A 237 3.62 -4.30 10.73
CA GLY A 237 5.07 -4.13 10.66
C GLY A 237 5.80 -5.42 10.96
N ASP A 238 5.06 -6.53 10.97
CA ASP A 238 5.63 -7.83 11.27
C ASP A 238 5.06 -8.92 10.37
N GLY A 239 4.53 -8.50 9.22
CA GLY A 239 4.04 -9.44 8.22
C GLY A 239 2.54 -9.64 8.34
N THR A 240 1.96 -9.14 9.43
CA THR A 240 0.52 -9.20 9.63
C THR A 240 -0.10 -7.82 9.59
N PHE A 241 -1.41 -7.75 9.78
CA PHE A 241 -2.14 -6.49 9.72
C PHE A 241 -2.95 -6.26 10.98
N GLN A 242 -3.29 -5.00 11.23
CA GLN A 242 -4.10 -4.64 12.39
C GLN A 242 -5.45 -4.07 11.96
N LYS A 243 -6.47 -4.27 12.81
CA LYS A 243 -7.72 -3.54 12.67
C LYS A 243 -8.51 -3.56 13.98
N TRP A 244 -9.21 -2.48 14.26
CA TRP A 244 -10.09 -2.42 15.42
C TRP A 244 -11.34 -1.60 15.13
N ALA A 245 -12.39 -1.81 15.93
CA ALA A 245 -13.58 -0.98 15.86
C ALA A 245 -14.12 -0.69 17.25
N ALA A 246 -14.92 0.37 17.36
CA ALA A 246 -15.53 0.75 18.64
C ALA A 246 -16.94 1.28 18.43
N VAL A 247 -17.78 1.14 19.45
CA VAL A 247 -19.11 1.74 19.45
C VAL A 247 -19.40 2.43 20.78
N VAL A 248 -20.43 3.27 20.79
CA VAL A 248 -20.85 3.95 22.00
C VAL A 248 -21.64 3.02 22.91
N VAL A 249 -21.16 2.87 24.15
CA VAL A 249 -21.73 1.89 25.07
C VAL A 249 -21.96 2.51 26.44
N PRO A 250 -23.16 3.05 26.67
CA PRO A 250 -23.52 3.59 27.96
C PRO A 250 -23.29 2.58 29.08
N SER A 251 -22.79 3.07 30.21
CA SER A 251 -22.39 2.20 31.31
C SER A 251 -23.54 1.29 31.73
N GLY A 252 -23.28 -0.01 31.76
CA GLY A 252 -24.25 -0.98 32.21
C GLY A 252 -24.97 -1.64 31.04
N GLU A 253 -24.84 -1.03 29.86
CA GLU A 253 -25.51 -1.52 28.66
C GLU A 253 -24.59 -2.42 27.85
N GLU A 254 -23.37 -2.61 28.34
CA GLU A 254 -22.36 -3.36 27.61
C GLU A 254 -22.81 -4.79 27.36
N GLN A 255 -23.72 -5.28 28.21
CA GLN A 255 -24.20 -6.65 28.10
C GLN A 255 -25.01 -6.86 26.82
N ARG A 256 -25.42 -5.75 26.21
CA ARG A 256 -26.30 -5.81 25.04
C ARG A 256 -25.50 -5.80 23.75
N TYR A 257 -24.19 -5.66 23.87
CA TYR A 257 -23.33 -5.48 22.70
C TYR A 257 -22.56 -6.76 22.38
N THR A 258 -22.30 -6.98 21.10
CA THR A 258 -21.39 -8.04 20.67
C THR A 258 -20.66 -7.66 19.39
N CYS A 259 -19.38 -8.00 19.32
CA CYS A 259 -18.59 -7.76 18.12
C CYS A 259 -18.21 -9.07 17.43
N HIS A 260 -18.23 -9.07 16.11
CA HIS A 260 -17.83 -10.24 15.34
C HIS A 260 -16.69 -9.90 14.38
N VAL A 261 -15.79 -10.86 14.19
CA VAL A 261 -14.68 -10.69 13.25
C VAL A 261 -14.69 -11.78 12.18
N GLN A 262 -14.91 -11.38 10.94
CA GLN A 262 -15.11 -12.33 9.85
C GLN A 262 -13.92 -12.32 8.90
N HIS A 263 -13.45 -13.52 8.56
CA HIS A 263 -12.40 -13.66 7.55
C HIS A 263 -12.78 -14.69 6.49
N GLU A 264 -12.13 -14.61 5.34
CA GLU A 264 -12.26 -15.65 4.32
C GLU A 264 -11.22 -16.74 4.49
N GLY A 265 -10.17 -16.43 5.25
CA GLY A 265 -9.07 -17.37 5.45
C GLY A 265 -9.33 -18.30 6.61
N LEU A 266 -10.42 -18.05 7.33
CA LEU A 266 -10.77 -18.85 8.50
C LEU A 266 -12.06 -19.64 8.27
N PRO A 267 -12.15 -20.81 8.90
CA PRO A 267 -13.32 -21.67 8.74
C PRO A 267 -14.52 -21.10 9.50
N LYS A 268 -14.25 -20.16 10.39
CA LYS A 268 -15.30 -19.58 11.23
C LYS A 268 -14.92 -18.18 11.70
N PRO A 269 -15.93 -17.35 11.92
CA PRO A 269 -15.71 -16.02 12.50
C PRO A 269 -15.40 -16.12 13.98
N LEU A 270 -14.83 -15.04 14.54
CA LEU A 270 -14.61 -14.95 15.97
C LEU A 270 -15.54 -13.92 16.61
N THR A 271 -15.99 -14.21 17.82
CA THR A 271 -16.95 -13.36 18.51
C THR A 271 -16.35 -12.79 19.80
N LEU A 272 -16.55 -11.50 20.01
CA LEU A 272 -16.03 -10.82 21.20
C LEU A 272 -17.15 -10.25 22.05
N ARG A 273 -17.03 -10.40 23.36
CA ARG A 273 -17.99 -9.82 24.29
C ARG A 273 -17.30 -9.29 25.54
N TRP A 274 -18.02 -8.48 26.31
CA TRP A 274 -17.50 -7.93 27.55
C TRP A 274 -18.54 -8.01 28.67
N ILE B 1 7.77 -12.13 -12.66
CA ILE B 1 8.50 -11.79 -13.86
C ILE B 1 7.86 -10.60 -14.59
N LEU B 2 8.03 -9.41 -14.03
CA LEU B 2 7.41 -8.22 -14.60
C LEU B 2 7.83 -8.01 -16.05
N ASP B 3 7.07 -7.18 -16.76
CA ASP B 3 7.12 -7.18 -18.23
C ASP B 3 8.25 -6.29 -18.74
N THR B 4 8.33 -6.16 -20.06
CA THR B 4 9.27 -5.22 -20.67
C THR B 4 8.57 -3.94 -21.11
N ALA B 5 9.16 -2.80 -20.77
CA ALA B 5 8.64 -1.51 -21.18
C ALA B 5 8.37 -1.48 -22.68
N GLY B 6 7.09 -1.39 -23.05
CA GLY B 6 6.69 -1.39 -24.44
C GLY B 6 6.36 0.01 -24.91
N LYS B 7 5.28 0.14 -25.68
CA LYS B 7 4.81 1.44 -26.14
C LYS B 7 4.30 2.28 -24.98
N GLU B 8 5.22 2.92 -24.26
CA GLU B 8 4.88 3.76 -23.13
C GLU B 8 5.03 5.24 -23.48
N GLU B 9 5.20 5.52 -24.76
CA GLU B 9 5.45 6.89 -25.22
C GLU B 9 4.15 7.70 -25.24
N TYR B 10 4.23 8.91 -24.70
CA TYR B 10 3.10 9.83 -24.73
C TYR B 10 3.19 10.77 -25.94
N MET C 1 -2.14 20.57 -11.41
CA MET C 1 -1.71 19.59 -10.42
C MET C 1 -2.52 19.71 -9.13
N ILE C 2 -2.82 18.58 -8.52
CA ILE C 2 -3.50 18.56 -7.23
C ILE C 2 -2.63 17.92 -6.16
N GLN C 3 -2.96 18.19 -4.90
CA GLN C 3 -2.18 17.67 -3.78
C GLN C 3 -3.09 17.05 -2.72
N ARG C 4 -2.53 16.13 -1.94
CA ARG C 4 -3.29 15.44 -0.90
C ARG C 4 -2.54 15.44 0.42
N THR C 5 -3.29 15.53 1.52
CA THR C 5 -2.69 15.61 2.84
C THR C 5 -2.59 14.23 3.50
N PRO C 6 -1.42 13.93 4.05
CA PRO C 6 -1.18 12.62 4.66
C PRO C 6 -2.02 12.42 5.92
N LYS C 7 -2.40 11.18 6.18
CA LYS C 7 -2.83 10.78 7.51
C LYS C 7 -1.71 10.10 8.28
N ILE C 8 -1.67 10.32 9.59
CA ILE C 8 -0.62 9.78 10.43
C ILE C 8 -1.17 8.87 11.51
N GLN C 9 -0.74 7.60 11.49
CA GLN C 9 -1.13 6.65 12.52
C GLN C 9 0.10 6.09 13.24
N VAL C 10 0.15 6.29 14.55
CA VAL C 10 1.27 5.80 15.35
C VAL C 10 0.83 4.71 16.31
N TYR C 11 1.50 3.57 16.25
CA TYR C 11 1.03 2.37 16.95
C TYR C 11 2.17 1.37 17.13
N SER C 12 1.90 0.31 17.90
CA SER C 12 2.82 -0.82 17.97
C SER C 12 2.16 -2.09 17.45
N ARG C 13 2.99 -3.04 17.01
CA ARG C 13 2.48 -4.26 16.39
C ARG C 13 1.67 -5.09 17.37
N HIS C 14 1.95 -4.91 18.66
CA HIS C 14 1.12 -5.51 19.71
C HIS C 14 1.00 -4.58 20.90
N PRO C 15 -0.07 -4.76 21.68
CA PRO C 15 -0.35 -3.89 22.82
C PRO C 15 0.87 -3.77 23.73
N ALA C 16 1.14 -2.54 24.18
CA ALA C 16 2.37 -2.25 24.92
C ALA C 16 2.44 -3.07 26.21
N GLU C 17 3.65 -3.51 26.56
CA GLU C 17 3.89 -4.10 27.86
C GLU C 17 5.31 -3.82 28.33
N ASN C 18 5.44 -3.34 29.57
CA ASN C 18 6.72 -2.84 30.07
C ASN C 18 7.79 -3.92 30.00
N GLY C 19 8.84 -3.64 29.24
CA GLY C 19 10.01 -4.52 29.21
C GLY C 19 9.89 -5.55 28.08
N LYS C 20 8.71 -5.63 27.49
CA LYS C 20 8.45 -6.62 26.45
C LYS C 20 8.75 -6.06 25.06
N SER C 21 9.76 -6.61 24.41
CA SER C 21 10.24 -6.10 23.13
C SER C 21 9.06 -5.81 22.20
N ASN C 22 9.14 -4.67 21.51
CA ASN C 22 8.07 -4.25 20.61
C ASN C 22 8.63 -3.46 19.44
N PHE C 23 7.77 -3.20 18.45
CA PHE C 23 8.14 -2.38 17.31
C PHE C 23 7.24 -1.16 17.18
N LEU C 24 7.84 0.01 17.07
CA LEU C 24 7.09 1.26 16.94
C LEU C 24 6.82 1.59 15.48
N ASN C 25 5.53 1.65 15.12
CA ASN C 25 5.14 1.88 13.74
C ASN C 25 4.63 3.30 13.54
N CYS C 26 4.93 3.88 12.38
CA CYS C 26 4.24 5.08 11.92
C CYS C 26 3.78 4.93 10.48
N TYR C 27 2.47 4.79 10.30
CA TYR C 27 1.91 4.55 8.97
C TYR C 27 1.35 5.83 8.36
N VAL C 28 1.94 6.25 7.24
CA VAL C 28 1.55 7.49 6.59
C VAL C 28 1.06 7.26 5.17
N SER C 29 -0.17 7.69 4.90
CA SER C 29 -0.85 7.34 3.66
C SER C 29 -1.76 8.47 3.19
N GLY C 30 -2.04 8.49 1.90
CA GLY C 30 -3.14 9.31 1.36
C GLY C 30 -2.64 10.70 0.99
N PHE C 31 -1.38 10.80 0.64
CA PHE C 31 -0.75 12.09 0.37
C PHE C 31 -0.25 12.18 -1.07
N HIS C 32 -0.04 13.40 -1.54
CA HIS C 32 0.41 13.62 -2.92
C HIS C 32 0.86 15.06 -3.13
N PRO C 33 2.04 15.23 -3.69
CA PRO C 33 2.76 14.13 -4.31
C PRO C 33 3.63 13.39 -3.30
N SER C 34 4.67 12.71 -3.81
CA SER C 34 5.46 11.81 -2.98
C SER C 34 6.36 12.58 -2.04
N ASP C 35 6.42 13.89 -2.21
CA ASP C 35 7.36 14.73 -1.47
C ASP C 35 6.97 14.82 0.00
N ILE C 36 7.42 13.85 0.79
CA ILE C 36 7.00 13.74 2.18
C ILE C 36 8.18 13.36 3.07
N GLU C 37 8.18 13.86 4.30
CA GLU C 37 9.17 13.48 5.30
C GLU C 37 8.51 12.83 6.51
N VAL C 38 8.97 11.64 6.87
CA VAL C 38 8.44 10.92 8.02
C VAL C 38 9.54 10.46 8.96
N ASP C 39 9.43 10.86 10.22
CA ASP C 39 10.44 10.54 11.21
C ASP C 39 9.80 10.06 12.52
N LEU C 40 10.48 9.16 13.21
CA LEU C 40 10.04 8.71 14.52
C LEU C 40 10.74 9.48 15.64
N LEU C 41 10.01 9.78 16.70
CA LEU C 41 10.54 10.56 17.81
C LEU C 41 10.65 9.73 19.08
N LYS C 42 11.65 10.02 19.89
CA LYS C 42 11.66 9.60 21.29
C LYS C 42 11.89 10.78 22.22
N ASN C 43 10.89 11.09 23.05
CA ASN C 43 10.94 12.27 23.89
C ASN C 43 11.20 13.52 23.07
N GLY C 44 10.68 13.55 21.85
CA GLY C 44 10.73 14.75 21.01
C GLY C 44 11.96 14.74 20.12
N GLU C 45 12.89 13.84 20.41
CA GLU C 45 14.14 13.76 19.66
C GLU C 45 14.05 12.71 18.55
N ARG C 46 14.64 13.02 17.41
CA ARG C 46 14.61 12.11 16.26
C ARG C 46 15.32 10.80 16.58
N ILE C 47 14.72 9.68 16.18
CA ILE C 47 15.38 8.39 16.23
C ILE C 47 16.13 8.10 14.94
N GLU C 48 17.42 7.83 15.06
CA GLU C 48 18.28 7.64 13.90
C GLU C 48 18.14 6.22 13.34
N LYS C 49 18.01 5.25 14.23
CA LYS C 49 17.99 3.84 13.84
C LYS C 49 16.59 3.41 13.43
N VAL C 50 16.14 3.89 12.27
CA VAL C 50 14.77 3.64 11.81
C VAL C 50 14.77 3.06 10.40
N GLU C 51 13.93 2.05 10.19
CA GLU C 51 13.74 1.48 8.86
C GLU C 51 12.39 1.87 8.29
N HIS C 52 12.20 1.60 7.00
CA HIS C 52 10.97 1.95 6.31
C HIS C 52 10.70 1.01 5.14
N SER C 53 9.46 1.00 4.68
CA SER C 53 9.09 0.25 3.48
C SER C 53 9.42 1.05 2.21
N ASP C 54 9.31 0.40 1.06
CA ASP C 54 9.41 1.08 -0.22
C ASP C 54 8.13 1.84 -0.55
N LEU C 55 8.28 3.00 -1.19
CA LEU C 55 7.14 3.85 -1.50
C LEU C 55 6.23 3.19 -2.52
N SER C 56 4.93 3.17 -2.23
CA SER C 56 3.93 2.69 -3.18
C SER C 56 2.74 3.64 -3.26
N PHE C 57 1.83 3.34 -4.19
CA PHE C 57 0.59 4.11 -4.30
C PHE C 57 -0.60 3.20 -4.59
N SER C 58 -1.79 3.69 -4.29
CA SER C 58 -2.99 2.86 -4.37
C SER C 58 -3.81 3.20 -5.61
N LYS C 59 -5.04 2.70 -5.66
CA LYS C 59 -5.88 2.85 -6.84
C LYS C 59 -6.19 4.32 -7.10
N ASP C 60 -6.26 5.11 -6.03
CA ASP C 60 -6.55 6.53 -6.15
C ASP C 60 -5.28 7.34 -6.33
N TRP C 61 -4.17 6.64 -6.59
CA TRP C 61 -2.92 7.29 -6.96
C TRP C 61 -2.33 8.06 -5.80
N SER C 62 -2.89 7.87 -4.61
CA SER C 62 -2.32 8.41 -3.39
C SER C 62 -1.14 7.58 -2.92
N PHE C 63 -0.18 8.23 -2.25
CA PHE C 63 1.03 7.55 -1.81
C PHE C 63 0.91 7.08 -0.38
N TYR C 64 1.62 6.01 -0.05
CA TYR C 64 1.72 5.54 1.32
C TYR C 64 3.06 4.85 1.58
N LEU C 65 3.51 4.90 2.83
CA LEU C 65 4.70 4.16 3.24
C LEU C 65 4.73 3.96 4.75
N LEU C 66 5.45 2.92 5.19
CA LEU C 66 5.54 2.61 6.61
C LEU C 66 6.95 2.91 7.14
N TYR C 67 7.01 3.57 8.29
CA TYR C 67 8.23 3.61 9.08
C TYR C 67 8.09 2.80 10.36
N TYR C 68 9.19 2.19 10.79
CA TYR C 68 9.18 1.35 11.99
C TYR C 68 10.56 1.29 12.63
N THR C 69 10.59 1.04 13.93
CA THR C 69 11.85 0.74 14.62
C THR C 69 11.60 -0.14 15.84
N GLU C 70 12.62 -0.89 16.23
CA GLU C 70 12.56 -1.73 17.42
C GLU C 70 12.86 -0.92 18.68
N PHE C 71 12.08 -1.16 19.72
CA PHE C 71 12.27 -0.48 21.00
C PHE C 71 11.79 -1.32 22.16
N THR C 72 12.10 -0.88 23.37
CA THR C 72 11.56 -1.51 24.57
C THR C 72 10.54 -0.60 25.28
N PRO C 73 9.29 -1.03 25.30
CA PRO C 73 8.24 -0.26 25.93
C PRO C 73 8.58 0.07 27.38
N THR C 74 8.31 1.30 27.79
CA THR C 74 8.56 1.74 29.15
C THR C 74 7.47 2.68 29.64
N GLU C 75 7.66 3.22 30.84
CA GLU C 75 6.71 4.16 31.42
C GLU C 75 7.33 5.56 31.52
N LYS C 76 8.64 5.64 31.33
CA LYS C 76 9.36 6.90 31.47
C LYS C 76 9.35 7.67 30.15
N ASP C 77 9.70 7.00 29.07
CA ASP C 77 9.90 7.65 27.78
C ASP C 77 8.60 7.68 26.98
N GLU C 78 8.42 8.73 26.19
CA GLU C 78 7.30 8.81 25.26
C GLU C 78 7.77 8.71 23.81
N TYR C 79 6.93 8.13 22.96
CA TYR C 79 7.25 7.98 21.55
C TYR C 79 6.21 8.67 20.68
N ALA C 80 6.62 9.11 19.50
CA ALA C 80 5.74 9.82 18.58
C ALA C 80 6.23 9.71 17.14
N CYS C 81 5.46 10.27 16.22
CA CYS C 81 5.88 10.36 14.82
C CYS C 81 5.62 11.75 14.25
N ARG C 82 6.58 12.26 13.50
CA ARG C 82 6.46 13.58 12.89
C ARG C 82 6.47 13.49 11.37
N VAL C 83 5.51 14.17 10.75
CA VAL C 83 5.37 14.13 9.29
C VAL C 83 5.29 15.53 8.71
N ASN C 84 6.09 15.78 7.67
CA ASN C 84 6.04 17.04 6.95
C ASN C 84 5.53 16.85 5.53
N HIS C 85 4.77 17.82 5.04
CA HIS C 85 4.23 17.77 3.69
C HIS C 85 3.84 19.16 3.20
N VAL C 86 3.84 19.34 1.88
CA VAL C 86 3.66 20.66 1.28
C VAL C 86 2.25 21.19 1.51
N THR C 87 1.33 20.28 1.85
CA THR C 87 -0.04 20.67 2.14
C THR C 87 -0.23 20.96 3.63
N LEU C 88 0.84 20.82 4.39
CA LEU C 88 0.80 21.05 5.83
C LEU C 88 1.47 22.37 6.20
N SER C 89 0.68 23.34 6.62
CA SER C 89 1.20 24.61 7.08
C SER C 89 1.98 24.45 8.39
N GLN C 90 1.73 23.34 9.07
CA GLN C 90 2.46 23.02 10.30
C GLN C 90 2.74 21.52 10.40
N PRO C 91 3.97 21.19 10.78
CA PRO C 91 4.36 19.79 10.95
C PRO C 91 3.36 19.05 11.85
N LYS C 92 2.97 17.85 11.41
CA LYS C 92 2.05 17.04 12.19
C LYS C 92 2.79 16.09 13.11
N ILE C 93 2.42 16.09 14.39
CA ILE C 93 3.02 15.18 15.36
C ILE C 93 1.95 14.35 16.07
N VAL C 94 2.09 13.03 16.03
CA VAL C 94 1.15 12.14 16.68
C VAL C 94 1.83 11.30 17.75
N LYS C 95 1.23 11.25 18.93
CA LYS C 95 1.81 10.52 20.05
C LYS C 95 1.47 9.03 19.96
N TRP C 96 2.43 8.19 20.35
CA TRP C 96 2.19 6.75 20.42
C TRP C 96 1.21 6.42 21.54
N ASP C 97 0.19 5.63 21.20
CA ASP C 97 -0.80 5.19 22.18
C ASP C 97 -0.53 3.75 22.60
N ARG C 98 -0.17 3.58 23.87
CA ARG C 98 0.21 2.26 24.39
C ARG C 98 -0.92 1.26 24.22
N ASP C 99 -2.15 1.76 24.22
CA ASP C 99 -3.32 0.89 24.23
C ASP C 99 -4.01 0.88 22.86
N MET C 100 -3.28 1.31 21.84
CA MET C 100 -3.79 1.29 20.47
C MET C 100 -2.66 1.41 19.46
#